data_6L7I
#
_entry.id   6L7I
#
loop_
_entity.id
_entity.type
_entity.pdbx_description
1 polymer TcdA1
2 polymer TcdB1
3 polymer TccC2
4 polymer TccC2
#
loop_
_entity_poly.entity_id
_entity_poly.type
_entity_poly.pdbx_seq_one_letter_code
_entity_poly.pdbx_strand_id
1 'polypeptide(L)'
;RALEVERTVSLAEVYAGLPKDNGPFSLAQEIDKLVSQGSGSAGSGNNNLAFGAGTDTKTSLQASVSFADLKIREDYPASL
GKIRRIKQISVTLPALLGPYQDVQAILSYGDKAGLANGCEALAVSHGMNDSGQFQLDFNDGKFLPFEGIAIDQGTLTLSF
PNASMPEKGKQATMLKTLNDIILHIRYTIK
;
A,B,C,D,E
2 'polypeptide(L)'
;MQNSQTFSVTELSLPKGGGAITGMGEALTPAGPDGMAALSLPLPISAGRGYAPSLTLNYNSGTGNSPFGLGWDCGVMAIR
RRTSTGVPNYDETDTFLGPEGEVLVVALNEAGQADIRSESSLQGINLGATFTVTCYRSRLESHFNRLEYWQPQTTGATDF
WLIYSPDGQVHLLGKNPQARISNPLNVNQTAQWLLEASISSHSEQIYYQYRAEDEAGCETDELAAHPSATVQRYLQTVHY
GNLTASDVFPTLNGDDPLKSGWMFCLVFDYGERKNSLSEMPLFKATGNWLCRKDRFSRYEYGFELRTRRLCRQILMFHRL
QTLSGQAKGDDEPALVSRLILDYDENAMVSTLVSVRRVGHEDNNTVTALPPLELAYQPFEPEQTALWQSMDVLANFNTIQ
RWQLLDLKGEGVPGILYQDRNGWWYRSAQRQAGEEMNAVTWGKMQLLPITPAVQDNASLMDINGDGQLDWVITGPGLRGY
HSQHPDGSWTRFTPLHALPIEYSHPRAQLADLMGAGLSDLVLIGPKSVRLYVNNRDGFTEGRDVVQSGDITLPLPGADAR
KLVAFSDVLGSGQAHLVEVSATQVTCWPNLGHGRFGQPIVLPGFSQSAASFNPDRVHLADLDGSGPADLIYVHADRLDIF
SNESGNGFAKPFTLSFPDGLRFDDTCQLQVADVQGLGVVSLILSVPHMAPHHWRCDLTNAKPWLLSETNNNMGANHTLHY
RSSVQFWLDEKAAALATGQTPVCYLPFPVHTLWQTETEDEISGNKLVTTLRYAHGAWDGREREFRGFGYVEQTDSHQLAQ
GNAPERTPPALTKSWYATGLPAVDNALSAGYWRGDKQAFAGFTPRFTLWKEGKDVPLTPEDDHNLYWLNRALKGQPLRSE
LYGLDGSAQQQIPYTVTESRPQVRQLQDGATVSPVLWASVVESRSYHYERIISDPQCNQDITLSSDLFGQPLKQVSVQYP
RRNKPTTNPYPDTLPDTLFASSYDDQQQLLRLTCRQSSWHHLIGNELRVLGLPDGTRSDAFTYDAKQVPVDGLNLETLCA
ENSLIADDKPREYLNQQRTFYTDGKNQTPLKTPTRQALIAFTETAVLTESLLSAFDGGITPDELPGILTQAGYQQEPYLF
PRTGENKVWVARQGYTDYGTEAQFWRPVAQRNSLLTGKMTLKWDTHYCVITQTQDAAGLTVSANYDWRFLTPTQLTDIND
NVHLITLDALGRPVTQRFWGIESGVATGYSSSEEKPFSPPNDIDTAINLTGPLPVAQCLVYAPDSWMPLFSQETFNTLTQ
EEQETLRDSRIITEDWRICALTRRRWLQSQKISTPLVKLLTNSIGLPPHNLTLTTDRYDRDSEQQIRQQVAFSDGFGRLL
QASVRHEAGEAWQRNQDGSLVTKVENTKTRWAVTGRTEYDNKGQTIRTYQPYFLNDWRYVSDDSARKEAYADTHIYDPIG
REIRVITAKGWLRQSQYFPWFTVSEDENDTAADALV
;
F
3 'polypeptide(L)'
;MSSYNSAIDQKTPSIKVLDNRKLNVRTLEYLRTQADENSDELITFYEFNIPGFQVKSTDPRKNKNQSGPNFIRVFNLAGQ
VLREESVDAGRTITLNDIESRPVLIINATGVRQNHRYEDNTLPGRLLAITEQVQAGEKTTERLIWAGNTPQEKDYNLAGQ
CVRHYDTAGLTQLNSLSLAGVVLSQSQQLLVDDKNADWTGEDQSLWQQKLSSDVYTTQNKADATGALLTQTDAKGNIQRL
AYDVAGQLKGCWLTLKGQAEQVIIKSLTYSAAGQKLREEHGNGVITEYSYEPETQRLIGIATRRPSDAKVLQDLRYQYDP
VGNVINIRNDAEATRFWRNQKVVPENSYTYDSLYQLISATGREMANIGQQNNQLPSPALPSDNNTYTNYTRSYSYDHSGN
LTQIRHSSPATQNNYTVAITLSNRSNRGVLSTLTTDPNQVDTLFDAGGHQTSLLPGQTLIWTPRGELKQVNNGPGNEWYR
YDSNGMRQLKVSEQPTQNTTQQQRVIYLPGLELRTTQSNATTTEELHVITLGEAGRAQVRVLHWESGKPEDVNNNQLRYS
YDNLIGSSQLELDNQGQIISEEEYYPFGGTALWAANSQTEASYKTIRYSGKERDATGLYYYGYRYYQPWAGRWLSADPAG
TIDGLNLYRMVRNNPVSLQDENGL
;
G
4 'polypeptide(L)' APEKGKYTKEVNFFDE H
#
# COMPACT_ATOMS: atom_id res chain seq x y z
N ARG A 1 -14.06 -72.02 20.81
CA ARG A 1 -13.87 -70.78 20.06
C ARG A 1 -14.93 -69.76 20.47
N ALA A 2 -14.56 -68.88 21.40
CA ALA A 2 -15.52 -68.07 22.11
C ALA A 2 -15.78 -66.75 21.42
N LEU A 3 -16.86 -66.10 21.84
CA LEU A 3 -17.11 -64.70 21.51
C LEU A 3 -16.27 -63.86 22.44
N GLU A 4 -15.26 -63.19 21.90
CA GLU A 4 -14.28 -62.46 22.70
C GLU A 4 -14.64 -60.98 22.71
N VAL A 5 -15.12 -60.50 23.85
CA VAL A 5 -15.75 -59.19 23.98
C VAL A 5 -14.88 -58.32 24.87
N GLU A 6 -14.68 -57.07 24.48
CA GLU A 6 -14.03 -56.08 25.33
C GLU A 6 -15.04 -55.02 25.72
N ARG A 7 -15.21 -54.80 27.02
CA ARG A 7 -16.08 -53.75 27.52
C ARG A 7 -15.29 -52.75 28.34
N THR A 8 -15.40 -51.48 27.98
CA THR A 8 -14.79 -50.39 28.71
C THR A 8 -15.73 -49.93 29.82
N VAL A 9 -15.25 -49.93 31.05
CA VAL A 9 -16.05 -49.55 32.22
C VAL A 9 -15.41 -48.32 32.86
N SER A 10 -16.18 -47.24 32.94
CA SER A 10 -15.76 -46.01 33.60
C SER A 10 -16.31 -46.01 35.02
N LEU A 11 -15.43 -45.87 36.01
CA LEU A 11 -15.86 -46.05 37.39
C LEU A 11 -16.55 -44.82 37.97
N ALA A 12 -16.36 -43.64 37.39
CA ALA A 12 -17.10 -42.49 37.89
C ALA A 12 -18.56 -42.56 37.49
N GLU A 13 -18.84 -43.11 36.31
CA GLU A 13 -20.21 -43.29 35.87
C GLU A 13 -20.93 -44.35 36.68
N VAL A 14 -20.20 -45.32 37.23
CA VAL A 14 -20.79 -46.30 38.13
C VAL A 14 -21.17 -45.64 39.45
N TYR A 15 -20.25 -44.86 40.01
CA TYR A 15 -20.48 -44.21 41.30
C TYR A 15 -21.50 -43.09 41.18
N ALA A 16 -21.64 -42.47 40.02
CA ALA A 16 -22.68 -41.49 39.79
C ALA A 16 -24.03 -42.13 39.52
N GLY A 17 -24.06 -43.44 39.24
CA GLY A 17 -25.28 -44.12 38.87
C GLY A 17 -25.84 -45.07 39.89
N LEU A 18 -25.29 -45.13 41.10
CA LEU A 18 -25.91 -45.90 42.15
C LEU A 18 -27.24 -45.25 42.52
N PRO A 19 -28.29 -46.03 42.78
CA PRO A 19 -29.56 -45.44 43.19
C PRO A 19 -29.43 -44.85 44.58
N LYS A 20 -30.16 -43.76 44.85
CA LYS A 20 -29.94 -43.02 46.09
C LYS A 20 -30.69 -43.62 47.28
N ASP A 21 -30.66 -44.94 47.36
CA ASP A 21 -30.88 -45.71 48.56
C ASP A 21 -29.59 -46.35 49.04
N ASN A 22 -28.61 -46.46 48.14
CA ASN A 22 -27.24 -46.84 48.48
C ASN A 22 -26.32 -45.63 48.59
N GLY A 23 -26.56 -44.60 47.79
CA GLY A 23 -25.83 -43.36 47.90
C GLY A 23 -24.82 -43.16 46.79
N PRO A 24 -25.17 -42.39 45.78
CA PRO A 24 -24.22 -42.07 44.70
C PRO A 24 -23.34 -40.90 45.08
N PHE A 25 -22.25 -40.76 44.32
CA PHE A 25 -21.26 -39.73 44.58
C PHE A 25 -20.44 -39.54 43.32
N SER A 26 -19.80 -38.38 43.22
CA SER A 26 -18.87 -38.13 42.13
C SER A 26 -17.48 -38.55 42.57
N LEU A 27 -16.75 -39.23 41.68
CA LEU A 27 -15.46 -39.80 42.05
C LEU A 27 -14.41 -38.73 42.26
N ALA A 28 -14.45 -37.65 41.49
CA ALA A 28 -13.41 -36.63 41.56
C ALA A 28 -13.50 -35.81 42.84
N GLN A 29 -14.72 -35.46 43.26
CA GLN A 29 -14.87 -34.65 44.46
C GLN A 29 -14.67 -35.46 45.73
N GLU A 30 -15.05 -36.74 45.73
CA GLU A 30 -14.88 -37.55 46.93
C GLU A 30 -13.44 -38.01 47.10
N ILE A 31 -12.66 -38.06 46.02
CA ILE A 31 -11.24 -38.37 46.16
C ILE A 31 -10.51 -37.18 46.77
N ASP A 32 -10.83 -35.95 46.32
CA ASP A 32 -10.21 -34.74 46.87
C ASP A 32 -10.53 -34.57 48.34
N LYS A 33 -11.73 -34.96 48.76
CA LYS A 33 -12.12 -34.80 50.15
C LYS A 33 -11.49 -35.87 51.03
N LEU A 34 -11.48 -37.11 50.58
CA LEU A 34 -10.95 -38.21 51.38
C LEU A 34 -9.42 -38.27 51.40
N VAL A 35 -8.76 -37.58 50.46
CA VAL A 35 -7.31 -37.49 50.51
C VAL A 35 -6.89 -36.36 51.44
N SER A 36 -7.61 -35.23 51.39
CA SER A 36 -7.26 -34.06 52.19
C SER A 36 -7.42 -34.33 53.68
N GLN A 37 -8.49 -34.98 54.08
CA GLN A 37 -8.58 -35.47 55.44
C GLN A 37 -8.07 -36.91 55.48
N GLY A 38 -7.99 -37.45 56.68
CA GLY A 38 -7.45 -38.78 56.83
C GLY A 38 -8.49 -39.87 56.64
N SER A 39 -9.59 -39.76 57.36
CA SER A 39 -10.64 -40.74 57.36
C SER A 39 -11.67 -40.42 56.28
N GLY A 40 -12.81 -41.10 56.32
CA GLY A 40 -13.89 -40.81 55.41
C GLY A 40 -14.19 -41.97 54.49
N SER A 41 -15.44 -42.04 54.02
CA SER A 41 -15.85 -43.05 53.06
C SER A 41 -16.77 -42.40 52.04
N ALA A 42 -17.20 -43.19 51.06
CA ALA A 42 -18.12 -42.72 50.04
C ALA A 42 -18.89 -43.92 49.50
N GLY A 43 -20.18 -43.71 49.23
CA GLY A 43 -21.00 -44.81 48.75
C GLY A 43 -21.26 -45.83 49.84
N SER A 44 -21.70 -47.02 49.41
CA SER A 44 -22.04 -48.07 50.35
C SER A 44 -21.93 -49.42 49.66
N GLY A 45 -21.90 -50.46 50.48
CA GLY A 45 -21.90 -51.80 49.94
C GLY A 45 -20.55 -52.17 49.38
N ASN A 46 -20.55 -52.71 48.17
CA ASN A 46 -19.32 -53.06 47.48
C ASN A 46 -18.85 -51.99 46.50
N ASN A 47 -19.71 -51.04 46.14
CA ASN A 47 -19.34 -49.95 45.26
C ASN A 47 -18.99 -48.72 46.10
N ASN A 48 -17.96 -48.85 46.92
CA ASN A 48 -17.61 -47.82 47.87
C ASN A 48 -16.27 -47.18 47.50
N LEU A 49 -15.92 -46.15 48.27
CA LEU A 49 -14.62 -45.51 48.20
C LEU A 49 -14.18 -45.20 49.63
N ALA A 50 -13.19 -45.92 50.12
CA ALA A 50 -12.80 -45.80 51.52
C ALA A 50 -11.29 -45.98 51.61
N PHE A 51 -10.79 -46.21 52.82
CA PHE A 51 -9.38 -46.46 53.05
C PHE A 51 -9.17 -47.93 53.39
N GLY A 52 -7.91 -48.32 53.44
CA GLY A 52 -7.57 -49.70 53.76
C GLY A 52 -7.82 -49.99 55.22
N ALA A 53 -8.14 -51.25 55.52
CA ALA A 53 -8.48 -51.66 56.87
C ALA A 53 -7.35 -52.37 57.59
N GLY A 54 -6.54 -53.15 56.89
CA GLY A 54 -5.53 -53.98 57.53
C GLY A 54 -4.35 -53.17 58.02
N THR A 55 -3.36 -53.90 58.54
CA THR A 55 -2.10 -53.30 58.92
C THR A 55 -1.35 -52.82 57.70
N ASP A 56 -0.54 -51.78 57.89
CA ASP A 56 0.21 -51.00 56.88
C ASP A 56 -0.59 -50.66 55.63
N THR A 57 -1.90 -50.45 55.78
CA THR A 57 -2.80 -50.26 54.66
C THR A 57 -3.75 -49.09 54.91
N LYS A 58 -3.76 -48.54 56.12
CA LYS A 58 -4.73 -47.51 56.48
C LYS A 58 -4.46 -46.16 55.85
N THR A 59 -3.39 -46.01 55.08
CA THR A 59 -3.15 -44.82 54.28
C THR A 59 -3.27 -45.09 52.79
N SER A 60 -3.97 -46.17 52.42
CA SER A 60 -4.18 -46.53 51.03
C SER A 60 -5.63 -46.24 50.67
N LEU A 61 -5.83 -45.32 49.75
CA LEU A 61 -7.18 -44.96 49.31
C LEU A 61 -7.67 -46.04 48.34
N GLN A 62 -8.68 -46.79 48.77
CA GLN A 62 -9.17 -47.94 48.02
C GLN A 62 -10.51 -47.62 47.38
N ALA A 63 -10.64 -47.93 46.10
CA ALA A 63 -11.85 -47.69 45.33
C ALA A 63 -12.37 -49.02 44.81
N SER A 64 -13.50 -49.46 45.35
CA SER A 64 -14.06 -50.77 45.04
C SER A 64 -15.31 -50.65 44.16
N VAL A 65 -15.61 -51.73 43.47
CA VAL A 65 -16.75 -51.78 42.55
C VAL A 65 -17.28 -53.21 42.54
N SER A 66 -18.59 -53.35 42.43
CA SER A 66 -19.21 -54.66 42.41
C SER A 66 -19.41 -55.13 40.97
N PHE A 67 -19.10 -56.40 40.72
CA PHE A 67 -19.26 -56.94 39.38
C PHE A 67 -20.73 -57.14 39.01
N ALA A 68 -21.59 -57.39 39.99
CA ALA A 68 -23.00 -57.57 39.70
C ALA A 68 -23.67 -56.26 39.32
N ASP A 69 -23.20 -55.15 39.86
CA ASP A 69 -23.80 -53.85 39.59
C ASP A 69 -23.21 -53.16 38.38
N LEU A 70 -22.31 -53.82 37.64
CA LEU A 70 -21.93 -53.33 36.33
C LEU A 70 -22.93 -53.76 35.27
N LYS A 71 -23.54 -54.93 35.46
CA LYS A 71 -24.49 -55.55 34.54
C LYS A 71 -23.87 -55.73 33.16
N ILE A 72 -22.75 -56.45 33.14
CA ILE A 72 -22.11 -56.81 31.88
C ILE A 72 -22.85 -57.94 31.18
N ARG A 73 -23.62 -58.74 31.93
CA ARG A 73 -24.39 -59.82 31.32
C ARG A 73 -25.58 -59.30 30.53
N GLU A 74 -25.95 -58.04 30.70
CA GLU A 74 -27.06 -57.46 29.95
C GLU A 74 -26.66 -56.91 28.60
N ASP A 75 -25.39 -57.05 28.20
CA ASP A 75 -24.94 -56.48 26.93
C ASP A 75 -25.16 -57.41 25.75
N TYR A 76 -25.27 -58.71 25.99
CA TYR A 76 -25.60 -59.68 24.97
C TYR A 76 -26.71 -60.57 25.49
N PRO A 77 -27.51 -61.15 24.59
CA PRO A 77 -28.53 -62.11 25.04
C PRO A 77 -27.92 -63.36 25.64
N ALA A 78 -28.67 -64.01 26.52
CA ALA A 78 -28.23 -65.25 27.13
C ALA A 78 -28.43 -66.45 26.22
N SER A 79 -29.05 -66.25 25.05
CA SER A 79 -29.24 -67.29 24.06
C SER A 79 -27.99 -67.62 23.28
N LEU A 80 -26.93 -66.82 23.38
CA LEU A 80 -25.69 -67.07 22.66
C LEU A 80 -24.55 -67.49 23.59
N GLY A 81 -24.86 -67.94 24.79
CA GLY A 81 -23.83 -68.34 25.71
C GLY A 81 -24.07 -67.80 27.10
N LYS A 82 -24.12 -68.70 28.07
CA LYS A 82 -24.34 -68.32 29.46
C LYS A 82 -23.05 -68.22 30.25
N ILE A 83 -21.92 -68.52 29.62
CA ILE A 83 -20.67 -68.77 30.33
C ILE A 83 -19.72 -67.61 30.04
N ARG A 84 -19.73 -66.60 30.88
CA ARG A 84 -19.05 -65.34 30.60
C ARG A 84 -18.01 -65.11 31.68
N ARG A 85 -16.75 -65.11 31.31
CA ARG A 85 -15.64 -65.06 32.24
C ARG A 85 -14.54 -64.19 31.67
N ILE A 86 -13.77 -63.60 32.56
CA ILE A 86 -12.83 -62.54 32.19
C ILE A 86 -11.56 -63.15 31.60
N LYS A 87 -11.08 -62.55 30.51
CA LYS A 87 -9.79 -62.91 29.96
C LYS A 87 -8.68 -62.03 30.52
N GLN A 88 -8.94 -60.73 30.65
CA GLN A 88 -7.92 -59.76 31.05
C GLN A 88 -8.61 -58.46 31.44
N ILE A 89 -8.03 -57.75 32.40
CA ILE A 89 -8.48 -56.42 32.79
C ILE A 89 -7.28 -55.47 32.70
N SER A 90 -7.49 -54.32 32.06
CA SER A 90 -6.50 -53.26 31.99
C SER A 90 -7.10 -51.97 32.54
N VAL A 91 -6.25 -51.13 33.11
CA VAL A 91 -6.68 -49.92 33.83
C VAL A 91 -6.08 -48.69 33.15
N THR A 92 -6.91 -47.68 32.91
CA THR A 92 -6.48 -46.37 32.45
C THR A 92 -6.84 -45.34 33.50
N LEU A 93 -5.87 -44.51 33.88
CA LEU A 93 -6.10 -43.37 34.77
C LEU A 93 -5.93 -42.10 33.95
N PRO A 94 -6.99 -41.58 33.34
CA PRO A 94 -6.83 -40.55 32.32
C PRO A 94 -6.51 -39.17 32.90
N ALA A 95 -5.56 -38.49 32.23
CA ALA A 95 -5.09 -37.15 32.58
C ALA A 95 -4.56 -37.09 34.01
N LEU A 96 -3.60 -37.96 34.32
CA LEU A 96 -3.02 -38.03 35.65
C LEU A 96 -1.52 -37.76 35.67
N LEU A 97 -0.76 -38.45 34.82
CA LEU A 97 0.68 -38.52 34.93
C LEU A 97 1.36 -37.70 33.83
N GLY A 98 2.52 -37.15 34.17
CA GLY A 98 3.34 -36.43 33.23
C GLY A 98 4.19 -37.37 32.40
N PRO A 99 5.25 -36.85 31.78
CA PRO A 99 6.06 -37.71 30.90
C PRO A 99 6.95 -38.70 31.61
N TYR A 100 7.53 -38.34 32.76
CA TYR A 100 8.46 -39.22 33.48
C TYR A 100 7.96 -39.41 34.91
N GLN A 101 6.66 -39.70 35.04
CA GLN A 101 6.06 -39.89 36.34
C GLN A 101 5.50 -41.31 36.42
N ASP A 102 5.22 -41.74 37.65
CA ASP A 102 4.72 -43.08 37.89
C ASP A 102 3.59 -43.01 38.90
N VAL A 103 2.69 -43.97 38.84
CA VAL A 103 1.65 -44.13 39.83
C VAL A 103 1.80 -45.50 40.46
N GLN A 104 1.39 -45.60 41.71
CA GLN A 104 1.42 -46.84 42.46
C GLN A 104 -0.02 -47.21 42.76
N ALA A 105 -0.52 -48.27 42.13
CA ALA A 105 -1.89 -48.68 42.33
C ALA A 105 -2.00 -50.18 42.10
N ILE A 106 -2.78 -50.85 42.96
CA ILE A 106 -2.97 -52.29 42.91
C ILE A 106 -4.43 -52.58 42.59
N LEU A 107 -4.68 -53.21 41.47
CA LEU A 107 -6.01 -53.70 41.13
C LEU A 107 -6.11 -55.15 41.58
N SER A 108 -6.92 -55.41 42.60
CA SER A 108 -7.03 -56.72 43.22
C SER A 108 -8.43 -57.28 43.02
N TYR A 109 -8.65 -58.45 43.61
CA TYR A 109 -9.94 -59.13 43.53
C TYR A 109 -10.14 -59.94 44.80
N GLY A 110 -11.37 -59.96 45.29
CA GLY A 110 -11.72 -60.77 46.45
C GLY A 110 -12.40 -62.08 46.08
N GLY A 118 -0.99 -66.16 41.57
CA GLY A 118 -0.74 -64.76 41.86
C GLY A 118 -1.61 -63.92 40.97
N CYS A 119 -2.61 -64.57 40.39
CA CYS A 119 -3.51 -64.00 39.40
C CYS A 119 -4.70 -63.30 40.01
N GLU A 120 -4.59 -62.84 41.26
CA GLU A 120 -5.66 -62.07 41.87
C GLU A 120 -5.36 -60.58 41.91
N ALA A 121 -4.12 -60.17 41.66
CA ALA A 121 -3.71 -58.78 41.78
C ALA A 121 -3.00 -58.34 40.51
N LEU A 122 -2.81 -57.03 40.42
CA LEU A 122 -2.26 -56.39 39.22
C LEU A 122 -1.81 -55.00 39.60
N ALA A 123 -0.55 -54.68 39.34
CA ALA A 123 0.03 -53.39 39.70
C ALA A 123 -0.07 -52.44 38.51
N VAL A 124 -0.80 -51.34 38.70
CA VAL A 124 -0.88 -50.28 37.69
C VAL A 124 0.29 -49.34 37.88
N SER A 125 1.03 -49.08 36.81
CA SER A 125 2.22 -48.25 36.94
C SER A 125 2.17 -46.98 36.12
N HIS A 126 1.82 -47.05 34.83
CA HIS A 126 1.70 -45.82 34.07
C HIS A 126 0.25 -45.39 33.84
N GLY A 127 -0.69 -46.32 33.91
CA GLY A 127 -2.10 -45.97 33.94
C GLY A 127 -2.67 -45.45 32.63
N MET A 128 -2.13 -45.87 31.50
CA MET A 128 -2.66 -45.51 30.19
C MET A 128 -2.76 -46.79 29.38
N ASN A 129 -3.93 -47.42 29.43
CA ASN A 129 -4.18 -48.79 28.98
C ASN A 129 -3.15 -49.74 29.58
N ASP A 130 -3.10 -49.73 30.92
CA ASP A 130 -2.03 -50.37 31.65
C ASP A 130 -2.47 -51.75 32.10
N SER A 131 -1.83 -52.78 31.54
CA SER A 131 -1.89 -54.11 32.12
C SER A 131 -0.75 -54.26 33.11
N GLY A 132 -0.85 -55.26 33.97
CA GLY A 132 0.19 -55.43 34.96
C GLY A 132 1.42 -56.15 34.48
N GLN A 133 1.66 -56.20 33.18
CA GLN A 133 2.71 -57.01 32.61
C GLN A 133 3.83 -56.14 32.04
N PHE A 134 5.05 -56.67 32.11
CA PHE A 134 6.17 -56.03 31.46
C PHE A 134 6.06 -56.14 29.95
N GLN A 135 5.64 -57.30 29.46
CA GLN A 135 5.40 -57.54 28.05
C GLN A 135 4.21 -58.48 28.00
N LEU A 136 3.03 -57.92 27.72
CA LEU A 136 1.79 -58.69 27.77
C LEU A 136 1.72 -59.68 26.64
N ASP A 137 1.44 -60.94 26.97
CA ASP A 137 1.41 -62.03 26.00
C ASP A 137 0.10 -62.78 26.17
N PHE A 138 -0.66 -62.89 25.10
CA PHE A 138 -1.90 -63.65 25.14
C PHE A 138 -1.69 -65.13 24.91
N ASN A 139 -0.44 -65.55 24.67
CA ASN A 139 -0.09 -66.96 24.49
C ASN A 139 1.39 -67.19 24.71
N LEU A 144 -2.97 -65.37 32.70
CA LEU A 144 -3.10 -63.95 32.95
C LEU A 144 -3.82 -63.73 34.27
N PRO A 145 -3.60 -62.59 34.92
CA PRO A 145 -4.40 -62.27 36.10
C PRO A 145 -5.87 -62.03 35.76
N PHE A 146 -6.73 -62.36 36.72
CA PHE A 146 -8.19 -62.35 36.62
C PHE A 146 -8.72 -63.22 35.48
N GLU A 147 -7.98 -64.23 35.03
CA GLU A 147 -8.42 -65.03 33.89
C GLU A 147 -9.36 -66.11 34.42
N GLY A 148 -10.65 -65.90 34.21
CA GLY A 148 -11.66 -66.85 34.63
C GLY A 148 -12.56 -66.37 35.71
N ILE A 149 -12.35 -65.13 36.19
CA ILE A 149 -13.26 -64.55 37.16
C ILE A 149 -14.60 -64.33 36.48
N ALA A 150 -15.66 -64.79 37.14
CA ALA A 150 -16.99 -64.70 36.58
C ALA A 150 -17.45 -63.26 36.47
N ILE A 151 -18.34 -63.01 35.52
CA ILE A 151 -18.76 -61.66 35.20
C ILE A 151 -19.68 -61.10 36.28
N ASP A 152 -20.52 -61.95 36.87
CA ASP A 152 -21.47 -61.46 37.87
C ASP A 152 -20.83 -61.24 39.23
N GLN A 153 -19.92 -62.11 39.64
CA GLN A 153 -19.55 -62.22 41.04
C GLN A 153 -18.23 -61.51 41.35
N GLY A 154 -18.15 -60.97 42.56
CA GLY A 154 -16.91 -60.46 43.11
C GLY A 154 -16.90 -58.95 43.26
N THR A 155 -15.83 -58.46 43.88
CA THR A 155 -15.51 -57.05 43.93
C THR A 155 -14.13 -56.83 43.34
N LEU A 156 -13.96 -55.71 42.65
CA LEU A 156 -12.66 -55.31 42.11
C LEU A 156 -12.24 -54.03 42.82
N THR A 157 -11.09 -54.07 43.47
CA THR A 157 -10.62 -52.98 44.30
C THR A 157 -9.33 -52.41 43.72
N LEU A 158 -9.30 -51.10 43.51
CA LEU A 158 -8.09 -50.40 43.10
C LEU A 158 -7.59 -49.60 44.29
N SER A 159 -6.45 -49.98 44.84
CA SER A 159 -5.89 -49.38 46.03
C SER A 159 -4.69 -48.54 45.67
N PHE A 160 -4.68 -47.28 46.12
CA PHE A 160 -3.58 -46.36 45.89
C PHE A 160 -2.81 -46.19 47.19
N PRO A 161 -1.63 -46.80 47.34
CA PRO A 161 -0.88 -46.63 48.58
C PRO A 161 -0.30 -45.23 48.73
N ASN A 162 -0.03 -44.88 49.99
CA ASN A 162 0.52 -43.58 50.40
C ASN A 162 -0.34 -42.42 49.91
N ALA A 163 -1.63 -42.48 50.24
CA ALA A 163 -2.60 -41.56 49.66
C ALA A 163 -3.28 -40.65 50.67
N SER A 164 -2.82 -40.62 51.91
CA SER A 164 -3.38 -39.70 52.89
C SER A 164 -2.45 -38.50 53.04
N MET A 165 -3.02 -37.32 52.93
CA MET A 165 -2.28 -36.06 53.01
C MET A 165 -1.82 -35.64 54.42
N PRO A 166 -2.60 -35.83 55.50
CA PRO A 166 -2.04 -35.54 56.84
C PRO A 166 -0.87 -36.42 57.26
N GLU A 167 -0.71 -37.60 56.67
CA GLU A 167 0.49 -38.39 56.89
C GLU A 167 1.55 -38.14 55.83
N LYS A 168 1.38 -37.08 55.03
CA LYS A 168 2.35 -36.63 54.02
C LYS A 168 2.65 -37.72 52.99
N GLY A 169 1.58 -38.30 52.43
CA GLY A 169 1.75 -39.34 51.44
C GLY A 169 2.27 -38.78 50.13
N LYS A 170 3.12 -39.57 49.48
CA LYS A 170 3.72 -39.14 48.23
C LYS A 170 2.73 -39.17 47.07
N GLN A 171 1.61 -39.85 47.22
CA GLN A 171 0.57 -39.88 46.21
C GLN A 171 -0.61 -39.00 46.56
N ALA A 172 -0.54 -38.24 47.64
CA ALA A 172 -1.68 -37.45 48.05
C ALA A 172 -1.85 -36.22 47.19
N THR A 173 -0.76 -35.69 46.64
CA THR A 173 -0.88 -34.51 45.79
C THR A 173 -1.42 -34.87 44.41
N MET A 174 -0.96 -35.99 43.85
CA MET A 174 -1.35 -36.36 42.50
C MET A 174 -2.74 -36.98 42.42
N LEU A 175 -3.29 -37.46 43.53
CA LEU A 175 -4.59 -38.09 43.47
C LEU A 175 -5.72 -37.09 43.37
N LYS A 176 -5.49 -35.85 43.76
CA LYS A 176 -6.52 -34.82 43.61
C LYS A 176 -6.73 -34.45 42.14
N THR A 177 -5.73 -34.75 41.28
CA THR A 177 -5.83 -34.50 39.87
C THR A 177 -6.72 -35.53 39.17
N LEU A 178 -6.98 -36.67 39.82
CA LEU A 178 -7.64 -37.81 39.19
C LEU A 178 -9.11 -37.51 38.90
N ASN A 179 -9.51 -37.72 37.65
CA ASN A 179 -10.85 -37.42 37.15
C ASN A 179 -11.76 -38.64 37.15
N ASP A 180 -11.21 -39.80 36.78
CA ASP A 180 -11.98 -41.00 36.53
C ASP A 180 -11.02 -42.18 36.57
N ILE A 181 -11.58 -43.37 36.76
CA ILE A 181 -10.84 -44.61 36.65
C ILE A 181 -11.53 -45.47 35.59
N ILE A 182 -10.77 -45.91 34.60
CA ILE A 182 -11.31 -46.64 33.46
C ILE A 182 -10.78 -48.06 33.54
N LEU A 183 -11.67 -49.05 33.37
CA LEU A 183 -11.29 -50.45 33.30
C LEU A 183 -11.60 -50.96 31.90
N HIS A 184 -10.60 -51.59 31.27
CA HIS A 184 -10.79 -52.21 29.97
C HIS A 184 -10.93 -53.71 30.18
N ILE A 185 -12.16 -54.14 30.47
CA ILE A 185 -12.42 -55.55 30.73
C ILE A 185 -12.55 -56.29 29.41
N ARG A 186 -11.77 -57.35 29.26
CA ARG A 186 -11.85 -58.22 28.09
C ARG A 186 -12.31 -59.60 28.58
N TYR A 187 -13.45 -60.05 28.11
CA TYR A 187 -14.01 -61.31 28.58
C TYR A 187 -14.43 -62.15 27.40
N THR A 188 -14.72 -63.42 27.65
CA THR A 188 -15.14 -64.35 26.62
C THR A 188 -16.52 -64.90 26.95
N ILE A 189 -17.35 -65.05 25.92
CA ILE A 189 -18.67 -65.65 26.06
C ILE A 189 -18.60 -67.03 25.40
N LYS A 190 -18.48 -68.08 26.19
CA LYS A 190 -18.49 -69.41 25.63
C LYS A 190 -19.53 -70.28 26.31
N ARG B 1 2.27 -65.34 39.22
CA ARG B 1 2.54 -64.10 38.51
C ARG B 1 2.79 -62.97 39.51
N ALA B 2 3.78 -62.14 39.19
CA ALA B 2 4.25 -61.14 40.12
C ALA B 2 3.53 -59.81 39.90
N LEU B 3 3.66 -58.92 40.89
CA LEU B 3 3.32 -57.52 40.71
C LEU B 3 4.47 -56.87 39.97
N GLU B 4 4.27 -56.61 38.68
CA GLU B 4 5.33 -56.14 37.81
C GLU B 4 5.25 -54.63 37.73
N VAL B 5 6.17 -53.95 38.43
CA VAL B 5 6.08 -52.52 38.65
C VAL B 5 7.24 -51.85 37.92
N GLU B 6 6.98 -50.65 37.40
CA GLU B 6 8.01 -49.80 36.82
C GLU B 6 8.15 -48.55 37.67
N ARG B 7 9.38 -48.15 37.97
CA ARG B 7 9.64 -46.91 38.66
C ARG B 7 10.65 -46.07 37.89
N THR B 8 10.31 -44.80 37.68
CA THR B 8 11.16 -43.87 36.98
C THR B 8 11.94 -43.03 38.00
N VAL B 9 13.27 -43.16 37.98
CA VAL B 9 14.15 -42.52 38.95
C VAL B 9 14.95 -41.44 38.22
N SER B 10 14.91 -40.22 38.74
CA SER B 10 15.63 -39.09 38.18
C SER B 10 16.77 -38.73 39.10
N LEU B 11 18.00 -38.78 38.58
CA LEU B 11 19.16 -38.57 39.43
C LEU B 11 19.34 -37.11 39.84
N ALA B 12 18.80 -36.16 39.07
CA ALA B 12 18.83 -34.78 39.52
C ALA B 12 17.86 -34.55 40.66
N GLU B 13 16.75 -35.27 40.68
CA GLU B 13 15.81 -35.20 41.78
C GLU B 13 16.36 -35.88 43.03
N VAL B 14 17.22 -36.88 42.84
CA VAL B 14 17.84 -37.58 43.96
C VAL B 14 18.97 -36.75 44.55
N TYR B 15 19.83 -36.20 43.71
CA TYR B 15 21.01 -35.50 44.18
C TYR B 15 20.67 -34.16 44.82
N ALA B 16 19.59 -33.53 44.40
CA ALA B 16 19.19 -32.25 44.96
C ALA B 16 18.33 -32.39 46.20
N GLY B 17 17.94 -33.60 46.56
CA GLY B 17 17.12 -33.81 47.73
C GLY B 17 17.80 -34.66 48.79
N LEU B 18 19.13 -34.63 48.79
CA LEU B 18 19.89 -35.28 49.85
C LEU B 18 19.74 -34.48 51.13
N PRO B 19 19.99 -35.11 52.29
CA PRO B 19 20.08 -34.33 53.53
C PRO B 19 21.25 -33.37 53.48
N LYS B 20 21.10 -32.25 54.19
CA LYS B 20 22.14 -31.22 54.26
C LYS B 20 23.41 -31.72 54.92
N ASP B 21 23.30 -32.77 55.74
CA ASP B 21 24.45 -33.44 56.31
C ASP B 21 25.31 -34.14 55.25
N ASN B 22 24.70 -34.57 54.15
CA ASN B 22 25.37 -35.37 53.13
C ASN B 22 25.82 -34.55 51.93
N GLY B 23 25.55 -33.25 51.92
CA GLY B 23 26.00 -32.39 50.84
C GLY B 23 25.29 -32.58 49.52
N PRO B 24 24.03 -32.11 49.42
CA PRO B 24 23.34 -32.19 48.13
C PRO B 24 23.92 -31.22 47.11
N PHE B 25 23.55 -31.43 45.85
CA PHE B 25 24.04 -30.61 44.75
C PHE B 25 23.07 -30.69 43.59
N SER B 26 23.28 -29.81 42.61
CA SER B 26 22.57 -29.84 41.35
C SER B 26 23.37 -30.67 40.36
N LEU B 27 22.71 -31.60 39.68
CA LEU B 27 23.40 -32.45 38.72
C LEU B 27 23.83 -31.66 37.49
N ALA B 28 23.02 -30.71 37.05
CA ALA B 28 23.33 -29.98 35.83
C ALA B 28 24.50 -29.02 36.02
N GLN B 29 24.56 -28.35 37.17
CA GLN B 29 25.65 -27.41 37.40
C GLN B 29 26.96 -28.13 37.69
N GLU B 30 26.88 -29.27 38.37
CA GLU B 30 28.10 -29.91 38.81
C GLU B 30 28.76 -30.70 37.68
N ILE B 31 28.01 -31.04 36.63
CA ILE B 31 28.62 -31.76 35.51
C ILE B 31 29.53 -30.83 34.72
N ASP B 32 29.02 -29.67 34.27
CA ASP B 32 29.85 -28.77 33.47
C ASP B 32 30.90 -28.06 34.29
N LYS B 33 30.88 -28.19 35.61
CA LYS B 33 32.01 -27.79 36.44
C LYS B 33 33.07 -28.89 36.49
N LEU B 34 32.67 -30.15 36.63
CA LEU B 34 33.64 -31.24 36.65
C LEU B 34 34.16 -31.58 35.26
N VAL B 35 33.36 -31.37 34.22
CA VAL B 35 33.83 -31.63 32.87
C VAL B 35 34.86 -30.60 32.44
N SER B 36 34.60 -29.32 32.77
CA SER B 36 35.47 -28.23 32.31
C SER B 36 36.82 -28.26 33.00
N GLN B 37 36.87 -28.68 34.26
CA GLN B 37 38.16 -28.91 34.89
C GLN B 37 38.51 -30.38 34.76
N GLY B 38 39.63 -30.77 35.34
CA GLY B 38 40.11 -32.13 35.21
C GLY B 38 39.28 -33.14 35.97
N SER B 39 39.23 -32.98 37.30
CA SER B 39 38.52 -33.92 38.14
C SER B 39 38.18 -33.26 39.47
N GLY B 40 37.06 -33.66 40.04
CA GLY B 40 36.64 -33.20 41.36
C GLY B 40 35.73 -34.20 42.00
N SER B 41 34.70 -33.70 42.69
CA SER B 41 33.77 -34.57 43.39
C SER B 41 32.47 -33.82 43.63
N ALA B 42 31.47 -34.57 44.06
CA ALA B 42 30.16 -34.04 44.44
C ALA B 42 29.50 -35.05 45.34
N GLY B 43 28.70 -34.56 46.29
CA GLY B 43 27.99 -35.44 47.19
C GLY B 43 28.93 -36.17 48.15
N SER B 44 28.40 -37.25 48.73
CA SER B 44 29.17 -38.08 49.64
C SER B 44 28.54 -39.46 49.68
N GLY B 45 29.34 -40.43 50.09
CA GLY B 45 28.85 -41.79 50.23
C GLY B 45 28.71 -42.45 48.89
N ASN B 46 27.56 -43.04 48.64
CA ASN B 46 27.29 -43.70 47.37
C ASN B 46 26.47 -42.85 46.41
N ASN B 47 25.97 -41.70 46.86
CA ASN B 47 25.23 -40.78 45.99
C ASN B 47 26.17 -39.66 45.52
N ASN B 48 27.20 -40.05 44.78
CA ASN B 48 28.26 -39.11 44.42
C ASN B 48 28.44 -39.04 42.91
N LEU B 49 28.81 -37.86 42.44
CA LEU B 49 29.19 -37.61 41.05
C LEU B 49 30.66 -37.25 41.05
N ALA B 50 31.50 -38.17 40.56
CA ALA B 50 32.94 -37.96 40.61
C ALA B 50 33.58 -38.74 39.47
N PHE B 51 34.83 -38.38 39.17
CA PHE B 51 35.57 -39.09 38.15
C PHE B 51 36.02 -40.44 38.67
N GLY B 52 36.47 -41.30 37.75
CA GLY B 52 36.84 -42.64 38.11
C GLY B 52 38.10 -42.68 38.96
N ALA B 53 38.35 -43.86 39.53
CA ALA B 53 39.46 -44.02 40.47
C ALA B 53 40.57 -44.90 39.94
N GLY B 54 40.22 -45.92 39.15
CA GLY B 54 41.17 -46.94 38.77
C GLY B 54 41.99 -46.57 37.55
N THR B 55 42.72 -47.57 37.06
CA THR B 55 43.49 -47.45 35.83
C THR B 55 42.53 -47.25 34.65
N ASP B 56 42.93 -46.38 33.71
CA ASP B 56 42.26 -46.00 32.46
C ASP B 56 40.79 -45.62 32.63
N THR B 57 40.40 -45.13 33.81
CA THR B 57 39.04 -44.68 34.07
C THR B 57 39.08 -43.29 34.71
N LYS B 58 40.27 -42.70 34.84
CA LYS B 58 40.38 -41.39 35.49
C LYS B 58 39.78 -40.30 34.63
N THR B 59 39.80 -40.45 33.31
CA THR B 59 39.12 -39.53 32.41
C THR B 59 37.71 -40.00 32.07
N SER B 60 36.94 -40.36 33.10
CA SER B 60 35.62 -40.95 32.89
C SER B 60 34.73 -40.53 34.06
N LEU B 61 33.72 -39.73 33.78
CA LEU B 61 32.84 -39.23 34.83
C LEU B 61 31.85 -40.30 35.25
N GLN B 62 31.70 -40.51 36.56
CA GLN B 62 30.84 -41.54 37.11
C GLN B 62 29.79 -40.92 38.01
N ALA B 63 28.53 -41.28 37.78
CA ALA B 63 27.41 -40.82 38.59
C ALA B 63 26.84 -42.03 39.30
N SER B 64 27.11 -42.14 40.60
CA SER B 64 26.65 -43.27 41.39
C SER B 64 25.39 -42.88 42.17
N VAL B 65 24.53 -43.87 42.38
CA VAL B 65 23.35 -43.72 43.21
C VAL B 65 23.26 -44.96 44.08
N SER B 66 22.62 -44.83 45.24
CA SER B 66 22.46 -45.95 46.15
C SER B 66 21.02 -46.44 46.07
N PHE B 67 20.86 -47.76 45.93
CA PHE B 67 19.52 -48.34 45.87
C PHE B 67 18.77 -48.24 47.19
N ALA B 68 19.50 -48.16 48.31
CA ALA B 68 18.84 -48.15 49.61
C ALA B 68 18.12 -46.84 49.86
N ASP B 69 18.58 -45.75 49.23
CA ASP B 69 18.05 -44.43 49.51
C ASP B 69 16.98 -44.00 48.53
N LEU B 70 16.70 -44.78 47.50
CA LEU B 70 15.58 -44.47 46.62
C LEU B 70 14.24 -44.78 47.28
N LYS B 71 14.25 -45.65 48.29
CA LYS B 71 13.09 -45.98 49.13
C LYS B 71 11.94 -46.58 48.31
N ILE B 72 12.29 -47.49 47.40
CA ILE B 72 11.30 -48.15 46.57
C ILE B 72 10.48 -49.17 47.36
N ARG B 73 10.96 -49.61 48.51
CA ARG B 73 10.18 -50.54 49.32
C ARG B 73 8.97 -49.88 49.96
N GLU B 74 8.99 -48.56 50.14
CA GLU B 74 7.86 -47.86 50.74
C GLU B 74 6.83 -47.40 49.72
N ASP B 75 7.02 -47.70 48.44
CA ASP B 75 6.02 -47.33 47.45
C ASP B 75 4.77 -48.20 47.55
N TYR B 76 4.92 -49.42 48.02
CA TYR B 76 3.83 -50.35 48.19
C TYR B 76 3.87 -50.90 49.60
N PRO B 77 2.73 -51.30 50.17
CA PRO B 77 2.73 -51.86 51.51
C PRO B 77 3.44 -53.20 51.59
N ALA B 78 4.03 -53.47 52.75
CA ALA B 78 4.84 -54.67 52.93
C ALA B 78 4.04 -55.95 53.03
N SER B 79 2.70 -55.90 52.94
CA SER B 79 1.88 -57.10 52.91
C SER B 79 1.72 -57.67 51.51
N LEU B 80 2.10 -56.93 50.47
CA LEU B 80 2.00 -57.46 49.11
C LEU B 80 3.12 -58.43 48.81
N GLY B 81 4.20 -58.39 49.59
CA GLY B 81 5.36 -59.22 49.36
C GLY B 81 6.58 -58.52 49.91
N LYS B 82 7.61 -59.27 50.29
CA LYS B 82 8.78 -58.68 50.91
C LYS B 82 10.04 -58.82 50.07
N ILE B 83 10.01 -59.55 48.96
CA ILE B 83 11.10 -59.52 48.00
C ILE B 83 10.69 -58.62 46.86
N ARG B 84 11.60 -57.74 46.48
CA ARG B 84 11.38 -56.85 45.36
C ARG B 84 12.69 -56.81 44.59
N ARG B 85 12.76 -57.60 43.53
CA ARG B 85 13.98 -57.78 42.76
C ARG B 85 13.85 -57.14 41.40
N ILE B 86 14.95 -56.63 40.87
CA ILE B 86 14.94 -55.88 39.62
C ILE B 86 14.74 -56.84 38.45
N LYS B 87 13.86 -56.47 37.52
CA LYS B 87 13.75 -57.20 36.27
C LYS B 87 14.64 -56.60 35.18
N GLN B 88 14.60 -55.28 35.00
CA GLN B 88 15.30 -54.61 33.92
C GLN B 88 15.42 -53.13 34.25
N ILE B 89 16.54 -52.53 33.87
CA ILE B 89 16.77 -51.10 34.03
C ILE B 89 17.11 -50.50 32.67
N SER B 90 16.41 -49.42 32.32
CA SER B 90 16.71 -48.63 31.12
C SER B 90 17.12 -47.23 31.52
N VAL B 91 17.97 -46.62 30.71
CA VAL B 91 18.54 -45.30 30.99
C VAL B 91 18.07 -44.33 29.92
N THR B 92 17.59 -43.16 30.35
CA THR B 92 17.26 -42.08 29.44
C THR B 92 18.09 -40.85 29.79
N LEU B 93 18.78 -40.30 28.82
CA LEU B 93 19.65 -39.15 29.02
C LEU B 93 19.11 -37.95 28.26
N PRO B 94 18.50 -36.96 28.92
CA PRO B 94 18.07 -35.75 28.21
C PRO B 94 19.22 -34.87 27.79
N ALA B 95 19.86 -35.20 26.67
CA ALA B 95 21.01 -34.47 26.18
C ALA B 95 20.79 -34.08 24.73
N LEU B 96 21.78 -33.38 24.19
CA LEU B 96 21.81 -32.98 22.80
C LEU B 96 22.95 -33.70 22.09
N LEU B 97 22.62 -34.37 20.99
CA LEU B 97 23.62 -35.07 20.20
C LEU B 97 23.94 -34.30 18.94
N GLY B 98 25.13 -34.53 18.41
CA GLY B 98 25.55 -33.92 17.17
C GLY B 98 24.94 -34.61 15.96
N PRO B 99 25.50 -34.35 14.78
CA PRO B 99 24.91 -34.92 13.57
C PRO B 99 25.07 -36.43 13.43
N TYR B 100 26.22 -36.99 13.82
CA TYR B 100 26.42 -38.43 13.77
C TYR B 100 26.96 -38.97 15.08
N GLN B 101 26.65 -38.32 16.20
CA GLN B 101 27.19 -38.71 17.48
C GLN B 101 26.35 -39.81 18.10
N ASP B 102 26.98 -40.57 18.99
CA ASP B 102 26.31 -41.55 19.82
C ASP B 102 26.57 -41.20 21.27
N VAL B 103 26.02 -42.00 22.17
CA VAL B 103 26.28 -41.86 23.60
C VAL B 103 27.09 -43.08 24.03
N GLN B 104 28.15 -42.83 24.77
CA GLN B 104 28.95 -43.87 25.38
C GLN B 104 28.74 -43.78 26.88
N ALA B 105 28.09 -44.79 27.46
CA ALA B 105 27.84 -44.82 28.89
C ALA B 105 27.74 -46.26 29.34
N ILE B 106 28.21 -46.53 30.56
CA ILE B 106 28.17 -47.86 31.14
C ILE B 106 27.42 -47.79 32.45
N LEU B 107 26.27 -48.44 32.53
CA LEU B 107 25.55 -48.60 33.78
C LEU B 107 26.04 -49.86 34.47
N SER B 108 26.58 -49.72 35.66
CA SER B 108 27.22 -50.84 36.34
C SER B 108 26.66 -51.01 37.74
N TYR B 109 26.77 -52.23 38.25
CA TYR B 109 26.38 -52.53 39.62
C TYR B 109 27.57 -53.07 40.38
N GLY B 110 27.72 -52.65 41.63
CA GLY B 110 28.81 -53.10 42.46
C GLY B 110 28.49 -54.37 43.23
N GLY B 118 27.84 -61.68 33.24
CA GLY B 118 27.84 -60.49 32.40
C GLY B 118 26.68 -59.57 32.73
N CYS B 119 25.79 -60.03 33.60
CA CYS B 119 24.53 -59.37 33.89
C CYS B 119 24.65 -58.32 34.99
N GLU B 120 25.83 -57.78 35.21
CA GLU B 120 26.04 -56.69 36.15
C GLU B 120 26.26 -55.36 35.47
N ALA B 121 26.34 -55.32 34.14
CA ALA B 121 26.64 -54.12 33.41
C ALA B 121 25.70 -53.95 32.23
N LEU B 122 25.81 -52.80 31.58
CA LEU B 122 24.93 -52.39 30.51
C LEU B 122 25.63 -51.27 29.75
N ALA B 123 25.36 -51.14 28.46
CA ALA B 123 26.00 -50.13 27.62
C ALA B 123 24.93 -49.28 26.97
N VAL B 124 24.82 -48.03 27.40
CA VAL B 124 23.89 -47.07 26.82
C VAL B 124 24.45 -46.55 25.51
N SER B 125 23.62 -46.56 24.46
CA SER B 125 24.08 -46.12 23.14
C SER B 125 23.31 -44.95 22.58
N HIS B 126 21.97 -44.97 22.65
CA HIS B 126 21.19 -43.86 22.14
C HIS B 126 20.55 -43.02 23.23
N GLY B 127 20.42 -43.53 24.45
CA GLY B 127 20.04 -42.72 25.58
C GLY B 127 18.58 -42.31 25.64
N MET B 128 17.70 -42.94 24.89
CA MET B 128 16.26 -42.67 24.97
C MET B 128 15.57 -44.01 25.22
N ASN B 129 15.23 -44.26 26.49
CA ASN B 129 14.72 -45.55 26.98
C ASN B 129 15.66 -46.68 26.58
N ASP B 130 16.94 -46.49 26.89
CA ASP B 130 18.01 -47.28 26.31
C ASP B 130 18.36 -48.43 27.24
N SER B 131 17.79 -49.60 26.96
CA SER B 131 18.38 -50.83 27.47
C SER B 131 19.61 -51.16 26.65
N GLY B 132 20.48 -51.97 27.22
CA GLY B 132 21.74 -52.22 26.54
C GLY B 132 21.68 -53.18 25.39
N GLN B 133 20.51 -53.73 25.10
CA GLN B 133 20.38 -54.83 24.15
C GLN B 133 20.06 -54.33 22.75
N PHE B 134 20.41 -55.15 21.76
CA PHE B 134 20.01 -54.88 20.39
C PHE B 134 18.52 -55.11 20.22
N GLN B 135 18.00 -56.19 20.81
CA GLN B 135 16.58 -56.45 20.92
C GLN B 135 16.31 -56.82 22.37
N LEU B 136 15.52 -56.00 23.06
CA LEU B 136 15.13 -56.35 24.42
C LEU B 136 14.09 -57.45 24.35
N ASP B 137 14.54 -58.69 24.44
CA ASP B 137 13.68 -59.85 24.48
C ASP B 137 13.49 -60.23 25.94
N PHE B 138 12.24 -60.38 26.36
CA PHE B 138 11.94 -60.83 27.71
C PHE B 138 11.84 -62.35 27.79
N ASN B 139 12.52 -63.07 26.91
CA ASN B 139 12.46 -64.52 26.84
C ASN B 139 13.83 -65.14 26.58
N LEU B 144 18.44 -61.22 31.87
CA LEU B 144 18.69 -59.81 31.60
C LEU B 144 19.73 -59.29 32.57
N PRO B 145 20.46 -58.23 32.17
CA PRO B 145 21.35 -57.57 33.12
C PRO B 145 20.58 -56.93 34.26
N PHE B 146 21.21 -56.91 35.43
CA PHE B 146 20.68 -56.47 36.73
C PHE B 146 19.46 -57.25 37.19
N GLU B 147 19.16 -58.42 36.61
CA GLU B 147 17.95 -59.14 36.97
C GLU B 147 18.12 -59.80 38.32
N GLY B 148 17.27 -59.44 39.26
CA GLY B 148 17.28 -60.04 40.56
C GLY B 148 18.02 -59.28 41.62
N ILE B 149 18.62 -58.15 41.29
CA ILE B 149 19.27 -57.31 42.28
C ILE B 149 18.20 -56.71 43.19
N ALA B 150 18.40 -56.82 44.50
CA ALA B 150 17.42 -56.33 45.45
C ALA B 150 17.40 -54.81 45.45
N ILE B 151 16.19 -54.26 45.52
CA ILE B 151 16.00 -52.82 45.31
C ILE B 151 16.45 -51.97 46.48
N ASP B 152 16.74 -52.58 47.63
CA ASP B 152 17.06 -51.81 48.82
C ASP B 152 18.51 -51.97 49.26
N GLN B 153 19.37 -52.54 48.43
CA GLN B 153 20.77 -52.68 48.76
C GLN B 153 21.62 -52.64 47.51
N GLY B 154 22.77 -52.00 47.61
CA GLY B 154 23.71 -51.92 46.52
C GLY B 154 23.92 -50.50 46.05
N THR B 155 24.79 -50.38 45.06
CA THR B 155 25.14 -49.10 44.45
C THR B 155 25.10 -49.25 42.95
N LEU B 156 24.34 -48.38 42.28
CA LEU B 156 24.24 -48.37 40.83
C LEU B 156 24.95 -47.13 40.30
N THR B 157 25.96 -47.33 39.47
CA THR B 157 26.76 -46.24 38.94
C THR B 157 26.60 -46.16 37.43
N LEU B 158 26.89 -44.98 36.88
CA LEU B 158 26.79 -44.73 35.44
C LEU B 158 28.03 -43.98 35.00
N SER B 159 28.92 -44.66 34.29
CA SER B 159 30.22 -44.12 33.91
C SER B 159 30.16 -43.57 32.49
N PHE B 160 30.69 -42.37 32.29
CA PHE B 160 30.77 -41.74 30.98
C PHE B 160 32.22 -41.66 30.55
N PRO B 161 32.68 -42.53 29.65
CA PRO B 161 34.08 -42.46 29.21
C PRO B 161 34.30 -41.25 28.32
N ASN B 162 35.58 -40.81 28.31
CA ASN B 162 36.05 -39.63 27.57
C ASN B 162 35.28 -38.39 27.97
N ALA B 163 35.30 -38.09 29.26
CA ALA B 163 34.50 -37.02 29.84
C ALA B 163 35.33 -35.82 30.28
N SER B 164 36.64 -35.83 30.07
CA SER B 164 37.51 -34.77 30.50
C SER B 164 37.73 -33.80 29.35
N MET B 165 37.34 -32.55 29.54
CA MET B 165 37.58 -31.51 28.55
C MET B 165 39.03 -30.99 28.53
N PRO B 166 39.75 -30.85 29.66
CA PRO B 166 41.19 -30.59 29.53
C PRO B 166 41.98 -31.70 28.87
N GLU B 167 41.48 -32.94 28.91
CA GLU B 167 42.11 -34.05 28.20
C GLU B 167 41.41 -34.37 26.89
N LYS B 168 40.57 -33.44 26.41
CA LYS B 168 39.95 -33.48 25.08
C LYS B 168 39.06 -34.73 24.90
N GLY B 169 38.12 -34.92 25.81
CA GLY B 169 37.20 -36.04 25.70
C GLY B 169 36.16 -35.76 24.64
N LYS B 170 35.85 -36.79 23.85
CA LYS B 170 34.86 -36.64 22.79
C LYS B 170 33.44 -36.56 23.32
N GLN B 171 33.21 -37.08 24.53
CA GLN B 171 31.90 -37.03 25.15
C GLN B 171 31.74 -35.82 26.05
N ALA B 172 32.72 -34.92 26.09
CA ALA B 172 32.68 -33.83 27.07
C ALA B 172 31.68 -32.76 26.69
N THR B 173 31.47 -32.51 25.40
CA THR B 173 30.51 -31.48 25.01
C THR B 173 29.07 -31.96 25.06
N MET B 174 28.84 -33.27 25.05
CA MET B 174 27.49 -33.78 25.24
C MET B 174 27.06 -33.65 26.69
N LEU B 175 28.00 -33.82 27.62
CA LEU B 175 27.68 -33.77 29.04
C LEU B 175 27.37 -32.37 29.53
N LYS B 176 27.89 -31.34 28.86
CA LYS B 176 27.54 -29.96 29.20
C LYS B 176 26.06 -29.69 29.00
N THR B 177 25.44 -30.38 28.05
CA THR B 177 24.02 -30.26 27.76
C THR B 177 23.18 -31.29 28.52
N LEU B 178 23.80 -32.17 29.28
CA LEU B 178 23.07 -33.24 29.96
C LEU B 178 22.30 -32.67 31.15
N ASN B 179 20.98 -32.61 31.03
CA ASN B 179 20.18 -31.98 32.06
C ASN B 179 19.83 -32.96 33.19
N ASP B 180 19.79 -34.25 32.90
CA ASP B 180 19.32 -35.23 33.88
C ASP B 180 19.86 -36.60 33.49
N ILE B 181 19.66 -37.56 34.40
CA ILE B 181 19.86 -38.97 34.11
C ILE B 181 18.63 -39.71 34.64
N ILE B 182 17.86 -40.30 33.74
CA ILE B 182 16.58 -40.93 34.05
C ILE B 182 16.77 -42.44 34.05
N LEU B 183 16.28 -43.12 35.09
CA LEU B 183 16.41 -44.56 35.23
C LEU B 183 15.04 -45.22 35.23
N HIS B 184 14.84 -46.14 34.30
CA HIS B 184 13.56 -46.86 34.18
C HIS B 184 13.72 -48.24 34.83
N ILE B 185 13.58 -48.26 36.15
CA ILE B 185 13.74 -49.49 36.93
C ILE B 185 12.44 -50.28 36.86
N ARG B 186 12.49 -51.44 36.21
CA ARG B 186 11.40 -52.39 36.24
C ARG B 186 11.73 -53.48 37.25
N TYR B 187 10.83 -53.74 38.18
CA TYR B 187 11.07 -54.72 39.22
C TYR B 187 9.78 -55.49 39.49
N THR B 188 9.92 -56.64 40.15
CA THR B 188 8.79 -57.48 40.49
C THR B 188 8.63 -57.55 42.00
N ILE B 189 7.39 -57.48 42.46
CA ILE B 189 7.05 -57.73 43.85
C ILE B 189 6.41 -59.10 43.89
N LYS B 190 7.13 -60.10 44.35
CA LYS B 190 6.57 -61.44 44.44
C LYS B 190 7.05 -62.15 45.70
N ARG C 1 26.50 -62.18 29.02
CA ARG C 1 25.97 -61.03 28.28
C ARG C 1 27.06 -60.09 27.83
N ALA C 2 27.01 -59.74 26.56
CA ALA C 2 27.96 -58.80 26.01
C ALA C 2 27.49 -57.37 26.23
N LEU C 3 28.45 -56.45 26.28
CA LEU C 3 28.12 -55.04 26.22
C LEU C 3 27.83 -54.68 24.77
N GLU C 4 26.57 -54.46 24.45
CA GLU C 4 26.12 -54.37 23.07
C GLU C 4 26.03 -52.91 22.66
N VAL C 5 26.94 -52.49 21.77
CA VAL C 5 27.19 -51.09 21.46
C VAL C 5 26.88 -50.83 20.00
N GLU C 6 26.18 -49.73 19.73
CA GLU C 6 25.97 -49.27 18.37
C GLU C 6 26.86 -48.07 18.10
N ARG C 7 27.60 -48.11 16.99
CA ARG C 7 28.54 -47.06 16.61
C ARG C 7 28.18 -46.53 15.23
N THR C 8 28.14 -45.21 15.10
CA THR C 8 27.84 -44.56 13.84
C THR C 8 29.09 -43.88 13.32
N VAL C 9 29.50 -44.24 12.11
CA VAL C 9 30.70 -43.71 11.48
C VAL C 9 30.28 -42.99 10.21
N SER C 10 30.62 -41.70 10.12
CA SER C 10 30.42 -40.94 8.89
C SER C 10 31.69 -40.98 8.07
N LEU C 11 31.58 -41.42 6.81
CA LEU C 11 32.76 -41.58 5.98
C LEU C 11 33.33 -40.24 5.53
N ALA C 12 32.54 -39.17 5.53
CA ALA C 12 33.10 -37.86 5.23
C ALA C 12 33.94 -37.34 6.37
N GLU C 13 33.56 -37.62 7.61
CA GLU C 13 34.36 -37.21 8.75
C GLU C 13 35.61 -38.05 8.91
N VAL C 14 35.62 -39.26 8.34
CA VAL C 14 36.82 -40.08 8.35
C VAL C 14 37.78 -39.61 7.28
N TYR C 15 37.27 -39.35 6.08
CA TYR C 15 38.11 -39.00 4.95
C TYR C 15 38.69 -37.60 5.10
N ALA C 16 37.88 -36.64 5.52
CA ALA C 16 38.39 -35.29 5.77
C ALA C 16 39.22 -35.21 7.04
N GLY C 17 39.05 -36.14 7.97
CA GLY C 17 39.79 -36.12 9.21
C GLY C 17 41.02 -37.00 9.18
N LEU C 18 41.52 -37.29 7.98
CA LEU C 18 42.72 -38.08 7.82
C LEU C 18 43.94 -37.26 8.23
N PRO C 19 45.04 -37.92 8.58
CA PRO C 19 46.30 -37.19 8.76
C PRO C 19 46.77 -36.59 7.45
N LYS C 20 47.49 -35.48 7.55
CA LYS C 20 47.87 -34.69 6.38
C LYS C 20 48.93 -35.35 5.52
N ASP C 21 49.57 -36.40 6.02
CA ASP C 21 50.53 -37.15 5.21
C ASP C 21 49.81 -38.02 4.18
N ASN C 22 48.80 -38.77 4.63
CA ASN C 22 48.04 -39.63 3.74
C ASN C 22 47.12 -38.83 2.83
N GLY C 23 46.69 -37.66 3.27
CA GLY C 23 46.00 -36.74 2.40
C GLY C 23 44.50 -36.83 2.59
N PRO C 24 43.94 -35.91 3.38
CA PRO C 24 42.50 -35.87 3.53
C PRO C 24 41.83 -35.27 2.31
N PHE C 25 40.53 -35.54 2.19
CA PHE C 25 39.81 -35.07 1.02
C PHE C 25 38.33 -34.93 1.34
N SER C 26 37.68 -34.02 0.61
CA SER C 26 36.23 -33.92 0.65
C SER C 26 35.62 -35.14 -0.02
N LEU C 27 34.61 -35.72 0.62
CA LEU C 27 33.97 -36.89 0.03
C LEU C 27 33.11 -36.51 -1.16
N ALA C 28 32.23 -35.52 -0.98
CA ALA C 28 31.28 -35.18 -2.04
C ALA C 28 31.96 -34.48 -3.21
N GLN C 29 33.05 -33.77 -2.96
CA GLN C 29 33.76 -33.14 -4.06
C GLN C 29 34.55 -34.15 -4.87
N GLU C 30 35.14 -35.15 -4.22
CA GLU C 30 35.88 -36.16 -4.95
C GLU C 30 34.97 -37.20 -5.59
N ILE C 31 33.79 -37.45 -5.03
CA ILE C 31 32.82 -38.31 -5.70
C ILE C 31 32.30 -37.62 -6.97
N ASP C 32 32.06 -36.32 -6.90
CA ASP C 32 31.68 -35.56 -8.09
C ASP C 32 32.81 -35.49 -9.12
N LYS C 33 34.06 -35.64 -8.68
CA LYS C 33 35.18 -35.60 -9.61
C LYS C 33 35.46 -36.99 -10.20
N LEU C 34 35.35 -38.03 -9.38
CA LEU C 34 35.63 -39.39 -9.82
C LEU C 34 34.55 -39.90 -10.77
N VAL C 35 33.29 -39.54 -10.53
CA VAL C 35 32.20 -40.01 -11.35
C VAL C 35 32.19 -39.28 -12.69
N SER C 36 32.49 -37.98 -12.68
CA SER C 36 32.39 -37.17 -13.89
C SER C 36 33.47 -37.52 -14.90
N GLN C 37 34.71 -37.72 -14.46
CA GLN C 37 35.72 -38.24 -15.36
C GLN C 37 35.66 -39.76 -15.33
N GLY C 38 36.59 -40.39 -16.04
CA GLY C 38 36.62 -41.84 -16.14
C GLY C 38 36.94 -42.51 -14.83
N SER C 39 38.15 -42.28 -14.32
CA SER C 39 38.58 -42.87 -13.07
C SER C 39 39.60 -41.95 -12.43
N GLY C 40 40.14 -42.39 -11.31
CA GLY C 40 41.11 -41.60 -10.55
C GLY C 40 41.29 -42.21 -9.19
N SER C 41 41.65 -41.35 -8.23
CA SER C 41 41.82 -41.81 -6.86
C SER C 41 41.68 -40.61 -5.92
N ALA C 42 41.47 -40.92 -4.66
CA ALA C 42 41.35 -39.92 -3.61
C ALA C 42 41.63 -40.61 -2.29
N GLY C 43 42.66 -40.16 -1.59
CA GLY C 43 43.07 -40.80 -0.37
C GLY C 43 44.28 -41.69 -0.56
N SER C 44 44.63 -42.39 0.51
CA SER C 44 45.82 -43.23 0.51
C SER C 44 45.64 -44.38 1.49
N GLY C 45 46.34 -45.48 1.23
CA GLY C 45 46.29 -46.61 2.13
C GLY C 45 44.97 -47.35 1.99
N ASN C 46 44.39 -47.69 3.13
CA ASN C 46 43.08 -48.33 3.14
C ASN C 46 41.94 -47.34 3.33
N ASN C 47 42.23 -46.07 3.61
CA ASN C 47 41.21 -45.02 3.64
C ASN C 47 41.30 -44.25 2.33
N ASN C 48 40.72 -44.82 1.28
CA ASN C 48 40.78 -44.23 -0.04
C ASN C 48 39.42 -44.28 -0.71
N LEU C 49 39.33 -43.63 -1.87
CA LEU C 49 38.14 -43.67 -2.73
C LEU C 49 38.66 -43.78 -4.16
N ALA C 50 38.63 -44.99 -4.70
CA ALA C 50 39.17 -45.24 -6.03
C ALA C 50 38.15 -46.04 -6.82
N PHE C 51 38.52 -46.44 -8.02
CA PHE C 51 37.66 -47.27 -8.84
C PHE C 51 38.00 -48.74 -8.62
N GLY C 52 37.45 -49.61 -9.44
CA GLY C 52 37.71 -51.02 -9.33
C GLY C 52 38.97 -51.43 -10.06
N ALA C 53 39.54 -52.56 -9.64
CA ALA C 53 40.75 -53.07 -10.25
C ALA C 53 40.50 -54.29 -11.13
N GLY C 54 39.55 -55.14 -10.76
CA GLY C 54 39.34 -56.40 -11.45
C GLY C 54 38.56 -56.23 -12.73
N THR C 55 38.27 -57.36 -13.35
CA THR C 55 37.40 -57.36 -14.52
C THR C 55 35.95 -57.19 -14.08
N ASP C 56 35.18 -56.55 -14.97
CA ASP C 56 33.81 -56.03 -14.77
C ASP C 56 33.61 -55.29 -13.43
N THR C 57 34.65 -54.65 -12.90
CA THR C 57 34.52 -53.75 -11.78
C THR C 57 35.14 -52.40 -12.07
N LYS C 58 35.67 -52.19 -13.29
CA LYS C 58 36.34 -50.94 -13.62
C LYS C 58 35.39 -49.77 -13.80
N THR C 59 34.08 -50.00 -13.81
CA THR C 59 33.11 -48.93 -13.79
C THR C 59 32.46 -48.77 -12.42
N SER C 60 33.09 -49.29 -11.38
CA SER C 60 32.54 -49.26 -10.03
C SER C 60 33.37 -48.36 -9.14
N LEU C 61 32.70 -47.52 -8.36
CA LEU C 61 33.36 -46.59 -7.45
C LEU C 61 33.40 -47.19 -6.05
N GLN C 62 34.60 -47.43 -5.54
CA GLN C 62 34.78 -48.18 -4.30
C GLN C 62 35.36 -47.28 -3.22
N ALA C 63 34.67 -47.21 -2.09
CA ALA C 63 35.07 -46.37 -0.96
C ALA C 63 35.57 -47.28 0.16
N SER C 64 36.89 -47.36 0.31
CA SER C 64 37.49 -48.20 1.33
C SER C 64 37.76 -47.40 2.59
N VAL C 65 37.72 -48.10 3.73
CA VAL C 65 37.99 -47.51 5.03
C VAL C 65 38.72 -48.58 5.85
N SER C 66 39.41 -48.15 6.89
CA SER C 66 40.19 -49.05 7.72
C SER C 66 39.64 -49.04 9.14
N PHE C 67 39.45 -50.23 9.70
CA PHE C 67 38.90 -50.33 11.06
C PHE C 67 39.90 -49.87 12.12
N ALA C 68 41.20 -49.92 11.82
CA ALA C 68 42.20 -49.49 12.78
C ALA C 68 42.25 -47.98 12.93
N ASP C 69 41.79 -47.24 11.94
CA ASP C 69 41.79 -45.79 12.01
C ASP C 69 40.47 -45.21 12.48
N LEU C 70 39.43 -46.02 12.58
CA LEU C 70 38.16 -45.53 13.12
C LEU C 70 38.23 -45.33 14.62
N LYS C 71 39.20 -45.97 15.29
CA LYS C 71 39.50 -45.78 16.72
C LYS C 71 38.29 -46.11 17.60
N ILE C 72 37.62 -47.21 17.29
CA ILE C 72 36.45 -47.62 18.04
C ILE C 72 36.84 -48.15 19.42
N ARG C 73 38.07 -48.64 19.58
CA ARG C 73 38.49 -49.20 20.85
C ARG C 73 38.69 -48.12 21.92
N GLU C 74 38.82 -46.86 21.53
CA GLU C 74 38.97 -45.78 22.48
C GLU C 74 37.64 -45.24 23.00
N ASP C 75 36.52 -45.72 22.46
CA ASP C 75 35.22 -45.22 22.88
C ASP C 75 34.87 -45.69 24.28
N TYR C 76 35.39 -46.83 24.70
CA TYR C 76 35.19 -47.37 26.02
C TYR C 76 36.55 -47.76 26.59
N PRO C 77 36.70 -47.78 27.91
CA PRO C 77 37.98 -48.19 28.50
C PRO C 77 38.24 -49.67 28.31
N ALA C 78 39.52 -50.02 28.33
CA ALA C 78 39.95 -51.39 28.13
C ALA C 78 39.72 -52.28 29.34
N SER C 79 39.33 -51.72 30.47
CA SER C 79 38.99 -52.51 31.64
C SER C 79 37.64 -53.21 31.51
N LEU C 80 36.81 -52.81 30.54
CA LEU C 80 35.55 -53.49 30.33
C LEU C 80 35.76 -54.86 29.69
N GLY C 81 36.55 -54.90 28.63
CA GLY C 81 36.80 -56.14 27.93
C GLY C 81 37.58 -55.90 26.66
N LYS C 82 38.24 -56.93 26.17
CA LYS C 82 39.05 -56.84 24.97
C LYS C 82 38.47 -57.62 23.81
N ILE C 83 37.41 -58.40 24.05
CA ILE C 83 36.75 -59.13 22.97
C ILE C 83 35.76 -58.17 22.35
N ARG C 84 36.23 -57.34 21.42
CA ARG C 84 35.38 -56.31 20.81
C ARG C 84 35.24 -56.65 19.34
N ARG C 85 34.08 -57.19 18.97
CA ARG C 85 33.86 -57.75 17.66
C ARG C 85 32.48 -57.35 17.14
N ILE C 86 32.38 -57.32 15.82
CA ILE C 86 31.22 -56.75 15.14
C ILE C 86 30.05 -57.71 15.23
N LYS C 87 28.87 -57.18 15.58
CA LYS C 87 27.64 -57.95 15.50
C LYS C 87 26.95 -57.79 14.15
N GLN C 88 26.82 -56.56 13.67
CA GLN C 88 26.09 -56.27 12.44
C GLN C 88 26.49 -54.90 11.90
N ILE C 89 26.61 -54.75 10.58
CA ILE C 89 26.88 -53.47 9.95
C ILE C 89 25.76 -53.17 8.97
N SER C 90 25.17 -51.99 9.09
CA SER C 90 24.19 -51.47 8.15
C SER C 90 24.63 -50.09 7.71
N VAL C 91 24.11 -49.64 6.57
CA VAL C 91 24.60 -48.41 5.94
C VAL C 91 23.45 -47.61 5.34
N THR C 92 23.40 -46.33 5.70
CA THR C 92 22.41 -45.37 5.20
C THR C 92 23.09 -44.39 4.26
N LEU C 93 22.55 -44.25 3.06
CA LEU C 93 23.07 -43.34 2.04
C LEU C 93 22.09 -42.21 1.81
N PRO C 94 22.32 -41.03 2.39
CA PRO C 94 21.40 -39.92 2.15
C PRO C 94 21.64 -39.27 0.80
N ALA C 95 20.79 -39.56 -0.16
CA ALA C 95 20.96 -39.07 -1.51
C ALA C 95 19.63 -38.51 -2.00
N LEU C 96 19.58 -38.16 -3.27
CA LEU C 96 18.35 -37.78 -3.94
C LEU C 96 18.14 -38.74 -5.10
N LEU C 97 17.15 -39.60 -4.96
CA LEU C 97 16.90 -40.65 -5.93
C LEU C 97 15.87 -40.19 -6.95
N GLY C 98 15.72 -40.97 -8.01
CA GLY C 98 14.75 -40.68 -9.04
C GLY C 98 13.34 -41.02 -8.64
N PRO C 99 12.45 -41.16 -9.62
CA PRO C 99 11.06 -41.48 -9.26
C PRO C 99 10.86 -42.90 -8.78
N TYR C 100 11.50 -43.88 -9.41
CA TYR C 100 11.34 -45.27 -8.98
C TYR C 100 12.66 -46.01 -9.03
N GLN C 101 13.73 -45.37 -8.60
CA GLN C 101 15.06 -45.95 -8.67
C GLN C 101 15.50 -46.48 -7.31
N ASP C 102 16.50 -47.34 -7.33
CA ASP C 102 17.07 -47.94 -6.14
C ASP C 102 18.55 -47.63 -6.08
N VAL C 103 19.16 -47.96 -4.94
CA VAL C 103 20.59 -47.83 -4.73
C VAL C 103 21.22 -49.21 -4.86
N GLN C 104 22.30 -49.31 -5.62
CA GLN C 104 23.06 -50.56 -5.73
C GLN C 104 24.44 -50.36 -5.13
N ALA C 105 24.74 -51.11 -4.09
CA ALA C 105 26.04 -51.02 -3.44
C ALA C 105 26.36 -52.34 -2.78
N ILE C 106 27.64 -52.69 -2.74
CA ILE C 106 28.10 -53.94 -2.16
C ILE C 106 29.09 -53.61 -1.05
N LEU C 107 28.73 -53.93 0.18
CA LEU C 107 29.62 -53.76 1.32
C LEU C 107 30.43 -55.04 1.51
N SER C 108 31.73 -54.97 1.31
CA SER C 108 32.60 -56.13 1.27
C SER C 108 33.58 -56.11 2.42
N TYR C 109 34.47 -57.11 2.44
CA TYR C 109 35.51 -57.22 3.45
C TYR C 109 36.65 -58.03 2.85
N GLY C 110 37.86 -57.75 3.31
CA GLY C 110 39.05 -58.43 2.80
C GLY C 110 39.15 -59.88 3.21
N GLY C 118 28.54 -66.97 2.04
CA GLY C 118 29.47 -66.45 3.01
C GLY C 118 29.05 -65.11 3.59
N CYS C 119 29.59 -64.80 4.76
CA CYS C 119 29.17 -63.66 5.56
C CYS C 119 30.17 -62.52 5.49
N GLU C 120 30.80 -62.30 4.34
CA GLU C 120 31.71 -61.19 4.15
C GLU C 120 31.15 -60.09 3.25
N ALA C 121 30.05 -60.34 2.56
CA ALA C 121 29.44 -59.39 1.65
C ALA C 121 28.06 -59.00 2.13
N LEU C 122 27.56 -57.90 1.58
CA LEU C 122 26.28 -57.33 1.99
C LEU C 122 25.81 -56.39 0.89
N ALA C 123 24.62 -56.63 0.38
CA ALA C 123 24.06 -55.80 -0.68
C ALA C 123 23.19 -54.71 -0.09
N VAL C 124 23.34 -53.50 -0.62
CA VAL C 124 22.57 -52.34 -0.21
C VAL C 124 21.52 -52.08 -1.28
N SER C 125 20.27 -51.91 -0.85
CA SER C 125 19.18 -51.78 -1.80
C SER C 125 18.40 -50.48 -1.67
N HIS C 126 18.20 -49.97 -0.46
CA HIS C 126 17.47 -48.72 -0.31
C HIS C 126 18.20 -47.68 0.53
N GLY C 127 19.12 -48.07 1.40
CA GLY C 127 19.92 -47.10 2.12
C GLY C 127 19.18 -46.36 3.21
N MET C 128 18.31 -47.04 3.96
CA MET C 128 17.64 -46.48 5.11
C MET C 128 17.84 -47.48 6.24
N ASN C 129 18.96 -47.33 6.98
CA ASN C 129 19.43 -48.31 7.97
C ASN C 129 19.52 -49.70 7.35
N ASP C 130 20.09 -49.76 6.16
CA ASP C 130 19.91 -50.89 5.26
C ASP C 130 20.83 -52.03 5.66
N SER C 131 20.28 -53.02 6.35
CA SER C 131 20.94 -54.30 6.43
C SER C 131 20.79 -55.03 5.11
N GLY C 132 21.61 -56.05 4.90
CA GLY C 132 21.50 -56.76 3.65
C GLY C 132 20.32 -57.68 3.53
N GLN C 133 19.56 -57.85 4.61
CA GLN C 133 18.58 -58.91 4.71
C GLN C 133 17.19 -58.44 4.32
N PHE C 134 16.35 -59.41 3.97
CA PHE C 134 14.95 -59.12 3.65
C PHE C 134 14.18 -58.75 4.90
N GLN C 135 14.18 -59.62 5.91
CA GLN C 135 13.87 -59.25 7.27
C GLN C 135 15.09 -59.55 8.11
N LEU C 136 15.43 -58.65 9.02
CA LEU C 136 16.61 -58.80 9.85
C LEU C 136 16.24 -59.56 11.11
N ASP C 137 16.85 -60.71 11.30
CA ASP C 137 16.56 -61.58 12.44
C ASP C 137 17.85 -61.84 13.19
N PHE C 138 17.86 -61.51 14.49
CA PHE C 138 18.92 -61.92 15.40
C PHE C 138 18.63 -63.27 16.05
N ASN C 139 17.79 -64.09 15.44
CA ASN C 139 17.36 -65.35 16.03
C ASN C 139 17.33 -66.46 14.98
N LEU C 144 25.07 -63.87 10.77
CA LEU C 144 24.96 -62.53 10.19
C LEU C 144 26.23 -62.17 9.44
N PRO C 145 26.11 -61.38 8.37
CA PRO C 145 27.30 -60.87 7.69
C PRO C 145 28.12 -59.97 8.60
N PHE C 146 29.44 -60.05 8.43
CA PHE C 146 30.48 -59.37 9.19
C PHE C 146 30.50 -59.72 10.67
N GLU C 147 29.72 -60.71 11.11
CA GLU C 147 29.60 -60.99 12.53
C GLU C 147 30.86 -61.68 13.04
N GLY C 148 31.51 -61.07 14.02
CA GLY C 148 32.67 -61.63 14.62
C GLY C 148 33.97 -61.06 14.13
N ILE C 149 33.93 -60.24 13.09
CA ILE C 149 35.10 -59.47 12.68
C ILE C 149 35.45 -58.50 13.79
N ALA C 150 36.73 -58.48 14.19
CA ALA C 150 37.17 -57.56 15.21
C ALA C 150 37.13 -56.12 14.71
N ILE C 151 36.97 -55.19 15.64
CA ILE C 151 36.84 -53.78 15.28
C ILE C 151 38.19 -53.10 15.06
N ASP C 152 39.29 -53.85 15.13
CA ASP C 152 40.63 -53.31 14.92
C ASP C 152 41.17 -53.58 13.54
N GLN C 153 41.29 -54.83 13.15
CA GLN C 153 41.90 -55.13 11.86
C GLN C 153 40.83 -55.36 10.79
N GLY C 154 41.14 -54.97 9.57
CA GLY C 154 40.25 -55.15 8.45
C GLY C 154 40.14 -53.91 7.59
N THR C 155 39.49 -54.08 6.46
CA THR C 155 39.25 -53.03 5.49
C THR C 155 37.87 -53.21 4.92
N LEU C 156 37.03 -52.19 5.03
CA LEU C 156 35.62 -52.30 4.72
C LEU C 156 35.33 -51.46 3.48
N THR C 157 35.00 -52.12 2.38
CA THR C 157 34.83 -51.47 1.08
C THR C 157 33.35 -51.40 0.73
N LEU C 158 32.90 -50.22 0.30
CA LEU C 158 31.57 -50.03 -0.25
C LEU C 158 31.74 -49.73 -1.73
N SER C 159 31.32 -50.68 -2.57
CA SER C 159 31.49 -50.61 -4.01
C SER C 159 30.16 -50.24 -4.67
N PHE C 160 30.18 -49.20 -5.49
CA PHE C 160 28.99 -48.77 -6.21
C PHE C 160 29.09 -49.18 -7.67
N PRO C 161 28.37 -50.19 -8.13
CA PRO C 161 28.42 -50.55 -9.55
C PRO C 161 27.74 -49.51 -10.42
N ASN C 162 28.16 -49.49 -11.70
CA ASN C 162 27.64 -48.61 -12.74
C ASN C 162 27.77 -47.14 -12.37
N ALA C 163 28.95 -46.76 -11.90
CA ALA C 163 29.15 -45.44 -11.30
C ALA C 163 29.98 -44.52 -12.17
N SER C 164 30.15 -44.83 -13.44
CA SER C 164 30.98 -44.04 -14.34
C SER C 164 30.11 -43.29 -15.32
N MET C 165 30.28 -41.98 -15.36
CA MET C 165 29.53 -41.14 -16.30
C MET C 165 30.09 -41.14 -17.73
N PRO C 166 31.42 -41.21 -17.98
CA PRO C 166 31.86 -41.47 -19.36
C PRO C 166 31.39 -42.79 -19.93
N GLU C 167 31.27 -43.82 -19.10
CA GLU C 167 30.76 -45.11 -19.54
C GLU C 167 29.24 -45.20 -19.47
N LYS C 168 28.57 -44.04 -19.35
CA LYS C 168 27.11 -43.85 -19.17
C LYS C 168 26.48 -44.88 -18.23
N GLY C 169 26.98 -44.93 -17.00
CA GLY C 169 26.41 -45.79 -15.99
C GLY C 169 25.16 -45.18 -15.37
N LYS C 170 24.26 -46.06 -14.91
CA LYS C 170 22.97 -45.60 -14.42
C LYS C 170 23.07 -44.96 -13.04
N GLN C 171 24.12 -45.24 -12.28
CA GLN C 171 24.29 -44.67 -10.96
C GLN C 171 25.17 -43.44 -10.97
N ALA C 172 25.46 -42.89 -12.15
CA ALA C 172 26.31 -41.72 -12.22
C ALA C 172 25.59 -40.44 -11.79
N THR C 173 24.27 -40.47 -11.70
CA THR C 173 23.49 -39.30 -11.32
C THR C 173 23.15 -39.30 -9.83
N MET C 174 22.93 -40.48 -9.24
CA MET C 174 22.65 -40.58 -7.83
C MET C 174 23.86 -40.22 -6.98
N LEU C 175 25.07 -40.54 -7.46
CA LEU C 175 26.26 -40.24 -6.70
C LEU C 175 26.61 -38.77 -6.74
N LYS C 176 26.07 -38.02 -7.71
CA LYS C 176 26.23 -36.57 -7.69
C LYS C 176 25.45 -35.95 -6.54
N THR C 177 24.36 -36.56 -6.13
CA THR C 177 23.55 -36.05 -5.02
C THR C 177 24.00 -36.57 -3.68
N LEU C 178 24.99 -37.46 -3.63
CA LEU C 178 25.44 -38.07 -2.39
C LEU C 178 26.43 -37.17 -1.67
N ASN C 179 26.12 -36.84 -0.42
CA ASN C 179 26.92 -35.92 0.37
C ASN C 179 27.76 -36.61 1.43
N ASP C 180 27.37 -37.80 1.87
CA ASP C 180 28.04 -38.52 2.94
C ASP C 180 27.61 -39.97 2.87
N ILE C 181 28.43 -40.85 3.46
CA ILE C 181 28.12 -42.25 3.61
C ILE C 181 28.19 -42.59 5.10
N ILE C 182 27.13 -43.20 5.62
CA ILE C 182 26.96 -43.42 7.05
C ILE C 182 26.93 -44.92 7.29
N LEU C 183 27.80 -45.40 8.17
CA LEU C 183 27.81 -46.81 8.57
C LEU C 183 27.34 -46.91 10.01
N HIS C 184 26.38 -47.80 10.26
CA HIS C 184 25.92 -48.10 11.61
C HIS C 184 26.54 -49.42 12.02
N ILE C 185 27.61 -49.35 12.80
CA ILE C 185 28.32 -50.53 13.27
C ILE C 185 27.75 -50.93 14.62
N ARG C 186 27.19 -52.13 14.69
CA ARG C 186 26.78 -52.74 15.95
C ARG C 186 27.84 -53.75 16.36
N TYR C 187 28.44 -53.56 17.52
CA TYR C 187 29.47 -54.45 17.98
C TYR C 187 29.27 -54.76 19.45
N THR C 188 29.91 -55.83 19.90
CA THR C 188 29.76 -56.33 21.25
C THR C 188 31.10 -56.26 21.98
N ILE C 189 31.07 -55.89 23.25
CA ILE C 189 32.23 -55.88 24.12
C ILE C 189 32.02 -56.98 25.15
N LYS C 190 32.91 -57.96 25.17
CA LYS C 190 32.84 -59.01 26.16
C LYS C 190 34.23 -59.53 26.53
N ARG D 1 24.52 -66.67 3.72
CA ARG D 1 25.21 -67.38 2.65
C ARG D 1 24.66 -66.92 1.31
N ALA D 2 24.22 -65.65 1.24
CA ALA D 2 23.56 -65.09 0.06
C ALA D 2 23.63 -63.57 0.08
N LEU D 3 23.24 -62.97 -1.04
CA LEU D 3 23.22 -61.51 -1.24
C LEU D 3 21.81 -61.10 -1.61
N GLU D 4 21.08 -60.50 -0.67
CA GLU D 4 19.64 -60.31 -0.82
C GLU D 4 19.35 -58.91 -1.34
N VAL D 5 18.86 -58.82 -2.57
CA VAL D 5 18.77 -57.58 -3.33
C VAL D 5 17.31 -57.29 -3.67
N GLU D 6 16.89 -56.04 -3.54
CA GLU D 6 15.58 -55.58 -3.96
C GLU D 6 15.69 -54.74 -5.23
N ARG D 7 14.74 -54.93 -6.15
CA ARG D 7 14.73 -54.23 -7.43
C ARG D 7 13.31 -53.74 -7.70
N THR D 8 13.19 -52.49 -8.13
CA THR D 8 11.91 -51.90 -8.46
C THR D 8 11.78 -51.75 -9.97
N VAL D 9 10.62 -52.11 -10.50
CA VAL D 9 10.32 -52.03 -11.93
C VAL D 9 9.05 -51.23 -12.09
N SER D 10 9.16 -50.06 -12.72
CA SER D 10 8.01 -49.28 -13.12
C SER D 10 7.61 -49.66 -14.54
N LEU D 11 6.38 -50.16 -14.70
CA LEU D 11 6.00 -50.70 -16.01
C LEU D 11 5.66 -49.62 -17.02
N ALA D 12 5.23 -48.43 -16.59
CA ALA D 12 5.04 -47.36 -17.55
C ALA D 12 6.39 -46.83 -18.04
N GLU D 13 7.40 -46.86 -17.18
CA GLU D 13 8.76 -46.54 -17.57
C GLU D 13 9.34 -47.57 -18.52
N VAL D 14 8.99 -48.85 -18.31
CA VAL D 14 9.48 -49.91 -19.18
C VAL D 14 8.82 -49.83 -20.54
N TYR D 15 7.51 -49.59 -20.59
CA TYR D 15 6.80 -49.54 -21.85
C TYR D 15 7.13 -48.29 -22.64
N ALA D 16 7.46 -47.20 -21.97
CA ALA D 16 7.89 -45.99 -22.67
C ALA D 16 9.31 -46.10 -23.20
N GLY D 17 10.12 -46.99 -22.63
CA GLY D 17 11.51 -47.08 -23.01
C GLY D 17 11.82 -48.24 -23.93
N LEU D 18 10.80 -48.80 -24.56
CA LEU D 18 11.02 -49.81 -25.57
C LEU D 18 11.68 -49.17 -26.79
N PRO D 19 12.45 -49.94 -27.56
CA PRO D 19 13.04 -49.39 -28.78
C PRO D 19 11.98 -49.15 -29.83
N LYS D 20 12.32 -48.34 -30.83
CA LYS D 20 11.44 -48.20 -31.98
C LYS D 20 11.46 -49.50 -32.78
N ASP D 21 10.35 -49.73 -33.50
CA ASP D 21 9.87 -50.97 -34.12
C ASP D 21 9.43 -52.01 -33.11
N ASN D 22 9.56 -51.74 -31.80
CA ASN D 22 8.97 -52.56 -30.75
C ASN D 22 7.80 -51.86 -30.08
N GLY D 23 7.41 -50.69 -30.57
CA GLY D 23 6.20 -50.03 -30.17
C GLY D 23 6.18 -49.46 -28.77
N PRO D 24 6.93 -48.38 -28.53
CA PRO D 24 6.86 -47.73 -27.21
C PRO D 24 5.55 -46.98 -27.05
N PHE D 25 5.03 -46.98 -25.83
CA PHE D 25 3.69 -46.44 -25.60
C PHE D 25 3.56 -46.00 -24.16
N SER D 26 2.57 -45.15 -23.91
CA SER D 26 2.26 -44.69 -22.57
C SER D 26 1.27 -45.66 -21.93
N LEU D 27 1.59 -46.13 -20.73
CA LEU D 27 0.69 -47.06 -20.06
C LEU D 27 -0.59 -46.38 -19.60
N ALA D 28 -0.51 -45.10 -19.22
CA ALA D 28 -1.71 -44.42 -18.78
C ALA D 28 -2.61 -44.03 -19.95
N GLN D 29 -2.04 -43.85 -21.14
CA GLN D 29 -2.81 -43.42 -22.30
C GLN D 29 -3.20 -44.56 -23.21
N GLU D 30 -2.72 -45.77 -22.94
CA GLU D 30 -3.10 -46.92 -23.74
C GLU D 30 -3.88 -47.94 -22.94
N ILE D 31 -4.09 -47.71 -21.64
CA ILE D 31 -5.02 -48.55 -20.89
C ILE D 31 -6.45 -48.07 -21.12
N ASP D 32 -6.70 -46.77 -20.98
CA ASP D 32 -8.02 -46.24 -21.26
C ASP D 32 -8.35 -46.15 -22.74
N LYS D 33 -7.39 -46.45 -23.62
CA LYS D 33 -7.74 -46.71 -25.01
C LYS D 33 -8.27 -48.12 -25.17
N LEU D 34 -7.59 -49.12 -24.60
CA LEU D 34 -8.01 -50.50 -24.71
C LEU D 34 -9.22 -50.81 -23.84
N VAL D 35 -9.43 -50.07 -22.75
CA VAL D 35 -10.62 -50.27 -21.94
C VAL D 35 -11.85 -49.73 -22.66
N SER D 36 -11.70 -48.57 -23.31
CA SER D 36 -12.83 -47.89 -23.94
C SER D 36 -13.34 -48.67 -25.15
N GLN D 37 -12.46 -49.01 -26.07
CA GLN D 37 -12.84 -49.89 -27.17
C GLN D 37 -12.84 -51.34 -26.68
N GLY D 38 -13.22 -52.25 -27.56
CA GLY D 38 -13.31 -53.64 -27.16
C GLY D 38 -11.95 -54.30 -26.98
N SER D 39 -11.14 -54.31 -28.02
CA SER D 39 -9.88 -55.04 -28.00
C SER D 39 -8.78 -54.16 -28.58
N GLY D 40 -7.56 -54.64 -28.46
CA GLY D 40 -6.43 -53.94 -29.05
C GLY D 40 -5.13 -54.53 -28.55
N SER D 41 -4.04 -53.83 -28.86
CA SER D 41 -2.72 -54.22 -28.40
C SER D 41 -1.88 -52.96 -28.22
N ALA D 42 -0.75 -53.13 -27.56
CA ALA D 42 0.13 -52.01 -27.28
C ALA D 42 1.55 -52.56 -27.15
N GLY D 43 2.38 -52.30 -28.14
CA GLY D 43 3.67 -52.94 -28.20
C GLY D 43 3.54 -54.33 -28.80
N SER D 44 4.64 -55.07 -28.74
CA SER D 44 4.64 -56.43 -29.24
C SER D 44 5.65 -57.25 -28.46
N GLY D 45 5.67 -58.54 -28.73
CA GLY D 45 6.55 -59.46 -28.03
C GLY D 45 5.99 -59.82 -26.67
N ASN D 46 6.83 -59.85 -25.65
CA ASN D 46 6.37 -60.09 -24.30
C ASN D 46 6.12 -58.80 -23.53
N ASN D 47 6.59 -57.67 -24.03
CA ASN D 47 6.30 -56.37 -23.42
C ASN D 47 5.10 -55.73 -24.10
N ASN D 48 3.99 -56.46 -24.08
CA ASN D 48 2.77 -55.99 -24.74
C ASN D 48 1.66 -55.84 -23.71
N LEU D 49 0.66 -55.06 -24.11
CA LEU D 49 -0.55 -54.86 -23.31
C LEU D 49 -1.72 -55.23 -24.21
N ALA D 50 -2.42 -56.29 -23.88
CA ALA D 50 -3.54 -56.75 -24.69
C ALA D 50 -4.56 -57.42 -23.80
N PHE D 51 -5.56 -58.04 -24.41
CA PHE D 51 -6.54 -58.83 -23.71
C PHE D 51 -6.17 -60.30 -23.80
N GLY D 52 -6.79 -61.10 -22.94
CA GLY D 52 -6.52 -62.53 -22.94
C GLY D 52 -7.13 -63.20 -24.14
N ALA D 53 -6.47 -64.26 -24.58
CA ALA D 53 -6.87 -64.96 -25.79
C ALA D 53 -7.85 -66.09 -25.52
N GLY D 54 -7.70 -66.79 -24.40
CA GLY D 54 -8.51 -67.95 -24.12
C GLY D 54 -9.89 -67.59 -23.60
N THR D 55 -10.64 -68.63 -23.29
CA THR D 55 -11.99 -68.44 -22.76
C THR D 55 -11.92 -67.99 -21.32
N ASP D 56 -12.95 -67.23 -20.91
CA ASP D 56 -13.14 -66.59 -19.61
C ASP D 56 -12.13 -65.49 -19.31
N THR D 57 -11.19 -65.20 -20.22
CA THR D 57 -10.25 -64.10 -20.05
C THR D 57 -10.32 -63.12 -21.21
N LYS D 58 -11.40 -63.16 -21.99
CA LYS D 58 -11.53 -62.25 -23.12
C LYS D 58 -11.79 -60.82 -22.67
N THR D 59 -12.37 -60.65 -21.48
CA THR D 59 -12.63 -59.36 -20.89
C THR D 59 -11.60 -58.97 -19.85
N SER D 60 -10.40 -59.52 -19.94
CA SER D 60 -9.35 -59.31 -18.96
C SER D 60 -8.19 -58.59 -19.63
N LEU D 61 -7.82 -57.43 -19.11
CA LEU D 61 -6.72 -56.63 -19.67
C LEU D 61 -5.42 -57.12 -19.06
N GLN D 62 -4.53 -57.63 -19.90
CA GLN D 62 -3.28 -58.24 -19.44
C GLN D 62 -2.11 -57.39 -19.86
N ALA D 63 -1.37 -56.88 -18.88
CA ALA D 63 -0.18 -56.06 -19.09
C ALA D 63 1.03 -56.92 -18.81
N SER D 64 1.64 -57.46 -19.86
CA SER D 64 2.74 -58.39 -19.75
C SER D 64 4.08 -57.69 -19.94
N VAL D 65 5.11 -58.22 -19.30
CA VAL D 65 6.46 -57.68 -19.41
C VAL D 65 7.43 -58.85 -19.51
N SER D 66 8.52 -58.64 -20.24
CA SER D 66 9.57 -59.63 -20.35
C SER D 66 10.59 -59.43 -19.24
N PHE D 67 11.27 -60.51 -18.87
CA PHE D 67 12.26 -60.42 -17.80
C PHE D 67 13.65 -60.11 -18.32
N ALA D 68 14.02 -60.64 -19.49
CA ALA D 68 15.33 -60.36 -20.04
C ALA D 68 15.44 -58.93 -20.54
N ASP D 69 14.32 -58.32 -20.91
CA ASP D 69 14.30 -56.94 -21.35
C ASP D 69 14.47 -55.95 -20.21
N LEU D 70 14.28 -56.39 -18.96
CA LEU D 70 14.53 -55.51 -17.83
C LEU D 70 16.02 -55.32 -17.58
N LYS D 71 16.82 -56.33 -17.93
CA LYS D 71 18.28 -56.36 -17.73
C LYS D 71 18.66 -56.14 -16.27
N ILE D 72 18.12 -57.01 -15.41
CA ILE D 72 18.45 -56.97 -13.99
C ILE D 72 19.85 -57.50 -13.74
N ARG D 73 20.34 -58.39 -14.61
CA ARG D 73 21.67 -58.98 -14.48
C ARG D 73 22.79 -57.96 -14.66
N GLU D 74 22.49 -56.78 -15.21
CA GLU D 74 23.46 -55.71 -15.40
C GLU D 74 23.54 -54.76 -14.21
N ASP D 75 22.68 -54.93 -13.21
CA ASP D 75 22.72 -54.04 -12.05
C ASP D 75 23.91 -54.31 -11.16
N TYR D 76 24.43 -55.53 -11.19
CA TYR D 76 25.60 -55.89 -10.41
C TYR D 76 26.60 -56.60 -11.31
N PRO D 77 27.89 -56.53 -10.99
CA PRO D 77 28.88 -57.26 -11.76
C PRO D 77 28.69 -58.77 -11.63
N ALA D 78 29.12 -59.49 -12.67
CA ALA D 78 29.02 -60.94 -12.67
C ALA D 78 29.99 -61.61 -11.71
N SER D 79 30.95 -60.86 -11.16
CA SER D 79 31.92 -61.39 -10.22
C SER D 79 31.30 -61.72 -8.87
N LEU D 80 30.12 -61.18 -8.56
CA LEU D 80 29.50 -61.44 -7.28
C LEU D 80 28.80 -62.79 -7.26
N GLY D 81 28.09 -63.13 -8.32
CA GLY D 81 27.48 -64.43 -8.44
C GLY D 81 26.70 -64.57 -9.71
N LYS D 82 26.90 -65.68 -10.43
CA LYS D 82 26.21 -65.90 -11.68
C LYS D 82 24.83 -66.49 -11.50
N ILE D 83 24.44 -66.82 -10.27
CA ILE D 83 23.11 -67.33 -9.97
C ILE D 83 22.30 -66.21 -9.36
N ARG D 84 21.18 -65.88 -10.00
CA ARG D 84 20.37 -64.75 -9.58
C ARG D 84 18.91 -65.17 -9.71
N ARG D 85 18.30 -65.51 -8.58
CA ARG D 85 16.99 -66.14 -8.54
C ARG D 85 16.03 -65.28 -7.75
N ILE D 86 14.78 -65.22 -8.22
CA ILE D 86 13.76 -64.38 -7.61
C ILE D 86 13.35 -64.96 -6.25
N LYS D 87 13.27 -64.10 -5.25
CA LYS D 87 12.77 -64.48 -3.94
C LYS D 87 11.30 -64.13 -3.74
N GLN D 88 10.89 -62.92 -4.12
CA GLN D 88 9.55 -62.45 -3.81
C GLN D 88 9.23 -61.27 -4.73
N ILE D 89 8.02 -61.26 -5.29
CA ILE D 89 7.56 -60.16 -6.11
C ILE D 89 6.28 -59.59 -5.48
N SER D 90 6.25 -58.28 -5.28
CA SER D 90 5.08 -57.58 -4.81
C SER D 90 4.70 -56.50 -5.82
N VAL D 91 3.42 -56.18 -5.87
CA VAL D 91 2.88 -55.22 -6.82
C VAL D 91 2.42 -53.99 -6.06
N THR D 92 2.61 -52.82 -6.67
CA THR D 92 2.05 -51.58 -6.17
C THR D 92 1.40 -50.84 -7.33
N LEU D 93 0.12 -50.50 -7.18
CA LEU D 93 -0.56 -49.64 -8.13
C LEU D 93 -0.71 -48.27 -7.49
N PRO D 94 0.05 -47.26 -7.92
CA PRO D 94 0.16 -46.02 -7.14
C PRO D 94 -1.08 -45.16 -7.23
N ALA D 95 -1.60 -44.82 -6.05
CA ALA D 95 -2.71 -43.87 -5.85
C ALA D 95 -3.99 -44.28 -6.56
N LEU D 96 -4.24 -45.59 -6.67
CA LEU D 96 -5.38 -46.04 -7.45
C LEU D 96 -6.62 -46.19 -6.59
N LEU D 97 -6.49 -46.81 -5.42
CA LEU D 97 -7.64 -47.23 -4.64
C LEU D 97 -7.76 -46.39 -3.37
N GLY D 98 -8.99 -46.31 -2.88
CA GLY D 98 -9.22 -45.70 -1.60
C GLY D 98 -8.94 -46.67 -0.47
N PRO D 99 -9.36 -46.29 0.73
CA PRO D 99 -9.12 -47.19 1.87
C PRO D 99 -10.11 -48.33 1.94
N TYR D 100 -11.22 -48.26 1.20
CA TYR D 100 -12.26 -49.28 1.23
C TYR D 100 -12.59 -49.78 -0.17
N GLN D 101 -11.67 -49.64 -1.11
CA GLN D 101 -11.84 -50.12 -2.47
C GLN D 101 -10.90 -51.28 -2.73
N ASP D 102 -11.20 -52.03 -3.80
CA ASP D 102 -10.40 -53.22 -4.12
C ASP D 102 -10.07 -53.24 -5.60
N VAL D 103 -8.94 -53.87 -5.90
CA VAL D 103 -8.56 -54.23 -7.25
C VAL D 103 -8.46 -55.75 -7.29
N GLN D 104 -8.79 -56.32 -8.44
CA GLN D 104 -8.63 -57.74 -8.72
C GLN D 104 -7.60 -57.83 -9.83
N ALA D 105 -6.46 -58.42 -9.54
CA ALA D 105 -5.41 -58.57 -10.53
C ALA D 105 -4.64 -59.83 -10.22
N ILE D 106 -4.25 -60.55 -11.27
CA ILE D 106 -3.54 -61.82 -11.14
C ILE D 106 -2.17 -61.66 -11.78
N LEU D 107 -1.12 -61.82 -10.98
CA LEU D 107 0.25 -61.74 -11.45
C LEU D 107 0.78 -63.16 -11.62
N SER D 108 0.93 -63.60 -12.87
CA SER D 108 1.31 -64.97 -13.18
C SER D 108 2.64 -65.01 -13.94
N TYR D 109 3.04 -66.23 -14.28
CA TYR D 109 4.33 -66.50 -14.91
C TYR D 109 4.16 -67.73 -15.81
N GLY D 110 4.92 -67.78 -16.90
CA GLY D 110 4.87 -68.92 -17.79
C GLY D 110 6.07 -69.84 -17.70
N GLY D 118 -0.29 -74.11 -6.96
CA GLY D 118 1.14 -73.96 -6.79
C GLY D 118 1.57 -72.54 -6.51
N CYS D 119 2.84 -72.25 -6.80
CA CYS D 119 3.46 -70.97 -6.48
C CYS D 119 3.85 -70.20 -7.73
N GLU D 120 2.97 -70.17 -8.73
CA GLU D 120 3.24 -69.43 -9.96
C GLU D 120 2.37 -68.21 -10.16
N ALA D 121 1.32 -68.03 -9.37
CA ALA D 121 0.40 -66.90 -9.51
C ALA D 121 0.26 -66.18 -8.19
N LEU D 122 -0.44 -65.05 -8.24
CA LEU D 122 -0.50 -64.11 -7.12
C LEU D 122 -1.66 -63.17 -7.36
N ALA D 123 -2.53 -63.02 -6.36
CA ALA D 123 -3.74 -62.20 -6.50
C ALA D 123 -3.52 -60.89 -5.78
N VAL D 124 -3.68 -59.78 -6.52
CA VAL D 124 -3.53 -58.44 -5.98
C VAL D 124 -4.88 -57.99 -5.44
N SER D 125 -4.89 -57.45 -4.24
CA SER D 125 -6.13 -57.02 -3.60
C SER D 125 -6.16 -55.53 -3.29
N HIS D 126 -5.12 -55.00 -2.64
CA HIS D 126 -5.11 -53.57 -2.34
C HIS D 126 -4.06 -52.78 -3.11
N GLY D 127 -3.04 -53.43 -3.64
CA GLY D 127 -2.09 -52.76 -4.51
C GLY D 127 -1.19 -51.74 -3.85
N MET D 128 -0.87 -51.92 -2.58
CA MET D 128 -0.04 -50.98 -1.83
C MET D 128 1.05 -51.79 -1.15
N ASN D 129 2.16 -52.00 -1.87
CA ASN D 129 3.19 -52.98 -1.53
C ASN D 129 2.56 -54.34 -1.26
N ASP D 130 1.70 -54.75 -2.18
CA ASP D 130 0.78 -55.86 -1.97
C ASP D 130 1.38 -57.13 -2.53
N SER D 131 1.72 -58.05 -1.64
CA SER D 131 2.00 -59.42 -2.04
C SER D 131 0.67 -60.15 -2.17
N GLY D 132 0.72 -61.43 -2.51
CA GLY D 132 -0.51 -62.20 -2.54
C GLY D 132 -1.05 -62.44 -1.15
N GLN D 133 -0.16 -62.66 -0.18
CA GLN D 133 -0.51 -63.37 1.03
C GLN D 133 -1.06 -62.45 2.11
N PHE D 134 -1.84 -63.05 3.03
CA PHE D 134 -2.40 -62.32 4.16
C PHE D 134 -1.31 -61.93 5.15
N GLN D 135 -0.33 -62.80 5.34
CA GLN D 135 0.91 -62.45 6.01
C GLN D 135 2.07 -63.04 5.22
N LEU D 136 3.02 -62.19 4.88
CA LEU D 136 4.21 -62.61 4.16
C LEU D 136 5.30 -62.92 5.17
N ASP D 137 5.61 -64.20 5.32
CA ASP D 137 6.70 -64.65 6.18
C ASP D 137 7.79 -65.27 5.34
N PHE D 138 9.03 -64.89 5.63
CA PHE D 138 10.20 -65.58 5.08
C PHE D 138 10.63 -66.60 6.12
N ASN D 139 9.70 -67.47 6.51
CA ASN D 139 9.95 -68.46 7.55
C ASN D 139 9.37 -69.82 7.15
N LEU D 144 7.14 -71.97 0.62
CA LEU D 144 8.20 -71.95 -0.39
C LEU D 144 7.88 -71.07 -1.60
N PRO D 145 8.00 -69.75 -1.48
CA PRO D 145 7.73 -68.88 -2.62
C PRO D 145 8.90 -68.82 -3.59
N PHE D 146 8.63 -69.17 -4.84
CA PHE D 146 9.46 -68.85 -6.01
C PHE D 146 10.85 -69.48 -5.95
N GLU D 147 10.87 -70.80 -5.89
CA GLU D 147 12.09 -71.54 -6.11
C GLU D 147 12.13 -72.00 -7.57
N GLY D 148 13.20 -71.63 -8.26
CA GLY D 148 13.42 -71.98 -9.65
C GLY D 148 13.39 -70.82 -10.63
N ILE D 149 12.90 -69.64 -10.23
CA ILE D 149 12.63 -68.58 -11.18
C ILE D 149 13.86 -67.70 -11.33
N ALA D 150 14.43 -67.68 -12.53
CA ALA D 150 15.57 -66.84 -12.84
C ALA D 150 15.09 -65.47 -13.32
N ILE D 151 15.97 -64.49 -13.19
CA ILE D 151 15.57 -63.11 -13.46
C ILE D 151 15.73 -62.78 -14.94
N ASP D 152 16.43 -63.62 -15.68
CA ASP D 152 16.73 -63.31 -17.08
C ASP D 152 15.97 -64.16 -18.08
N GLN D 153 15.04 -64.99 -17.64
CA GLN D 153 14.21 -65.76 -18.54
C GLN D 153 12.76 -65.71 -18.10
N GLY D 154 11.86 -65.73 -19.07
CA GLY D 154 10.43 -65.80 -18.83
C GLY D 154 9.73 -64.49 -19.09
N THR D 155 8.43 -64.50 -18.84
CA THR D 155 7.60 -63.31 -18.91
C THR D 155 6.65 -63.31 -17.72
N LEU D 156 6.26 -62.12 -17.28
CA LEU D 156 5.46 -61.93 -16.09
C LEU D 156 4.29 -61.02 -16.44
N THR D 157 3.09 -61.57 -16.46
CA THR D 157 1.92 -60.81 -16.90
C THR D 157 1.00 -60.51 -15.71
N LEU D 158 0.21 -59.45 -15.86
CA LEU D 158 -0.71 -58.98 -14.84
C LEU D 158 -2.08 -58.81 -15.46
N SER D 159 -3.03 -59.63 -15.05
CA SER D 159 -4.34 -59.71 -15.68
C SER D 159 -5.38 -59.01 -14.82
N PHE D 160 -6.02 -57.98 -15.38
CA PHE D 160 -7.11 -57.28 -14.72
C PHE D 160 -8.43 -57.78 -15.29
N PRO D 161 -9.18 -58.60 -14.57
CA PRO D 161 -10.44 -59.10 -15.12
C PRO D 161 -11.51 -58.03 -15.18
N ASN D 162 -12.53 -58.32 -16.00
CA ASN D 162 -13.71 -57.48 -16.23
C ASN D 162 -13.37 -56.09 -16.77
N ALA D 163 -12.20 -55.92 -17.38
CA ALA D 163 -11.67 -54.60 -17.70
C ALA D 163 -12.10 -54.11 -19.07
N SER D 164 -13.29 -54.49 -19.53
CA SER D 164 -13.81 -54.01 -20.80
C SER D 164 -15.07 -53.20 -20.53
N MET D 165 -15.10 -51.98 -21.04
CA MET D 165 -16.26 -51.11 -20.94
C MET D 165 -17.42 -51.42 -21.91
N PRO D 166 -17.21 -51.86 -23.17
CA PRO D 166 -18.37 -52.31 -23.96
C PRO D 166 -19.07 -53.54 -23.40
N GLU D 167 -18.37 -54.39 -22.66
CA GLU D 167 -19.02 -55.50 -21.98
C GLU D 167 -19.55 -55.10 -20.60
N LYS D 168 -19.32 -53.84 -20.21
CA LYS D 168 -19.83 -53.25 -18.96
C LYS D 168 -19.36 -54.00 -17.73
N GLY D 169 -18.06 -54.19 -17.65
CA GLY D 169 -17.48 -54.81 -16.49
C GLY D 169 -17.08 -53.80 -15.44
N LYS D 170 -17.04 -54.25 -14.20
CA LYS D 170 -16.41 -53.46 -13.15
C LYS D 170 -14.92 -53.35 -13.42
N GLN D 171 -14.30 -52.31 -12.86
CA GLN D 171 -12.94 -51.86 -13.11
C GLN D 171 -12.69 -51.42 -14.54
N ALA D 172 -13.74 -51.11 -15.30
CA ALA D 172 -13.53 -50.39 -16.54
C ALA D 172 -13.35 -48.91 -16.28
N THR D 173 -14.17 -48.36 -15.38
CA THR D 173 -14.00 -46.98 -14.96
C THR D 173 -12.80 -46.81 -14.04
N MET D 174 -12.42 -47.86 -13.32
CA MET D 174 -11.34 -47.75 -12.36
C MET D 174 -9.98 -47.83 -13.03
N LEU D 175 -9.85 -48.61 -14.09
CA LEU D 175 -8.57 -48.70 -14.78
C LEU D 175 -8.27 -47.50 -15.64
N LYS D 176 -9.26 -46.66 -15.95
CA LYS D 176 -8.97 -45.43 -16.67
C LYS D 176 -8.22 -44.44 -15.79
N THR D 177 -8.41 -44.53 -14.48
CA THR D 177 -7.68 -43.69 -13.52
C THR D 177 -6.49 -44.44 -12.95
N LEU D 178 -5.62 -44.94 -13.83
CA LEU D 178 -4.47 -45.72 -13.43
C LEU D 178 -3.21 -44.97 -13.84
N ASN D 179 -2.27 -44.82 -12.90
CA ASN D 179 -1.08 -44.03 -13.13
C ASN D 179 0.10 -44.89 -13.58
N ASP D 180 0.36 -45.99 -12.89
CA ASP D 180 1.50 -46.84 -13.19
C ASP D 180 1.18 -48.24 -12.66
N ILE D 181 2.11 -49.16 -12.92
CA ILE D 181 2.12 -50.48 -12.29
C ILE D 181 3.54 -50.75 -11.84
N ILE D 182 3.75 -50.91 -10.53
CA ILE D 182 5.08 -51.03 -9.95
C ILE D 182 5.25 -52.44 -9.40
N LEU D 183 6.35 -53.10 -9.78
CA LEU D 183 6.67 -54.43 -9.32
C LEU D 183 7.91 -54.37 -8.45
N HIS D 184 7.83 -54.93 -7.24
CA HIS D 184 8.94 -54.92 -6.29
C HIS D 184 9.59 -56.30 -6.29
N ILE D 185 10.54 -56.49 -7.19
CA ILE D 185 11.21 -57.78 -7.33
C ILE D 185 12.34 -57.87 -6.30
N ARG D 186 12.31 -58.92 -5.49
CA ARG D 186 13.39 -59.24 -4.58
C ARG D 186 14.07 -60.50 -5.07
N TYR D 187 15.40 -60.49 -5.11
CA TYR D 187 16.14 -61.61 -5.63
C TYR D 187 17.45 -61.76 -4.88
N THR D 188 18.04 -62.94 -4.97
CA THR D 188 19.31 -63.26 -4.33
C THR D 188 20.43 -63.30 -5.35
N ILE D 189 21.67 -63.16 -4.86
CA ILE D 189 22.86 -63.38 -5.67
C ILE D 189 23.73 -64.35 -4.88
N LYS D 190 23.61 -65.63 -5.18
CA LYS D 190 24.33 -66.63 -4.39
C LYS D 190 25.63 -67.04 -5.07
N ARG E 1 0.73 -70.86 -2.99
CA ARG E 1 -0.37 -71.82 -2.91
C ARG E 1 -1.67 -71.23 -3.46
N ALA E 2 -2.44 -70.57 -2.60
CA ALA E 2 -3.79 -70.17 -2.93
C ALA E 2 -3.84 -68.68 -3.20
N LEU E 3 -4.78 -68.28 -4.05
CA LEU E 3 -4.98 -66.87 -4.35
C LEU E 3 -5.66 -66.25 -3.14
N GLU E 4 -4.89 -65.50 -2.35
CA GLU E 4 -5.37 -64.94 -1.10
C GLU E 4 -6.05 -63.62 -1.44
N VAL E 5 -7.38 -63.59 -1.45
CA VAL E 5 -8.14 -62.46 -1.96
C VAL E 5 -8.80 -61.72 -0.81
N GLU E 6 -8.80 -60.39 -0.87
CA GLU E 6 -9.53 -59.54 0.05
C GLU E 6 -10.61 -58.79 -0.71
N ARG E 7 -11.80 -58.71 -0.13
CA ARG E 7 -12.94 -58.10 -0.77
C ARG E 7 -13.70 -57.27 0.25
N THR E 8 -14.06 -56.04 -0.11
CA THR E 8 -14.76 -55.15 0.78
C THR E 8 -16.22 -55.03 0.32
N VAL E 9 -17.15 -55.33 1.22
CA VAL E 9 -18.57 -55.39 0.90
C VAL E 9 -19.29 -54.38 1.76
N SER E 10 -20.02 -53.47 1.12
CA SER E 10 -20.84 -52.49 1.82
C SER E 10 -22.26 -53.01 1.89
N LEU E 11 -22.81 -53.11 3.10
CA LEU E 11 -24.21 -53.52 3.21
C LEU E 11 -25.16 -52.42 2.78
N ALA E 12 -24.71 -51.16 2.79
CA ALA E 12 -25.56 -50.10 2.28
C ALA E 12 -25.66 -50.15 0.76
N GLU E 13 -24.63 -50.66 0.08
CA GLU E 13 -24.66 -50.82 -1.36
C GLU E 13 -25.38 -52.09 -1.79
N VAL E 14 -25.43 -53.10 -0.92
CA VAL E 14 -26.21 -54.29 -1.23
C VAL E 14 -27.69 -54.00 -1.05
N TYR E 15 -28.04 -53.30 0.01
CA TYR E 15 -29.43 -53.01 0.31
C TYR E 15 -30.01 -51.97 -0.65
N ALA E 16 -29.19 -51.08 -1.18
CA ALA E 16 -29.66 -50.16 -2.19
C ALA E 16 -29.72 -50.80 -3.56
N GLY E 17 -28.90 -51.81 -3.81
CA GLY E 17 -28.83 -52.48 -5.09
C GLY E 17 -29.79 -53.62 -5.27
N LEU E 18 -30.72 -53.82 -4.37
CA LEU E 18 -31.71 -54.87 -4.52
C LEU E 18 -32.64 -54.53 -5.67
N PRO E 19 -33.21 -55.53 -6.35
CA PRO E 19 -34.16 -55.25 -7.42
C PRO E 19 -35.46 -54.72 -6.85
N LYS E 20 -36.20 -54.01 -7.70
CA LYS E 20 -37.39 -53.29 -7.25
C LYS E 20 -38.52 -54.24 -6.85
N ASP E 21 -38.46 -55.50 -7.27
CA ASP E 21 -39.42 -56.49 -6.80
C ASP E 21 -39.09 -56.96 -5.38
N ASN E 22 -37.86 -56.72 -4.91
CA ASN E 22 -37.41 -57.17 -3.60
C ASN E 22 -37.33 -56.04 -2.58
N GLY E 23 -37.68 -54.81 -2.96
CA GLY E 23 -37.76 -53.72 -2.03
C GLY E 23 -36.44 -53.19 -1.51
N PRO E 24 -35.66 -52.50 -2.34
CA PRO E 24 -34.42 -51.89 -1.83
C PRO E 24 -34.73 -50.71 -0.92
N PHE E 25 -33.71 -50.31 -0.17
CA PHE E 25 -33.88 -49.27 0.85
C PHE E 25 -32.53 -48.65 1.17
N SER E 26 -32.58 -47.52 1.85
CA SER E 26 -31.40 -46.89 2.44
C SER E 26 -31.16 -47.48 3.81
N LEU E 27 -29.90 -47.79 4.12
CA LEU E 27 -29.60 -48.50 5.36
C LEU E 27 -29.81 -47.62 6.57
N ALA E 28 -29.19 -46.44 6.59
CA ALA E 28 -29.31 -45.55 7.74
C ALA E 28 -30.69 -44.93 7.86
N GLN E 29 -31.47 -44.88 6.78
CA GLN E 29 -32.81 -44.33 6.87
C GLN E 29 -33.81 -45.36 7.39
N GLU E 30 -33.51 -46.65 7.24
CA GLU E 30 -34.35 -47.66 7.86
C GLU E 30 -33.83 -48.11 9.21
N ILE E 31 -32.53 -47.95 9.47
CA ILE E 31 -32.01 -48.23 10.81
C ILE E 31 -32.59 -47.22 11.80
N ASP E 32 -32.57 -45.93 11.43
CA ASP E 32 -33.19 -44.90 12.25
C ASP E 32 -34.71 -45.07 12.33
N LYS E 33 -35.33 -45.63 11.29
CA LYS E 33 -36.76 -45.85 11.33
C LYS E 33 -37.12 -47.00 12.26
N LEU E 34 -36.32 -48.07 12.26
CA LEU E 34 -36.65 -49.25 13.07
C LEU E 34 -36.22 -49.09 14.53
N VAL E 35 -35.14 -48.36 14.79
CA VAL E 35 -34.70 -48.14 16.16
C VAL E 35 -35.67 -47.21 16.88
N SER E 36 -36.12 -46.16 16.20
CA SER E 36 -37.02 -45.19 16.81
C SER E 36 -38.40 -45.77 17.05
N GLN E 37 -38.83 -46.71 16.20
CA GLN E 37 -40.16 -47.29 16.31
C GLN E 37 -40.19 -48.50 17.22
N GLY E 38 -39.14 -49.30 17.26
CA GLY E 38 -39.12 -50.47 18.12
C GLY E 38 -39.40 -51.76 17.38
N SER E 39 -40.16 -51.68 16.29
CA SER E 39 -40.41 -52.83 15.44
C SER E 39 -40.56 -52.37 14.01
N GLY E 40 -40.59 -53.34 13.11
CA GLY E 40 -40.66 -53.06 11.69
C GLY E 40 -39.70 -53.96 10.94
N SER E 41 -39.56 -53.68 9.65
CA SER E 41 -38.71 -54.50 8.80
C SER E 41 -38.22 -53.67 7.63
N ALA E 42 -37.40 -54.31 6.79
CA ALA E 42 -36.87 -53.71 5.57
C ALA E 42 -36.37 -54.82 4.68
N GLY E 43 -36.55 -54.66 3.37
CA GLY E 43 -36.05 -55.63 2.43
C GLY E 43 -36.87 -56.89 2.37
N SER E 44 -36.31 -57.88 1.66
CA SER E 44 -36.99 -59.14 1.42
C SER E 44 -35.99 -60.27 1.49
N GLY E 45 -36.48 -61.44 1.91
CA GLY E 45 -35.71 -62.66 1.77
C GLY E 45 -34.55 -62.72 2.74
N ASN E 46 -33.36 -62.91 2.19
CA ASN E 46 -32.16 -62.99 3.00
C ASN E 46 -31.44 -61.66 3.11
N ASN E 47 -31.72 -60.71 2.22
CA ASN E 47 -31.14 -59.37 2.34
C ASN E 47 -32.17 -58.47 3.02
N ASN E 48 -32.37 -58.72 4.31
CA ASN E 48 -33.37 -57.99 5.08
C ASN E 48 -32.70 -57.33 6.28
N LEU E 49 -33.44 -56.41 6.89
CA LEU E 49 -33.06 -55.76 8.13
C LEU E 49 -34.28 -55.70 9.02
N ALA E 50 -34.22 -56.38 10.16
CA ALA E 50 -35.36 -56.46 11.07
C ALA E 50 -34.86 -56.76 12.47
N PHE E 51 -35.80 -56.81 13.40
CA PHE E 51 -35.50 -57.27 14.73
C PHE E 51 -35.60 -58.78 14.79
N GLY E 52 -34.89 -59.38 15.74
CA GLY E 52 -34.84 -60.83 15.82
C GLY E 52 -36.17 -61.41 16.28
N ALA E 53 -36.51 -62.56 15.73
CA ALA E 53 -37.81 -63.15 15.98
C ALA E 53 -37.83 -64.07 17.18
N GLY E 54 -36.68 -64.55 17.62
CA GLY E 54 -36.65 -65.46 18.73
C GLY E 54 -36.85 -64.76 20.06
N THR E 55 -37.02 -65.56 21.11
CA THR E 55 -36.97 -65.00 22.44
C THR E 55 -35.55 -64.58 22.76
N ASP E 56 -35.43 -63.61 23.69
CA ASP E 56 -34.21 -62.95 24.17
C ASP E 56 -33.56 -62.07 23.10
N THR E 57 -34.13 -62.04 21.88
CA THR E 57 -33.63 -61.20 20.80
C THR E 57 -34.77 -60.42 20.16
N LYS E 58 -35.83 -60.14 20.91
CA LYS E 58 -36.92 -59.33 20.38
C LYS E 58 -36.51 -57.88 20.23
N THR E 59 -35.60 -57.41 21.09
CA THR E 59 -35.00 -56.08 20.97
C THR E 59 -33.54 -56.26 20.57
N SER E 60 -33.34 -56.53 19.28
CA SER E 60 -32.01 -56.70 18.71
C SER E 60 -32.12 -56.49 17.21
N LEU E 61 -31.61 -55.37 16.72
CA LEU E 61 -31.65 -55.08 15.30
C LEU E 61 -30.64 -55.96 14.58
N GLN E 62 -31.10 -56.73 13.60
CA GLN E 62 -30.28 -57.69 12.89
C GLN E 62 -30.26 -57.33 11.41
N ALA E 63 -29.07 -57.30 10.83
CA ALA E 63 -28.89 -56.95 9.42
C ALA E 63 -28.34 -58.16 8.69
N SER E 64 -29.18 -58.79 7.88
CA SER E 64 -28.81 -60.01 7.17
C SER E 64 -28.45 -59.69 5.72
N VAL E 65 -27.65 -60.56 5.12
CA VAL E 65 -27.26 -60.45 3.71
C VAL E 65 -26.98 -61.86 3.21
N SER E 66 -27.31 -62.11 1.96
CA SER E 66 -27.04 -63.40 1.34
C SER E 66 -25.69 -63.38 0.64
N PHE E 67 -24.94 -64.48 0.74
CA PHE E 67 -23.67 -64.59 0.04
C PHE E 67 -23.85 -64.74 -1.47
N ALA E 68 -24.98 -65.30 -1.91
CA ALA E 68 -25.21 -65.48 -3.33
C ALA E 68 -25.52 -64.16 -4.03
N ASP E 69 -25.96 -63.16 -3.29
CA ASP E 69 -26.27 -61.85 -3.86
C ASP E 69 -25.09 -60.90 -3.80
N LEU E 70 -23.96 -61.30 -3.22
CA LEU E 70 -22.78 -60.47 -3.21
C LEU E 70 -21.98 -60.60 -4.51
N LYS E 71 -22.25 -61.65 -5.29
CA LYS E 71 -21.69 -61.86 -6.63
C LYS E 71 -20.16 -61.91 -6.61
N ILE E 72 -19.59 -62.58 -5.61
CA ILE E 72 -18.14 -62.60 -5.46
C ILE E 72 -17.49 -63.52 -6.49
N ARG E 73 -18.22 -64.54 -6.95
CA ARG E 73 -17.63 -65.49 -7.89
C ARG E 73 -17.41 -64.89 -9.28
N GLU E 74 -18.03 -63.76 -9.58
CA GLU E 74 -17.79 -63.06 -10.84
C GLU E 74 -16.63 -62.09 -10.77
N ASP E 75 -15.92 -62.00 -9.64
CA ASP E 75 -14.80 -61.09 -9.54
C ASP E 75 -13.54 -61.61 -10.22
N TYR E 76 -13.41 -62.92 -10.36
CA TYR E 76 -12.28 -63.56 -11.00
C TYR E 76 -12.78 -64.62 -11.95
N PRO E 77 -12.05 -64.92 -13.02
CA PRO E 77 -12.49 -65.95 -13.96
C PRO E 77 -12.50 -67.34 -13.35
N ALA E 78 -13.35 -68.20 -13.90
CA ALA E 78 -13.46 -69.58 -13.43
C ALA E 78 -12.27 -70.44 -13.85
N SER E 79 -11.40 -69.94 -14.72
CA SER E 79 -10.20 -70.67 -15.10
C SER E 79 -9.17 -70.69 -13.97
N LEU E 80 -9.29 -69.79 -13.00
CA LEU E 80 -8.36 -69.74 -11.88
C LEU E 80 -8.63 -70.82 -10.84
N GLY E 81 -9.84 -71.35 -10.79
CA GLY E 81 -10.18 -72.37 -9.81
C GLY E 81 -11.61 -72.25 -9.39
N LYS E 82 -12.04 -73.24 -8.60
CA LYS E 82 -13.39 -73.29 -8.09
C LYS E 82 -13.46 -73.38 -6.57
N ILE E 83 -12.33 -73.61 -5.90
CA ILE E 83 -12.33 -73.77 -4.44
C ILE E 83 -12.24 -72.37 -3.88
N ARG E 84 -13.37 -71.70 -3.80
CA ARG E 84 -13.42 -70.31 -3.37
C ARG E 84 -14.18 -70.24 -2.06
N ARG E 85 -13.44 -70.17 -0.96
CA ARG E 85 -13.99 -70.26 0.37
C ARG E 85 -13.33 -69.23 1.28
N ILE E 86 -14.06 -68.84 2.31
CA ILE E 86 -13.67 -67.71 3.15
C ILE E 86 -12.54 -68.11 4.08
N LYS E 87 -11.53 -67.24 4.20
CA LYS E 87 -10.51 -67.38 5.23
C LYS E 87 -10.88 -66.64 6.50
N GLN E 88 -11.38 -65.41 6.37
CA GLN E 88 -11.58 -64.53 7.52
C GLN E 88 -12.52 -63.39 7.12
N ILE E 89 -13.28 -62.88 8.10
CA ILE E 89 -14.19 -61.76 7.91
C ILE E 89 -14.03 -60.80 9.08
N SER E 90 -13.75 -59.53 8.78
CA SER E 90 -13.72 -58.47 9.78
C SER E 90 -14.77 -57.41 9.45
N VAL E 91 -15.24 -56.70 10.47
CA VAL E 91 -16.35 -55.76 10.34
C VAL E 91 -15.86 -54.36 10.67
N THR E 92 -16.23 -53.39 9.83
CA THR E 92 -16.04 -51.97 10.09
C THR E 92 -17.40 -51.33 10.26
N LEU E 93 -17.61 -50.65 11.38
CA LEU E 93 -18.87 -49.98 11.67
C LEU E 93 -18.61 -48.48 11.79
N PRO E 94 -18.75 -47.71 10.70
CA PRO E 94 -18.52 -46.26 10.75
C PRO E 94 -19.64 -45.47 11.40
N ALA E 95 -19.58 -45.38 12.72
CA ALA E 95 -20.56 -44.68 13.54
C ALA E 95 -19.88 -43.53 14.26
N LEU E 96 -20.57 -42.93 15.21
CA LEU E 96 -19.98 -41.96 16.12
C LEU E 96 -19.99 -42.57 17.51
N LEU E 97 -18.83 -43.02 17.97
CA LEU E 97 -18.69 -43.56 19.30
C LEU E 97 -18.20 -42.48 20.26
N GLY E 98 -18.45 -42.71 21.55
CA GLY E 98 -18.00 -41.81 22.56
C GLY E 98 -16.51 -41.96 22.82
N PRO E 99 -16.02 -41.25 23.84
CA PRO E 99 -14.61 -41.38 24.20
C PRO E 99 -14.25 -42.75 24.75
N TYR E 100 -15.15 -43.41 25.48
CA TYR E 100 -14.88 -44.71 26.06
C TYR E 100 -16.06 -45.64 25.87
N GLN E 101 -16.66 -45.60 24.68
CA GLN E 101 -17.85 -46.37 24.38
C GLN E 101 -17.50 -47.52 23.45
N ASP E 102 -18.34 -48.55 23.49
CA ASP E 102 -18.13 -49.77 22.73
C ASP E 102 -19.37 -50.12 21.94
N VAL E 103 -19.18 -50.89 20.88
CA VAL E 103 -20.26 -51.39 20.05
C VAL E 103 -20.46 -52.85 20.43
N GLN E 104 -21.72 -53.25 20.64
CA GLN E 104 -22.05 -54.64 20.86
C GLN E 104 -22.68 -55.17 19.58
N ALA E 105 -22.04 -56.16 18.97
CA ALA E 105 -22.55 -56.72 17.73
C ALA E 105 -22.05 -58.14 17.57
N ILE E 106 -22.95 -59.03 17.14
CA ILE E 106 -22.63 -60.43 16.91
C ILE E 106 -22.79 -60.68 15.42
N LEU E 107 -21.70 -61.08 14.76
CA LEU E 107 -21.75 -61.49 13.36
C LEU E 107 -21.91 -63.00 13.33
N SER E 108 -23.01 -63.47 12.78
CA SER E 108 -23.41 -64.87 12.88
C SER E 108 -23.27 -65.55 11.51
N TYR E 109 -23.70 -66.82 11.48
CA TYR E 109 -23.79 -67.58 10.24
C TYR E 109 -24.77 -68.72 10.46
N GLY E 110 -25.59 -69.00 9.45
CA GLY E 110 -26.56 -70.06 9.53
C GLY E 110 -26.29 -71.24 8.61
N GLY E 118 -17.44 -73.39 17.41
CA GLY E 118 -17.61 -72.02 17.84
C GLY E 118 -17.20 -71.05 16.76
N CYS E 119 -16.92 -71.59 15.58
CA CYS E 119 -16.41 -70.83 14.44
C CYS E 119 -17.52 -70.44 13.48
N GLU E 120 -18.71 -70.16 13.98
CA GLU E 120 -19.79 -69.60 13.18
C GLU E 120 -20.22 -68.22 13.66
N ALA E 121 -19.66 -67.74 14.77
CA ALA E 121 -20.05 -66.48 15.35
C ALA E 121 -18.81 -65.64 15.63
N LEU E 122 -19.03 -64.35 15.84
CA LEU E 122 -17.96 -63.39 15.99
C LEU E 122 -18.54 -62.16 16.69
N ALA E 123 -17.85 -61.66 17.70
CA ALA E 123 -18.30 -60.51 18.47
C ALA E 123 -17.51 -59.28 18.06
N VAL E 124 -18.22 -58.25 17.60
CA VAL E 124 -17.62 -56.99 17.21
C VAL E 124 -17.66 -56.07 18.42
N SER E 125 -16.51 -55.54 18.81
CA SER E 125 -16.41 -54.79 20.05
C SER E 125 -15.90 -53.36 19.89
N HIS E 126 -15.06 -53.07 18.89
CA HIS E 126 -14.69 -51.69 18.63
C HIS E 126 -15.09 -51.20 17.25
N GLY E 127 -15.42 -52.10 16.33
CA GLY E 127 -16.09 -51.73 15.11
C GLY E 127 -15.25 -51.03 14.07
N MET E 128 -13.93 -51.05 14.22
CA MET E 128 -13.04 -50.41 13.25
C MET E 128 -12.02 -51.45 12.82
N ASN E 129 -12.26 -52.07 11.65
CA ASN E 129 -11.54 -53.25 11.17
C ASN E 129 -11.54 -54.34 12.24
N ASP E 130 -12.72 -54.67 12.72
CA ASP E 130 -12.88 -55.49 13.91
C ASP E 130 -12.98 -56.95 13.53
N SER E 131 -11.95 -57.72 13.85
CA SER E 131 -12.07 -59.16 13.95
C SER E 131 -12.39 -59.51 15.39
N GLY E 132 -13.07 -60.64 15.57
CA GLY E 132 -13.58 -60.97 16.89
C GLY E 132 -12.51 -61.38 17.89
N GLN E 133 -11.27 -61.51 17.46
CA GLN E 133 -10.20 -62.06 18.28
C GLN E 133 -9.49 -60.96 19.07
N PHE E 134 -8.96 -61.35 20.23
CA PHE E 134 -8.07 -60.46 20.95
C PHE E 134 -6.77 -60.26 20.19
N GLN E 135 -6.27 -61.31 19.56
CA GLN E 135 -5.16 -61.25 18.62
C GLN E 135 -5.50 -62.13 17.43
N LEU E 136 -5.62 -61.52 16.25
CA LEU E 136 -5.79 -62.29 15.04
C LEU E 136 -4.49 -62.98 14.69
N ASP E 137 -4.54 -64.30 14.52
CA ASP E 137 -3.37 -65.10 14.23
C ASP E 137 -3.71 -66.05 13.10
N PHE E 138 -3.00 -65.94 11.99
CA PHE E 138 -3.13 -66.90 10.91
C PHE E 138 -2.23 -68.12 11.10
N ASN E 139 -1.69 -68.33 12.30
CA ASN E 139 -0.72 -69.37 12.55
C ASN E 139 -0.89 -70.00 13.93
N LEU E 144 -10.23 -70.43 12.66
CA LEU E 144 -10.78 -69.09 12.58
C LEU E 144 -12.27 -69.17 12.30
N PRO E 145 -13.04 -68.21 12.83
CA PRO E 145 -14.48 -68.19 12.52
C PRO E 145 -14.73 -67.89 11.06
N PHE E 146 -15.81 -68.49 10.55
CA PHE E 146 -16.26 -68.45 9.15
C PHE E 146 -15.22 -68.98 8.17
N GLU E 147 -14.22 -69.72 8.62
CA GLU E 147 -13.20 -70.22 7.71
C GLU E 147 -13.76 -71.41 6.96
N GLY E 148 -13.56 -71.43 5.64
CA GLY E 148 -14.03 -72.53 4.83
C GLY E 148 -15.46 -72.41 4.36
N ILE E 149 -16.19 -71.40 4.82
CA ILE E 149 -17.52 -71.12 4.29
C ILE E 149 -17.39 -70.70 2.84
N ALA E 150 -18.14 -71.34 1.97
CA ALA E 150 -18.13 -70.98 0.56
C ALA E 150 -18.78 -69.61 0.36
N ILE E 151 -18.43 -68.97 -0.76
CA ILE E 151 -18.80 -67.58 -0.98
C ILE E 151 -20.09 -67.48 -1.78
N ASP E 152 -20.85 -68.57 -1.83
CA ASP E 152 -22.13 -68.61 -2.52
C ASP E 152 -23.29 -68.96 -1.59
N GLN E 153 -23.08 -69.92 -0.70
CA GLN E 153 -24.15 -70.39 0.16
C GLN E 153 -24.07 -69.71 1.52
N GLY E 154 -25.22 -69.49 2.13
CA GLY E 154 -25.30 -69.01 3.48
C GLY E 154 -25.87 -67.61 3.57
N THR E 155 -25.95 -67.13 4.80
CA THR E 155 -26.52 -65.82 5.11
C THR E 155 -25.76 -65.26 6.31
N LEU E 156 -25.18 -64.08 6.14
CA LEU E 156 -24.39 -63.44 7.19
C LEU E 156 -25.24 -62.39 7.88
N THR E 157 -25.38 -62.51 9.20
CA THR E 157 -26.25 -61.64 9.99
C THR E 157 -25.43 -60.91 11.05
N LEU E 158 -25.58 -59.59 11.11
CA LEU E 158 -24.97 -58.78 12.15
C LEU E 158 -26.07 -58.28 13.08
N SER E 159 -26.14 -58.85 14.29
CA SER E 159 -27.18 -58.53 15.24
C SER E 159 -26.68 -57.48 16.22
N PHE E 160 -27.49 -56.46 16.48
CA PHE E 160 -27.14 -55.39 17.41
C PHE E 160 -28.00 -55.51 18.67
N PRO E 161 -27.48 -56.03 19.77
CA PRO E 161 -28.31 -56.15 20.98
C PRO E 161 -28.59 -54.80 21.60
N ASN E 162 -29.74 -54.73 22.28
CA ASN E 162 -30.29 -53.53 22.94
C ASN E 162 -30.43 -52.37 21.96
N ALA E 163 -31.25 -52.59 20.94
CA ALA E 163 -31.36 -51.65 19.83
C ALA E 163 -32.77 -51.11 19.68
N SER E 164 -33.41 -50.82 20.80
CA SER E 164 -34.78 -50.32 20.77
C SER E 164 -34.87 -49.05 21.60
N MET E 165 -35.39 -48.00 21.00
CA MET E 165 -35.68 -46.77 21.71
C MET E 165 -36.96 -46.82 22.54
N PRO E 166 -38.07 -47.46 22.11
CA PRO E 166 -39.20 -47.62 23.05
C PRO E 166 -38.89 -48.51 24.23
N GLU E 167 -37.99 -49.48 24.09
CA GLU E 167 -37.62 -50.35 25.20
C GLU E 167 -36.30 -49.92 25.83
N LYS E 168 -35.86 -48.69 25.51
CA LYS E 168 -34.78 -47.98 26.20
C LYS E 168 -33.44 -48.70 26.10
N GLY E 169 -33.08 -49.08 24.87
CA GLY E 169 -31.83 -49.78 24.65
C GLY E 169 -30.63 -48.85 24.76
N LYS E 170 -29.53 -49.41 25.26
CA LYS E 170 -28.30 -48.64 25.45
C LYS E 170 -27.55 -48.39 24.15
N GLN E 171 -27.96 -49.03 23.06
CA GLN E 171 -27.34 -48.82 21.76
C GLN E 171 -28.24 -48.09 20.80
N ALA E 172 -29.36 -47.56 21.26
CA ALA E 172 -30.34 -46.97 20.35
C ALA E 172 -29.81 -45.66 19.76
N THR E 173 -29.24 -44.79 20.59
CA THR E 173 -28.69 -43.56 20.07
C THR E 173 -27.37 -43.76 19.36
N MET E 174 -26.66 -44.86 19.63
CA MET E 174 -25.46 -45.17 18.88
C MET E 174 -25.79 -45.54 17.44
N LEU E 175 -26.86 -46.30 17.24
CA LEU E 175 -27.18 -46.83 15.92
C LEU E 175 -27.74 -45.78 14.97
N LYS E 176 -28.21 -44.65 15.50
CA LYS E 176 -28.64 -43.56 14.63
C LYS E 176 -27.46 -43.02 13.82
N THR E 177 -26.29 -42.97 14.44
CA THR E 177 -25.08 -42.46 13.81
C THR E 177 -24.44 -43.44 12.84
N LEU E 178 -24.85 -44.71 12.87
CA LEU E 178 -24.22 -45.72 12.03
C LEU E 178 -24.64 -45.53 10.58
N ASN E 179 -23.66 -45.42 9.69
CA ASN E 179 -23.91 -45.13 8.28
C ASN E 179 -23.90 -46.36 7.41
N ASP E 180 -23.09 -47.35 7.74
CA ASP E 180 -22.89 -48.50 6.88
C ASP E 180 -22.41 -49.65 7.74
N ILE E 181 -22.52 -50.86 7.20
CA ILE E 181 -21.91 -52.04 7.78
C ILE E 181 -20.96 -52.57 6.73
N ILE E 182 -19.67 -52.41 6.96
CA ILE E 182 -18.63 -52.73 5.99
C ILE E 182 -17.96 -54.01 6.43
N LEU E 183 -17.94 -55.00 5.55
CA LEU E 183 -17.36 -56.31 5.84
C LEU E 183 -16.09 -56.48 5.04
N HIS E 184 -15.02 -56.89 5.72
CA HIS E 184 -13.74 -57.19 5.08
C HIS E 184 -13.63 -58.70 4.93
N ILE E 185 -14.10 -59.21 3.81
CA ILE E 185 -14.10 -60.65 3.57
C ILE E 185 -12.78 -61.05 2.93
N ARG E 186 -11.99 -61.85 3.63
CA ARG E 186 -10.78 -62.44 3.08
C ARG E 186 -11.07 -63.89 2.71
N TYR E 187 -10.90 -64.23 1.44
CA TYR E 187 -11.19 -65.58 0.98
C TYR E 187 -10.07 -66.05 0.06
N THR E 188 -9.96 -67.37 -0.06
CA THR E 188 -8.92 -67.98 -0.87
C THR E 188 -9.53 -68.68 -2.08
N ILE E 189 -8.87 -68.58 -3.21
CA ILE E 189 -9.22 -69.31 -4.42
C ILE E 189 -8.19 -70.42 -4.59
N LYS E 190 -8.56 -71.65 -4.24
CA LYS E 190 -7.62 -72.74 -4.42
C LYS E 190 -7.91 -73.51 -5.69
N PHE F 7 12.42 33.98 1.44
CA PHE F 7 12.36 35.19 2.25
C PHE F 7 11.11 35.99 1.92
N SER F 8 10.28 36.23 2.93
CA SER F 8 9.01 36.94 2.75
C SER F 8 8.93 38.05 3.78
N VAL F 9 8.73 39.28 3.31
CA VAL F 9 8.41 40.38 4.21
C VAL F 9 6.99 40.19 4.71
N THR F 10 6.79 40.34 6.01
CA THR F 10 5.52 39.99 6.64
C THR F 10 4.49 41.07 6.37
N GLU F 11 3.39 40.68 5.76
CA GLU F 11 2.27 41.58 5.47
C GLU F 11 1.02 41.00 6.12
N LEU F 12 0.48 41.73 7.10
CA LEU F 12 -0.75 41.30 7.76
C LEU F 12 -1.94 41.51 6.84
N SER F 13 -2.79 40.50 6.74
CA SER F 13 -4.00 40.59 5.95
C SER F 13 -5.10 39.81 6.65
N LEU F 14 -6.31 39.96 6.15
CA LEU F 14 -7.44 39.25 6.73
C LEU F 14 -7.80 38.04 5.88
N PRO F 15 -8.32 36.97 6.50
CA PRO F 15 -8.74 35.81 5.72
C PRO F 15 -10.02 36.08 4.95
N LYS F 16 -10.00 35.76 3.66
CA LYS F 16 -11.18 35.92 2.83
C LYS F 16 -12.00 34.63 2.84
N GLY F 17 -13.31 34.79 2.70
CA GLY F 17 -14.19 33.64 2.69
C GLY F 17 -14.36 33.04 1.30
N GLY F 18 -13.62 31.97 1.04
CA GLY F 18 -13.63 31.36 -0.27
C GLY F 18 -14.85 30.52 -0.54
N GLY F 19 -15.00 30.14 -1.81
CA GLY F 19 -16.12 29.35 -2.27
C GLY F 19 -15.85 27.89 -2.51
N ALA F 20 -14.61 27.44 -2.33
CA ALA F 20 -14.27 26.04 -2.52
C ALA F 20 -14.52 25.31 -1.20
N ILE F 21 -15.67 24.66 -1.09
CA ILE F 21 -15.98 23.88 0.10
C ILE F 21 -15.12 22.63 0.09
N THR F 22 -14.08 22.62 0.90
CA THR F 22 -13.21 21.46 1.05
C THR F 22 -13.67 20.62 2.22
N GLY F 23 -13.26 19.35 2.20
CA GLY F 23 -13.66 18.39 3.20
C GLY F 23 -12.70 18.30 4.36
N MET F 24 -12.72 17.14 5.02
CA MET F 24 -11.91 16.91 6.20
C MET F 24 -10.45 16.69 5.85
N GLY F 25 -10.16 16.16 4.66
CA GLY F 25 -8.79 16.01 4.23
C GLY F 25 -8.36 14.56 4.08
N GLU F 26 -9.33 13.65 4.04
CA GLU F 26 -9.03 12.24 3.86
C GLU F 26 -8.50 11.98 2.46
N ALA F 27 -7.63 10.98 2.33
CA ALA F 27 -6.95 10.70 1.08
C ALA F 27 -6.46 9.27 1.09
N LEU F 28 -6.79 8.53 0.04
CA LEU F 28 -6.29 7.17 -0.11
C LEU F 28 -4.89 7.19 -0.70
N THR F 29 -4.00 6.40 -0.11
CA THR F 29 -2.61 6.39 -0.54
C THR F 29 -2.50 5.67 -1.88
N PRO F 30 -1.68 6.19 -2.81
CA PRO F 30 -1.40 5.45 -4.05
C PRO F 30 -0.74 4.11 -3.76
N ALA F 31 -1.22 3.08 -4.45
CA ALA F 31 -0.75 1.73 -4.17
C ALA F 31 0.63 1.50 -4.76
N GLY F 32 1.48 0.84 -3.99
CA GLY F 32 2.83 0.55 -4.42
C GLY F 32 3.15 -0.92 -4.25
N PRO F 33 4.41 -1.23 -3.91
CA PRO F 33 4.83 -2.62 -3.81
C PRO F 33 4.36 -3.35 -2.56
N ASP F 34 3.81 -2.65 -1.56
CA ASP F 34 3.44 -3.33 -0.33
C ASP F 34 2.09 -4.04 -0.44
N GLY F 35 1.21 -3.57 -1.33
CA GLY F 35 -0.03 -4.25 -1.60
C GLY F 35 -1.21 -3.83 -0.76
N MET F 36 -0.98 -3.26 0.41
CA MET F 36 -2.09 -2.94 1.30
C MET F 36 -2.83 -1.69 0.83
N ALA F 37 -4.00 -1.47 1.42
CA ALA F 37 -4.82 -0.30 1.16
C ALA F 37 -4.74 0.61 2.37
N ALA F 38 -4.16 1.79 2.19
CA ALA F 38 -3.98 2.75 3.27
C ALA F 38 -4.87 3.97 3.07
N LEU F 39 -5.04 4.72 4.15
CA LEU F 39 -5.88 5.90 4.15
C LEU F 39 -5.44 6.79 5.31
N SER F 40 -5.30 8.08 5.05
CA SER F 40 -4.91 9.03 6.07
C SER F 40 -6.06 9.98 6.38
N LEU F 41 -6.03 10.54 7.57
CA LEU F 41 -7.05 11.49 7.98
C LEU F 41 -6.44 12.50 8.94
N PRO F 42 -6.36 13.78 8.56
CA PRO F 42 -5.67 14.76 9.40
C PRO F 42 -6.48 15.14 10.62
N LEU F 43 -5.85 15.02 11.78
CA LEU F 43 -6.44 15.52 13.01
C LEU F 43 -6.40 17.05 13.01
N PRO F 44 -7.36 17.69 13.68
CA PRO F 44 -7.37 19.17 13.69
C PRO F 44 -6.47 19.78 14.76
N ILE F 45 -5.17 19.54 14.65
CA ILE F 45 -4.21 20.10 15.60
C ILE F 45 -4.01 21.56 15.28
N SER F 46 -4.37 22.43 16.20
CA SER F 46 -4.19 23.87 16.02
C SER F 46 -2.73 24.18 16.27
N ALA F 47 -1.95 24.28 15.20
CA ALA F 47 -0.54 24.62 15.29
C ALA F 47 -0.43 26.08 15.64
N GLY F 48 -0.30 26.36 16.93
CA GLY F 48 -0.42 27.72 17.42
C GLY F 48 0.79 28.58 17.18
N ARG F 49 1.91 28.26 17.80
CA ARG F 49 3.11 29.06 17.63
C ARG F 49 3.99 28.58 16.48
N GLY F 50 3.92 27.31 16.14
CA GLY F 50 4.74 26.74 15.09
C GLY F 50 5.33 25.39 15.42
N TYR F 51 5.11 24.88 16.62
CA TYR F 51 5.62 23.58 17.05
C TYR F 51 4.44 22.79 17.62
N ALA F 52 3.90 21.90 16.80
CA ALA F 52 2.71 21.12 17.12
C ALA F 52 3.02 19.65 16.92
N PRO F 53 2.26 18.76 17.54
CA PRO F 53 2.44 17.34 17.26
C PRO F 53 1.93 16.97 15.88
N SER F 54 2.54 15.94 15.29
CA SER F 54 2.24 15.50 13.94
C SER F 54 1.36 14.26 13.94
N LEU F 55 0.38 14.19 14.81
CA LEU F 55 -0.44 13.00 14.97
C LEU F 55 -1.58 12.99 13.95
N THR F 56 -1.69 11.92 13.18
CA THR F 56 -2.80 11.75 12.26
C THR F 56 -3.38 10.35 12.39
N LEU F 57 -4.64 10.20 11.99
CA LEU F 57 -5.27 8.90 11.92
C LEU F 57 -4.89 8.20 10.61
N ASN F 58 -4.42 6.96 10.72
CA ASN F 58 -3.95 6.19 9.59
C ASN F 58 -4.59 4.83 9.58
N TYR F 59 -5.24 4.48 8.48
CA TYR F 59 -5.74 3.14 8.26
C TYR F 59 -4.74 2.33 7.46
N ASN F 60 -4.63 1.04 7.77
CA ASN F 60 -3.85 0.12 6.96
C ASN F 60 -4.52 -1.24 6.99
N SER F 61 -4.88 -1.75 5.82
CA SER F 61 -5.51 -3.05 5.73
C SER F 61 -4.48 -4.14 6.00
N GLY F 62 -4.36 -4.57 7.25
CA GLY F 62 -3.30 -5.45 7.64
C GLY F 62 -2.83 -5.14 9.05
N THR F 63 -3.06 -3.90 9.48
CA THR F 63 -2.88 -3.54 10.87
C THR F 63 -3.98 -4.18 11.71
N GLY F 64 -3.60 -4.75 12.86
CA GLY F 64 -4.54 -5.38 13.77
C GLY F 64 -5.38 -4.41 14.57
N ASN F 65 -5.80 -4.85 15.75
CA ASN F 65 -6.69 -4.06 16.57
C ASN F 65 -5.89 -3.01 17.35
N SER F 66 -6.61 -2.07 17.96
CA SER F 66 -6.00 -0.83 18.39
C SER F 66 -6.96 -0.10 19.34
N PRO F 67 -6.54 0.96 20.03
CA PRO F 67 -7.51 1.84 20.68
C PRO F 67 -8.31 2.72 19.74
N PHE F 68 -8.10 2.65 18.43
CA PHE F 68 -8.85 3.45 17.47
C PHE F 68 -9.67 2.57 16.54
N GLY F 69 -10.02 1.37 16.97
CA GLY F 69 -10.73 0.44 16.11
C GLY F 69 -9.77 -0.55 15.49
N LEU F 70 -10.29 -1.27 14.51
CA LEU F 70 -9.47 -2.22 13.77
C LEU F 70 -8.87 -1.52 12.55
N GLY F 71 -7.56 -1.66 12.39
CA GLY F 71 -6.85 -1.07 11.26
C GLY F 71 -6.35 0.32 11.52
N TRP F 72 -7.16 1.15 12.17
CA TRP F 72 -6.78 2.53 12.44
C TRP F 72 -5.76 2.61 13.56
N ASP F 73 -4.90 3.62 13.49
CA ASP F 73 -3.91 3.85 14.53
C ASP F 73 -3.48 5.30 14.46
N CYS F 74 -3.66 6.02 15.56
CA CYS F 74 -3.12 7.36 15.72
C CYS F 74 -2.18 7.29 16.91
N GLY F 75 -0.91 7.02 16.65
CA GLY F 75 0.04 6.80 17.72
C GLY F 75 1.27 7.66 17.54
N VAL F 76 1.97 7.85 18.64
CA VAL F 76 3.20 8.63 18.68
C VAL F 76 4.36 7.64 18.72
N MET F 77 5.52 8.11 18.27
CA MET F 77 6.70 7.27 18.13
C MET F 77 7.23 6.79 19.48
N ALA F 78 7.88 5.64 19.45
CA ALA F 78 8.38 4.99 20.65
C ALA F 78 9.50 4.04 20.26
N ILE F 79 10.36 3.74 21.22
CA ILE F 79 11.43 2.76 21.04
C ILE F 79 11.07 1.54 21.88
N ARG F 80 11.00 0.39 21.22
CA ARG F 80 10.57 -0.84 21.87
C ARG F 80 11.57 -1.94 21.58
N ARG F 81 11.56 -2.97 22.41
CA ARG F 81 12.40 -4.13 22.18
C ARG F 81 11.84 -4.98 21.04
N ARG F 82 12.74 -5.65 20.33
CA ARG F 82 12.35 -6.42 19.15
C ARG F 82 11.77 -7.76 19.58
N THR F 83 10.49 -7.98 19.27
CA THR F 83 9.80 -9.23 19.60
C THR F 83 9.40 -10.03 18.37
N SER F 84 9.99 -9.73 17.22
CA SER F 84 9.85 -10.63 16.07
C SER F 84 10.79 -11.80 16.15
N THR F 85 11.88 -11.66 16.91
CA THR F 85 12.82 -12.74 17.16
C THR F 85 12.56 -13.42 18.50
N GLY F 86 11.35 -13.30 19.03
CA GLY F 86 10.97 -13.97 20.26
C GLY F 86 10.80 -12.99 21.40
N VAL F 87 10.37 -13.54 22.53
CA VAL F 87 10.16 -12.77 23.76
C VAL F 87 11.50 -12.25 24.25
N PRO F 88 11.60 -10.97 24.63
CA PRO F 88 12.88 -10.41 25.05
C PRO F 88 13.41 -11.01 26.35
N ASN F 89 14.74 -11.09 26.44
CA ASN F 89 15.41 -11.54 27.65
C ASN F 89 15.72 -10.42 28.63
N TYR F 90 15.63 -9.17 28.18
CA TYR F 90 15.82 -7.96 28.99
C TYR F 90 17.25 -7.91 29.58
N ASP F 91 18.24 -8.14 28.73
CA ASP F 91 19.62 -8.12 29.17
C ASP F 91 20.46 -7.46 28.07
N GLU F 92 21.78 -7.62 28.15
CA GLU F 92 22.69 -7.02 27.19
C GLU F 92 22.66 -7.71 25.83
N THR F 93 21.96 -8.83 25.69
CA THR F 93 21.90 -9.60 24.46
C THR F 93 20.58 -9.39 23.73
N ASP F 94 20.10 -8.16 23.73
CA ASP F 94 18.81 -7.82 23.15
C ASP F 94 18.97 -6.71 22.13
N THR F 95 18.10 -6.70 21.13
CA THR F 95 18.10 -5.68 20.09
C THR F 95 16.86 -4.80 20.23
N PHE F 96 16.97 -3.57 19.75
CA PHE F 96 15.89 -2.60 19.83
C PHE F 96 15.38 -2.23 18.46
N LEU F 97 14.09 -1.90 18.40
CA LEU F 97 13.49 -1.35 17.20
C LEU F 97 13.36 0.17 17.37
N GLY F 98 13.72 0.91 16.33
CA GLY F 98 13.54 2.33 16.34
C GLY F 98 12.09 2.71 16.10
N PRO F 99 11.84 4.01 16.05
CA PRO F 99 10.47 4.47 15.78
C PRO F 99 10.00 4.18 14.37
N GLU F 100 10.93 4.09 13.42
CA GLU F 100 10.59 3.77 12.04
C GLU F 100 10.28 2.30 11.86
N GLY F 101 10.55 1.46 12.85
CA GLY F 101 10.33 0.03 12.75
C GLY F 101 11.54 -0.77 12.34
N GLU F 102 12.68 -0.13 12.11
CA GLU F 102 13.91 -0.80 11.72
C GLU F 102 14.76 -1.05 12.95
N VAL F 103 15.55 -2.12 12.90
CA VAL F 103 16.39 -2.52 14.02
C VAL F 103 17.54 -1.54 14.20
N LEU F 104 17.83 -1.19 15.44
CA LEU F 104 18.96 -0.33 15.76
C LEU F 104 20.19 -1.15 16.08
N VAL F 105 21.36 -0.59 15.77
CA VAL F 105 22.64 -1.19 16.11
C VAL F 105 23.46 -0.15 16.86
N VAL F 106 24.48 -0.62 17.56
CA VAL F 106 25.39 0.30 18.24
C VAL F 106 26.25 0.98 17.20
N ALA F 107 26.38 2.30 17.31
CA ALA F 107 27.11 3.09 16.34
C ALA F 107 28.59 3.14 16.71
N LEU F 108 29.45 2.87 15.73
CA LEU F 108 30.88 2.81 15.93
C LEU F 108 31.48 4.14 15.49
N ASN F 109 32.60 4.52 16.11
CA ASN F 109 33.23 5.79 15.77
C ASN F 109 34.44 5.62 14.85
N GLN F 113 35.59 1.81 17.57
CA GLN F 113 34.92 1.13 18.69
C GLN F 113 33.55 1.73 18.95
N ALA F 114 32.80 1.12 19.87
CA ALA F 114 31.43 1.53 20.13
C ALA F 114 31.38 2.84 20.90
N ASP F 115 30.39 3.66 20.58
CA ASP F 115 30.18 4.91 21.30
C ASP F 115 29.62 4.64 22.69
N ILE F 116 30.51 4.57 23.68
CA ILE F 116 30.14 4.38 25.08
C ILE F 116 30.77 5.51 25.87
N ARG F 117 29.95 6.35 26.47
CA ARG F 117 30.48 7.40 27.33
C ARG F 117 29.71 7.43 28.63
N SER F 118 30.33 8.03 29.63
CA SER F 118 29.81 8.08 30.99
C SER F 118 29.37 9.51 31.27
N GLU F 119 28.07 9.70 31.50
CA GLU F 119 27.50 11.03 31.68
C GLU F 119 26.63 11.08 32.93
N SER F 120 26.70 12.20 33.64
CA SER F 120 25.86 12.44 34.80
C SER F 120 25.05 13.73 34.66
N SER F 121 25.13 14.41 33.52
CA SER F 121 24.54 15.73 33.35
C SER F 121 23.91 15.82 31.97
N LEU F 122 22.62 16.08 31.92
CA LEU F 122 21.90 16.30 30.66
C LEU F 122 21.32 17.70 30.68
N GLN F 123 21.75 18.53 29.74
CA GLN F 123 21.27 19.90 29.53
C GLN F 123 21.48 20.78 30.77
N GLY F 124 22.62 20.58 31.43
CA GLY F 124 22.97 21.34 32.60
C GLY F 124 22.37 20.84 33.89
N ILE F 125 21.46 19.89 33.84
CA ILE F 125 20.72 19.42 35.01
C ILE F 125 21.41 18.17 35.55
N ASN F 126 21.69 18.18 36.85
CA ASN F 126 22.22 16.98 37.50
C ASN F 126 21.13 15.92 37.59
N LEU F 127 21.42 14.74 37.07
CA LEU F 127 20.42 13.69 37.01
C LEU F 127 20.34 12.87 38.29
N GLY F 128 21.33 12.96 39.16
CA GLY F 128 21.37 12.20 40.38
C GLY F 128 22.19 10.93 40.31
N ALA F 129 22.45 10.43 39.10
CA ALA F 129 23.25 9.22 38.94
C ALA F 129 24.17 9.38 37.74
N THR F 130 25.02 8.39 37.52
CA THR F 130 25.93 8.36 36.39
C THR F 130 25.44 7.32 35.40
N PHE F 131 25.19 7.75 34.17
CA PHE F 131 24.56 6.91 33.17
C PHE F 131 25.58 6.47 32.13
N THR F 132 25.34 5.28 31.57
CA THR F 132 26.16 4.74 30.48
C THR F 132 25.44 5.03 29.17
N VAL F 133 25.76 6.17 28.57
CA VAL F 133 25.12 6.59 27.33
C VAL F 133 25.69 5.79 26.18
N THR F 134 24.81 5.23 25.34
CA THR F 134 25.21 4.42 24.19
C THR F 134 24.50 4.96 22.96
N CYS F 135 25.26 5.57 22.06
CA CYS F 135 24.68 6.07 20.82
C CYS F 135 24.32 4.91 19.90
N TYR F 136 23.05 4.82 19.54
CA TYR F 136 22.58 3.84 18.57
C TYR F 136 22.38 4.49 17.22
N ARG F 137 21.98 3.67 16.26
CA ARG F 137 21.88 4.09 14.87
C ARG F 137 21.01 3.09 14.15
N SER F 138 20.19 3.57 13.22
CA SER F 138 19.37 2.67 12.42
C SER F 138 20.24 1.89 11.46
N ARG F 139 19.91 0.61 11.26
CA ARG F 139 20.71 -0.23 10.39
C ARG F 139 20.37 -0.05 8.91
N LEU F 140 19.32 0.68 8.60
CA LEU F 140 18.99 1.08 7.22
C LEU F 140 18.68 2.57 7.29
N GLU F 141 19.69 3.39 7.05
CA GLU F 141 19.60 4.80 7.37
C GLU F 141 18.76 5.56 6.36
N SER F 142 17.73 6.25 6.86
CA SER F 142 16.91 7.09 6.00
C SER F 142 16.92 8.53 6.50
N HIS F 143 16.73 8.72 7.80
CA HIS F 143 16.61 10.05 8.34
C HIS F 143 17.92 10.60 8.89
N PHE F 144 18.87 9.73 9.24
CA PHE F 144 20.16 10.08 9.85
C PHE F 144 20.00 10.77 11.20
N ASN F 145 19.05 10.30 12.00
CA ASN F 145 18.98 10.73 13.39
C ASN F 145 19.71 9.72 14.26
N ARG F 146 20.19 10.19 15.40
CA ARG F 146 20.92 9.33 16.31
C ARG F 146 20.14 9.15 17.60
N LEU F 147 20.39 8.04 18.27
CA LEU F 147 19.59 7.60 19.40
C LEU F 147 20.53 7.21 20.53
N GLU F 148 20.33 7.78 21.70
CA GLU F 148 21.15 7.50 22.85
C GLU F 148 20.36 6.66 23.84
N TYR F 149 20.92 5.53 24.24
CA TYR F 149 20.35 4.72 25.31
C TYR F 149 21.08 5.10 26.59
N TRP F 150 20.42 5.90 27.42
CA TRP F 150 20.92 6.23 28.73
C TRP F 150 20.48 5.14 29.69
N GLN F 151 21.43 4.52 30.39
CA GLN F 151 21.10 3.51 31.37
C GLN F 151 21.97 3.68 32.61
N PRO F 152 21.40 3.63 33.81
CA PRO F 152 22.16 3.98 35.01
C PRO F 152 23.08 2.85 35.46
N GLN F 153 24.22 3.25 36.01
CA GLN F 153 25.08 2.29 36.68
C GLN F 153 24.62 2.07 38.11
N THR F 154 24.13 3.13 38.76
CA THR F 154 23.61 3.04 40.10
C THR F 154 22.27 2.32 40.11
N THR F 155 22.05 1.50 41.13
CA THR F 155 20.73 0.94 41.37
C THR F 155 19.88 1.95 42.13
N GLY F 156 18.81 2.43 41.50
CA GLY F 156 17.94 3.40 42.12
C GLY F 156 17.35 4.40 41.14
N ALA F 157 18.00 4.56 40.00
CA ALA F 157 17.48 5.38 38.91
C ALA F 157 16.88 4.46 37.85
N THR F 158 16.52 5.02 36.70
CA THR F 158 15.94 4.23 35.63
C THR F 158 16.49 4.72 34.29
N ASP F 159 16.28 3.90 33.27
CA ASP F 159 16.85 4.11 31.95
C ASP F 159 15.86 4.80 31.02
N PHE F 160 16.40 5.55 30.06
CA PHE F 160 15.58 6.29 29.13
C PHE F 160 16.34 6.43 27.82
N TRP F 161 15.69 7.07 26.85
CA TRP F 161 16.26 7.27 25.52
C TRP F 161 16.21 8.74 25.14
N LEU F 162 17.12 9.13 24.26
CA LEU F 162 17.09 10.42 23.59
C LEU F 162 17.16 10.18 22.09
N ILE F 163 16.45 10.99 21.32
CA ILE F 163 16.53 10.96 19.87
C ILE F 163 16.86 12.36 19.40
N TYR F 164 17.95 12.49 18.65
CA TYR F 164 18.36 13.77 18.08
C TYR F 164 18.02 13.74 16.60
N SER F 165 16.85 14.27 16.27
CA SER F 165 16.46 14.38 14.88
C SER F 165 17.29 15.47 14.20
N PRO F 166 17.51 15.37 12.88
CA PRO F 166 18.46 16.28 12.23
C PRO F 166 17.97 17.71 12.07
N ASP F 167 16.69 18.00 12.31
CA ASP F 167 16.20 19.36 12.19
C ASP F 167 16.28 20.12 13.51
N GLY F 168 17.19 19.73 14.40
CA GLY F 168 17.42 20.43 15.63
C GLY F 168 16.59 19.98 16.80
N GLN F 169 15.67 19.04 16.60
CA GLN F 169 14.82 18.60 17.70
C GLN F 169 15.54 17.54 18.52
N VAL F 170 15.27 17.55 19.82
CA VAL F 170 15.71 16.50 20.72
C VAL F 170 14.47 15.93 21.40
N HIS F 171 14.38 14.62 21.46
CA HIS F 171 13.24 13.93 22.05
C HIS F 171 13.67 13.20 23.32
N LEU F 172 12.71 13.03 24.23
CA LEU F 172 12.91 12.30 25.47
C LEU F 172 11.88 11.19 25.52
N LEU F 173 12.31 9.95 25.47
CA LEU F 173 11.41 8.82 25.33
C LEU F 173 11.45 7.98 26.60
N GLY F 174 10.39 8.05 27.38
CA GLY F 174 10.20 7.17 28.52
C GLY F 174 11.15 7.38 29.66
N LYS F 175 11.11 8.55 30.29
CA LYS F 175 11.95 8.77 31.46
C LYS F 175 11.22 8.45 32.76
N ASN F 176 10.03 8.89 32.88
CA ASN F 176 9.09 8.70 33.98
C ASN F 176 8.22 7.49 33.71
N PRO F 177 7.75 6.80 34.76
CA PRO F 177 6.96 5.57 34.56
C PRO F 177 5.61 5.77 33.90
N GLN F 178 5.14 7.00 33.74
CA GLN F 178 3.89 7.22 33.03
C GLN F 178 4.05 7.01 31.52
N ALA F 179 5.28 7.05 31.01
CA ALA F 179 5.56 6.89 29.59
C ALA F 179 6.42 5.68 29.34
N ARG F 180 6.30 4.64 30.16
CA ARG F 180 7.02 3.40 29.97
C ARG F 180 6.05 2.24 30.08
N ILE F 181 6.10 1.33 29.12
CA ILE F 181 5.39 0.07 29.22
C ILE F 181 6.39 -0.95 29.75
N SER F 182 6.26 -1.29 31.03
CA SER F 182 7.21 -2.16 31.70
C SER F 182 6.48 -3.36 32.29
N ASN F 183 7.24 -4.34 32.71
CA ASN F 183 6.68 -5.55 33.32
C ASN F 183 6.07 -5.19 34.66
N PRO F 184 4.81 -5.56 34.93
CA PRO F 184 4.19 -5.15 36.20
C PRO F 184 4.79 -5.81 37.42
N LEU F 185 5.54 -6.90 37.26
CA LEU F 185 6.20 -7.55 38.38
C LEU F 185 7.61 -7.01 38.58
N ASN F 186 8.43 -7.06 37.53
CA ASN F 186 9.77 -6.48 37.53
C ASN F 186 9.70 -5.11 36.87
N VAL F 187 9.81 -4.05 37.67
CA VAL F 187 9.63 -2.69 37.14
C VAL F 187 10.84 -2.23 36.33
N ASN F 188 11.97 -2.90 36.44
CA ASN F 188 13.12 -2.57 35.61
C ASN F 188 13.02 -3.17 34.21
N GLN F 189 12.17 -4.17 34.01
CA GLN F 189 11.99 -4.79 32.71
C GLN F 189 11.11 -3.90 31.85
N THR F 190 11.72 -2.91 31.21
CA THR F 190 10.97 -2.03 30.32
C THR F 190 10.91 -2.65 28.93
N ALA F 191 9.75 -2.54 28.29
CA ALA F 191 9.55 -3.07 26.96
C ALA F 191 9.27 -2.03 25.89
N GLN F 192 8.93 -0.81 26.27
CA GLN F 192 8.53 0.21 25.32
C GLN F 192 8.74 1.57 25.97
N TRP F 193 9.70 2.34 25.47
CA TRP F 193 9.94 3.68 25.95
C TRP F 193 9.13 4.64 25.08
N LEU F 194 8.05 5.17 25.65
CA LEU F 194 7.13 6.01 24.91
C LEU F 194 7.61 7.45 24.94
N LEU F 195 7.29 8.20 23.88
CA LEU F 195 7.78 9.57 23.75
C LEU F 195 7.13 10.48 24.78
N GLU F 196 7.95 11.16 25.57
CA GLU F 196 7.49 11.94 26.70
C GLU F 196 7.52 13.44 26.42
N ALA F 197 8.62 13.96 25.91
CA ALA F 197 8.72 15.38 25.63
C ALA F 197 9.63 15.61 24.44
N SER F 198 9.46 16.78 23.82
CA SER F 198 10.28 17.22 22.70
C SER F 198 10.68 18.67 22.91
N ILE F 199 11.87 19.02 22.45
CA ILE F 199 12.34 20.40 22.40
C ILE F 199 12.65 20.71 20.94
N SER F 200 12.24 21.87 20.46
CA SER F 200 12.67 22.28 19.14
C SER F 200 13.96 23.07 19.27
N SER F 201 14.47 23.56 18.13
CA SER F 201 15.67 24.37 18.15
C SER F 201 15.43 25.77 18.69
N HIS F 202 14.18 26.23 18.68
CA HIS F 202 13.82 27.57 19.15
C HIS F 202 13.18 27.55 20.52
N SER F 203 13.52 26.56 21.34
CA SER F 203 13.09 26.40 22.73
C SER F 203 11.57 26.27 22.85
N GLU F 204 10.93 25.70 21.85
CA GLU F 204 9.52 25.34 21.93
C GLU F 204 9.40 23.89 22.35
N GLN F 205 8.48 23.63 23.27
CA GLN F 205 8.38 22.34 23.92
C GLN F 205 7.01 21.72 23.70
N ILE F 206 6.99 20.39 23.62
CA ILE F 206 5.77 19.60 23.63
C ILE F 206 5.92 18.59 24.77
N TYR F 207 4.83 18.32 25.47
CA TYR F 207 4.83 17.32 26.55
C TYR F 207 3.67 16.36 26.33
N TYR F 208 3.95 15.06 26.42
CA TYR F 208 2.98 14.02 26.15
C TYR F 208 2.57 13.36 27.44
N GLN F 209 1.27 13.29 27.69
CA GLN F 209 0.71 12.80 28.95
C GLN F 209 -0.06 11.52 28.67
N TYR F 210 0.33 10.44 29.32
CA TYR F 210 -0.29 9.14 29.15
C TYR F 210 -1.05 8.74 30.41
N ARG F 211 -2.07 7.91 30.22
CA ARG F 211 -2.86 7.37 31.32
C ARG F 211 -2.72 5.86 31.33
N ALA F 212 -2.72 5.28 32.53
CA ALA F 212 -2.60 3.85 32.64
C ALA F 212 -3.97 3.19 32.54
N GLU F 213 -3.95 1.88 32.26
CA GLU F 213 -5.18 1.12 32.31
C GLU F 213 -5.62 0.91 33.74
N ASP F 214 -6.93 0.82 33.95
CA ASP F 214 -7.49 0.60 35.27
C ASP F 214 -8.69 -0.31 35.18
N GLU F 215 -9.24 -0.68 36.32
CA GLU F 215 -10.39 -1.59 36.41
C GLU F 215 -11.69 -0.80 36.49
N ALA F 216 -11.92 0.04 35.49
CA ALA F 216 -13.05 0.97 35.49
C ALA F 216 -14.06 0.53 34.45
N GLY F 217 -15.30 0.27 34.90
CA GLY F 217 -16.38 -0.01 34.00
C GLY F 217 -16.40 -1.41 33.41
N CYS F 218 -15.57 -2.32 33.90
CA CYS F 218 -15.55 -3.68 33.43
C CYS F 218 -16.12 -4.61 34.51
N GLU F 219 -16.79 -5.67 34.06
CA GLU F 219 -17.50 -6.57 34.98
C GLU F 219 -16.52 -7.46 35.73
N THR F 220 -17.07 -8.37 36.54
CA THR F 220 -16.24 -9.23 37.36
C THR F 220 -15.68 -10.41 36.59
N ASP F 221 -16.25 -10.75 35.44
CA ASP F 221 -15.65 -11.77 34.60
C ASP F 221 -14.38 -11.25 33.94
N GLU F 222 -14.31 -9.95 33.71
CA GLU F 222 -13.08 -9.33 33.22
C GLU F 222 -12.04 -9.25 34.33
N LEU F 223 -12.45 -8.90 35.54
CA LEU F 223 -11.51 -8.71 36.63
C LEU F 223 -11.00 -10.02 37.21
N ALA F 224 -11.71 -11.12 37.00
CA ALA F 224 -11.22 -12.40 37.47
C ALA F 224 -10.12 -12.94 36.58
N ALA F 225 -10.28 -12.81 35.26
CA ALA F 225 -9.32 -13.40 34.33
C ALA F 225 -8.09 -12.52 34.14
N HIS F 226 -8.26 -11.20 34.18
CA HIS F 226 -7.18 -10.24 33.95
C HIS F 226 -7.13 -9.29 35.15
N PRO F 227 -6.58 -9.75 36.29
CA PRO F 227 -6.69 -8.99 37.54
C PRO F 227 -5.91 -7.68 37.59
N SER F 228 -4.60 -7.75 37.43
CA SER F 228 -3.77 -6.54 37.49
C SER F 228 -3.33 -6.13 36.10
N ALA F 229 -4.30 -5.63 35.33
CA ALA F 229 -4.01 -5.12 33.99
C ALA F 229 -3.92 -3.60 34.06
N THR F 230 -2.80 -3.13 34.60
CA THR F 230 -2.51 -1.72 34.75
C THR F 230 -1.17 -1.38 34.11
N VAL F 231 -0.96 -1.89 32.89
CA VAL F 231 0.30 -1.74 32.18
C VAL F 231 0.14 -0.96 30.89
N GLN F 232 -0.96 -1.14 30.17
CA GLN F 232 -1.13 -0.53 28.87
C GLN F 232 -1.42 0.96 28.99
N ARG F 233 -0.66 1.77 28.26
CA ARG F 233 -0.79 3.22 28.29
C ARG F 233 -1.58 3.73 27.11
N TYR F 234 -2.38 4.76 27.36
CA TYR F 234 -3.09 5.50 26.32
C TYR F 234 -2.64 6.94 26.35
N LEU F 235 -2.40 7.51 25.17
CA LEU F 235 -2.09 8.93 25.08
C LEU F 235 -3.34 9.73 25.41
N GLN F 236 -3.32 10.41 26.54
CA GLN F 236 -4.50 11.08 27.08
C GLN F 236 -4.61 12.50 26.57
N THR F 237 -3.58 13.32 26.80
CA THR F 237 -3.55 14.68 26.28
C THR F 237 -2.12 15.04 25.95
N VAL F 238 -1.95 15.94 24.99
CA VAL F 238 -0.64 16.41 24.56
C VAL F 238 -0.58 17.90 24.81
N HIS F 239 0.36 18.31 25.66
CA HIS F 239 0.55 19.71 26.01
C HIS F 239 1.61 20.32 25.11
N TYR F 240 1.28 21.42 24.47
CA TYR F 240 2.28 22.23 23.79
C TYR F 240 1.87 23.68 23.95
N GLY F 241 2.53 24.57 23.23
CA GLY F 241 2.34 25.98 23.51
C GLY F 241 3.14 26.39 24.73
N ASN F 242 4.46 26.28 24.60
CA ASN F 242 5.40 26.59 25.66
C ASN F 242 5.27 28.04 26.10
N LEU F 243 4.86 28.26 27.35
CA LEU F 243 4.54 29.60 27.80
C LEU F 243 5.80 30.42 28.05
N THR F 244 6.91 29.79 28.40
CA THR F 244 8.20 30.45 28.40
C THR F 244 9.23 29.56 27.72
N ALA F 245 10.26 30.18 27.16
CA ALA F 245 11.24 29.46 26.36
C ALA F 245 12.25 28.78 27.28
N SER F 246 12.48 27.49 27.06
CA SER F 246 13.52 26.76 27.75
C SER F 246 13.93 25.58 26.89
N ASP F 247 15.24 25.34 26.82
CA ASP F 247 15.79 24.23 26.06
C ASP F 247 16.00 22.98 26.91
N VAL F 248 15.50 22.97 28.14
CA VAL F 248 15.59 21.81 28.99
C VAL F 248 14.24 21.10 28.99
N PHE F 249 14.27 19.81 29.31
CA PHE F 249 13.05 19.01 29.28
C PHE F 249 12.17 19.35 30.47
N PRO F 250 10.84 19.28 30.31
CA PRO F 250 9.94 19.72 31.39
C PRO F 250 9.87 18.78 32.59
N THR F 251 10.51 17.62 32.55
CA THR F 251 10.46 16.70 33.68
C THR F 251 11.84 16.18 34.08
N LEU F 252 12.93 16.77 33.57
CA LEU F 252 14.25 16.42 34.05
C LEU F 252 14.45 16.89 35.48
N ASN F 253 14.00 18.11 35.78
CA ASN F 253 14.24 18.75 37.06
C ASN F 253 13.35 18.19 38.16
N GLY F 254 12.32 17.42 37.81
CA GLY F 254 11.45 16.77 38.79
C GLY F 254 10.54 17.72 39.52
N ASP F 255 9.87 18.60 38.79
CA ASP F 255 9.05 19.64 39.41
C ASP F 255 7.73 19.84 38.66
N ASP F 256 6.97 18.73 38.46
CA ASP F 256 5.59 18.74 37.98
C ASP F 256 5.44 19.36 36.59
N PRO F 257 5.70 18.58 35.52
CA PRO F 257 5.88 19.15 34.17
C PRO F 257 4.72 19.94 33.59
N LEU F 258 3.53 19.93 34.19
CA LEU F 258 2.46 20.80 33.77
C LEU F 258 2.13 21.86 34.81
N LYS F 259 3.00 22.06 35.80
CA LYS F 259 2.97 23.30 36.56
C LYS F 259 3.62 24.43 35.77
N SER F 260 4.45 24.09 34.78
CA SER F 260 4.82 25.05 33.75
C SER F 260 3.60 25.33 32.89
N GLY F 261 3.51 26.56 32.40
CA GLY F 261 2.34 26.95 31.64
C GLY F 261 2.34 26.37 30.24
N TRP F 262 1.16 25.96 29.78
CA TRP F 262 0.95 25.59 28.40
C TRP F 262 -0.26 26.36 27.89
N MET F 263 -0.33 26.54 26.57
CA MET F 263 -1.44 27.27 25.98
C MET F 263 -2.34 26.44 25.07
N PHE F 264 -1.88 25.28 24.60
CA PHE F 264 -2.68 24.42 23.75
C PHE F 264 -2.63 23.00 24.29
N CYS F 265 -3.78 22.33 24.27
CA CYS F 265 -3.90 20.97 24.82
C CYS F 265 -4.74 20.14 23.86
N LEU F 266 -4.14 19.10 23.29
CA LEU F 266 -4.83 18.19 22.38
C LEU F 266 -5.27 16.97 23.17
N VAL F 267 -6.53 16.96 23.59
CA VAL F 267 -7.06 15.96 24.51
C VAL F 267 -7.65 14.81 23.71
N PHE F 268 -7.20 13.59 24.00
CA PHE F 268 -7.81 12.37 23.46
C PHE F 268 -8.80 11.84 24.48
N ASP F 269 -10.05 11.68 24.05
CA ASP F 269 -11.14 11.30 24.94
C ASP F 269 -11.50 9.84 24.72
N TYR F 270 -11.68 9.11 25.81
CA TYR F 270 -11.94 7.66 25.75
C TYR F 270 -13.27 7.29 26.35
N GLY F 271 -14.20 8.24 26.44
CA GLY F 271 -15.53 7.98 26.97
C GLY F 271 -15.86 8.79 28.20
N GLU F 272 -14.99 9.67 28.66
CA GLU F 272 -15.22 10.40 29.90
C GLU F 272 -16.28 11.48 29.73
N ARG F 273 -16.16 12.28 28.68
CA ARG F 273 -17.06 13.40 28.45
C ARG F 273 -18.24 12.99 27.58
N LYS F 274 -19.17 13.92 27.40
CA LYS F 274 -20.37 13.64 26.63
C LYS F 274 -20.05 13.57 25.14
N ASN F 275 -20.64 12.58 24.46
CA ASN F 275 -20.35 12.32 23.05
C ASN F 275 -21.53 12.63 22.16
N SER F 276 -22.52 13.36 22.65
CA SER F 276 -23.60 13.79 21.77
C SER F 276 -23.19 15.03 21.00
N LEU F 277 -23.97 15.36 19.99
CA LEU F 277 -23.60 16.41 19.04
C LEU F 277 -23.68 17.79 19.68
N SER F 278 -24.56 17.96 20.66
CA SER F 278 -24.94 19.27 21.16
C SER F 278 -24.68 19.46 22.65
N GLU F 279 -23.51 19.07 23.17
CA GLU F 279 -23.33 19.17 24.62
C GLU F 279 -22.06 19.93 24.99
N MET F 280 -21.14 20.16 24.02
CA MET F 280 -19.88 20.89 24.20
C MET F 280 -19.03 20.34 25.34
N PRO F 281 -18.28 19.26 25.10
CA PRO F 281 -17.50 18.63 26.18
C PRO F 281 -16.44 19.54 26.77
N LEU F 282 -16.26 19.41 28.08
CA LEU F 282 -15.40 20.30 28.85
C LEU F 282 -13.99 19.73 28.97
N PHE F 283 -13.10 20.54 29.54
CA PHE F 283 -11.71 20.11 29.69
C PHE F 283 -11.59 19.04 30.76
N LYS F 284 -12.07 19.31 31.97
CA LYS F 284 -12.14 18.28 32.98
C LYS F 284 -13.51 17.62 32.93
N ALA F 285 -13.53 16.32 33.19
CA ALA F 285 -14.65 15.48 32.80
C ALA F 285 -15.51 15.09 34.00
N THR F 286 -16.79 14.89 33.71
CA THR F 286 -17.77 14.54 34.73
C THR F 286 -17.67 13.08 35.15
N GLY F 287 -17.28 12.20 34.22
CA GLY F 287 -17.27 10.78 34.50
C GLY F 287 -15.97 10.09 34.14
N ASN F 288 -16.03 8.78 33.95
CA ASN F 288 -14.86 7.96 33.71
C ASN F 288 -15.01 7.29 32.36
N TRP F 289 -13.90 6.73 31.86
CA TRP F 289 -13.88 6.18 30.52
C TRP F 289 -14.65 4.86 30.45
N LEU F 290 -14.90 4.41 29.22
CA LEU F 290 -15.75 3.27 28.96
C LEU F 290 -14.93 2.04 28.61
N CYS F 291 -15.39 0.89 29.10
CA CYS F 291 -14.73 -0.39 28.88
C CYS F 291 -15.42 -1.04 27.68
N ARG F 292 -14.66 -1.23 26.60
CA ARG F 292 -15.26 -1.59 25.32
C ARG F 292 -15.67 -3.06 25.27
N LYS F 293 -16.08 -3.50 24.09
CA LYS F 293 -16.60 -4.86 23.94
C LYS F 293 -15.56 -5.83 23.42
N ASP F 294 -14.69 -5.42 22.51
CA ASP F 294 -13.64 -6.29 21.99
C ASP F 294 -12.36 -6.00 22.76
N ARG F 295 -12.35 -6.35 24.03
CA ARG F 295 -11.15 -6.22 24.86
C ARG F 295 -10.24 -7.38 24.48
N PHE F 296 -9.26 -7.11 23.63
CA PHE F 296 -8.32 -8.12 23.18
C PHE F 296 -7.15 -8.18 24.16
N SER F 297 -6.05 -8.83 23.79
CA SER F 297 -4.88 -8.92 24.67
C SER F 297 -3.66 -9.28 23.83
N ARG F 298 -2.49 -8.94 24.36
CA ARG F 298 -1.23 -9.14 23.65
C ARG F 298 -0.18 -9.67 24.61
N TYR F 299 0.55 -10.71 24.19
CA TYR F 299 1.49 -11.40 25.06
C TYR F 299 2.89 -11.48 24.48
N GLU F 300 3.25 -10.60 23.56
CA GLU F 300 4.53 -10.74 22.88
C GLU F 300 5.70 -10.16 23.66
N TYR F 301 5.48 -9.63 24.85
CA TYR F 301 6.54 -9.00 25.62
C TYR F 301 6.94 -9.80 26.84
N GLY F 302 6.35 -10.97 27.06
CA GLY F 302 6.54 -11.70 28.29
C GLY F 302 5.55 -11.36 29.38
N PHE F 303 4.65 -10.41 29.13
CA PHE F 303 3.57 -10.10 30.04
C PHE F 303 2.36 -9.73 29.19
N GLU F 304 1.26 -9.41 29.86
CA GLU F 304 -0.02 -9.22 29.20
C GLU F 304 -0.34 -7.74 29.07
N LEU F 305 -0.52 -7.28 27.83
CA LEU F 305 -1.03 -5.95 27.55
C LEU F 305 -2.51 -6.07 27.28
N ARG F 306 -3.32 -5.23 27.91
CA ARG F 306 -4.75 -5.50 27.87
C ARG F 306 -5.50 -4.72 26.79
N THR F 307 -5.35 -3.39 26.75
CA THR F 307 -6.01 -2.51 25.78
C THR F 307 -7.54 -2.62 25.85
N ARG F 308 -8.08 -2.07 26.93
CA ARG F 308 -9.51 -2.11 27.24
C ARG F 308 -10.32 -0.94 26.68
N ARG F 309 -9.71 0.07 26.06
CA ARG F 309 -10.43 1.30 25.76
C ARG F 309 -10.41 1.62 24.27
N LEU F 310 -11.39 2.43 23.86
CA LEU F 310 -11.47 3.04 22.53
C LEU F 310 -11.48 4.55 22.70
N CYS F 311 -11.10 5.25 21.64
CA CYS F 311 -11.02 6.72 21.66
C CYS F 311 -12.26 7.30 21.00
N ARG F 312 -13.09 7.97 21.81
CA ARG F 312 -14.36 8.47 21.28
C ARG F 312 -14.20 9.83 20.61
N GLN F 313 -13.49 10.75 21.24
CA GLN F 313 -13.33 12.09 20.71
C GLN F 313 -11.86 12.49 20.71
N ILE F 314 -11.51 13.36 19.77
CA ILE F 314 -10.21 14.01 19.73
C ILE F 314 -10.48 15.50 19.84
N LEU F 315 -10.16 16.07 21.00
CA LEU F 315 -10.49 17.45 21.32
C LEU F 315 -9.26 18.33 21.26
N MET F 316 -9.48 19.62 21.02
CA MET F 316 -8.43 20.61 20.99
C MET F 316 -8.84 21.76 21.89
N PHE F 317 -7.95 22.15 22.79
CA PHE F 317 -8.24 23.18 23.78
C PHE F 317 -7.20 24.29 23.69
N HIS F 318 -7.64 25.52 23.92
CA HIS F 318 -6.79 26.69 24.01
C HIS F 318 -7.00 27.36 25.35
N ARG F 319 -5.94 27.91 25.92
CA ARG F 319 -6.06 28.78 27.09
C ARG F 319 -6.26 30.18 26.55
N LEU F 320 -7.52 30.57 26.43
CA LEU F 320 -7.86 31.83 25.77
C LEU F 320 -7.56 33.04 26.63
N GLN F 321 -7.71 32.92 27.94
CA GLN F 321 -7.37 34.03 28.82
C GLN F 321 -5.87 34.15 29.04
N THR F 322 -5.10 33.16 28.62
CA THR F 322 -3.64 33.25 28.62
C THR F 322 -3.12 33.90 27.36
N LEU F 323 -3.71 33.56 26.21
CA LEU F 323 -3.25 34.11 24.93
C LEU F 323 -3.54 35.61 24.83
N SER F 324 -4.73 36.02 25.23
CA SER F 324 -4.96 37.42 25.57
C SER F 324 -4.17 37.72 26.83
N GLY F 325 -3.58 38.90 26.93
CA GLY F 325 -2.74 39.21 28.07
C GLY F 325 -3.46 39.45 29.38
N GLN F 326 -4.27 38.49 29.82
CA GLN F 326 -5.03 38.60 31.04
C GLN F 326 -4.57 37.57 32.09
N ALA F 327 -4.63 36.29 31.78
CA ALA F 327 -4.17 35.26 32.67
C ALA F 327 -2.79 34.78 32.23
N LYS F 328 -2.13 34.03 33.12
CA LYS F 328 -0.79 33.53 32.84
C LYS F 328 -0.73 32.02 32.94
N GLY F 329 -1.71 31.33 32.37
CA GLY F 329 -1.68 29.89 32.26
C GLY F 329 -2.50 29.14 33.28
N ASP F 330 -3.24 29.83 34.14
CA ASP F 330 -3.96 29.19 35.24
C ASP F 330 -5.45 29.06 34.98
N ASP F 331 -5.94 29.47 33.82
CA ASP F 331 -7.36 29.39 33.52
C ASP F 331 -7.72 28.04 32.92
N GLU F 332 -9.01 27.79 32.84
CA GLU F 332 -9.50 26.53 32.28
C GLU F 332 -9.47 26.61 30.75
N PRO F 333 -8.91 25.61 30.07
CA PRO F 333 -8.80 25.67 28.61
C PRO F 333 -10.14 25.47 27.94
N ALA F 334 -10.45 26.33 26.98
CA ALA F 334 -11.74 26.31 26.32
C ALA F 334 -11.66 25.55 25.01
N LEU F 335 -12.77 24.90 24.65
CA LEU F 335 -12.80 24.05 23.48
C LEU F 335 -12.80 24.90 22.21
N VAL F 336 -11.95 24.51 21.26
CA VAL F 336 -11.92 25.17 19.96
C VAL F 336 -12.14 24.22 18.80
N SER F 337 -11.95 22.91 18.97
CA SER F 337 -12.07 21.97 17.88
C SER F 337 -12.42 20.61 18.45
N ARG F 338 -13.21 19.85 17.69
CA ARG F 338 -13.74 18.59 18.19
C ARG F 338 -13.92 17.62 17.04
N LEU F 339 -13.34 16.44 17.16
CA LEU F 339 -13.65 15.30 16.31
C LEU F 339 -14.51 14.32 17.09
N ILE F 340 -15.40 13.63 16.38
CA ILE F 340 -16.29 12.65 16.99
C ILE F 340 -16.09 11.33 16.26
N LEU F 341 -15.54 10.34 16.94
CA LEU F 341 -15.24 9.05 16.34
C LEU F 341 -16.29 8.05 16.78
N ASP F 342 -17.05 7.52 15.83
CA ASP F 342 -18.10 6.54 16.13
C ASP F 342 -17.68 5.16 15.69
N TYR F 343 -18.06 4.16 16.47
CA TYR F 343 -17.64 2.79 16.28
C TYR F 343 -18.85 1.87 16.27
N ASP F 344 -18.73 0.76 15.54
CA ASP F 344 -19.70 -0.32 15.63
C ASP F 344 -19.10 -1.43 16.48
N GLU F 345 -19.48 -1.46 17.76
CA GLU F 345 -18.95 -2.42 18.73
C GLU F 345 -19.77 -3.69 18.60
N ASN F 346 -19.10 -4.82 18.41
CA ASN F 346 -19.80 -6.09 18.28
C ASN F 346 -19.08 -7.24 18.95
N ALA F 347 -18.22 -6.95 19.93
CA ALA F 347 -17.54 -7.90 20.82
C ALA F 347 -16.58 -8.85 20.11
N MET F 348 -16.38 -8.72 18.81
CA MET F 348 -15.30 -9.39 18.10
C MET F 348 -14.26 -8.39 17.60
N VAL F 349 -14.70 -7.39 16.84
CA VAL F 349 -13.87 -6.24 16.48
C VAL F 349 -14.73 -4.99 16.62
N SER F 350 -14.09 -3.89 16.99
CA SER F 350 -14.68 -2.57 16.86
C SER F 350 -14.08 -1.90 15.64
N THR F 351 -14.93 -1.34 14.80
CA THR F 351 -14.50 -0.71 13.56
C THR F 351 -14.95 0.74 13.56
N LEU F 352 -14.03 1.63 13.23
CA LEU F 352 -14.31 3.07 13.19
C LEU F 352 -15.14 3.38 11.96
N VAL F 353 -16.40 3.76 12.17
CA VAL F 353 -17.34 3.88 11.06
C VAL F 353 -17.72 5.32 10.74
N SER F 354 -17.39 6.29 11.59
CA SER F 354 -17.83 7.65 11.35
C SER F 354 -16.94 8.64 12.09
N VAL F 355 -16.41 9.61 11.37
CA VAL F 355 -15.60 10.69 11.92
C VAL F 355 -16.23 12.00 11.50
N ARG F 356 -16.49 12.88 12.46
CA ARG F 356 -17.14 14.16 12.19
C ARG F 356 -16.47 15.27 12.96
N ARG F 357 -16.21 16.40 12.31
CA ARG F 357 -15.70 17.59 12.95
C ARG F 357 -16.84 18.54 13.31
N VAL F 358 -16.89 18.93 14.58
CA VAL F 358 -17.98 19.75 15.12
C VAL F 358 -17.37 20.97 15.79
N GLY F 359 -17.86 22.15 15.43
CA GLY F 359 -17.55 23.38 16.14
C GLY F 359 -18.78 23.84 16.91
N HIS F 360 -18.56 24.46 18.06
CA HIS F 360 -19.63 24.91 18.94
C HIS F 360 -19.61 26.42 19.03
N GLU F 361 -20.73 27.04 18.72
CA GLU F 361 -20.84 28.49 18.88
C GLU F 361 -21.16 28.83 20.33
N ASP F 362 -20.94 30.08 20.68
CA ASP F 362 -21.15 30.53 22.05
C ASP F 362 -22.64 30.67 22.39
N ASN F 363 -23.50 30.79 21.38
CA ASN F 363 -24.94 30.87 21.62
C ASN F 363 -25.63 29.50 21.58
N ASN F 364 -24.99 28.53 22.23
CA ASN F 364 -25.40 27.12 22.36
C ASN F 364 -25.99 26.56 21.06
N THR F 365 -25.19 26.61 20.01
CA THR F 365 -25.51 25.95 18.75
C THR F 365 -24.28 25.17 18.30
N VAL F 366 -24.39 24.54 17.14
CA VAL F 366 -23.38 23.63 16.64
C VAL F 366 -23.08 23.98 15.18
N THR F 367 -21.81 24.18 14.88
CA THR F 367 -21.34 24.26 13.50
C THR F 367 -20.71 22.91 13.16
N ALA F 368 -21.36 22.15 12.28
CA ALA F 368 -20.94 20.79 11.97
C ALA F 368 -20.65 20.63 10.50
N LEU F 369 -19.67 19.81 10.21
CA LEU F 369 -19.32 19.34 8.89
C LEU F 369 -20.04 18.03 8.61
N PRO F 370 -20.24 17.67 7.34
CA PRO F 370 -20.81 16.35 7.05
C PRO F 370 -19.81 15.26 7.34
N PRO F 371 -20.25 14.15 7.94
CA PRO F 371 -19.30 13.19 8.50
C PRO F 371 -18.64 12.31 7.44
N LEU F 372 -17.36 12.05 7.66
CA LEU F 372 -16.65 11.02 6.90
C LEU F 372 -17.06 9.68 7.47
N GLU F 373 -17.75 8.86 6.68
CA GLU F 373 -18.21 7.58 7.15
C GLU F 373 -17.61 6.44 6.34
N LEU F 374 -17.34 5.34 7.04
CA LEU F 374 -16.49 4.25 6.55
C LEU F 374 -17.24 2.93 6.72
N ALA F 375 -17.17 2.07 5.71
CA ALA F 375 -17.88 0.80 5.71
C ALA F 375 -16.90 -0.35 5.58
N TYR F 376 -17.19 -1.46 6.25
CA TYR F 376 -16.28 -2.59 6.32
C TYR F 376 -16.93 -3.86 5.81
N GLN F 377 -16.10 -4.78 5.34
CA GLN F 377 -16.61 -6.03 4.79
C GLN F 377 -17.13 -6.92 5.91
N PRO F 378 -18.39 -7.33 5.85
CA PRO F 378 -19.00 -8.02 6.99
C PRO F 378 -18.74 -9.52 6.99
N PHE F 379 -18.84 -10.09 8.19
CA PHE F 379 -18.72 -11.53 8.41
C PHE F 379 -20.07 -12.00 8.92
N GLU F 380 -20.92 -12.41 8.00
CA GLU F 380 -22.23 -12.97 8.34
C GLU F 380 -22.25 -14.40 7.80
N PRO F 381 -21.60 -15.34 8.51
CA PRO F 381 -21.48 -16.70 8.00
C PRO F 381 -22.72 -17.55 8.22
N GLU F 382 -23.71 -17.03 8.92
CA GLU F 382 -24.94 -17.77 9.12
C GLU F 382 -25.82 -17.72 7.88
N GLN F 383 -25.74 -16.65 7.11
CA GLN F 383 -26.54 -16.50 5.90
C GLN F 383 -25.78 -16.92 4.65
N THR F 384 -24.54 -16.46 4.50
CA THR F 384 -23.77 -16.65 3.28
C THR F 384 -23.05 -18.00 3.22
N ALA F 385 -23.37 -18.95 4.09
CA ALA F 385 -22.69 -20.23 4.09
C ALA F 385 -23.21 -21.09 2.94
N LEU F 386 -22.33 -21.43 2.01
CA LEU F 386 -22.67 -22.20 0.82
C LEU F 386 -21.92 -23.52 0.83
N TRP F 387 -22.63 -24.60 0.48
CA TRP F 387 -22.03 -25.92 0.38
C TRP F 387 -21.84 -26.28 -1.09
N GLN F 388 -20.65 -26.77 -1.42
CA GLN F 388 -20.31 -27.11 -2.80
C GLN F 388 -19.64 -28.47 -2.84
N SER F 389 -20.01 -29.27 -3.84
CA SER F 389 -19.39 -30.58 -4.02
C SER F 389 -17.95 -30.42 -4.47
N MET F 390 -17.12 -31.39 -4.09
CA MET F 390 -15.68 -31.32 -4.37
C MET F 390 -15.26 -32.64 -5.00
N ASP F 391 -15.41 -32.72 -6.33
CA ASP F 391 -15.00 -33.88 -7.09
C ASP F 391 -13.60 -33.72 -7.66
N VAL F 392 -12.95 -32.60 -7.36
CA VAL F 392 -11.60 -32.37 -7.86
C VAL F 392 -10.62 -33.28 -7.14
N LEU F 393 -10.91 -33.58 -5.88
CA LEU F 393 -9.99 -34.25 -4.97
C LEU F 393 -10.20 -35.75 -4.93
N ALA F 394 -10.44 -36.37 -6.08
CA ALA F 394 -10.78 -37.80 -6.16
C ALA F 394 -9.72 -38.68 -5.50
N ASN F 395 -10.19 -39.61 -4.66
CA ASN F 395 -9.39 -40.51 -3.85
C ASN F 395 -8.51 -39.79 -2.84
N PHE F 396 -8.83 -38.58 -2.43
CA PHE F 396 -8.12 -37.97 -1.31
C PHE F 396 -8.56 -38.64 -0.02
N ASN F 397 -7.61 -38.83 0.88
CA ASN F 397 -7.83 -39.71 2.02
C ASN F 397 -6.79 -39.41 3.09
N THR F 398 -7.24 -39.18 4.32
CA THR F 398 -6.30 -39.04 5.42
C THR F 398 -5.92 -40.38 6.05
N ILE F 399 -6.61 -41.46 5.70
CA ILE F 399 -6.22 -42.78 6.18
C ILE F 399 -5.00 -43.27 5.43
N GLN F 400 -4.90 -42.97 4.14
CA GLN F 400 -3.72 -43.27 3.35
C GLN F 400 -2.78 -42.07 3.36
N ARG F 401 -1.77 -42.08 2.50
CA ARG F 401 -0.70 -41.08 2.57
C ARG F 401 -0.95 -39.91 1.63
N TRP F 402 -2.06 -39.21 1.84
CA TRP F 402 -2.37 -37.99 1.13
C TRP F 402 -2.24 -36.79 2.07
N GLN F 403 -2.06 -35.61 1.49
CA GLN F 403 -1.88 -34.39 2.27
C GLN F 403 -2.33 -33.18 1.47
N LEU F 404 -3.07 -32.29 2.13
CA LEU F 404 -3.25 -30.92 1.64
C LEU F 404 -2.12 -30.07 2.17
N LEU F 405 -1.10 -29.86 1.35
CA LEU F 405 -0.05 -28.92 1.70
C LEU F 405 0.51 -28.37 0.40
N ASP F 406 1.31 -27.31 0.52
CA ASP F 406 2.01 -26.77 -0.63
C ASP F 406 3.50 -27.07 -0.53
N LEU F 407 3.99 -27.86 -1.47
CA LEU F 407 5.38 -27.79 -1.86
C LEU F 407 5.54 -26.61 -2.82
N LYS F 408 6.76 -26.46 -3.36
CA LYS F 408 7.11 -25.45 -4.37
C LYS F 408 6.91 -24.01 -3.87
N GLY F 409 6.75 -23.82 -2.56
CA GLY F 409 6.31 -22.53 -2.05
C GLY F 409 4.85 -22.29 -2.42
N GLU F 410 4.63 -21.24 -3.19
CA GLU F 410 3.49 -20.91 -4.04
C GLU F 410 2.19 -20.58 -3.28
N GLY F 411 2.13 -20.70 -1.96
CA GLY F 411 1.10 -20.06 -1.18
C GLY F 411 -0.28 -20.69 -1.19
N VAL F 412 -0.55 -21.64 -2.07
CA VAL F 412 -1.86 -22.29 -2.14
C VAL F 412 -1.63 -23.81 -2.07
N PRO F 413 -2.38 -24.54 -1.24
CA PRO F 413 -2.06 -25.96 -1.03
C PRO F 413 -2.32 -26.82 -2.25
N GLY F 414 -1.36 -27.71 -2.53
CA GLY F 414 -1.54 -28.76 -3.51
C GLY F 414 -1.94 -30.06 -2.85
N ILE F 415 -1.99 -31.11 -3.66
CA ILE F 415 -2.34 -32.45 -3.20
C ILE F 415 -1.12 -33.34 -3.38
N LEU F 416 -0.56 -33.83 -2.29
CA LEU F 416 0.61 -34.69 -2.35
C LEU F 416 0.25 -36.09 -1.89
N TYR F 417 0.45 -37.06 -2.77
CA TYR F 417 0.47 -38.46 -2.42
C TYR F 417 1.90 -38.94 -2.43
N GLN F 418 2.29 -39.70 -1.42
CA GLN F 418 3.67 -40.14 -1.30
C GLN F 418 3.73 -41.64 -1.02
N ASP F 419 4.30 -42.37 -1.96
CA ASP F 419 4.65 -43.78 -1.81
C ASP F 419 6.06 -43.83 -1.20
N ARG F 420 6.56 -45.03 -0.93
CA ARG F 420 7.93 -45.15 -0.43
C ARG F 420 8.97 -45.00 -1.51
N ASN F 421 8.57 -44.99 -2.79
CA ASN F 421 9.53 -44.85 -3.87
C ASN F 421 9.36 -43.56 -4.64
N GLY F 422 8.11 -43.19 -4.97
CA GLY F 422 7.86 -41.98 -5.71
C GLY F 422 6.77 -41.17 -5.07
N TRP F 423 6.80 -39.86 -5.34
CA TRP F 423 5.82 -38.92 -4.83
C TRP F 423 5.02 -38.36 -5.99
N TRP F 424 3.73 -38.19 -5.78
CA TRP F 424 2.82 -37.69 -6.80
C TRP F 424 2.21 -36.39 -6.31
N TYR F 425 2.22 -35.37 -7.17
CA TYR F 425 1.79 -34.04 -6.77
C TYR F 425 0.71 -33.52 -7.72
N ARG F 426 -0.12 -32.62 -7.19
CA ARG F 426 -1.14 -31.90 -7.95
C ARG F 426 -1.03 -30.44 -7.54
N SER F 427 -0.39 -29.63 -8.36
CA SER F 427 -0.28 -28.21 -8.06
C SER F 427 -1.59 -27.50 -8.32
N ALA F 428 -1.88 -26.50 -7.50
CA ALA F 428 -3.08 -25.69 -7.71
C ALA F 428 -2.86 -24.78 -8.90
N GLN F 429 -3.92 -24.64 -9.71
CA GLN F 429 -3.80 -23.88 -10.96
C GLN F 429 -5.08 -23.09 -11.16
N ARG F 430 -5.22 -22.52 -12.35
CA ARG F 430 -6.35 -21.68 -12.71
C ARG F 430 -7.27 -22.41 -13.66
N GLN F 431 -8.55 -22.49 -13.32
CA GLN F 431 -9.56 -22.88 -14.30
C GLN F 431 -9.69 -21.78 -15.33
N ALA F 432 -9.60 -22.15 -16.60
CA ALA F 432 -9.70 -21.15 -17.66
C ALA F 432 -11.15 -20.82 -18.02
N GLY F 433 -12.11 -21.50 -17.41
CA GLY F 433 -13.48 -21.47 -17.90
C GLY F 433 -14.26 -20.18 -17.71
N GLU F 434 -14.64 -19.87 -16.48
CA GLU F 434 -15.73 -18.89 -16.33
C GLU F 434 -15.38 -17.72 -15.42
N GLU F 435 -14.76 -17.98 -14.28
CA GLU F 435 -14.59 -16.97 -13.25
C GLU F 435 -13.12 -16.60 -13.14
N MET F 436 -12.87 -15.34 -12.76
CA MET F 436 -11.51 -14.84 -12.65
C MET F 436 -10.76 -15.40 -11.46
N ASN F 437 -11.45 -16.08 -10.53
CA ASN F 437 -10.82 -16.58 -9.31
C ASN F 437 -11.12 -18.06 -9.11
N ALA F 438 -11.26 -18.81 -10.19
CA ALA F 438 -11.61 -20.22 -10.12
C ALA F 438 -10.34 -21.05 -10.01
N VAL F 439 -10.24 -21.86 -8.96
CA VAL F 439 -9.05 -22.64 -8.64
C VAL F 439 -9.38 -24.12 -8.80
N THR F 440 -8.50 -24.85 -9.47
CA THR F 440 -8.58 -26.31 -9.54
C THR F 440 -7.17 -26.87 -9.38
N TRP F 441 -7.07 -28.20 -9.36
CA TRP F 441 -5.79 -28.87 -9.25
C TRP F 441 -5.51 -29.66 -10.52
N GLY F 442 -4.24 -29.73 -10.88
CA GLY F 442 -3.83 -30.33 -12.14
C GLY F 442 -3.76 -31.83 -12.09
N LYS F 443 -3.04 -32.40 -13.06
CA LYS F 443 -2.84 -33.83 -13.12
C LYS F 443 -1.97 -34.29 -11.96
N MET F 444 -2.08 -35.57 -11.63
CA MET F 444 -1.12 -36.19 -10.73
C MET F 444 0.20 -36.32 -11.46
N GLN F 445 1.18 -35.52 -11.05
CA GLN F 445 2.48 -35.49 -11.70
C GLN F 445 3.49 -36.20 -10.83
N LEU F 446 4.29 -37.06 -11.43
CA LEU F 446 5.33 -37.77 -10.69
C LEU F 446 6.50 -36.84 -10.46
N LEU F 447 6.92 -36.74 -9.22
CA LEU F 447 8.02 -35.84 -8.89
C LEU F 447 9.35 -36.44 -9.33
N PRO F 448 10.22 -35.65 -9.94
CA PRO F 448 11.42 -36.22 -10.57
C PRO F 448 12.51 -36.65 -9.60
N ILE F 449 12.58 -36.01 -8.43
CA ILE F 449 13.56 -36.36 -7.40
C ILE F 449 12.87 -36.36 -6.04
N THR F 450 13.30 -37.28 -5.18
CA THR F 450 12.80 -37.44 -3.83
C THR F 450 13.98 -37.72 -2.92
N PRO F 451 13.93 -37.30 -1.65
CA PRO F 451 15.14 -37.34 -0.81
C PRO F 451 15.60 -38.72 -0.35
N ALA F 452 15.03 -39.83 -0.86
CA ALA F 452 15.60 -41.18 -0.82
C ALA F 452 15.75 -41.83 0.55
N VAL F 453 15.49 -41.10 1.63
CA VAL F 453 15.42 -41.70 2.95
C VAL F 453 13.99 -41.48 3.45
N GLN F 454 13.13 -42.46 3.20
CA GLN F 454 11.70 -42.32 3.44
C GLN F 454 11.28 -42.76 4.83
N ASP F 455 12.21 -43.20 5.66
CA ASP F 455 11.91 -43.71 7.00
C ASP F 455 12.29 -42.68 8.04
N ASN F 456 11.45 -42.58 9.08
CA ASN F 456 11.62 -41.67 10.21
C ASN F 456 11.74 -40.21 9.76
N ALA F 457 10.77 -39.76 8.98
CA ALA F 457 10.85 -38.43 8.42
C ALA F 457 9.45 -37.86 8.22
N SER F 458 9.39 -36.55 8.07
CA SER F 458 8.14 -35.84 7.85
C SER F 458 8.45 -34.54 7.13
N LEU F 459 7.40 -33.85 6.72
CA LEU F 459 7.51 -32.57 6.02
C LEU F 459 7.20 -31.45 6.99
N MET F 460 8.18 -30.60 7.28
CA MET F 460 8.00 -29.46 8.16
C MET F 460 9.09 -28.45 7.86
N ASP F 461 8.84 -27.20 8.26
CA ASP F 461 9.84 -26.15 8.12
C ASP F 461 10.60 -26.09 9.44
N ILE F 462 11.71 -26.82 9.50
CA ILE F 462 12.44 -26.95 10.75
C ILE F 462 13.31 -25.71 11.01
N ASN F 463 13.59 -24.93 9.98
CA ASN F 463 14.39 -23.73 10.13
C ASN F 463 13.61 -22.44 9.88
N GLY F 464 12.39 -22.54 9.37
CA GLY F 464 11.54 -21.38 9.25
C GLY F 464 11.85 -20.45 8.10
N ASP F 465 12.63 -20.89 7.12
CA ASP F 465 13.00 -20.05 6.01
C ASP F 465 12.01 -20.09 4.85
N GLY F 466 10.80 -20.58 5.10
CA GLY F 466 9.73 -20.55 4.12
C GLY F 466 9.59 -21.80 3.30
N GLN F 467 10.70 -22.44 2.96
CA GLN F 467 10.69 -23.63 2.12
C GLN F 467 10.69 -24.89 2.99
N LEU F 468 9.90 -25.87 2.58
CA LEU F 468 9.69 -27.05 3.42
C LEU F 468 10.90 -27.98 3.40
N ASP F 469 11.05 -28.69 4.51
CA ASP F 469 12.17 -29.59 4.71
C ASP F 469 11.65 -31.01 4.93
N TRP F 470 12.44 -31.98 4.50
CA TRP F 470 12.16 -33.39 4.74
C TRP F 470 13.10 -33.84 5.85
N VAL F 471 12.65 -33.65 7.09
CA VAL F 471 13.51 -33.79 8.26
C VAL F 471 13.63 -35.25 8.63
N ILE F 472 14.78 -35.86 8.33
CA ILE F 472 15.02 -37.26 8.61
C ILE F 472 15.73 -37.35 9.95
N THR F 473 15.01 -37.79 10.99
CA THR F 473 15.62 -38.06 12.29
C THR F 473 15.55 -39.56 12.50
N GLY F 474 16.50 -40.29 11.92
CA GLY F 474 16.56 -41.71 12.02
C GLY F 474 17.45 -42.14 13.16
N PRO F 475 17.80 -43.44 13.21
CA PRO F 475 18.62 -43.92 14.32
C PRO F 475 20.06 -43.46 14.26
N GLY F 476 20.65 -43.40 13.07
CA GLY F 476 22.04 -43.03 12.94
C GLY F 476 22.30 -41.58 12.61
N LEU F 477 21.55 -41.04 11.64
CA LEU F 477 21.71 -39.66 11.23
C LEU F 477 20.49 -38.84 11.62
N ARG F 478 20.68 -37.52 11.61
CA ARG F 478 19.60 -36.56 11.80
C ARG F 478 19.90 -35.35 10.95
N GLY F 479 18.94 -34.94 10.14
CA GLY F 479 19.14 -33.87 9.19
C GLY F 479 17.99 -33.81 8.22
N TYR F 480 18.13 -32.94 7.23
CA TYR F 480 17.01 -32.60 6.38
C TYR F 480 17.45 -32.30 4.96
N HIS F 481 16.53 -32.49 4.04
CA HIS F 481 16.62 -31.97 2.67
C HIS F 481 15.59 -30.88 2.52
N SER F 482 15.99 -29.72 2.00
CA SER F 482 15.06 -28.62 1.78
C SER F 482 14.55 -28.63 0.35
N GLN F 483 13.34 -28.13 0.17
CA GLN F 483 12.67 -28.13 -1.12
C GLN F 483 12.69 -26.71 -1.67
N HIS F 484 13.48 -26.47 -2.71
CA HIS F 484 13.51 -25.17 -3.34
C HIS F 484 12.23 -24.96 -4.15
N PRO F 485 11.79 -23.71 -4.34
CA PRO F 485 10.58 -23.47 -5.15
C PRO F 485 10.75 -23.77 -6.63
N ASP F 486 11.97 -23.89 -7.16
CA ASP F 486 12.15 -24.19 -8.57
C ASP F 486 12.27 -25.70 -8.82
N GLY F 487 11.66 -26.50 -7.96
CA GLY F 487 11.61 -27.94 -8.14
C GLY F 487 12.75 -28.71 -7.51
N SER F 488 13.90 -28.08 -7.29
CA SER F 488 15.08 -28.79 -6.85
C SER F 488 15.00 -29.12 -5.37
N TRP F 489 15.56 -30.26 -5.00
CA TRP F 489 15.74 -30.65 -3.62
C TRP F 489 17.18 -30.36 -3.21
N THR F 490 17.34 -29.72 -2.06
CA THR F 490 18.66 -29.52 -1.48
C THR F 490 19.19 -30.88 -1.02
N ARG F 491 20.52 -31.04 -1.01
CA ARG F 491 21.12 -32.26 -0.48
C ARG F 491 20.97 -32.31 1.05
N PHE F 492 21.51 -33.38 1.63
CA PHE F 492 21.33 -33.65 3.05
C PHE F 492 22.09 -32.62 3.89
N THR F 493 21.35 -31.86 4.68
CA THR F 493 21.97 -30.90 5.60
C THR F 493 21.82 -31.40 7.02
N PRO F 494 22.91 -31.77 7.69
CA PRO F 494 22.78 -32.33 9.04
C PRO F 494 22.45 -31.27 10.07
N LEU F 495 21.55 -31.62 10.99
CA LEU F 495 21.23 -30.74 12.10
C LEU F 495 22.40 -30.68 13.06
N HIS F 496 22.72 -29.46 13.51
CA HIS F 496 23.90 -29.27 14.34
C HIS F 496 23.71 -29.86 15.73
N ALA F 497 22.48 -29.85 16.24
CA ALA F 497 22.20 -30.43 17.54
C ALA F 497 20.74 -30.82 17.61
N LEU F 498 20.48 -32.06 18.00
CA LEU F 498 19.12 -32.51 18.19
C LEU F 498 18.99 -33.08 19.60
N PRO F 499 17.88 -32.81 20.29
CA PRO F 499 17.69 -33.40 21.62
C PRO F 499 17.42 -34.90 21.51
N ILE F 500 17.86 -35.62 22.55
CA ILE F 500 17.59 -37.05 22.61
C ILE F 500 16.10 -37.30 22.82
N GLU F 501 15.43 -36.40 23.54
CA GLU F 501 13.99 -36.47 23.75
C GLU F 501 13.18 -35.97 22.56
N TYR F 502 13.78 -35.83 21.38
CA TYR F 502 13.01 -35.62 20.17
C TYR F 502 12.23 -36.88 19.80
N SER F 503 12.74 -38.04 20.18
CA SER F 503 12.08 -39.30 19.92
C SER F 503 11.22 -39.77 21.09
N HIS F 504 10.95 -38.90 22.05
CA HIS F 504 10.03 -39.23 23.12
C HIS F 504 8.61 -39.29 22.55
N PRO F 505 7.78 -40.25 23.00
CA PRO F 505 6.43 -40.37 22.40
C PRO F 505 5.49 -39.25 22.77
N ARG F 506 5.81 -38.45 23.79
CA ARG F 506 4.90 -37.41 24.26
C ARG F 506 5.48 -36.01 24.09
N ALA F 507 6.64 -35.88 23.47
CA ALA F 507 7.15 -34.56 23.10
C ALA F 507 6.42 -34.08 21.84
N GLN F 508 6.42 -32.77 21.65
CA GLN F 508 5.73 -32.18 20.50
C GLN F 508 6.40 -30.89 20.11
N LEU F 509 6.23 -30.51 18.85
CA LEU F 509 6.85 -29.31 18.30
C LEU F 509 5.84 -28.16 18.37
N ALA F 510 6.15 -27.17 19.19
CA ALA F 510 5.27 -26.02 19.37
C ALA F 510 6.12 -24.76 19.32
N ASP F 511 5.45 -23.61 19.44
CA ASP F 511 6.10 -22.31 19.32
C ASP F 511 5.99 -21.61 20.68
N LEU F 512 6.97 -21.85 21.54
CA LEU F 512 6.94 -21.31 22.89
C LEU F 512 7.77 -20.06 23.07
N MET F 513 8.93 -19.96 22.43
CA MET F 513 9.79 -18.79 22.63
C MET F 513 9.26 -17.56 21.90
N GLY F 514 8.35 -17.72 20.95
CA GLY F 514 7.73 -16.60 20.28
C GLY F 514 8.44 -16.11 19.05
N ALA F 515 9.50 -16.80 18.61
CA ALA F 515 10.28 -16.38 17.45
C ALA F 515 9.76 -16.96 16.14
N GLY F 516 8.57 -17.55 16.14
CA GLY F 516 8.04 -18.13 14.93
C GLY F 516 8.62 -19.47 14.55
N LEU F 517 9.35 -20.11 15.45
CA LEU F 517 9.97 -21.40 15.19
C LEU F 517 9.29 -22.47 16.03
N SER F 518 9.43 -23.71 15.58
CA SER F 518 8.85 -24.86 16.28
C SER F 518 9.88 -25.38 17.27
N ASP F 519 9.70 -25.04 18.55
CA ASP F 519 10.54 -25.55 19.61
C ASP F 519 10.02 -26.91 20.06
N LEU F 520 10.89 -27.68 20.72
CA LEU F 520 10.53 -28.97 21.26
C LEU F 520 10.18 -28.82 22.74
N VAL F 521 9.03 -29.35 23.13
CA VAL F 521 8.52 -29.17 24.48
C VAL F 521 8.00 -30.51 25.00
N LEU F 522 8.27 -30.79 26.27
CA LEU F 522 7.66 -31.89 27.01
C LEU F 522 6.84 -31.29 28.15
N ILE F 523 5.52 -31.28 28.00
CA ILE F 523 4.66 -30.63 28.97
C ILE F 523 4.44 -31.55 30.15
N GLY F 524 4.94 -31.16 31.31
CA GLY F 524 4.57 -31.80 32.55
C GLY F 524 3.50 -30.97 33.23
N PRO F 525 2.93 -31.48 34.32
CA PRO F 525 1.85 -30.73 34.98
C PRO F 525 2.34 -29.49 35.69
N LYS F 526 3.57 -29.47 36.19
CA LYS F 526 4.08 -28.30 36.90
C LYS F 526 5.45 -27.89 36.44
N SER F 527 5.96 -28.46 35.35
CA SER F 527 7.29 -28.16 34.84
C SER F 527 7.39 -28.66 33.42
N VAL F 528 7.68 -27.77 32.48
CA VAL F 528 7.93 -28.17 31.11
C VAL F 528 9.43 -28.26 30.91
N ARG F 529 9.84 -29.05 29.91
CA ARG F 529 11.21 -29.05 29.43
C ARG F 529 11.21 -28.49 28.02
N LEU F 530 11.94 -27.40 27.82
CA LEU F 530 11.89 -26.66 26.56
C LEU F 530 13.25 -26.69 25.89
N TYR F 531 13.29 -27.18 24.66
CA TYR F 531 14.46 -27.10 23.81
C TYR F 531 14.19 -26.04 22.76
N VAL F 532 14.99 -24.99 22.75
CA VAL F 532 14.73 -23.85 21.89
C VAL F 532 15.26 -24.12 20.50
N ASN F 533 14.40 -23.96 19.49
CA ASN F 533 14.85 -23.96 18.11
C ASN F 533 15.67 -22.69 17.86
N ASN F 534 16.90 -22.86 17.37
CA ASN F 534 17.75 -21.72 17.05
C ASN F 534 18.16 -21.73 15.58
N ARG F 535 17.30 -22.32 14.74
CA ARG F 535 17.34 -22.35 13.27
C ARG F 535 18.46 -23.22 12.69
N ASP F 536 19.37 -23.71 13.52
CA ASP F 536 20.28 -24.79 13.15
C ASP F 536 20.22 -25.79 14.30
N GLY F 537 19.21 -26.65 14.29
CA GLY F 537 19.00 -27.58 15.37
C GLY F 537 18.31 -26.98 16.58
N PHE F 538 18.71 -27.41 17.77
CA PHE F 538 18.08 -27.02 19.04
C PHE F 538 19.18 -26.65 20.04
N THR F 539 18.77 -26.12 21.18
CA THR F 539 19.71 -25.69 22.23
C THR F 539 19.52 -26.54 23.48
N GLU F 540 20.29 -26.20 24.52
CA GLU F 540 20.28 -26.96 25.77
C GLU F 540 18.96 -26.79 26.49
N GLY F 541 18.38 -27.91 26.94
CA GLY F 541 17.03 -27.90 27.44
C GLY F 541 16.92 -27.34 28.85
N ARG F 542 15.87 -26.57 29.06
CA ARG F 542 15.57 -25.97 30.35
C ARG F 542 14.53 -26.82 31.09
N ASP F 543 14.23 -26.41 32.32
CA ASP F 543 13.14 -26.96 33.11
C ASP F 543 12.42 -25.78 33.74
N VAL F 544 11.38 -25.30 33.07
CA VAL F 544 10.68 -24.10 33.50
C VAL F 544 9.57 -24.52 34.47
N VAL F 545 9.74 -24.17 35.74
CA VAL F 545 8.75 -24.50 36.76
C VAL F 545 7.66 -23.44 36.77
N GLN F 546 6.41 -23.88 36.70
CA GLN F 546 5.29 -22.97 36.59
C GLN F 546 4.94 -22.37 37.95
N SER F 547 4.69 -21.06 37.95
CA SER F 547 4.48 -20.33 39.19
C SER F 547 3.05 -20.52 39.70
N GLY F 548 2.86 -20.24 40.99
CA GLY F 548 1.52 -20.18 41.56
C GLY F 548 0.84 -21.54 41.66
N ASP F 549 -0.47 -21.54 41.39
CA ASP F 549 -1.29 -22.74 41.40
C ASP F 549 -1.53 -23.24 39.98
N ILE F 550 -0.60 -22.99 39.08
CA ILE F 550 -0.76 -23.36 37.68
C ILE F 550 -0.38 -24.82 37.52
N THR F 551 -1.36 -25.67 37.21
CA THR F 551 -1.12 -27.07 36.87
C THR F 551 -1.58 -27.28 35.44
N LEU F 552 -0.62 -27.43 34.54
CA LEU F 552 -0.84 -27.46 33.10
C LEU F 552 -1.55 -28.75 32.67
N PRO F 553 -2.39 -28.67 31.64
CA PRO F 553 -3.02 -29.89 31.13
C PRO F 553 -2.04 -30.71 30.30
N LEU F 554 -2.31 -31.98 30.22
CA LEU F 554 -1.40 -32.86 29.51
C LEU F 554 -2.02 -33.29 28.20
N PRO F 555 -1.33 -33.14 27.07
CA PRO F 555 -1.92 -33.53 25.78
C PRO F 555 -1.95 -35.04 25.61
N GLY F 556 -3.07 -35.55 25.12
CA GLY F 556 -3.23 -36.95 24.84
C GLY F 556 -3.61 -37.83 26.02
N ALA F 557 -3.41 -37.34 27.24
CA ALA F 557 -3.61 -38.14 28.43
C ALA F 557 -5.07 -38.32 28.81
N ASP F 558 -6.00 -37.71 28.09
CA ASP F 558 -7.42 -37.89 28.33
C ASP F 558 -8.11 -38.05 26.99
N ALA F 559 -9.13 -38.90 26.95
CA ALA F 559 -9.94 -39.06 25.75
C ALA F 559 -11.21 -38.25 25.79
N ARG F 560 -11.53 -37.62 26.93
CA ARG F 560 -12.70 -36.77 27.06
C ARG F 560 -12.34 -35.29 26.98
N LYS F 561 -11.10 -34.96 26.63
CA LYS F 561 -10.65 -33.59 26.53
C LYS F 561 -9.75 -33.44 25.33
N LEU F 562 -9.69 -32.23 24.79
CA LEU F 562 -8.74 -31.86 23.74
C LEU F 562 -7.76 -30.86 24.33
N VAL F 563 -6.51 -31.28 24.47
CA VAL F 563 -5.45 -30.39 24.94
C VAL F 563 -4.48 -30.19 23.78
N ALA F 564 -4.52 -28.99 23.20
CA ALA F 564 -3.69 -28.69 22.05
C ALA F 564 -3.19 -27.26 22.15
N PHE F 565 -2.28 -26.91 21.24
CA PHE F 565 -1.72 -25.56 21.17
C PHE F 565 -2.47 -24.76 20.11
N SER F 566 -3.22 -23.76 20.54
CA SER F 566 -4.00 -22.95 19.63
C SER F 566 -4.03 -21.52 20.13
N ASP F 567 -4.33 -20.60 19.22
CA ASP F 567 -4.43 -19.18 19.54
C ASP F 567 -5.90 -18.82 19.71
N VAL F 568 -6.43 -19.10 20.90
CA VAL F 568 -7.81 -18.78 21.21
C VAL F 568 -7.96 -17.40 21.82
N LEU F 569 -6.89 -16.60 21.81
CA LEU F 569 -6.94 -15.22 22.25
C LEU F 569 -6.60 -14.22 21.17
N GLY F 570 -6.06 -14.67 20.04
CA GLY F 570 -5.75 -13.78 18.93
C GLY F 570 -4.44 -13.05 19.04
N SER F 571 -3.61 -13.38 20.02
CA SER F 571 -2.43 -12.59 20.30
C SER F 571 -1.29 -12.84 19.33
N GLY F 572 -1.32 -13.94 18.58
CA GLY F 572 -0.19 -14.36 17.79
C GLY F 572 0.74 -15.32 18.49
N GLN F 573 0.32 -15.89 19.61
CA GLN F 573 1.09 -16.88 20.35
C GLN F 573 0.32 -18.18 20.42
N ALA F 574 1.05 -19.29 20.52
CA ALA F 574 0.43 -20.60 20.68
C ALA F 574 0.18 -20.82 22.16
N HIS F 575 -1.06 -20.60 22.59
CA HIS F 575 -1.46 -20.80 23.97
C HIS F 575 -1.88 -22.24 24.20
N LEU F 576 -2.02 -22.62 25.47
CA LEU F 576 -2.37 -23.97 25.87
C LEU F 576 -3.86 -24.02 26.17
N VAL F 577 -4.62 -24.73 25.34
CA VAL F 577 -6.07 -24.76 25.41
C VAL F 577 -6.51 -26.15 25.87
N GLU F 578 -7.56 -26.21 26.69
CA GLU F 578 -8.18 -27.46 27.09
C GLU F 578 -9.67 -27.38 26.81
N VAL F 579 -10.13 -28.13 25.80
CA VAL F 579 -11.55 -28.13 25.42
C VAL F 579 -12.19 -29.34 26.10
N SER F 580 -12.95 -29.07 27.15
CA SER F 580 -13.78 -30.09 27.80
C SER F 580 -15.15 -30.10 27.15
N ALA F 581 -16.04 -30.94 27.65
CA ALA F 581 -17.43 -30.92 27.20
C ALA F 581 -18.23 -29.79 27.81
N THR F 582 -17.65 -29.08 28.77
CA THR F 582 -18.33 -28.06 29.55
C THR F 582 -17.73 -26.68 29.36
N GLN F 583 -16.41 -26.56 29.30
CA GLN F 583 -15.76 -25.27 29.24
C GLN F 583 -14.50 -25.35 28.39
N VAL F 584 -13.98 -24.19 28.04
CA VAL F 584 -12.73 -24.04 27.32
C VAL F 584 -11.82 -23.21 28.21
N THR F 585 -10.74 -23.81 28.69
CA THR F 585 -9.79 -23.16 29.56
C THR F 585 -8.50 -22.92 28.78
N CYS F 586 -7.94 -21.72 28.89
CA CYS F 586 -6.75 -21.35 28.15
C CYS F 586 -5.67 -20.87 29.09
N TRP F 587 -4.47 -21.44 28.96
CA TRP F 587 -3.30 -20.96 29.67
C TRP F 587 -2.48 -20.11 28.72
N PRO F 588 -2.29 -18.81 29.00
CA PRO F 588 -1.58 -17.95 28.05
C PRO F 588 -0.08 -18.24 28.04
N ASN F 589 0.46 -18.35 26.83
CA ASN F 589 1.89 -18.54 26.63
C ASN F 589 2.60 -17.22 26.87
N LEU F 590 3.52 -17.20 27.83
CA LEU F 590 4.27 -16.01 28.19
C LEU F 590 5.69 -16.03 27.65
N GLY F 591 6.05 -17.03 26.86
CA GLY F 591 7.39 -17.11 26.33
C GLY F 591 8.36 -17.72 27.31
N HIS F 592 9.44 -18.31 26.78
CA HIS F 592 10.52 -18.95 27.55
C HIS F 592 9.99 -20.09 28.41
N GLY F 593 8.99 -20.80 27.90
CA GLY F 593 8.40 -21.92 28.60
C GLY F 593 7.38 -21.55 29.66
N ARG F 594 7.26 -20.28 30.02
CA ARG F 594 6.33 -19.89 31.06
C ARG F 594 4.90 -19.92 30.56
N PHE F 595 3.96 -20.08 31.49
CA PHE F 595 2.55 -20.08 31.18
C PHE F 595 1.83 -19.33 32.28
N GLY F 596 0.88 -18.49 31.89
CA GLY F 596 0.17 -17.66 32.84
C GLY F 596 -0.95 -18.40 33.53
N GLN F 597 -1.69 -17.66 34.34
CA GLN F 597 -2.84 -18.22 35.04
C GLN F 597 -3.97 -18.51 34.04
N PRO F 598 -4.73 -19.58 34.25
CA PRO F 598 -5.72 -20.00 33.25
C PRO F 598 -6.90 -19.05 33.11
N ILE F 599 -7.36 -18.93 31.87
CA ILE F 599 -8.50 -18.09 31.52
C ILE F 599 -9.62 -19.00 31.04
N VAL F 600 -10.80 -18.86 31.62
CA VAL F 600 -11.97 -19.62 31.20
C VAL F 600 -12.73 -18.81 30.15
N LEU F 601 -12.91 -19.40 28.96
CA LEU F 601 -13.68 -18.77 27.90
C LEU F 601 -15.06 -19.41 27.85
N PRO F 602 -16.09 -18.77 28.40
CA PRO F 602 -17.41 -19.40 28.44
C PRO F 602 -18.11 -19.37 27.08
N GLY F 603 -19.18 -20.16 26.97
CA GLY F 603 -20.05 -20.15 25.82
C GLY F 603 -20.08 -21.47 25.06
N PHE F 604 -19.06 -22.30 25.22
CA PHE F 604 -19.04 -23.60 24.58
C PHE F 604 -19.60 -24.64 25.53
N SER F 605 -20.49 -25.49 25.03
CA SER F 605 -21.06 -26.57 25.80
C SER F 605 -21.61 -27.61 24.84
N GLN F 606 -21.42 -28.88 25.19
CA GLN F 606 -22.00 -29.99 24.46
C GLN F 606 -22.65 -30.96 25.43
N SER F 607 -23.37 -31.93 24.88
CA SER F 607 -23.80 -33.07 25.67
C SER F 607 -22.57 -33.86 26.09
N ALA F 608 -22.47 -34.15 27.39
CA ALA F 608 -21.27 -34.78 27.93
C ALA F 608 -21.14 -36.23 27.46
N ALA F 609 -22.26 -36.86 27.13
CA ALA F 609 -22.20 -38.20 26.56
C ALA F 609 -21.71 -38.14 25.11
N SER F 610 -22.33 -37.30 24.30
CA SER F 610 -22.03 -37.23 22.87
C SER F 610 -20.84 -36.33 22.53
N PHE F 611 -20.01 -35.98 23.51
CA PHE F 611 -18.84 -35.16 23.23
C PHE F 611 -17.66 -36.05 22.95
N ASN F 612 -17.09 -35.94 21.75
CA ASN F 612 -15.83 -36.55 21.44
C ASN F 612 -14.89 -35.44 20.99
N PRO F 613 -13.71 -35.31 21.59
CA PRO F 613 -12.81 -34.21 21.24
C PRO F 613 -12.17 -34.33 19.87
N ASP F 614 -12.28 -35.49 19.19
CA ASP F 614 -11.71 -35.61 17.86
C ASP F 614 -12.51 -34.87 16.82
N ARG F 615 -13.75 -34.50 17.12
CA ARG F 615 -14.57 -33.69 16.23
C ARG F 615 -14.48 -32.20 16.55
N VAL F 616 -13.65 -31.83 17.51
CA VAL F 616 -13.42 -30.44 17.90
C VAL F 616 -12.28 -29.87 17.06
N HIS F 617 -12.52 -28.75 16.39
CA HIS F 617 -11.54 -28.13 15.51
C HIS F 617 -11.43 -26.66 15.84
N LEU F 618 -10.24 -26.22 16.25
CA LEU F 618 -9.99 -24.83 16.59
C LEU F 618 -9.35 -24.14 15.39
N ALA F 619 -10.12 -23.28 14.73
CA ALA F 619 -9.63 -22.61 13.53
C ALA F 619 -10.22 -21.21 13.45
N ASP F 620 -9.38 -20.25 13.07
CA ASP F 620 -9.81 -18.89 12.83
C ASP F 620 -10.48 -18.81 11.47
N LEU F 621 -11.77 -18.47 11.46
CA LEU F 621 -12.57 -18.52 10.24
C LEU F 621 -12.63 -17.18 9.51
N ASP F 622 -12.83 -16.09 10.23
CA ASP F 622 -12.89 -14.78 9.57
C ASP F 622 -11.49 -14.19 9.38
N GLY F 623 -10.68 -14.19 10.43
CA GLY F 623 -9.36 -13.61 10.32
C GLY F 623 -9.16 -12.47 11.28
N SER F 624 -10.06 -12.34 12.25
CA SER F 624 -9.88 -11.35 13.30
C SER F 624 -8.80 -11.75 14.28
N GLY F 625 -8.38 -13.01 14.27
CA GLY F 625 -7.24 -13.46 15.05
C GLY F 625 -7.49 -14.59 16.03
N PRO F 626 -8.56 -14.54 16.82
CA PRO F 626 -8.88 -15.69 17.67
C PRO F 626 -9.43 -16.86 16.87
N ALA F 627 -9.23 -18.05 17.41
CA ALA F 627 -9.66 -19.28 16.76
C ALA F 627 -11.10 -19.60 17.12
N ASP F 628 -11.94 -19.75 16.12
CA ASP F 628 -13.31 -20.18 16.35
C ASP F 628 -13.36 -21.68 16.62
N LEU F 629 -14.49 -22.13 17.16
CA LEU F 629 -14.62 -23.50 17.62
C LEU F 629 -15.69 -24.20 16.81
N ILE F 630 -15.29 -25.24 16.07
CA ILE F 630 -16.20 -26.03 15.26
C ILE F 630 -16.31 -27.41 15.90
N TYR F 631 -17.53 -27.82 16.22
CA TYR F 631 -17.81 -29.16 16.68
C TYR F 631 -18.69 -29.84 15.65
N VAL F 632 -18.32 -31.05 15.26
CA VAL F 632 -18.94 -31.72 14.12
C VAL F 632 -19.90 -32.78 14.64
N HIS F 633 -21.13 -32.72 14.22
CA HIS F 633 -22.12 -33.75 14.48
C HIS F 633 -22.29 -34.59 13.23
N ALA F 634 -23.31 -35.44 13.23
CA ALA F 634 -23.85 -35.98 11.99
C ALA F 634 -25.02 -35.11 11.56
N ASP F 635 -25.02 -34.70 10.29
CA ASP F 635 -26.00 -33.91 9.55
C ASP F 635 -26.03 -32.43 9.94
N ARG F 636 -25.25 -31.99 10.93
CA ARG F 636 -25.13 -30.57 11.20
C ARG F 636 -23.72 -30.26 11.68
N LEU F 637 -23.45 -28.98 11.92
CA LEU F 637 -22.08 -28.52 12.19
C LEU F 637 -22.15 -27.28 13.05
N ASP F 638 -21.84 -27.40 14.33
CA ASP F 638 -21.87 -26.28 15.26
C ASP F 638 -20.62 -25.43 15.11
N ILE F 639 -20.81 -24.11 15.09
CA ILE F 639 -19.69 -23.18 14.97
C ILE F 639 -19.81 -22.13 16.07
N PHE F 640 -18.78 -22.03 16.90
CA PHE F 640 -18.75 -21.09 18.02
C PHE F 640 -17.78 -19.97 17.66
N SER F 641 -18.28 -18.75 17.60
CA SER F 641 -17.44 -17.62 17.21
C SER F 641 -16.71 -17.08 18.43
N ASN F 642 -15.39 -17.00 18.33
CA ASN F 642 -14.59 -16.47 19.42
C ASN F 642 -14.73 -14.96 19.48
N GLU F 643 -15.09 -14.44 20.64
CA GLU F 643 -15.34 -13.01 20.82
C GLU F 643 -14.10 -12.38 21.43
N SER F 644 -13.10 -12.15 20.58
CA SER F 644 -11.82 -11.49 20.91
C SER F 644 -11.06 -12.22 22.01
N GLY F 645 -11.24 -13.53 22.13
CA GLY F 645 -10.60 -14.26 23.19
C GLY F 645 -11.20 -14.04 24.56
N ASN F 646 -12.46 -13.66 24.64
CA ASN F 646 -13.14 -13.49 25.92
C ASN F 646 -14.29 -14.46 26.11
N GLY F 647 -14.55 -15.32 25.15
CA GLY F 647 -15.67 -16.24 25.26
C GLY F 647 -16.16 -16.60 23.88
N PHE F 648 -17.19 -17.42 23.85
CA PHE F 648 -17.77 -17.89 22.61
C PHE F 648 -19.22 -17.44 22.52
N ALA F 649 -19.69 -17.23 21.30
CA ALA F 649 -21.01 -16.70 21.07
C ALA F 649 -22.03 -17.83 21.12
N LYS F 650 -23.27 -17.53 20.76
CA LYS F 650 -24.24 -18.58 20.53
C LYS F 650 -23.81 -19.37 19.30
N PRO F 651 -23.86 -20.70 19.34
CA PRO F 651 -23.51 -21.47 18.15
C PRO F 651 -24.55 -21.32 17.06
N PHE F 652 -24.12 -21.53 15.83
CA PHE F 652 -25.04 -21.64 14.72
C PHE F 652 -24.71 -22.91 13.95
N THR F 653 -25.74 -23.54 13.42
CA THR F 653 -25.62 -24.81 12.74
C THR F 653 -25.54 -24.59 11.24
N LEU F 654 -24.72 -25.38 10.57
CA LEU F 654 -24.69 -25.46 9.12
C LEU F 654 -25.00 -26.90 8.76
N SER F 655 -26.26 -27.15 8.40
CA SER F 655 -26.72 -28.51 8.13
C SER F 655 -26.05 -29.07 6.89
N PHE F 656 -25.68 -30.35 6.95
CA PHE F 656 -24.99 -30.99 5.84
C PHE F 656 -25.95 -31.18 4.68
N PRO F 657 -25.47 -31.11 3.45
CA PRO F 657 -26.34 -31.30 2.29
C PRO F 657 -26.85 -32.73 2.18
N ASP F 658 -27.76 -32.92 1.23
CA ASP F 658 -28.42 -34.22 1.05
C ASP F 658 -27.43 -35.23 0.53
N GLY F 659 -27.07 -36.19 1.37
CA GLY F 659 -26.10 -37.21 1.01
C GLY F 659 -24.79 -37.15 1.74
N LEU F 660 -24.68 -36.34 2.79
CA LEU F 660 -23.45 -36.22 3.57
C LEU F 660 -23.77 -36.44 5.04
N ARG F 661 -23.10 -37.42 5.64
CA ARG F 661 -23.10 -37.61 7.08
C ARG F 661 -21.68 -37.88 7.53
N PHE F 662 -21.45 -37.71 8.82
CA PHE F 662 -20.12 -37.80 9.42
C PHE F 662 -20.03 -39.08 10.24
N ASP F 663 -18.81 -39.54 10.48
CA ASP F 663 -18.54 -40.65 11.40
C ASP F 663 -17.07 -40.57 11.82
N ASP F 664 -16.59 -41.64 12.46
CA ASP F 664 -15.22 -41.64 12.96
C ASP F 664 -14.19 -41.89 11.87
N THR F 665 -14.60 -42.35 10.69
CA THR F 665 -13.68 -42.43 9.58
C THR F 665 -13.59 -41.14 8.79
N CYS F 666 -14.58 -40.27 8.92
CA CYS F 666 -14.58 -39.01 8.18
C CYS F 666 -13.59 -38.03 8.81
N GLN F 667 -13.32 -36.96 8.06
CA GLN F 667 -12.32 -35.96 8.44
C GLN F 667 -12.80 -34.58 8.03
N LEU F 668 -12.54 -33.60 8.88
CA LEU F 668 -12.80 -32.19 8.57
C LEU F 668 -11.46 -31.48 8.46
N GLN F 669 -11.17 -30.94 7.28
CA GLN F 669 -10.00 -30.11 7.06
C GLN F 669 -10.42 -28.66 6.90
N VAL F 670 -9.59 -27.76 7.40
CA VAL F 670 -9.80 -26.33 7.26
C VAL F 670 -8.58 -25.74 6.55
N ALA F 671 -8.81 -25.12 5.40
CA ALA F 671 -7.71 -24.66 4.57
C ALA F 671 -8.20 -23.55 3.67
N ASP F 672 -7.24 -22.81 3.12
CA ASP F 672 -7.51 -21.74 2.18
C ASP F 672 -7.25 -22.26 0.76
N VAL F 673 -8.20 -23.06 0.27
CA VAL F 673 -8.05 -23.75 -1.00
C VAL F 673 -8.66 -22.94 -2.13
N GLN F 674 -9.04 -21.70 -1.84
CA GLN F 674 -9.78 -20.89 -2.78
C GLN F 674 -9.04 -19.65 -3.25
N GLY F 675 -8.08 -19.16 -2.48
CA GLY F 675 -7.48 -17.88 -2.79
C GLY F 675 -8.41 -16.71 -2.52
N LEU F 676 -9.33 -16.87 -1.57
CA LEU F 676 -10.28 -15.84 -1.21
C LEU F 676 -9.90 -15.16 0.10
N GLY F 677 -8.76 -15.50 0.68
CA GLY F 677 -8.30 -14.92 1.92
C GLY F 677 -8.84 -15.60 3.16
N VAL F 678 -10.00 -16.24 3.06
CA VAL F 678 -10.62 -16.91 4.19
C VAL F 678 -10.52 -18.41 3.99
N VAL F 679 -10.44 -19.12 5.11
CA VAL F 679 -10.32 -20.57 5.09
C VAL F 679 -11.68 -21.18 4.77
N SER F 680 -11.65 -22.37 4.18
CA SER F 680 -12.85 -23.12 3.85
C SER F 680 -12.82 -24.46 4.55
N LEU F 681 -13.99 -24.98 4.86
CA LEU F 681 -14.15 -26.21 5.63
C LEU F 681 -14.32 -27.36 4.66
N ILE F 682 -13.38 -28.29 4.66
CA ILE F 682 -13.38 -29.40 3.72
C ILE F 682 -13.70 -30.68 4.49
N LEU F 683 -14.83 -31.30 4.16
CA LEU F 683 -15.25 -32.53 4.80
C LEU F 683 -14.98 -33.70 3.86
N SER F 684 -14.35 -34.75 4.38
CA SER F 684 -13.96 -35.90 3.59
C SER F 684 -14.65 -37.14 4.12
N VAL F 685 -15.29 -37.90 3.24
CA VAL F 685 -15.89 -39.18 3.59
C VAL F 685 -15.16 -40.26 2.82
N PRO F 686 -14.41 -41.15 3.48
CA PRO F 686 -13.51 -42.05 2.75
C PRO F 686 -14.10 -43.39 2.32
N HIS F 687 -15.27 -43.79 2.80
CA HIS F 687 -15.67 -45.18 2.63
C HIS F 687 -16.56 -45.37 1.40
N MET F 688 -16.21 -46.39 0.62
CA MET F 688 -16.75 -46.95 -0.62
C MET F 688 -16.44 -46.12 -1.86
N ALA F 689 -16.03 -44.88 -1.69
CA ALA F 689 -15.34 -43.99 -2.61
C ALA F 689 -15.05 -42.75 -1.77
N PRO F 690 -13.86 -42.17 -1.85
CA PRO F 690 -13.65 -40.89 -1.20
C PRO F 690 -14.36 -39.78 -1.94
N HIS F 691 -15.34 -39.19 -1.26
CA HIS F 691 -16.06 -38.03 -1.79
C HIS F 691 -15.99 -36.90 -0.77
N HIS F 692 -16.07 -35.67 -1.27
CA HIS F 692 -15.70 -34.51 -0.47
C HIS F 692 -16.72 -33.39 -0.68
N TRP F 693 -16.78 -32.50 0.31
CA TRP F 693 -17.59 -31.29 0.25
C TRP F 693 -16.81 -30.13 0.84
N ARG F 694 -17.09 -28.93 0.36
CA ARG F 694 -16.45 -27.72 0.83
C ARG F 694 -17.51 -26.73 1.30
N CYS F 695 -17.34 -26.20 2.50
CA CYS F 695 -18.14 -25.09 3.00
C CYS F 695 -17.37 -23.80 2.81
N ASP F 696 -17.93 -22.88 2.06
CA ASP F 696 -17.40 -21.53 1.92
C ASP F 696 -18.25 -20.60 2.78
N LEU F 697 -17.66 -20.05 3.83
CA LEU F 697 -18.41 -19.22 4.75
C LEU F 697 -18.69 -17.84 4.18
N THR F 698 -17.67 -17.18 3.63
CA THR F 698 -17.83 -15.86 3.05
C THR F 698 -17.14 -15.81 1.70
N ASN F 699 -17.41 -14.73 0.96
CA ASN F 699 -16.71 -14.45 -0.29
C ASN F 699 -15.44 -13.65 -0.03
N ALA F 700 -15.56 -12.53 0.65
CA ALA F 700 -14.44 -11.62 0.89
C ALA F 700 -13.90 -11.80 2.30
N LYS F 701 -12.67 -11.35 2.49
CA LYS F 701 -12.04 -11.39 3.80
C LYS F 701 -12.65 -10.31 4.68
N PRO F 702 -13.20 -10.65 5.84
CA PRO F 702 -14.01 -9.69 6.59
C PRO F 702 -13.17 -8.64 7.28
N TRP F 703 -13.87 -7.60 7.75
CA TRP F 703 -13.35 -6.49 8.54
C TRP F 703 -12.28 -5.66 7.82
N LEU F 704 -12.18 -5.75 6.51
CA LEU F 704 -11.37 -4.82 5.75
C LEU F 704 -12.23 -3.66 5.28
N LEU F 705 -11.61 -2.53 5.01
CA LEU F 705 -12.35 -1.33 4.62
C LEU F 705 -12.88 -1.49 3.20
N SER F 706 -14.20 -1.48 3.06
CA SER F 706 -14.85 -1.66 1.77
C SER F 706 -15.15 -0.32 1.11
N GLU F 707 -15.94 0.52 1.77
CA GLU F 707 -16.45 1.74 1.19
C GLU F 707 -16.22 2.90 2.14
N THR F 708 -15.98 4.08 1.56
CA THR F 708 -15.88 5.32 2.31
C THR F 708 -16.72 6.38 1.60
N ASN F 709 -16.99 7.47 2.32
CA ASN F 709 -17.90 8.52 1.85
C ASN F 709 -17.70 9.78 2.67
N ASN F 710 -17.65 10.94 2.02
CA ASN F 710 -17.51 12.19 2.76
C ASN F 710 -18.80 12.99 2.82
N ASN F 711 -19.91 12.43 2.31
CA ASN F 711 -21.25 13.01 2.35
C ASN F 711 -21.31 14.38 1.68
N MET F 712 -20.44 14.58 0.70
CA MET F 712 -20.42 15.79 -0.11
C MET F 712 -20.49 15.47 -1.59
N GLY F 713 -20.70 14.22 -1.94
CA GLY F 713 -20.76 13.80 -3.31
C GLY F 713 -19.59 13.00 -3.80
N ALA F 714 -18.86 12.34 -2.91
CA ALA F 714 -17.69 11.56 -3.30
C ALA F 714 -17.65 10.29 -2.47
N ASN F 715 -17.45 9.15 -3.13
CA ASN F 715 -17.34 7.90 -2.40
C ASN F 715 -16.39 6.97 -3.13
N HIS F 716 -15.66 6.18 -2.35
CA HIS F 716 -14.68 5.24 -2.88
C HIS F 716 -15.07 3.84 -2.42
N THR F 717 -15.02 2.89 -3.35
CA THR F 717 -15.29 1.49 -3.06
C THR F 717 -14.00 0.71 -3.32
N LEU F 718 -13.58 -0.08 -2.33
CA LEU F 718 -12.31 -0.79 -2.40
C LEU F 718 -12.58 -2.28 -2.51
N HIS F 719 -11.91 -2.94 -3.47
CA HIS F 719 -12.03 -4.37 -3.67
C HIS F 719 -10.66 -5.01 -3.55
N TYR F 720 -10.61 -6.19 -2.93
CA TYR F 720 -9.35 -6.83 -2.61
C TYR F 720 -9.25 -8.18 -3.31
N ARG F 721 -8.02 -8.55 -3.64
CA ARG F 721 -7.70 -9.85 -4.18
C ARG F 721 -6.49 -10.39 -3.46
N SER F 722 -6.44 -11.71 -3.28
CA SER F 722 -5.30 -12.34 -2.64
C SER F 722 -4.14 -12.42 -3.61
N SER F 723 -2.92 -12.46 -3.05
CA SER F 723 -1.73 -12.60 -3.88
C SER F 723 -1.61 -13.99 -4.48
N VAL F 724 -2.32 -14.97 -3.93
CA VAL F 724 -2.41 -16.29 -4.51
C VAL F 724 -3.04 -16.23 -5.89
N GLN F 725 -4.07 -15.39 -6.05
CA GLN F 725 -4.71 -15.25 -7.35
C GLN F 725 -3.82 -14.52 -8.34
N PHE F 726 -3.01 -13.58 -7.86
CA PHE F 726 -2.05 -12.93 -8.73
C PHE F 726 -0.87 -13.81 -9.08
N TRP F 727 -0.66 -14.90 -8.34
CA TRP F 727 0.34 -15.88 -8.71
C TRP F 727 -0.22 -16.90 -9.68
N LEU F 728 -1.47 -17.32 -9.50
CA LEU F 728 -2.07 -18.31 -10.39
C LEU F 728 -2.31 -17.74 -11.78
N ASP F 729 -2.54 -16.43 -11.89
CA ASP F 729 -2.64 -15.81 -13.20
C ASP F 729 -1.26 -15.66 -13.83
N GLU F 730 -0.23 -15.44 -13.02
CA GLU F 730 1.13 -15.33 -13.53
C GLU F 730 1.68 -16.68 -13.92
N LYS F 731 1.35 -17.72 -13.16
CA LYS F 731 1.80 -19.08 -13.44
C LYS F 731 1.13 -19.67 -14.66
N ALA F 732 -0.12 -19.31 -14.91
CA ALA F 732 -0.83 -19.85 -16.07
C ALA F 732 -0.37 -19.22 -17.36
N ALA F 733 -0.04 -17.93 -17.33
CA ALA F 733 0.46 -17.25 -18.51
C ALA F 733 1.91 -17.58 -18.82
N ALA F 734 2.65 -18.09 -17.85
CA ALA F 734 4.02 -18.51 -18.09
C ALA F 734 4.06 -19.84 -18.84
N LEU F 735 3.17 -20.76 -18.47
CA LEU F 735 3.10 -22.05 -19.13
C LEU F 735 2.43 -21.99 -20.50
N ALA F 736 1.83 -20.85 -20.85
CA ALA F 736 1.35 -20.65 -22.21
C ALA F 736 2.47 -20.31 -23.18
N THR F 737 3.56 -19.72 -22.69
CA THR F 737 4.73 -19.44 -23.51
C THR F 737 5.85 -20.45 -23.29
N GLY F 738 5.59 -21.50 -22.53
CA GLY F 738 6.59 -22.54 -22.34
C GLY F 738 7.66 -22.22 -21.33
N GLN F 739 7.51 -21.15 -20.56
CA GLN F 739 8.43 -20.83 -19.49
C GLN F 739 8.02 -21.56 -18.23
N THR F 740 8.94 -21.59 -17.26
CA THR F 740 8.69 -22.24 -15.98
C THR F 740 8.57 -21.18 -14.89
N PRO F 741 7.40 -20.99 -14.30
CA PRO F 741 7.27 -19.98 -13.25
C PRO F 741 7.64 -20.50 -11.87
N VAL F 742 8.32 -19.66 -11.10
CA VAL F 742 8.74 -19.96 -9.75
C VAL F 742 8.17 -18.89 -8.84
N CYS F 743 7.58 -19.29 -7.72
CA CYS F 743 7.01 -18.36 -6.75
C CYS F 743 7.92 -18.23 -5.55
N TYR F 744 8.10 -17.00 -5.08
CA TYR F 744 8.94 -16.72 -3.93
C TYR F 744 8.15 -16.14 -2.76
N LEU F 745 6.82 -16.26 -2.79
CA LEU F 745 5.96 -15.78 -1.72
C LEU F 745 5.13 -16.95 -1.23
N PRO F 746 5.57 -17.65 -0.18
CA PRO F 746 4.87 -18.85 0.27
C PRO F 746 3.62 -18.58 1.09
N PHE F 747 3.30 -17.32 1.35
CA PHE F 747 2.17 -16.96 2.18
C PHE F 747 1.25 -16.02 1.42
N PRO F 748 -0.07 -16.12 1.63
CA PRO F 748 -0.99 -15.19 0.97
C PRO F 748 -0.91 -13.80 1.57
N VAL F 749 -0.82 -12.81 0.70
CA VAL F 749 -0.90 -11.39 1.07
C VAL F 749 -2.16 -10.84 0.44
N HIS F 750 -3.08 -10.36 1.26
CA HIS F 750 -4.40 -9.98 0.76
C HIS F 750 -4.30 -8.53 0.32
N THR F 751 -4.15 -8.31 -0.99
CA THR F 751 -3.80 -7.03 -1.55
C THR F 751 -5.05 -6.25 -1.98
N LEU F 752 -4.90 -4.94 -2.05
CA LEU F 752 -5.91 -4.11 -2.69
C LEU F 752 -5.81 -4.28 -4.19
N TRP F 753 -6.94 -4.48 -4.85
CA TRP F 753 -6.94 -4.80 -6.27
C TRP F 753 -7.70 -3.80 -7.11
N GLN F 754 -8.77 -3.21 -6.59
CA GLN F 754 -9.58 -2.27 -7.35
C GLN F 754 -10.17 -1.26 -6.39
N THR F 755 -9.92 0.02 -6.64
CA THR F 755 -10.46 1.11 -5.84
C THR F 755 -11.24 2.09 -6.72
N GLU F 756 -12.52 1.82 -6.89
CA GLU F 756 -13.37 2.63 -7.76
C GLU F 756 -13.80 3.91 -7.06
N THR F 757 -13.63 5.04 -7.75
CA THR F 757 -14.00 6.35 -7.26
C THR F 757 -15.23 6.82 -8.01
N GLU F 758 -16.21 7.38 -7.29
CA GLU F 758 -17.42 7.90 -7.94
C GLU F 758 -17.76 9.26 -7.38
N ASP F 759 -17.82 10.26 -8.25
CA ASP F 759 -18.42 11.55 -7.91
C ASP F 759 -19.92 11.45 -8.10
N GLU F 760 -20.66 11.54 -7.01
CA GLU F 760 -22.11 11.34 -7.05
C GLU F 760 -22.86 12.52 -7.65
N ILE F 761 -22.24 13.68 -7.77
CA ILE F 761 -22.90 14.82 -8.40
C ILE F 761 -22.86 14.71 -9.91
N SER F 762 -21.67 14.65 -10.48
CA SER F 762 -21.52 14.59 -11.93
C SER F 762 -21.73 13.20 -12.49
N GLY F 763 -21.72 12.17 -11.65
CA GLY F 763 -21.88 10.81 -12.12
C GLY F 763 -20.65 10.18 -12.72
N ASN F 764 -19.53 10.90 -12.76
CA ASN F 764 -18.31 10.36 -13.35
C ASN F 764 -17.64 9.37 -12.41
N LYS F 765 -17.21 8.24 -12.97
CA LYS F 765 -16.52 7.21 -12.21
C LYS F 765 -15.12 7.01 -12.75
N LEU F 766 -14.23 6.54 -11.88
CA LEU F 766 -12.86 6.18 -12.27
C LEU F 766 -12.48 4.91 -11.54
N VAL F 767 -12.10 3.89 -12.28
CA VAL F 767 -11.83 2.57 -11.74
C VAL F 767 -10.35 2.29 -11.93
N THR F 768 -9.59 2.35 -10.85
CA THR F 768 -8.15 2.08 -10.89
C THR F 768 -7.92 0.63 -10.48
N THR F 769 -7.67 -0.22 -11.46
CA THR F 769 -7.44 -1.64 -11.22
C THR F 769 -5.94 -1.90 -11.10
N LEU F 770 -5.56 -2.68 -10.11
CA LEU F 770 -4.17 -2.99 -9.84
C LEU F 770 -3.86 -4.44 -10.19
N ARG F 771 -2.61 -4.69 -10.56
CA ARG F 771 -2.16 -6.03 -10.90
C ARG F 771 -0.75 -6.20 -10.38
N TYR F 772 -0.53 -7.24 -9.59
CA TYR F 772 0.74 -7.48 -8.93
C TYR F 772 1.39 -8.74 -9.50
N ALA F 773 2.71 -8.78 -9.39
CA ALA F 773 3.50 -9.94 -9.75
C ALA F 773 4.83 -9.85 -9.03
N HIS F 774 5.52 -10.98 -8.98
CA HIS F 774 6.86 -11.11 -8.39
C HIS F 774 6.90 -10.71 -6.93
N GLY F 775 6.06 -11.39 -6.14
CA GLY F 775 6.12 -11.22 -4.70
C GLY F 775 7.39 -11.83 -4.14
N ALA F 776 7.90 -11.23 -3.08
CA ALA F 776 9.16 -11.66 -2.49
C ALA F 776 9.02 -11.74 -0.99
N TRP F 777 9.33 -12.90 -0.45
CA TRP F 777 9.42 -13.12 0.99
C TRP F 777 10.82 -13.57 1.31
N ASP F 778 11.49 -12.87 2.20
CA ASP F 778 12.85 -13.20 2.58
C ASP F 778 12.84 -14.25 3.67
N GLY F 779 13.66 -15.29 3.51
CA GLY F 779 13.68 -16.37 4.47
C GLY F 779 14.55 -16.12 5.67
N ARG F 780 15.59 -15.29 5.52
CA ARG F 780 16.55 -15.12 6.61
C ARG F 780 16.01 -14.19 7.70
N GLU F 781 15.53 -13.01 7.32
CA GLU F 781 14.94 -12.11 8.29
C GLU F 781 13.47 -12.37 8.53
N ARG F 782 12.87 -13.28 7.75
CA ARG F 782 11.47 -13.72 7.88
C ARG F 782 10.51 -12.55 7.72
N GLU F 783 10.67 -11.81 6.62
CA GLU F 783 9.90 -10.59 6.40
C GLU F 783 9.44 -10.53 4.96
N PHE F 784 8.29 -9.91 4.75
CA PHE F 784 7.74 -9.71 3.42
C PHE F 784 8.42 -8.53 2.76
N ARG F 785 9.02 -8.76 1.60
CA ARG F 785 9.83 -7.74 0.95
C ARG F 785 9.04 -6.88 -0.02
N GLY F 786 7.81 -7.26 -0.35
CA GLY F 786 6.98 -6.49 -1.25
C GLY F 786 6.81 -7.19 -2.58
N PHE F 787 6.24 -6.46 -3.53
CA PHE F 787 6.11 -6.93 -4.90
C PHE F 787 7.13 -6.23 -5.78
N GLY F 788 7.48 -6.89 -6.87
CA GLY F 788 8.44 -6.35 -7.81
C GLY F 788 7.82 -5.80 -9.06
N TYR F 789 6.50 -5.86 -9.20
CA TYR F 789 5.83 -5.41 -10.41
C TYR F 789 4.41 -5.04 -10.05
N VAL F 790 4.07 -3.77 -10.13
CA VAL F 790 2.72 -3.27 -9.88
C VAL F 790 2.22 -2.63 -11.15
N GLU F 791 0.99 -2.96 -11.54
CA GLU F 791 0.32 -2.28 -12.63
C GLU F 791 -0.79 -1.39 -12.09
N GLN F 792 -1.05 -0.30 -12.80
CA GLN F 792 -2.25 0.49 -12.61
C GLN F 792 -2.97 0.58 -13.94
N THR F 793 -4.29 0.70 -13.90
CA THR F 793 -5.07 0.91 -15.10
C THR F 793 -6.17 1.91 -14.75
N ASP F 794 -5.85 3.19 -14.94
CA ASP F 794 -6.82 4.27 -14.75
C ASP F 794 -7.80 4.27 -15.92
N SER F 795 -8.98 3.69 -15.73
CA SER F 795 -10.01 3.69 -16.75
C SER F 795 -11.18 4.53 -16.27
N HIS F 796 -11.49 5.58 -17.02
CA HIS F 796 -12.55 6.52 -16.67
C HIS F 796 -13.89 6.02 -17.18
N GLN F 797 -14.94 6.33 -16.43
CA GLN F 797 -16.32 6.01 -16.83
C GLN F 797 -17.14 7.29 -16.73
N LEU F 798 -17.09 8.10 -17.77
CA LEU F 798 -17.85 9.34 -17.80
C LEU F 798 -19.27 9.07 -18.23
N ALA F 799 -20.22 9.67 -17.53
CA ALA F 799 -21.62 9.53 -17.88
C ALA F 799 -22.03 10.64 -18.84
N ARG F 806 -14.63 5.59 -25.96
CA ARG F 806 -14.52 6.95 -25.45
C ARG F 806 -13.07 7.26 -25.08
N THR F 807 -12.83 7.57 -23.80
CA THR F 807 -11.43 7.85 -23.50
C THR F 807 -10.70 6.56 -23.13
N PRO F 808 -9.50 6.36 -23.64
CA PRO F 808 -8.80 5.08 -23.43
C PRO F 808 -8.16 5.02 -22.06
N PRO F 809 -8.08 3.83 -21.47
CA PRO F 809 -7.43 3.69 -20.16
C PRO F 809 -5.92 3.84 -20.24
N ALA F 810 -5.34 4.31 -19.14
CA ALA F 810 -3.91 4.60 -19.06
C ALA F 810 -3.25 3.55 -18.19
N LEU F 811 -2.56 2.61 -18.83
CA LEU F 811 -1.86 1.54 -18.13
C LEU F 811 -0.45 1.99 -17.78
N THR F 812 -0.05 1.80 -16.53
CA THR F 812 1.27 2.17 -16.06
C THR F 812 1.94 0.95 -15.43
N LYS F 813 2.84 0.33 -16.18
CA LYS F 813 3.72 -0.68 -15.61
C LYS F 813 4.79 0.02 -14.78
N SER F 814 5.18 -0.60 -13.67
CA SER F 814 6.21 -0.03 -12.82
C SER F 814 6.86 -1.14 -12.00
N TRP F 815 8.16 -1.30 -12.16
CA TRP F 815 8.90 -2.30 -11.42
C TRP F 815 9.60 -1.68 -10.22
N TYR F 816 9.75 -2.48 -9.17
CA TYR F 816 10.45 -2.07 -7.97
C TYR F 816 11.47 -3.14 -7.61
N ALA F 817 12.50 -2.74 -6.89
CA ALA F 817 13.48 -3.69 -6.43
C ALA F 817 12.97 -4.36 -5.16
N THR F 818 13.01 -5.68 -5.14
CA THR F 818 12.53 -6.47 -4.00
C THR F 818 13.62 -6.71 -2.98
N GLY F 819 14.86 -6.81 -3.41
CA GLY F 819 15.95 -7.20 -2.55
C GLY F 819 16.32 -8.66 -2.65
N LEU F 820 15.40 -9.51 -3.04
CA LEU F 820 15.73 -10.90 -3.26
C LEU F 820 16.42 -11.04 -4.61
N PRO F 821 17.65 -11.54 -4.66
CA PRO F 821 18.39 -11.53 -5.94
C PRO F 821 17.84 -12.50 -6.98
N ALA F 822 17.02 -13.48 -6.58
CA ALA F 822 16.37 -14.34 -7.56
C ALA F 822 15.17 -13.67 -8.19
N VAL F 823 14.60 -12.67 -7.52
CA VAL F 823 13.48 -11.91 -8.08
C VAL F 823 13.97 -10.68 -8.82
N ASP F 824 15.06 -10.06 -8.38
CA ASP F 824 15.56 -8.85 -9.01
C ASP F 824 16.23 -9.12 -10.34
N ASN F 825 16.78 -10.32 -10.52
CA ASN F 825 17.45 -10.62 -11.79
C ASN F 825 16.47 -11.07 -12.86
N ALA F 826 15.20 -11.24 -12.52
CA ALA F 826 14.17 -11.63 -13.48
C ALA F 826 13.33 -10.45 -13.95
N LEU F 827 13.49 -9.28 -13.32
CA LEU F 827 12.62 -8.14 -13.63
C LEU F 827 12.93 -7.57 -15.01
N SER F 828 14.22 -7.47 -15.36
CA SER F 828 14.65 -6.81 -16.59
C SER F 828 14.34 -7.61 -17.84
N ALA F 829 13.84 -8.83 -17.71
CA ALA F 829 13.34 -9.61 -18.83
C ALA F 829 11.87 -9.35 -19.11
N GLY F 830 11.28 -8.35 -18.48
CA GLY F 830 9.89 -8.04 -18.69
C GLY F 830 9.69 -6.62 -19.18
N TYR F 831 10.79 -5.95 -19.49
CA TYR F 831 10.74 -4.57 -19.91
C TYR F 831 10.34 -4.48 -21.38
N TRP F 832 10.05 -3.27 -21.85
CA TRP F 832 9.76 -3.02 -23.25
C TRP F 832 11.07 -2.68 -23.95
N ARG F 833 11.50 -3.56 -24.86
CA ARG F 833 12.74 -3.31 -25.58
C ARG F 833 12.50 -2.40 -26.78
N GLY F 834 11.75 -2.87 -27.76
CA GLY F 834 11.08 -2.00 -28.69
C GLY F 834 11.89 -1.23 -29.70
N ASP F 835 12.85 -0.41 -29.24
CA ASP F 835 13.46 0.58 -30.10
C ASP F 835 14.87 0.23 -30.57
N LYS F 836 15.56 -0.67 -29.86
CA LYS F 836 16.87 -1.23 -30.18
C LYS F 836 18.01 -0.20 -30.20
N GLN F 837 17.77 1.06 -29.80
CA GLN F 837 18.81 2.07 -29.74
C GLN F 837 18.95 2.68 -28.36
N ALA F 838 18.17 2.22 -27.39
CA ALA F 838 18.19 2.79 -26.06
C ALA F 838 19.50 2.46 -25.35
N PHE F 839 19.86 3.30 -24.40
CA PHE F 839 21.11 3.10 -23.68
C PHE F 839 21.00 1.91 -22.74
N ALA F 840 22.16 1.47 -22.25
CA ALA F 840 22.23 0.27 -21.43
C ALA F 840 21.58 0.50 -20.08
N GLY F 841 20.80 -0.46 -19.63
CA GLY F 841 20.07 -0.31 -18.39
C GLY F 841 20.96 -0.38 -17.17
N PHE F 842 20.42 0.09 -16.06
CA PHE F 842 21.20 0.21 -14.84
C PHE F 842 21.16 -1.07 -14.02
N THR F 843 22.17 -1.23 -13.19
CA THR F 843 22.25 -2.25 -12.15
C THR F 843 22.46 -1.54 -10.82
N PRO F 844 22.13 -2.17 -9.70
CA PRO F 844 22.43 -1.56 -8.40
C PRO F 844 23.92 -1.42 -8.15
N ARG F 845 24.27 -0.42 -7.36
CA ARG F 845 25.67 -0.05 -7.13
C ARG F 845 25.98 -0.23 -5.65
N PHE F 846 26.60 -1.35 -5.30
CA PHE F 846 27.01 -1.56 -3.93
C PHE F 846 28.33 -0.85 -3.69
N THR F 847 28.40 -0.07 -2.62
CA THR F 847 29.51 0.84 -2.42
C THR F 847 29.91 0.85 -0.95
N LEU F 848 31.20 1.02 -0.71
CA LEU F 848 31.76 1.07 0.63
C LEU F 848 32.23 2.48 0.93
N TRP F 849 32.10 2.92 2.17
CA TRP F 849 32.43 4.28 2.56
C TRP F 849 33.64 4.25 3.48
N LYS F 850 34.80 4.64 2.94
CA LYS F 850 35.98 4.82 3.75
C LYS F 850 36.73 6.04 3.22
N GLU F 851 37.37 6.77 4.15
CA GLU F 851 38.15 7.98 3.86
C GLU F 851 37.30 9.06 3.18
N GLY F 852 36.04 9.15 3.56
CA GLY F 852 35.20 10.22 3.08
C GLY F 852 34.77 10.13 1.64
N LYS F 853 34.89 8.96 1.01
CA LYS F 853 34.48 8.84 -0.37
C LYS F 853 33.90 7.46 -0.61
N ASP F 854 33.09 7.35 -1.65
CA ASP F 854 32.49 6.10 -2.06
C ASP F 854 33.49 5.27 -2.87
N VAL F 855 33.96 4.18 -2.30
CA VAL F 855 34.76 3.19 -3.02
C VAL F 855 33.91 1.93 -3.23
N PRO F 856 33.87 1.37 -4.43
CA PRO F 856 32.89 0.30 -4.70
C PRO F 856 33.30 -1.02 -4.08
N LEU F 857 32.35 -1.96 -4.11
CA LEU F 857 32.53 -3.26 -3.48
C LEU F 857 32.74 -4.36 -4.51
N ASN F 864 29.15 -9.69 3.54
CA ASN F 864 27.80 -9.20 3.85
C ASN F 864 27.07 -8.69 2.61
N LEU F 865 26.95 -9.57 1.62
CA LEU F 865 26.19 -9.25 0.42
C LEU F 865 24.70 -9.40 0.62
N TYR F 866 24.27 -10.06 1.70
CA TYR F 866 22.84 -10.20 1.96
C TYR F 866 22.24 -8.88 2.41
N TRP F 867 22.93 -8.15 3.28
CA TRP F 867 22.39 -6.90 3.80
C TRP F 867 22.45 -5.79 2.76
N LEU F 868 23.36 -5.89 1.78
CA LEU F 868 23.41 -4.91 0.72
C LEU F 868 22.22 -5.04 -0.21
N ASN F 869 21.79 -6.28 -0.48
CA ASN F 869 20.60 -6.46 -1.30
C ASN F 869 19.33 -6.15 -0.51
N ARG F 870 19.35 -6.38 0.79
CA ARG F 870 18.17 -6.12 1.61
C ARG F 870 17.86 -4.63 1.70
N ALA F 871 18.88 -3.78 1.56
CA ALA F 871 18.65 -2.34 1.58
C ALA F 871 17.96 -1.83 0.32
N LEU F 872 17.91 -2.63 -0.74
CA LEU F 872 17.30 -2.22 -2.00
C LEU F 872 15.79 -2.35 -2.01
N LYS F 873 15.15 -2.71 -0.91
CA LYS F 873 13.72 -2.98 -0.94
C LYS F 873 12.93 -1.70 -1.11
N GLY F 874 11.94 -1.73 -2.01
CA GLY F 874 11.12 -0.56 -2.27
C GLY F 874 11.76 0.50 -3.12
N GLN F 875 12.91 0.24 -3.73
CA GLN F 875 13.48 1.21 -4.65
C GLN F 875 12.84 1.07 -6.03
N PRO F 876 12.60 2.17 -6.72
CA PRO F 876 12.05 2.07 -8.07
C PRO F 876 13.13 1.63 -9.06
N LEU F 877 12.72 0.82 -10.03
CA LEU F 877 13.65 0.35 -11.04
C LEU F 877 13.26 0.77 -12.44
N ARG F 878 11.99 0.74 -12.78
CA ARG F 878 11.51 1.21 -14.07
C ARG F 878 10.05 1.58 -13.95
N SER F 879 9.57 2.37 -14.91
CA SER F 879 8.16 2.67 -15.04
C SER F 879 7.90 3.04 -16.50
N GLU F 880 6.87 2.44 -17.08
CA GLU F 880 6.49 2.71 -18.46
C GLU F 880 5.01 3.02 -18.51
N LEU F 881 4.64 4.08 -19.22
CA LEU F 881 3.26 4.55 -19.27
C LEU F 881 2.70 4.33 -20.66
N TYR F 882 1.52 3.72 -20.73
CA TYR F 882 0.89 3.38 -21.99
C TYR F 882 -0.53 3.94 -22.03
N GLY F 883 -1.08 3.99 -23.24
CA GLY F 883 -2.47 4.34 -23.44
C GLY F 883 -3.18 3.30 -24.28
N LEU F 884 -4.17 2.64 -23.70
CA LEU F 884 -4.80 1.49 -24.34
C LEU F 884 -6.03 1.92 -25.13
N ASP F 885 -5.78 2.36 -26.36
CA ASP F 885 -6.85 2.79 -27.26
C ASP F 885 -7.18 1.78 -28.34
N GLY F 886 -6.44 0.67 -28.42
CA GLY F 886 -6.66 -0.27 -29.50
C GLY F 886 -6.18 0.26 -30.83
N SER F 887 -5.00 0.88 -30.85
CA SER F 887 -4.44 1.48 -32.04
C SER F 887 -3.17 0.74 -32.43
N ALA F 888 -2.50 1.24 -33.46
CA ALA F 888 -1.23 0.67 -33.87
C ALA F 888 -0.08 1.11 -32.97
N GLN F 889 -0.31 2.08 -32.10
CA GLN F 889 0.68 2.54 -31.14
C GLN F 889 0.33 2.18 -29.71
N GLN F 890 -0.57 1.21 -29.51
CA GLN F 890 -1.03 0.87 -28.17
C GLN F 890 0.09 0.24 -27.35
N GLN F 891 0.96 -0.50 -27.99
CA GLN F 891 2.03 -1.20 -27.29
C GLN F 891 3.27 -0.35 -27.07
N ILE F 892 3.33 0.84 -27.65
CA ILE F 892 4.49 1.73 -27.52
C ILE F 892 4.24 2.68 -26.36
N PRO F 893 5.19 2.85 -25.45
CA PRO F 893 4.94 3.68 -24.28
C PRO F 893 4.97 5.17 -24.56
N TYR F 894 4.26 5.92 -23.72
CA TYR F 894 4.33 7.37 -23.79
C TYR F 894 5.65 7.89 -23.24
N THR F 895 6.14 7.29 -22.16
CA THR F 895 7.40 7.66 -21.56
C THR F 895 7.96 6.46 -20.84
N VAL F 896 9.29 6.46 -20.67
CA VAL F 896 10.00 5.39 -19.99
C VAL F 896 10.98 6.02 -19.02
N THR F 897 10.89 5.67 -17.75
CA THR F 897 11.82 6.13 -16.74
C THR F 897 12.53 4.92 -16.13
N GLU F 898 13.86 4.98 -16.08
CA GLU F 898 14.66 3.97 -15.40
C GLU F 898 15.41 4.63 -14.25
N SER F 899 15.70 3.85 -13.21
CA SER F 899 16.41 4.35 -12.05
C SER F 899 17.57 3.42 -11.70
N ARG F 900 18.50 3.96 -10.93
CA ARG F 900 19.64 3.19 -10.43
C ARG F 900 19.78 3.43 -8.95
N PRO F 901 19.52 2.44 -8.10
CA PRO F 901 19.80 2.60 -6.69
C PRO F 901 21.28 2.34 -6.39
N GLN F 902 21.76 2.94 -5.31
CA GLN F 902 23.03 2.53 -4.76
C GLN F 902 22.86 2.30 -3.26
N VAL F 903 23.78 1.54 -2.68
CA VAL F 903 23.80 1.29 -1.24
C VAL F 903 25.21 1.57 -0.74
N ARG F 904 25.33 2.47 0.22
CA ARG F 904 26.60 2.77 0.87
C ARG F 904 26.63 2.12 2.24
N GLN F 905 27.68 1.36 2.52
CA GLN F 905 27.87 0.76 3.82
C GLN F 905 28.63 1.75 4.71
N LEU F 906 27.97 2.22 5.77
CA LEU F 906 28.54 3.26 6.61
C LEU F 906 29.37 2.71 7.76
N GLN F 907 28.97 1.58 8.35
CA GLN F 907 29.82 0.88 9.29
C GLN F 907 29.59 -0.60 9.11
N ASP F 908 30.62 -1.39 9.39
CA ASP F 908 30.58 -2.81 9.09
C ASP F 908 29.92 -3.56 10.24
N GLY F 909 29.34 -4.70 9.93
CA GLY F 909 28.71 -5.51 10.94
C GLY F 909 29.22 -6.94 10.97
N ALA F 910 29.84 -7.34 12.08
CA ALA F 910 30.45 -8.67 12.16
C ALA F 910 29.39 -9.75 12.39
N THR F 911 28.74 -9.71 13.56
CA THR F 911 27.62 -10.59 13.85
C THR F 911 26.29 -9.87 13.80
N VAL F 912 26.30 -8.54 13.83
CA VAL F 912 25.10 -7.74 13.74
C VAL F 912 25.09 -7.15 12.32
N SER F 913 23.98 -6.52 11.96
CA SER F 913 23.84 -5.96 10.63
C SER F 913 24.73 -4.73 10.45
N PRO F 914 25.15 -4.43 9.23
CA PRO F 914 25.82 -3.15 8.98
C PRO F 914 24.82 -2.00 9.02
N VAL F 915 25.37 -0.80 9.02
CA VAL F 915 24.57 0.39 8.75
C VAL F 915 24.66 0.67 7.27
N LEU F 916 23.51 0.71 6.61
CA LEU F 916 23.49 0.87 5.16
C LEU F 916 22.62 2.07 4.82
N TRP F 917 22.99 2.78 3.77
CA TRP F 917 22.23 3.92 3.28
C TRP F 917 21.91 3.70 1.81
N ALA F 918 20.63 3.56 1.49
CA ALA F 918 20.19 3.33 0.12
C ALA F 918 19.57 4.59 -0.45
N SER F 919 19.89 4.87 -1.71
CA SER F 919 19.37 6.04 -2.42
C SER F 919 19.42 5.76 -3.91
N VAL F 920 18.65 6.54 -4.66
CA VAL F 920 18.74 6.47 -6.12
C VAL F 920 19.85 7.41 -6.58
N VAL F 921 20.83 6.85 -7.28
CA VAL F 921 22.03 7.62 -7.58
C VAL F 921 22.00 8.22 -8.98
N GLU F 922 21.26 7.63 -9.93
CA GLU F 922 21.05 8.27 -11.21
C GLU F 922 19.75 7.76 -11.81
N SER F 923 18.97 8.69 -12.38
CA SER F 923 17.69 8.38 -12.98
C SER F 923 17.67 8.88 -14.42
N ARG F 924 17.31 8.00 -15.34
CA ARG F 924 17.23 8.33 -16.76
C ARG F 924 15.78 8.21 -17.19
N SER F 925 15.27 9.23 -17.86
CA SER F 925 13.90 9.27 -18.32
C SER F 925 13.86 9.45 -19.83
N TYR F 926 12.91 8.79 -20.48
CA TYR F 926 12.69 8.88 -21.91
C TYR F 926 11.34 9.52 -22.18
N HIS F 927 11.15 10.01 -23.40
CA HIS F 927 9.88 10.58 -23.83
C HIS F 927 9.66 10.16 -25.28
N TYR F 928 8.90 9.09 -25.47
CA TYR F 928 8.69 8.55 -26.80
C TYR F 928 7.49 9.17 -27.50
N GLU F 929 6.44 9.48 -26.73
CA GLU F 929 5.13 9.93 -27.22
C GLU F 929 4.56 8.96 -28.25
N ARG F 930 4.71 7.66 -27.97
CA ARG F 930 4.29 6.55 -28.84
C ARG F 930 4.93 6.63 -30.22
N ILE F 931 6.17 7.10 -30.27
CA ILE F 931 7.02 7.07 -31.46
C ILE F 931 8.25 6.25 -31.08
N ILE F 932 8.50 5.16 -31.81
CA ILE F 932 9.55 4.22 -31.43
C ILE F 932 10.93 4.84 -31.60
N SER F 933 11.25 5.28 -32.80
CA SER F 933 12.45 6.07 -33.02
C SER F 933 12.22 7.49 -32.52
N ASP F 934 13.28 8.27 -32.51
CA ASP F 934 13.25 9.70 -32.17
C ASP F 934 12.61 10.05 -30.82
N PRO F 935 13.18 9.61 -29.68
CA PRO F 935 12.67 10.09 -28.39
C PRO F 935 13.45 11.26 -27.86
N GLN F 936 13.01 11.81 -26.72
CA GLN F 936 13.68 12.93 -26.07
C GLN F 936 14.10 12.48 -24.69
N CYS F 937 15.36 12.06 -24.55
CA CYS F 937 15.86 11.45 -23.34
C CYS F 937 16.64 12.47 -22.52
N ASN F 938 16.71 12.23 -21.21
CA ASN F 938 17.55 13.02 -20.31
C ASN F 938 17.94 12.15 -19.12
N GLN F 939 18.74 12.71 -18.23
CA GLN F 939 19.33 11.94 -17.14
C GLN F 939 19.74 12.90 -16.03
N ASP F 940 19.63 12.45 -14.79
CA ASP F 940 20.07 13.22 -13.63
C ASP F 940 20.90 12.31 -12.73
N ILE F 941 22.20 12.57 -12.65
CA ILE F 941 23.16 11.70 -11.97
C ILE F 941 23.67 12.41 -10.71
N THR F 942 23.75 11.68 -9.61
CA THR F 942 24.45 12.13 -8.42
C THR F 942 25.84 11.50 -8.42
N LEU F 943 26.87 12.33 -8.28
CA LEU F 943 28.24 11.83 -8.26
C LEU F 943 28.78 11.65 -6.86
N SER F 944 28.66 12.65 -6.00
CA SER F 944 29.20 12.59 -4.65
C SER F 944 28.13 12.93 -3.64
N SER F 945 28.22 12.30 -2.49
CA SER F 945 27.41 12.65 -1.32
C SER F 945 28.33 12.65 -0.11
N ASP F 946 27.98 13.48 0.87
CA ASP F 946 28.82 13.58 2.06
C ASP F 946 28.37 12.53 3.08
N LEU F 947 28.81 12.70 4.33
CA LEU F 947 28.58 11.73 5.40
C LEU F 947 27.09 11.51 5.66
N PHE F 948 26.26 12.53 5.46
CA PHE F 948 24.86 12.46 5.82
C PHE F 948 23.95 12.47 4.60
N GLY F 949 24.47 12.14 3.43
CA GLY F 949 23.63 11.97 2.27
C GLY F 949 23.22 13.23 1.57
N GLN F 950 23.92 14.33 1.79
CA GLN F 950 23.60 15.51 1.00
C GLN F 950 24.46 15.53 -0.25
N PRO F 951 23.91 15.94 -1.40
CA PRO F 951 24.67 15.86 -2.65
C PRO F 951 25.79 16.88 -2.70
N LEU F 952 26.96 16.44 -3.17
CA LEU F 952 28.10 17.31 -3.33
C LEU F 952 28.41 17.62 -4.79
N LYS F 953 27.92 16.80 -5.72
CA LYS F 953 28.20 17.00 -7.14
C LYS F 953 27.09 16.32 -7.92
N GLN F 954 26.29 17.11 -8.61
CA GLN F 954 25.16 16.60 -9.39
C GLN F 954 25.33 17.00 -10.84
N VAL F 955 24.93 16.11 -11.74
CA VAL F 955 25.06 16.33 -13.17
C VAL F 955 23.71 16.06 -13.81
N SER F 956 23.18 17.04 -14.53
CA SER F 956 21.98 16.88 -15.33
C SER F 956 22.40 16.73 -16.79
N VAL F 957 21.94 15.68 -17.44
CA VAL F 957 22.31 15.38 -18.82
C VAL F 957 21.09 15.55 -19.70
N GLN F 958 21.22 16.35 -20.74
CA GLN F 958 20.24 16.42 -21.82
C GLN F 958 20.82 15.73 -23.04
N TYR F 959 20.14 14.84 -23.53
CA TYR F 959 20.69 14.10 -24.64
C TYR F 959 20.26 14.72 -25.96
N PRO F 960 21.12 14.69 -26.97
CA PRO F 960 20.77 15.29 -28.26
C PRO F 960 19.71 14.48 -29.00
N ARG F 961 19.22 15.08 -30.07
CA ARG F 961 18.29 14.37 -30.94
C ARG F 961 19.06 13.32 -31.73
N ARG F 962 18.44 12.17 -31.93
CA ARG F 962 19.01 11.13 -32.78
C ARG F 962 19.04 11.62 -34.23
N ASN F 963 19.95 11.05 -35.01
CA ASN F 963 20.15 11.47 -36.39
C ASN F 963 18.93 11.13 -37.25
N LYS F 964 18.71 11.95 -38.26
CA LYS F 964 17.55 11.89 -39.15
C LYS F 964 17.50 10.58 -39.92
N PRO F 965 16.53 9.72 -39.65
CA PRO F 965 16.42 8.47 -40.40
C PRO F 965 15.79 8.70 -41.75
N THR F 966 15.95 7.69 -42.62
CA THR F 966 15.36 7.78 -43.95
C THR F 966 13.86 7.56 -43.90
N THR F 967 13.41 6.58 -43.11
CA THR F 967 11.99 6.33 -42.92
C THR F 967 11.46 7.32 -41.91
N ASN F 968 10.34 8.01 -42.25
CA ASN F 968 9.94 8.92 -41.18
C ASN F 968 8.73 8.39 -40.41
N PRO F 969 8.69 8.68 -39.12
CA PRO F 969 7.43 8.66 -38.37
C PRO F 969 6.67 9.96 -38.58
N TYR F 970 5.69 10.28 -37.71
CA TYR F 970 4.90 11.51 -37.75
C TYR F 970 4.07 11.53 -39.03
N PRO F 971 2.90 10.89 -39.02
CA PRO F 971 2.32 10.35 -40.25
C PRO F 971 1.83 11.41 -41.22
N ASP F 972 1.25 10.91 -42.32
CA ASP F 972 1.03 11.70 -43.54
C ASP F 972 0.04 12.83 -43.37
N THR F 973 -0.72 12.89 -42.28
CA THR F 973 -1.66 13.98 -42.07
C THR F 973 -0.97 15.30 -41.81
N LEU F 974 0.30 15.27 -41.40
CA LEU F 974 1.09 16.49 -41.25
C LEU F 974 1.54 16.96 -42.63
N PRO F 975 1.95 18.23 -42.76
CA PRO F 975 2.56 18.68 -44.02
C PRO F 975 3.85 17.94 -44.32
N ASP F 976 4.18 17.85 -45.61
CA ASP F 976 5.29 16.99 -46.05
C ASP F 976 6.63 17.53 -45.60
N THR F 977 6.77 18.85 -45.50
CA THR F 977 8.03 19.48 -45.16
C THR F 977 8.25 19.58 -43.66
N LEU F 978 7.36 19.00 -42.86
CA LEU F 978 7.49 19.13 -41.40
C LEU F 978 8.63 18.29 -40.85
N PHE F 979 8.93 17.16 -41.48
CA PHE F 979 9.95 16.27 -40.94
C PHE F 979 11.35 16.84 -41.12
N ALA F 980 11.62 17.45 -42.27
CA ALA F 980 12.93 18.06 -42.48
C ALA F 980 13.06 19.39 -41.74
N SER F 981 11.98 20.15 -41.62
CA SER F 981 12.01 21.42 -40.92
C SER F 981 11.95 21.27 -39.41
N SER F 982 11.86 20.05 -38.90
CA SER F 982 11.86 19.80 -37.47
C SER F 982 13.25 19.79 -36.87
N TYR F 983 14.29 19.82 -37.68
CA TYR F 983 15.66 19.64 -37.19
C TYR F 983 16.38 20.97 -37.11
N ASP F 984 16.45 21.53 -35.92
CA ASP F 984 17.31 22.66 -35.62
C ASP F 984 18.69 22.13 -35.24
N ASP F 985 19.65 23.05 -35.13
CA ASP F 985 20.98 22.72 -34.66
C ASP F 985 21.11 22.86 -33.15
N GLN F 986 20.02 23.12 -32.45
CA GLN F 986 20.02 23.21 -31.01
C GLN F 986 19.42 21.99 -30.34
N GLN F 987 18.83 21.09 -31.12
CA GLN F 987 18.41 19.80 -30.62
C GLN F 987 19.52 18.78 -30.63
N GLN F 988 20.68 19.13 -31.18
CA GLN F 988 21.75 18.16 -31.39
C GLN F 988 22.99 18.56 -30.62
N LEU F 989 22.82 18.94 -29.36
CA LEU F 989 23.91 19.31 -28.48
C LEU F 989 23.76 18.55 -27.18
N LEU F 990 24.76 17.74 -26.82
CA LEU F 990 24.79 17.08 -25.53
C LEU F 990 25.07 18.11 -24.46
N ARG F 991 24.08 18.44 -23.66
CA ARG F 991 24.21 19.46 -22.63
C ARG F 991 24.36 18.81 -21.27
N LEU F 992 25.43 19.16 -20.57
CA LEU F 992 25.65 18.73 -19.20
C LEU F 992 25.61 19.95 -18.30
N THR F 993 24.89 19.83 -17.19
CA THR F 993 24.81 20.91 -16.21
C THR F 993 25.33 20.36 -14.89
N CYS F 994 26.58 20.64 -14.58
CA CYS F 994 27.12 20.24 -13.29
C CYS F 994 26.62 21.18 -12.20
N ARG F 995 26.69 20.70 -10.96
CA ARG F 995 26.11 21.43 -9.84
C ARG F 995 26.86 21.00 -8.60
N GLN F 996 27.76 21.86 -8.13
CA GLN F 996 28.48 21.60 -6.90
C GLN F 996 27.72 22.21 -5.73
N SER F 997 27.85 21.58 -4.57
CA SER F 997 27.15 22.03 -3.38
C SER F 997 28.08 21.93 -2.18
N SER F 998 27.74 22.69 -1.14
CA SER F 998 28.45 22.65 0.13
C SER F 998 27.43 22.75 1.25
N TRP F 999 27.71 22.09 2.37
CA TRP F 999 26.74 22.01 3.45
C TRP F 999 27.41 22.25 4.80
N HIS F 1000 26.57 22.53 5.80
CA HIS F 1000 26.97 22.66 7.19
C HIS F 1000 26.32 21.54 7.97
N HIS F 1001 27.13 20.73 8.66
CA HIS F 1001 26.61 19.68 9.53
C HIS F 1001 27.07 19.98 10.94
N LEU F 1002 26.12 20.20 11.83
CA LEU F 1002 26.40 20.55 13.22
C LEU F 1002 26.37 19.29 14.08
N ILE F 1003 27.54 18.84 14.51
CA ILE F 1003 27.69 17.61 15.27
C ILE F 1003 28.20 17.95 16.66
N GLY F 1004 27.59 17.34 17.67
CA GLY F 1004 28.05 17.50 19.03
C GLY F 1004 27.40 16.43 19.88
N ASN F 1005 27.72 16.47 21.18
CA ASN F 1005 27.11 15.52 22.10
C ASN F 1005 25.66 15.88 22.38
N GLU F 1006 25.32 17.15 22.33
CA GLU F 1006 23.94 17.61 22.47
C GLU F 1006 23.50 18.43 21.26
N LEU F 1007 23.98 18.04 20.07
CA LEU F 1007 23.78 18.84 18.88
C LEU F 1007 23.73 17.92 17.67
N ARG F 1008 22.63 17.98 16.94
CA ARG F 1008 22.50 17.25 15.66
C ARG F 1008 21.60 18.11 14.76
N VAL F 1009 22.22 18.96 13.96
CA VAL F 1009 21.53 19.80 12.98
C VAL F 1009 22.24 19.59 11.66
N LEU F 1010 21.58 18.94 10.71
CA LEU F 1010 22.19 18.56 9.45
C LEU F 1010 21.52 19.27 8.29
N GLY F 1011 22.21 19.26 7.15
CA GLY F 1011 21.61 19.70 5.91
C GLY F 1011 21.45 21.19 5.77
N LEU F 1012 22.25 21.98 6.49
CA LEU F 1012 22.20 23.41 6.36
C LEU F 1012 23.01 23.84 5.14
N PRO F 1013 22.41 24.49 4.16
CA PRO F 1013 23.18 24.89 2.98
C PRO F 1013 24.03 26.12 3.23
N ASP F 1014 25.17 26.18 2.56
CA ASP F 1014 25.96 27.40 2.55
C ASP F 1014 26.63 27.70 1.23
N GLY F 1015 26.39 26.92 0.18
CA GLY F 1015 27.01 27.23 -1.08
C GLY F 1015 26.61 26.29 -2.18
N THR F 1016 26.27 26.84 -3.34
CA THR F 1016 25.95 26.03 -4.50
C THR F 1016 26.39 26.79 -5.74
N ARG F 1017 26.71 26.05 -6.80
CA ARG F 1017 27.27 26.66 -8.01
C ARG F 1017 26.97 25.77 -9.19
N SER F 1018 26.43 26.36 -10.26
CA SER F 1018 26.07 25.61 -11.46
C SER F 1018 26.99 25.99 -12.61
N ASP F 1019 27.43 24.99 -13.34
CA ASP F 1019 28.24 25.18 -14.54
C ASP F 1019 27.62 24.40 -15.69
N ALA F 1020 28.12 24.65 -16.90
CA ALA F 1020 27.50 24.09 -18.09
C ALA F 1020 28.57 23.57 -19.04
N PHE F 1021 28.35 22.36 -19.53
CA PHE F 1021 29.23 21.72 -20.50
C PHE F 1021 28.41 21.35 -21.73
N THR F 1022 28.96 21.61 -22.91
CA THR F 1022 28.22 21.34 -24.13
C THR F 1022 29.15 20.68 -25.15
N TYR F 1023 28.68 19.60 -25.75
CA TYR F 1023 29.43 18.86 -26.75
C TYR F 1023 28.48 18.48 -27.88
N ASP F 1024 29.05 18.18 -29.04
CA ASP F 1024 28.23 17.72 -30.14
C ASP F 1024 27.84 16.27 -29.94
N ALA F 1025 26.98 15.77 -30.83
CA ALA F 1025 26.39 14.45 -30.68
C ALA F 1025 27.35 13.31 -31.00
N LYS F 1026 28.57 13.59 -31.43
CA LYS F 1026 29.56 12.55 -31.63
C LYS F 1026 30.37 12.28 -30.37
N GLN F 1027 29.99 12.87 -29.25
CA GLN F 1027 30.65 12.64 -27.98
C GLN F 1027 29.79 11.86 -26.99
N VAL F 1028 28.50 11.68 -27.27
CA VAL F 1028 27.64 10.82 -26.46
C VAL F 1028 27.81 9.39 -26.95
N PRO F 1029 28.26 8.47 -26.10
CA PRO F 1029 28.57 7.12 -26.58
C PRO F 1029 27.34 6.24 -26.56
N VAL F 1030 27.42 5.15 -27.34
CA VAL F 1030 26.48 4.07 -27.13
C VAL F 1030 26.75 3.47 -25.76
N ASP F 1031 25.70 2.90 -25.17
CA ASP F 1031 25.50 2.55 -23.75
C ASP F 1031 25.39 3.79 -22.87
N GLY F 1032 25.32 4.99 -23.45
CA GLY F 1032 24.99 6.19 -22.71
C GLY F 1032 26.10 6.69 -21.81
N LEU F 1033 25.81 7.83 -21.17
CA LEU F 1033 26.62 8.31 -20.07
C LEU F 1033 26.07 7.77 -18.77
N ASN F 1034 26.96 7.57 -17.81
CA ASN F 1034 26.56 7.06 -16.50
C ASN F 1034 27.57 7.54 -15.48
N LEU F 1035 27.42 7.07 -14.24
CA LEU F 1035 28.26 7.56 -13.15
C LEU F 1035 29.70 7.07 -13.29
N GLU F 1036 29.88 5.86 -13.81
CA GLU F 1036 31.21 5.32 -14.00
C GLU F 1036 31.96 5.96 -15.16
N THR F 1037 31.26 6.67 -16.05
CA THR F 1037 31.91 7.43 -17.10
C THR F 1037 32.33 8.80 -16.59
N LEU F 1038 31.42 9.51 -15.93
CA LEU F 1038 31.64 10.90 -15.60
C LEU F 1038 32.54 11.10 -14.39
N CYS F 1039 32.77 10.05 -13.60
CA CYS F 1039 33.69 10.12 -12.47
C CYS F 1039 35.11 9.74 -12.85
N ALA F 1040 35.36 9.41 -14.11
CA ALA F 1040 36.64 8.91 -14.54
C ALA F 1040 37.68 10.03 -14.64
N GLU F 1041 38.87 9.69 -15.15
CA GLU F 1041 39.99 10.62 -15.12
C GLU F 1041 40.00 11.55 -16.34
N ASN F 1042 39.38 11.17 -17.44
CA ASN F 1042 39.29 12.01 -18.63
C ASN F 1042 37.85 12.28 -19.04
N SER F 1043 36.99 12.51 -18.05
CA SER F 1043 35.56 12.57 -18.30
C SER F 1043 35.16 13.90 -18.90
N LEU F 1044 33.90 14.02 -19.29
CA LEU F 1044 33.37 15.22 -19.92
C LEU F 1044 33.14 16.36 -18.95
N ILE F 1045 33.36 16.15 -17.66
CA ILE F 1045 33.16 17.19 -16.65
C ILE F 1045 34.40 17.30 -15.79
N ALA F 1046 35.50 16.68 -16.22
CA ALA F 1046 36.75 16.82 -15.51
C ALA F 1046 37.29 18.23 -15.65
N ASP F 1047 38.19 18.63 -14.75
CA ASP F 1047 38.66 20.00 -14.72
C ASP F 1047 39.76 20.28 -15.73
N ASP F 1048 39.54 19.86 -16.97
CA ASP F 1048 40.48 20.07 -18.06
C ASP F 1048 39.81 20.60 -19.30
N LYS F 1049 38.47 20.60 -19.35
CA LYS F 1049 37.38 20.95 -20.24
C LYS F 1049 36.85 22.33 -19.89
N PRO F 1050 36.48 23.13 -20.88
CA PRO F 1050 35.90 24.43 -20.57
C PRO F 1050 34.47 24.30 -20.08
N ARG F 1051 34.14 25.08 -19.06
CA ARG F 1051 32.80 25.14 -18.51
C ARG F 1051 32.32 26.59 -18.56
N GLU F 1052 31.02 26.78 -18.71
CA GLU F 1052 30.42 28.10 -18.68
C GLU F 1052 29.70 28.31 -17.36
N TYR F 1053 29.93 29.46 -16.75
CA TYR F 1053 29.28 29.83 -15.51
C TYR F 1053 27.78 30.00 -15.71
N LEU F 1054 27.00 29.55 -14.72
CA LEU F 1054 25.57 29.80 -14.74
C LEU F 1054 25.13 30.73 -13.61
N ASN F 1055 25.37 30.35 -12.35
CA ASN F 1055 25.02 31.15 -11.17
C ASN F 1055 25.68 30.54 -9.95
N GLN F 1056 25.60 31.27 -8.84
CA GLN F 1056 26.02 30.74 -7.55
C GLN F 1056 25.17 31.37 -6.46
N GLN F 1057 25.15 30.72 -5.30
CA GLN F 1057 24.36 31.19 -4.17
C GLN F 1057 25.09 30.78 -2.90
N ARG F 1058 25.17 31.71 -1.94
CA ARG F 1058 25.89 31.46 -0.70
C ARG F 1058 25.07 31.97 0.47
N THR F 1059 24.58 31.06 1.30
CA THR F 1059 23.77 31.42 2.46
C THR F 1059 24.68 31.81 3.61
N PHE F 1060 24.38 32.94 4.24
CA PHE F 1060 25.12 33.44 5.39
C PHE F 1060 24.26 33.34 6.63
N TYR F 1061 24.86 32.94 7.74
CA TYR F 1061 24.13 32.69 8.98
C TYR F 1061 24.56 33.65 10.07
N THR F 1062 23.63 33.96 10.97
CA THR F 1062 23.89 34.83 12.09
C THR F 1062 23.64 34.07 13.40
N ASP F 1063 24.26 34.55 14.47
CA ASP F 1063 24.04 34.00 15.79
C ASP F 1063 22.88 34.67 16.50
N GLY F 1064 22.26 35.66 15.89
CA GLY F 1064 21.10 36.33 16.43
C GLY F 1064 21.35 37.71 16.98
N LYS F 1065 22.59 38.05 17.28
CA LYS F 1065 22.88 39.34 17.91
C LYS F 1065 24.09 40.06 17.35
N ASN F 1066 24.93 39.42 16.55
CA ASN F 1066 26.14 40.06 16.03
C ASN F 1066 26.01 40.29 14.53
N GLN F 1067 26.47 41.46 14.08
CA GLN F 1067 26.34 41.85 12.69
C GLN F 1067 27.27 41.06 11.78
N THR F 1068 28.33 40.51 12.31
CA THR F 1068 29.22 39.69 11.51
C THR F 1068 28.62 38.30 11.34
N PRO F 1069 28.49 37.80 10.12
CA PRO F 1069 28.03 36.42 9.94
C PRO F 1069 29.04 35.40 10.46
N LEU F 1070 28.53 34.22 10.78
CA LEU F 1070 29.34 33.16 11.36
C LEU F 1070 29.93 32.28 10.26
N LYS F 1071 31.09 31.69 10.57
CA LYS F 1071 31.65 30.68 9.69
C LYS F 1071 30.88 29.37 9.80
N THR F 1072 30.49 29.00 11.02
CA THR F 1072 29.67 27.85 11.29
C THR F 1072 28.42 28.29 12.04
N PRO F 1073 27.23 27.95 11.54
CA PRO F 1073 26.00 28.45 12.15
C PRO F 1073 25.73 27.83 13.51
N THR F 1074 24.75 28.39 14.20
CA THR F 1074 24.32 27.90 15.49
C THR F 1074 23.23 26.86 15.30
N ARG F 1075 22.71 26.34 16.41
CA ARG F 1075 21.67 25.33 16.36
C ARG F 1075 20.37 25.88 15.79
N GLN F 1076 20.11 27.17 16.00
CA GLN F 1076 18.87 27.76 15.54
C GLN F 1076 18.85 27.98 14.04
N ALA F 1077 20.02 28.02 13.39
CA ALA F 1077 20.20 28.13 11.95
C ALA F 1077 19.51 29.37 11.39
N LEU F 1078 19.86 30.53 11.94
CA LEU F 1078 19.23 31.79 11.56
C LEU F 1078 19.94 32.35 10.34
N ILE F 1079 19.19 32.53 9.25
CA ILE F 1079 19.78 33.03 8.01
C ILE F 1079 19.91 34.54 8.12
N ALA F 1080 21.15 35.04 8.03
CA ALA F 1080 21.38 36.47 8.05
C ALA F 1080 20.95 37.11 6.73
N PHE F 1081 21.52 36.62 5.63
CA PHE F 1081 21.11 37.04 4.29
C PHE F 1081 21.53 35.93 3.34
N THR F 1082 21.21 36.11 2.06
CA THR F 1082 21.60 35.19 1.03
C THR F 1082 22.24 35.98 -0.10
N GLU F 1083 23.28 35.40 -0.70
CA GLU F 1083 24.15 36.12 -1.64
C GLU F 1083 24.11 35.41 -2.98
N THR F 1084 23.56 36.06 -3.99
CA THR F 1084 23.38 35.46 -5.29
C THR F 1084 24.16 36.25 -6.33
N ALA F 1085 25.02 35.57 -7.07
CA ALA F 1085 25.79 36.24 -8.13
C ALA F 1085 24.88 36.52 -9.32
N VAL F 1086 24.95 37.75 -9.83
CA VAL F 1086 24.07 38.17 -10.91
C VAL F 1086 24.84 38.70 -12.11
N LEU F 1087 26.04 39.20 -11.90
CA LEU F 1087 26.84 39.75 -13.00
C LEU F 1087 28.28 39.29 -12.86
N THR F 1088 28.89 38.92 -13.99
CA THR F 1088 30.29 38.58 -14.02
C THR F 1088 31.02 39.55 -14.93
N GLU F 1089 32.36 39.52 -14.88
CA GLU F 1089 33.17 40.49 -15.60
C GLU F 1089 33.09 40.33 -17.11
N SER F 1090 32.65 39.18 -17.60
CA SER F 1090 32.34 39.03 -19.02
C SER F 1090 31.06 39.77 -19.38
N LEU F 1091 30.09 39.81 -18.47
CA LEU F 1091 28.79 40.37 -18.76
C LEU F 1091 28.76 41.90 -18.65
N LEU F 1092 29.85 42.51 -18.22
CA LEU F 1092 29.91 43.96 -18.13
C LEU F 1092 30.20 44.61 -19.49
N SER F 1093 30.40 43.82 -20.54
CA SER F 1093 30.49 44.33 -21.89
C SER F 1093 29.12 44.58 -22.52
N ALA F 1094 28.05 44.27 -21.80
CA ALA F 1094 26.71 44.64 -22.21
C ALA F 1094 26.42 46.12 -22.02
N PHE F 1095 27.31 46.84 -21.35
CA PHE F 1095 27.24 48.29 -21.20
C PHE F 1095 28.42 48.86 -21.96
N ASP F 1096 28.25 49.04 -23.27
CA ASP F 1096 29.34 49.52 -24.10
C ASP F 1096 29.07 50.92 -24.65
N GLY F 1097 27.99 51.09 -25.40
CA GLY F 1097 27.62 52.41 -25.84
C GLY F 1097 26.60 53.02 -24.90
N GLY F 1098 27.05 53.84 -23.97
CA GLY F 1098 26.13 54.47 -23.04
C GLY F 1098 26.65 54.53 -21.63
N ILE F 1099 27.44 53.53 -21.23
CA ILE F 1099 28.10 53.53 -19.93
C ILE F 1099 29.60 53.46 -20.18
N THR F 1100 30.32 54.45 -19.69
CA THR F 1100 31.77 54.43 -19.76
C THR F 1100 32.28 53.31 -18.85
N PRO F 1101 33.31 52.56 -19.27
CA PRO F 1101 33.89 51.55 -18.38
C PRO F 1101 34.53 52.12 -17.12
N ASP F 1102 34.91 53.39 -17.13
CA ASP F 1102 35.54 54.00 -15.97
C ASP F 1102 34.54 54.22 -14.83
N GLU F 1103 33.27 54.42 -15.16
CA GLU F 1103 32.27 54.77 -14.16
C GLU F 1103 31.34 53.63 -13.80
N LEU F 1104 31.39 52.52 -14.52
CA LEU F 1104 30.53 51.36 -14.26
C LEU F 1104 30.75 50.71 -12.88
N PRO F 1105 31.97 50.50 -12.36
CA PRO F 1105 32.06 49.96 -10.99
C PRO F 1105 31.62 50.93 -9.90
N GLY F 1106 31.41 52.21 -10.22
CA GLY F 1106 30.83 53.12 -9.25
C GLY F 1106 29.32 53.10 -9.35
N ILE F 1107 28.82 52.89 -10.57
CA ILE F 1107 27.38 52.74 -10.77
C ILE F 1107 26.88 51.42 -10.19
N LEU F 1108 27.67 50.36 -10.35
CA LEU F 1108 27.27 49.05 -9.86
C LEU F 1108 27.26 48.98 -8.34
N THR F 1109 28.26 49.57 -7.69
CA THR F 1109 28.29 49.55 -6.23
C THR F 1109 27.29 50.52 -5.63
N GLN F 1110 26.76 51.46 -6.42
CA GLN F 1110 25.68 52.32 -5.95
C GLN F 1110 24.34 51.60 -6.02
N ALA F 1111 24.21 50.66 -6.94
CA ALA F 1111 22.99 49.86 -7.08
C ALA F 1111 22.95 48.67 -6.14
N GLY F 1112 23.87 48.58 -5.19
CA GLY F 1112 23.85 47.54 -4.18
C GLY F 1112 24.65 46.31 -4.49
N TYR F 1113 25.37 46.27 -5.61
CA TYR F 1113 26.18 45.12 -5.93
C TYR F 1113 27.51 45.15 -5.19
N GLN F 1114 28.06 43.97 -4.92
CA GLN F 1114 29.35 43.82 -4.28
C GLN F 1114 30.19 42.83 -5.06
N GLN F 1115 31.49 42.94 -4.91
CA GLN F 1115 32.44 42.06 -5.58
C GLN F 1115 32.92 41.02 -4.59
N GLU F 1116 32.53 39.77 -4.81
CA GLU F 1116 32.89 38.64 -3.97
C GLU F 1116 33.60 37.59 -4.81
N PRO F 1117 34.44 36.75 -4.22
CA PRO F 1117 35.12 35.72 -5.01
C PRO F 1117 34.17 34.63 -5.46
N TYR F 1118 34.66 33.81 -6.38
CA TYR F 1118 33.92 32.65 -6.84
C TYR F 1118 33.84 31.60 -5.74
N LEU F 1119 32.86 30.71 -5.87
CA LEU F 1119 32.52 29.84 -4.75
C LEU F 1119 33.46 28.65 -4.66
N PHE F 1120 33.53 27.86 -5.72
CA PHE F 1120 34.55 26.84 -5.79
C PHE F 1120 35.52 27.23 -6.91
N PRO F 1121 36.45 28.14 -6.63
CA PRO F 1121 37.09 28.90 -7.71
C PRO F 1121 38.20 28.12 -8.39
N ARG F 1122 38.27 28.32 -9.70
CA ARG F 1122 39.29 27.72 -10.55
C ARG F 1122 40.26 28.81 -11.00
N THR F 1123 41.29 28.39 -11.72
CA THR F 1123 42.28 29.34 -12.21
C THR F 1123 41.71 30.13 -13.36
N GLY F 1124 41.74 31.45 -13.24
CA GLY F 1124 41.23 32.33 -14.26
C GLY F 1124 39.97 33.08 -13.90
N GLU F 1125 39.54 33.02 -12.65
CA GLU F 1125 38.36 33.74 -12.20
C GLU F 1125 38.60 34.26 -10.80
N ASN F 1126 38.25 35.51 -10.57
CA ASN F 1126 38.56 36.12 -9.29
C ASN F 1126 37.37 36.78 -8.61
N LYS F 1127 36.48 37.43 -9.36
CA LYS F 1127 35.37 38.16 -8.75
C LYS F 1127 34.09 37.99 -9.56
N VAL F 1128 32.96 38.01 -8.85
CA VAL F 1128 31.64 38.17 -9.45
C VAL F 1128 30.95 39.33 -8.75
N TRP F 1129 29.98 39.92 -9.44
CA TRP F 1129 29.13 40.95 -8.85
C TRP F 1129 27.87 40.27 -8.32
N VAL F 1130 27.73 40.24 -7.00
CA VAL F 1130 26.68 39.48 -6.36
C VAL F 1130 25.54 40.41 -5.95
N ALA F 1131 24.40 39.81 -5.61
CA ALA F 1131 23.23 40.52 -5.13
C ALA F 1131 22.96 40.02 -3.71
N ARG F 1132 23.47 40.75 -2.72
CA ARG F 1132 23.39 40.34 -1.33
C ARG F 1132 22.11 40.90 -0.73
N GLN F 1133 21.14 40.03 -0.44
CA GLN F 1133 19.78 40.48 -0.15
C GLN F 1133 19.10 39.50 0.80
N GLY F 1134 17.91 39.88 1.25
CA GLY F 1134 17.10 39.04 2.09
C GLY F 1134 17.49 39.03 3.55
N TYR F 1135 17.48 40.21 4.18
CA TYR F 1135 18.02 40.39 5.52
C TYR F 1135 16.95 40.21 6.58
N THR F 1136 17.35 39.70 7.75
CA THR F 1136 16.44 39.47 8.85
C THR F 1136 17.17 39.69 10.17
N ASP F 1137 16.56 40.44 11.08
CA ASP F 1137 17.06 40.58 12.44
C ASP F 1137 16.16 39.78 13.37
N TYR F 1138 16.77 38.93 14.19
CA TYR F 1138 16.05 38.00 15.03
C TYR F 1138 16.06 38.48 16.48
N GLY F 1139 15.17 37.90 17.28
CA GLY F 1139 15.08 38.21 18.68
C GLY F 1139 16.06 37.40 19.51
N THR F 1140 15.93 37.53 20.82
CA THR F 1140 16.75 36.76 21.75
C THR F 1140 16.12 35.40 21.97
N GLU F 1141 16.70 34.62 22.90
CA GLU F 1141 16.18 33.29 23.16
C GLU F 1141 14.86 33.32 23.92
N ALA F 1142 14.66 34.35 24.75
CA ALA F 1142 13.41 34.49 25.47
C ALA F 1142 12.25 34.88 24.55
N GLN F 1143 12.55 35.43 23.37
CA GLN F 1143 11.56 35.77 22.38
C GLN F 1143 11.43 34.70 21.30
N PHE F 1144 11.89 33.48 21.59
CA PHE F 1144 11.80 32.31 20.71
C PHE F 1144 12.49 32.53 19.38
N TRP F 1145 13.53 33.37 19.36
CA TRP F 1145 14.34 33.68 18.19
C TRP F 1145 13.52 34.21 17.03
N ARG F 1146 12.47 34.95 17.33
CA ARG F 1146 11.55 35.40 16.31
C ARG F 1146 12.15 36.57 15.53
N PRO F 1147 11.80 36.69 14.24
CA PRO F 1147 12.21 37.87 13.48
C PRO F 1147 11.52 39.12 14.00
N VAL F 1148 12.31 40.17 14.24
CA VAL F 1148 11.77 41.42 14.72
C VAL F 1148 11.91 42.55 13.71
N ALA F 1149 12.77 42.41 12.70
CA ALA F 1149 12.99 43.46 11.72
C ALA F 1149 13.63 42.85 10.49
N GLN F 1150 12.96 42.93 9.35
CA GLN F 1150 13.49 42.36 8.11
C GLN F 1150 13.38 43.36 6.97
N ARG F 1151 14.46 43.49 6.19
CA ARG F 1151 14.51 44.31 5.00
C ARG F 1151 14.91 43.45 3.81
N ASN F 1152 14.68 43.98 2.61
CA ASN F 1152 14.99 43.23 1.40
C ASN F 1152 16.47 43.29 1.06
N SER F 1153 17.09 44.45 1.23
CA SER F 1153 18.51 44.64 0.96
C SER F 1153 18.94 45.89 1.71
N LEU F 1154 20.23 46.21 1.61
CA LEU F 1154 20.76 47.39 2.28
C LEU F 1154 20.41 48.69 1.57
N LEU F 1155 19.72 48.63 0.43
CA LEU F 1155 19.28 49.83 -0.27
C LEU F 1155 18.03 50.44 0.33
N THR F 1156 17.10 49.61 0.81
CA THR F 1156 15.85 50.07 1.39
C THR F 1156 15.91 50.01 2.91
N GLY F 1157 14.80 50.36 3.54
CA GLY F 1157 14.74 50.55 4.97
C GLY F 1157 14.19 49.36 5.71
N LYS F 1158 14.49 49.32 7.00
CA LYS F 1158 14.15 48.19 7.86
C LYS F 1158 12.68 48.24 8.23
N MET F 1159 12.00 47.10 8.11
CA MET F 1159 10.59 46.98 8.46
C MET F 1159 10.50 46.22 9.78
N THR F 1160 10.15 46.94 10.85
CA THR F 1160 10.22 46.41 12.20
C THR F 1160 8.93 45.69 12.55
N LEU F 1161 9.01 44.38 12.77
CA LEU F 1161 7.85 43.62 13.20
C LEU F 1161 7.69 43.70 14.72
N LYS F 1162 6.57 43.19 15.20
CA LYS F 1162 6.23 43.25 16.61
C LYS F 1162 5.27 42.10 16.90
N TRP F 1163 5.35 41.54 18.10
CA TRP F 1163 4.62 40.33 18.41
C TRP F 1163 3.74 40.56 19.63
N ASP F 1164 3.03 39.52 20.04
CA ASP F 1164 2.18 39.62 21.21
C ASP F 1164 3.01 39.25 22.44
N THR F 1165 2.35 39.05 23.59
CA THR F 1165 3.05 38.79 24.83
C THR F 1165 3.72 37.42 24.86
N HIS F 1166 3.30 36.50 24.00
CA HIS F 1166 3.83 35.14 24.00
C HIS F 1166 4.40 34.74 22.66
N TYR F 1167 4.58 35.71 21.75
CA TYR F 1167 5.42 35.58 20.55
C TYR F 1167 4.93 34.49 19.61
N CYS F 1168 3.63 34.49 19.34
CA CYS F 1168 3.05 33.54 18.41
C CYS F 1168 2.44 34.17 17.17
N VAL F 1169 1.98 35.42 17.25
CA VAL F 1169 1.40 36.13 16.11
C VAL F 1169 2.01 37.52 16.03
N ILE F 1170 2.09 38.04 14.80
CA ILE F 1170 2.61 39.38 14.58
C ILE F 1170 1.46 40.36 14.78
N THR F 1171 1.59 41.22 15.78
CA THR F 1171 0.66 42.33 16.00
C THR F 1171 1.47 43.59 15.74
N GLN F 1172 0.94 44.48 14.90
CA GLN F 1172 1.54 45.77 14.57
C GLN F 1172 2.92 45.67 13.94
N THR F 1173 3.00 45.21 12.70
CA THR F 1173 4.18 45.45 11.87
C THR F 1173 4.23 46.94 11.54
N GLN F 1174 5.43 47.47 11.34
CA GLN F 1174 5.62 48.89 11.10
C GLN F 1174 6.66 49.10 10.01
N ASP F 1175 6.34 49.97 9.05
CA ASP F 1175 7.19 50.26 7.90
C ASP F 1175 8.40 51.07 8.31
N ALA F 1176 9.25 51.37 7.33
CA ALA F 1176 10.46 52.13 7.60
C ALA F 1176 10.15 53.62 7.68
N ALA F 1177 9.07 54.06 7.04
CA ALA F 1177 8.67 55.47 7.11
C ALA F 1177 7.88 55.79 8.36
N GLY F 1178 7.43 54.78 9.09
CA GLY F 1178 6.53 54.97 10.22
C GLY F 1178 5.12 54.50 9.97
N LEU F 1179 4.83 53.93 8.81
CA LEU F 1179 3.50 53.44 8.51
C LEU F 1179 3.25 52.15 9.28
N THR F 1180 2.13 52.09 10.00
CA THR F 1180 1.85 51.03 10.94
C THR F 1180 0.57 50.30 10.57
N VAL F 1181 0.57 48.98 10.74
CA VAL F 1181 -0.61 48.14 10.48
C VAL F 1181 -0.79 47.26 11.70
N SER F 1182 -1.71 47.63 12.58
CA SER F 1182 -1.98 46.84 13.76
C SER F 1182 -2.93 45.69 13.45
N ALA F 1183 -2.95 44.69 14.33
CA ALA F 1183 -3.81 43.54 14.13
C ALA F 1183 -4.17 42.90 15.47
N ASN F 1184 -5.46 42.62 15.65
CA ASN F 1184 -5.96 41.84 16.76
C ASN F 1184 -6.32 40.45 16.26
N TYR F 1185 -6.25 39.46 17.15
CA TYR F 1185 -6.36 38.07 16.76
C TYR F 1185 -7.50 37.39 17.52
N ASP F 1186 -8.20 36.50 16.83
CA ASP F 1186 -9.19 35.62 17.45
C ASP F 1186 -8.45 34.37 17.93
N TRP F 1187 -8.28 34.26 19.24
CA TRP F 1187 -7.36 33.28 19.81
C TRP F 1187 -7.88 31.86 19.77
N ARG F 1188 -9.11 31.63 19.29
CA ARG F 1188 -9.55 30.27 19.06
C ARG F 1188 -8.79 29.64 17.90
N PHE F 1189 -8.47 30.43 16.88
CA PHE F 1189 -7.83 29.91 15.68
C PHE F 1189 -6.53 30.62 15.33
N LEU F 1190 -6.12 31.61 16.13
CA LEU F 1190 -4.96 32.49 15.87
C LEU F 1190 -5.06 33.12 14.49
N THR F 1191 -6.16 33.82 14.29
CA THR F 1191 -6.58 34.39 13.04
C THR F 1191 -6.83 35.89 13.22
N PRO F 1192 -6.26 36.74 12.37
CA PRO F 1192 -6.46 38.19 12.53
C PRO F 1192 -7.87 38.60 12.14
N THR F 1193 -8.59 39.19 13.10
CA THR F 1193 -9.98 39.57 12.89
C THR F 1193 -10.22 41.05 13.06
N GLN F 1194 -9.17 41.85 13.17
CA GLN F 1194 -9.30 43.31 13.10
C GLN F 1194 -8.01 43.84 12.52
N LEU F 1195 -8.12 44.59 11.42
CA LEU F 1195 -6.95 45.14 10.76
C LEU F 1195 -7.10 46.65 10.70
N THR F 1196 -6.21 47.36 11.40
CA THR F 1196 -6.09 48.81 11.27
C THR F 1196 -4.98 49.10 10.28
N ASP F 1197 -5.32 49.71 9.14
CA ASP F 1197 -4.35 49.91 8.09
C ASP F 1197 -3.55 51.18 8.34
N ILE F 1198 -2.82 51.64 7.33
CA ILE F 1198 -1.88 52.74 7.49
C ILE F 1198 -2.55 54.09 7.64
N ASN F 1199 -3.83 54.21 7.32
CA ASN F 1199 -4.58 55.45 7.47
C ASN F 1199 -5.55 55.40 8.64
N ASP F 1200 -5.39 54.43 9.54
CA ASP F 1200 -6.23 54.22 10.72
C ASP F 1200 -7.70 53.97 10.35
N ASN F 1201 -7.92 53.07 9.40
CA ASN F 1201 -9.26 52.59 9.07
C ASN F 1201 -9.37 51.16 9.56
N VAL F 1202 -10.38 50.89 10.37
CA VAL F 1202 -10.56 49.58 10.98
C VAL F 1202 -11.21 48.64 9.98
N HIS F 1203 -10.76 47.38 9.96
CA HIS F 1203 -11.35 46.34 9.12
C HIS F 1203 -11.64 45.13 10.01
N LEU F 1204 -12.88 44.99 10.45
CA LEU F 1204 -13.26 43.99 11.44
C LEU F 1204 -14.03 42.86 10.77
N ILE F 1205 -13.56 41.63 10.94
CA ILE F 1205 -14.26 40.45 10.45
C ILE F 1205 -14.66 39.59 11.65
N THR F 1206 -15.55 38.64 11.39
CA THR F 1206 -16.11 37.76 12.40
C THR F 1206 -15.99 36.33 11.90
N LEU F 1207 -15.69 35.40 12.79
CA LEU F 1207 -15.50 34.00 12.44
C LEU F 1207 -16.65 33.17 13.02
N ASP F 1208 -16.92 32.02 12.40
CA ASP F 1208 -17.84 31.08 13.00
C ASP F 1208 -17.03 30.05 13.78
N ALA F 1209 -17.69 29.00 14.27
CA ALA F 1209 -17.03 28.08 15.20
C ALA F 1209 -16.04 27.15 14.51
N LEU F 1210 -16.13 27.00 13.20
CA LEU F 1210 -15.14 26.23 12.46
C LEU F 1210 -14.02 27.09 11.91
N GLY F 1211 -14.01 28.38 12.25
CA GLY F 1211 -12.95 29.27 11.84
C GLY F 1211 -13.18 29.97 10.53
N ARG F 1212 -14.22 29.64 9.83
CA ARG F 1212 -14.50 30.23 8.54
C ARG F 1212 -15.03 31.65 8.73
N PRO F 1213 -14.63 32.58 7.86
CA PRO F 1213 -15.07 33.97 8.06
C PRO F 1213 -16.54 34.15 7.74
N VAL F 1214 -17.19 34.96 8.56
CA VAL F 1214 -18.54 35.46 8.32
C VAL F 1214 -18.39 36.96 8.42
N THR F 1215 -19.51 37.68 8.50
CA THR F 1215 -19.70 39.12 8.30
C THR F 1215 -18.55 40.08 8.61
N GLN F 1216 -18.20 40.94 7.65
CA GLN F 1216 -17.14 41.91 7.84
C GLN F 1216 -17.65 43.33 7.61
N ARG F 1217 -17.09 44.27 8.37
CA ARG F 1217 -17.35 45.68 8.24
C ARG F 1217 -16.05 46.43 8.09
N PHE F 1218 -16.15 47.71 7.76
CA PHE F 1218 -15.02 48.62 7.85
C PHE F 1218 -15.52 50.04 8.03
N TRP F 1219 -14.74 50.84 8.73
CA TRP F 1219 -15.06 52.24 8.96
C TRP F 1219 -13.76 53.02 9.11
N GLY F 1220 -13.90 54.32 9.25
CA GLY F 1220 -12.74 55.17 9.40
C GLY F 1220 -13.08 56.60 9.00
N ILE F 1221 -12.02 57.37 8.76
CA ILE F 1221 -12.13 58.77 8.37
C ILE F 1221 -11.75 58.88 6.91
N GLU F 1222 -12.59 59.54 6.12
CA GLU F 1222 -12.43 59.56 4.66
C GLU F 1222 -12.26 60.95 4.09
N SER F 1223 -13.09 61.90 4.49
CA SER F 1223 -12.96 63.28 4.02
C SER F 1223 -12.86 64.24 5.19
N GLY F 1224 -12.18 63.84 6.26
CA GLY F 1224 -12.19 64.56 7.50
C GLY F 1224 -13.30 64.18 8.43
N VAL F 1225 -14.30 63.46 7.95
CA VAL F 1225 -15.46 63.05 8.75
C VAL F 1225 -15.43 61.54 8.92
N ALA F 1226 -16.14 61.08 9.95
CA ALA F 1226 -16.17 59.65 10.27
C ALA F 1226 -17.28 58.97 9.48
N THR F 1227 -16.91 57.95 8.72
CA THR F 1227 -17.84 57.26 7.83
C THR F 1227 -17.55 55.76 7.85
N GLY F 1228 -18.32 55.03 7.06
CA GLY F 1228 -18.13 53.60 6.93
C GLY F 1228 -19.34 52.83 7.40
N TYR F 1229 -19.14 51.54 7.65
CA TYR F 1229 -20.19 50.75 8.26
C TYR F 1229 -20.16 50.94 9.77
N SER F 1230 -21.35 50.92 10.37
CA SER F 1230 -21.45 51.11 11.81
C SER F 1230 -20.97 49.87 12.54
N SER F 1231 -20.49 50.06 13.77
CA SER F 1231 -19.80 49.03 14.53
C SER F 1231 -20.77 47.94 14.97
N SER F 1232 -20.19 46.87 15.52
CA SER F 1232 -21.02 45.78 16.05
C SER F 1232 -21.72 46.21 17.34
N GLU F 1233 -21.13 47.13 18.09
CA GLU F 1233 -21.77 47.64 19.29
C GLU F 1233 -22.92 48.60 18.96
N GLU F 1234 -22.90 49.21 17.78
CA GLU F 1234 -23.93 50.17 17.40
C GLU F 1234 -25.12 49.47 16.76
N LYS F 1235 -24.89 48.77 15.66
CA LYS F 1235 -25.94 48.03 14.98
C LYS F 1235 -25.56 46.56 14.91
N PRO F 1236 -26.09 45.72 15.81
CA PRO F 1236 -25.66 44.32 15.86
C PRO F 1236 -26.45 43.43 14.92
N PHE F 1237 -25.76 42.62 14.14
CA PHE F 1237 -26.40 41.81 13.13
C PHE F 1237 -25.61 40.52 12.95
N SER F 1238 -26.32 39.41 12.79
CA SER F 1238 -25.76 38.11 12.48
C SER F 1238 -26.69 37.49 11.45
N PRO F 1239 -26.14 36.88 10.40
CA PRO F 1239 -26.96 36.39 9.30
C PRO F 1239 -27.69 35.12 9.71
N PRO F 1240 -28.81 34.81 9.07
CA PRO F 1240 -29.52 33.57 9.39
C PRO F 1240 -28.72 32.35 8.94
N ASN F 1241 -28.88 31.26 9.68
CA ASN F 1241 -28.18 30.03 9.36
C ASN F 1241 -28.76 29.32 8.16
N ASP F 1242 -29.97 29.67 7.73
CA ASP F 1242 -30.53 29.14 6.51
C ASP F 1242 -30.11 30.01 5.33
N ILE F 1243 -29.74 29.35 4.24
CA ILE F 1243 -29.28 30.09 3.06
C ILE F 1243 -30.45 30.78 2.37
N ASP F 1244 -31.61 30.11 2.29
CA ASP F 1244 -32.74 30.68 1.57
C ASP F 1244 -33.38 31.82 2.36
N THR F 1245 -33.29 31.78 3.69
CA THR F 1245 -33.77 32.88 4.51
C THR F 1245 -32.91 34.12 4.34
N ALA F 1246 -31.60 33.94 4.19
CA ALA F 1246 -30.71 35.07 3.99
C ALA F 1246 -30.83 35.66 2.59
N ILE F 1247 -31.40 34.92 1.64
CA ILE F 1247 -31.73 35.49 0.33
C ILE F 1247 -32.80 36.56 0.47
N ASN F 1248 -33.78 36.32 1.34
CA ASN F 1248 -34.88 37.25 1.55
C ASN F 1248 -34.50 38.43 2.43
N LEU F 1249 -33.24 38.56 2.84
CA LEU F 1249 -32.81 39.71 3.61
C LEU F 1249 -32.86 40.97 2.74
N THR F 1250 -33.50 42.00 3.25
CA THR F 1250 -33.65 43.27 2.58
C THR F 1250 -33.19 44.34 3.57
N GLY F 1251 -33.12 45.59 3.15
CA GLY F 1251 -32.84 46.68 4.05
C GLY F 1251 -31.37 46.85 4.28
N PRO F 1252 -31.00 47.93 4.97
CA PRO F 1252 -29.57 48.23 5.14
C PRO F 1252 -28.86 47.35 6.15
N LEU F 1253 -28.08 46.39 5.64
CA LEU F 1253 -27.22 45.57 6.47
C LEU F 1253 -25.97 46.34 6.87
N PRO F 1254 -25.54 46.23 8.13
CA PRO F 1254 -24.38 47.01 8.59
C PRO F 1254 -23.02 46.40 8.27
N VAL F 1255 -22.96 45.44 7.36
CA VAL F 1255 -21.74 44.71 7.06
C VAL F 1255 -21.42 44.82 5.57
N ALA F 1256 -20.15 44.60 5.23
CA ALA F 1256 -19.74 44.65 3.84
C ALA F 1256 -19.99 43.32 3.14
N GLN F 1257 -19.77 42.22 3.83
CA GLN F 1257 -20.11 40.89 3.34
C GLN F 1257 -20.90 40.19 4.43
N CYS F 1258 -21.66 39.18 4.03
CA CYS F 1258 -22.08 38.10 4.91
C CYS F 1258 -21.66 36.80 4.28
N LEU F 1259 -21.60 35.74 5.06
CA LEU F 1259 -21.26 34.43 4.51
C LEU F 1259 -22.08 33.39 5.26
N VAL F 1260 -22.92 32.67 4.52
CA VAL F 1260 -23.71 31.57 5.07
C VAL F 1260 -23.24 30.29 4.37
N TYR F 1261 -22.48 29.49 5.09
CA TYR F 1261 -21.99 28.24 4.53
C TYR F 1261 -23.01 27.13 4.74
N ALA F 1262 -22.95 26.13 3.87
CA ALA F 1262 -23.81 24.95 3.99
C ALA F 1262 -23.14 23.77 3.31
N PRO F 1263 -22.16 23.14 3.96
CA PRO F 1263 -21.55 21.94 3.38
C PRO F 1263 -22.36 20.69 3.62
N ASP F 1264 -23.39 20.73 4.47
CA ASP F 1264 -24.23 19.59 4.77
C ASP F 1264 -25.24 19.29 3.67
N SER F 1265 -25.26 20.05 2.59
CA SER F 1265 -26.46 20.12 1.75
C SER F 1265 -26.65 18.88 0.89
N TRP F 1266 -25.56 18.16 0.60
CA TRP F 1266 -25.69 16.93 -0.18
C TRP F 1266 -26.36 15.82 0.59
N MET F 1267 -26.28 15.82 1.91
CA MET F 1267 -27.10 14.95 2.73
C MET F 1267 -28.52 15.47 2.71
N PRO F 1268 -29.50 14.69 2.26
CA PRO F 1268 -30.89 15.15 2.32
C PRO F 1268 -31.39 15.22 3.74
N LEU F 1269 -32.30 16.14 3.98
CA LEU F 1269 -32.72 16.49 5.33
C LEU F 1269 -33.99 15.72 5.66
N PHE F 1270 -33.85 14.66 6.45
CA PHE F 1270 -35.01 14.03 7.07
C PHE F 1270 -35.60 14.97 8.10
N SER F 1271 -36.92 15.09 8.12
CA SER F 1271 -37.57 16.04 9.01
C SER F 1271 -38.06 15.33 10.26
N GLN F 1272 -38.04 16.06 11.38
CA GLN F 1272 -38.59 15.57 12.63
C GLN F 1272 -40.11 15.41 12.55
N GLU F 1273 -40.77 16.17 11.67
CA GLU F 1273 -42.20 16.08 11.50
C GLU F 1273 -42.63 14.85 10.71
N THR F 1274 -41.67 14.16 10.08
CA THR F 1274 -41.93 12.92 9.37
C THR F 1274 -41.31 11.73 10.10
N PHE F 1275 -40.35 11.98 10.99
CA PHE F 1275 -39.71 10.93 11.75
C PHE F 1275 -40.62 10.36 12.83
N ASN F 1276 -41.44 11.20 13.46
CA ASN F 1276 -42.36 10.70 14.47
C ASN F 1276 -43.63 10.12 13.87
N THR F 1277 -43.79 10.22 12.55
CA THR F 1277 -44.94 9.61 11.88
C THR F 1277 -44.84 8.09 11.90
N LEU F 1278 -43.66 7.56 11.57
CA LEU F 1278 -43.48 6.12 11.49
C LEU F 1278 -43.22 5.54 12.89
N THR F 1279 -43.27 4.20 12.96
CA THR F 1279 -43.49 3.51 14.22
C THR F 1279 -42.17 3.44 15.00
N GLN F 1280 -42.27 3.03 16.27
CA GLN F 1280 -41.18 3.19 17.23
C GLN F 1280 -39.99 2.28 16.93
N GLU F 1281 -40.25 1.00 16.65
CA GLU F 1281 -39.15 0.13 16.28
C GLU F 1281 -38.76 0.32 14.81
N GLU F 1282 -39.59 1.02 14.05
CA GLU F 1282 -39.22 1.54 12.73
C GLU F 1282 -38.38 2.81 12.87
N GLN F 1283 -38.38 3.41 14.06
CA GLN F 1283 -37.57 4.59 14.33
C GLN F 1283 -36.17 4.23 14.79
N GLU F 1284 -36.02 3.25 15.68
CA GLU F 1284 -34.71 2.94 16.22
C GLU F 1284 -33.84 2.18 15.22
N THR F 1285 -34.46 1.47 14.27
CA THR F 1285 -33.67 0.91 13.17
C THR F 1285 -33.15 1.98 12.22
N LEU F 1286 -33.76 3.16 12.23
CA LEU F 1286 -33.27 4.29 11.46
C LEU F 1286 -32.18 5.04 12.21
N ARG F 1287 -32.05 4.79 13.51
CA ARG F 1287 -31.06 5.43 14.37
C ARG F 1287 -29.92 4.51 14.76
N ASP F 1288 -30.20 3.27 15.14
CA ASP F 1288 -29.15 2.33 15.50
C ASP F 1288 -28.33 1.88 14.30
N SER F 1289 -28.89 1.95 13.09
CA SER F 1289 -28.10 1.76 11.89
C SER F 1289 -27.36 3.02 11.48
N ARG F 1290 -27.56 4.13 12.21
CA ARG F 1290 -26.96 5.45 11.95
C ARG F 1290 -27.27 5.95 10.53
N ILE F 1291 -28.56 5.98 10.21
CA ILE F 1291 -28.97 6.56 8.94
C ILE F 1291 -29.30 8.04 9.09
N ILE F 1292 -30.04 8.40 10.11
CA ILE F 1292 -30.23 9.81 10.42
C ILE F 1292 -29.14 10.26 11.37
N THR F 1293 -28.72 11.51 11.22
CA THR F 1293 -27.87 12.11 12.24
C THR F 1293 -28.74 12.85 13.23
N GLU F 1294 -28.15 13.18 14.37
CA GLU F 1294 -28.92 13.86 15.41
C GLU F 1294 -29.02 15.37 15.20
N ASP F 1295 -28.63 15.86 14.03
CA ASP F 1295 -29.08 17.15 13.52
C ASP F 1295 -29.89 16.94 12.23
N TRP F 1296 -30.47 15.75 12.09
CA TRP F 1296 -31.47 15.40 11.07
C TRP F 1296 -30.94 15.53 9.65
N ARG F 1297 -29.96 14.68 9.35
CA ARG F 1297 -29.38 14.55 8.02
C ARG F 1297 -29.23 13.08 7.69
N ILE F 1298 -29.31 12.74 6.41
CA ILE F 1298 -29.28 11.36 5.96
C ILE F 1298 -27.88 10.99 5.52
N CYS F 1299 -27.29 9.97 6.15
CA CYS F 1299 -25.99 9.47 5.74
C CYS F 1299 -26.10 8.62 4.49
N ALA F 1300 -25.29 8.92 3.49
CA ALA F 1300 -25.42 8.27 2.19
C ALA F 1300 -24.88 6.85 2.19
N LEU F 1301 -23.94 6.53 3.09
CA LEU F 1301 -23.34 5.21 3.08
C LEU F 1301 -24.18 4.21 3.85
N THR F 1302 -24.70 4.59 5.01
CA THR F 1302 -25.55 3.69 5.76
C THR F 1302 -26.94 3.57 5.15
N ARG F 1303 -27.37 4.53 4.33
CA ARG F 1303 -28.64 4.37 3.63
C ARG F 1303 -28.50 3.38 2.49
N ARG F 1304 -27.43 3.52 1.69
CA ARG F 1304 -27.22 2.66 0.53
C ARG F 1304 -27.00 1.22 0.95
N ARG F 1305 -26.34 1.00 2.10
CA ARG F 1305 -26.18 -0.34 2.62
C ARG F 1305 -27.48 -0.89 3.20
N TRP F 1306 -28.36 -0.01 3.68
CA TRP F 1306 -29.65 -0.44 4.18
C TRP F 1306 -30.66 -0.68 3.06
N LEU F 1307 -30.42 -0.14 1.87
CA LEU F 1307 -31.28 -0.37 0.72
C LEU F 1307 -30.84 -1.57 -0.09
N GLN F 1308 -30.16 -2.52 0.54
CA GLN F 1308 -29.84 -3.82 -0.05
C GLN F 1308 -30.62 -4.94 0.58
N SER F 1309 -30.70 -4.97 1.91
CA SER F 1309 -31.33 -6.05 2.64
C SER F 1309 -32.83 -5.92 2.73
N GLN F 1310 -33.39 -4.78 2.34
CA GLN F 1310 -34.81 -4.52 2.59
C GLN F 1310 -35.71 -5.13 1.53
N LYS F 1311 -35.54 -4.70 0.28
CA LYS F 1311 -36.09 -5.23 -0.98
C LYS F 1311 -37.62 -5.27 -1.07
N ILE F 1312 -38.35 -4.84 -0.04
CA ILE F 1312 -39.79 -4.59 -0.12
C ILE F 1312 -40.04 -3.16 0.33
N SER F 1313 -40.96 -2.48 -0.34
CA SER F 1313 -41.03 -1.02 -0.32
C SER F 1313 -42.10 -0.53 0.65
N THR F 1314 -41.67 -0.30 1.89
CA THR F 1314 -42.45 0.46 2.85
C THR F 1314 -42.35 1.94 2.49
N PRO F 1315 -43.17 2.81 3.09
CA PRO F 1315 -42.98 4.26 2.88
C PRO F 1315 -41.64 4.80 3.35
N LEU F 1316 -40.98 4.15 4.32
CA LEU F 1316 -39.63 4.55 4.67
C LEU F 1316 -38.65 4.23 3.56
N VAL F 1317 -38.93 3.18 2.79
CA VAL F 1317 -38.07 2.85 1.65
C VAL F 1317 -38.27 3.84 0.52
N LYS F 1318 -39.52 4.20 0.22
CA LYS F 1318 -39.78 5.16 -0.85
C LYS F 1318 -39.35 6.57 -0.48
N LEU F 1319 -39.28 6.89 0.82
CA LEU F 1319 -38.86 8.23 1.22
C LEU F 1319 -37.36 8.38 1.12
N LEU F 1320 -36.60 7.30 1.29
CA LEU F 1320 -35.15 7.41 1.30
C LEU F 1320 -34.55 7.34 -0.09
N THR F 1321 -35.20 6.63 -1.02
CA THR F 1321 -34.57 6.38 -2.31
C THR F 1321 -34.72 7.53 -3.31
N ASN F 1322 -35.61 8.49 -3.06
CA ASN F 1322 -35.73 9.64 -3.95
C ASN F 1322 -35.42 10.96 -3.23
N SER F 1323 -34.93 10.91 -2.00
CA SER F 1323 -34.48 12.12 -1.34
C SER F 1323 -33.17 12.57 -1.95
N ILE F 1324 -32.98 13.89 -2.01
CA ILE F 1324 -31.91 14.50 -2.80
C ILE F 1324 -31.46 15.76 -2.07
N GLY F 1325 -30.28 16.25 -2.43
CA GLY F 1325 -29.80 17.52 -1.94
C GLY F 1325 -28.94 18.20 -2.98
N LEU F 1326 -28.65 19.46 -2.71
CA LEU F 1326 -27.79 20.26 -3.57
C LEU F 1326 -26.33 19.97 -3.26
N PRO F 1327 -25.42 20.25 -4.20
CA PRO F 1327 -23.98 20.19 -3.89
C PRO F 1327 -23.60 21.15 -2.78
N PRO F 1328 -22.51 20.88 -2.06
CA PRO F 1328 -22.14 21.74 -0.92
C PRO F 1328 -21.80 23.17 -1.31
N HIS F 1329 -22.66 24.10 -0.92
CA HIS F 1329 -22.62 25.47 -1.38
C HIS F 1329 -22.45 26.42 -0.20
N ASN F 1330 -22.17 27.68 -0.55
CA ASN F 1330 -22.18 28.77 0.42
C ASN F 1330 -22.75 29.99 -0.26
N LEU F 1331 -23.12 30.98 0.55
CA LEU F 1331 -23.77 32.20 0.06
C LEU F 1331 -23.00 33.41 0.56
N THR F 1332 -22.68 34.33 -0.34
CA THR F 1332 -21.98 35.55 0.04
C THR F 1332 -22.81 36.77 -0.37
N LEU F 1333 -23.22 37.55 0.62
CA LEU F 1333 -24.08 38.72 0.43
C LEU F 1333 -23.21 39.97 0.54
N THR F 1334 -22.88 40.57 -0.59
CA THR F 1334 -22.09 41.78 -0.61
C THR F 1334 -22.96 43.00 -0.90
N THR F 1335 -22.77 44.05 -0.11
CA THR F 1335 -23.59 45.25 -0.22
C THR F 1335 -22.86 46.32 -1.01
N ASP F 1336 -23.64 47.20 -1.63
CA ASP F 1336 -23.08 48.27 -2.46
C ASP F 1336 -22.56 49.41 -1.60
N ARG F 1337 -23.43 50.03 -0.83
CA ARG F 1337 -23.11 51.22 -0.06
C ARG F 1337 -23.18 50.91 1.44
N TYR F 1338 -22.81 51.90 2.24
CA TYR F 1338 -22.80 51.73 3.69
C TYR F 1338 -24.21 51.69 4.24
N ASP F 1339 -24.32 51.20 5.48
CA ASP F 1339 -25.58 51.30 6.19
C ASP F 1339 -25.81 52.76 6.59
N ARG F 1340 -27.08 53.07 6.88
CA ARG F 1340 -27.73 54.37 7.10
C ARG F 1340 -27.88 55.14 5.79
N ASP F 1341 -27.34 54.63 4.69
CA ASP F 1341 -27.64 55.11 3.34
C ASP F 1341 -28.77 54.23 2.83
N SER F 1342 -29.89 54.86 2.49
CA SER F 1342 -31.12 54.13 2.19
C SER F 1342 -31.11 53.45 0.82
N GLU F 1343 -30.12 53.74 -0.03
CA GLU F 1343 -30.06 53.18 -1.37
C GLU F 1343 -29.17 51.94 -1.45
N GLN F 1344 -28.86 51.31 -0.32
CA GLN F 1344 -28.02 50.13 -0.33
C GLN F 1344 -28.81 48.93 -0.82
N GLN F 1345 -28.29 48.26 -1.85
CA GLN F 1345 -28.83 47.00 -2.32
C GLN F 1345 -27.79 45.90 -2.10
N ILE F 1346 -28.28 44.67 -1.95
CA ILE F 1346 -27.47 43.54 -1.55
C ILE F 1346 -27.24 42.64 -2.76
N ARG F 1347 -25.99 42.54 -3.19
CA ARG F 1347 -25.66 41.58 -4.24
C ARG F 1347 -25.52 40.20 -3.63
N GLN F 1348 -26.10 39.20 -4.27
CA GLN F 1348 -26.17 37.86 -3.73
C GLN F 1348 -25.46 36.89 -4.65
N GLN F 1349 -24.83 35.87 -4.07
CA GLN F 1349 -24.03 34.95 -4.85
C GLN F 1349 -23.94 33.61 -4.14
N VAL F 1350 -24.42 32.55 -4.79
CA VAL F 1350 -24.31 31.19 -4.27
C VAL F 1350 -23.25 30.47 -5.08
N ALA F 1351 -22.32 29.80 -4.39
CA ALA F 1351 -21.18 29.16 -5.04
C ALA F 1351 -21.16 27.68 -4.67
N PHE F 1352 -21.44 26.82 -5.64
CA PHE F 1352 -21.48 25.38 -5.41
C PHE F 1352 -20.11 24.75 -5.58
N SER F 1353 -19.81 23.77 -4.75
CA SER F 1353 -18.56 23.02 -4.83
C SER F 1353 -18.83 21.59 -5.27
N ASP F 1354 -17.74 20.87 -5.53
CA ASP F 1354 -17.81 19.56 -6.18
C ASP F 1354 -17.83 18.41 -5.20
N GLY F 1355 -17.45 18.63 -3.95
CA GLY F 1355 -17.25 17.53 -3.03
C GLY F 1355 -15.85 16.97 -3.04
N PHE F 1356 -15.06 17.29 -4.06
CA PHE F 1356 -13.63 17.00 -4.10
C PHE F 1356 -12.79 18.24 -3.82
N GLY F 1357 -13.39 19.29 -3.25
CA GLY F 1357 -12.74 20.55 -3.07
C GLY F 1357 -12.82 21.48 -4.26
N ARG F 1358 -13.23 20.99 -5.42
CA ARG F 1358 -13.26 21.79 -6.64
C ARG F 1358 -14.52 22.64 -6.69
N LEU F 1359 -14.53 23.60 -7.61
CA LEU F 1359 -15.60 24.59 -7.73
C LEU F 1359 -16.44 24.28 -8.96
N LEU F 1360 -17.75 24.11 -8.77
CA LEU F 1360 -18.64 23.73 -9.86
C LEU F 1360 -19.14 24.94 -10.63
N GLN F 1361 -19.84 25.84 -9.96
CA GLN F 1361 -20.49 26.97 -10.62
C GLN F 1361 -20.71 28.07 -9.60
N ALA F 1362 -21.32 29.16 -10.06
CA ALA F 1362 -21.72 30.26 -9.21
C ALA F 1362 -23.02 30.82 -9.73
N SER F 1363 -23.92 31.21 -8.82
CA SER F 1363 -25.20 31.80 -9.18
C SER F 1363 -25.20 33.24 -8.67
N VAL F 1364 -25.07 34.20 -9.58
CA VAL F 1364 -25.09 35.61 -9.23
C VAL F 1364 -26.50 36.14 -9.45
N ARG F 1365 -27.03 36.86 -8.46
CA ARG F 1365 -28.36 37.44 -8.56
C ARG F 1365 -28.36 38.62 -9.52
N HIS F 1366 -29.32 38.62 -10.43
CA HIS F 1366 -29.51 39.70 -11.41
C HIS F 1366 -30.89 40.32 -11.21
N GLU F 1367 -31.18 41.35 -11.99
CA GLU F 1367 -32.47 42.02 -11.88
C GLU F 1367 -33.55 41.19 -12.57
N ALA F 1368 -34.79 41.67 -12.48
CA ALA F 1368 -35.93 40.92 -13.00
C ALA F 1368 -35.94 40.93 -14.52
N GLY F 1369 -36.12 39.75 -15.11
CA GLY F 1369 -36.07 39.64 -16.56
C GLY F 1369 -36.21 38.19 -16.99
N GLU F 1370 -36.00 37.98 -18.28
CA GLU F 1370 -36.25 36.67 -18.88
C GLU F 1370 -35.17 35.67 -18.53
N ALA F 1371 -35.58 34.44 -18.23
CA ALA F 1371 -34.66 33.41 -17.78
C ALA F 1371 -35.28 32.05 -18.03
N TRP F 1372 -34.42 31.05 -18.25
CA TRP F 1372 -34.86 29.67 -18.25
C TRP F 1372 -35.34 29.27 -16.86
N GLN F 1373 -36.28 28.34 -16.80
CA GLN F 1373 -36.78 27.88 -15.52
C GLN F 1373 -36.23 26.50 -15.17
N ARG F 1374 -35.97 26.31 -13.89
CA ARG F 1374 -35.51 25.06 -13.32
C ARG F 1374 -36.70 24.32 -12.72
N ASN F 1375 -36.76 23.01 -12.95
CA ASN F 1375 -37.86 22.21 -12.45
C ASN F 1375 -37.71 21.92 -10.96
N GLN F 1376 -38.70 21.24 -10.40
CA GLN F 1376 -38.71 20.92 -8.97
C GLN F 1376 -37.91 19.66 -8.65
N ASP F 1377 -37.29 19.02 -9.64
CA ASP F 1377 -36.36 17.94 -9.38
C ASP F 1377 -34.94 18.28 -9.79
N GLY F 1378 -34.75 19.33 -10.59
CA GLY F 1378 -33.42 19.76 -10.95
C GLY F 1378 -33.18 19.81 -12.45
N SER F 1379 -34.24 19.69 -13.23
CA SER F 1379 -34.09 19.74 -14.68
C SER F 1379 -34.08 21.19 -15.16
N LEU F 1380 -33.86 21.34 -16.47
CA LEU F 1380 -33.71 22.65 -17.09
C LEU F 1380 -34.73 22.76 -18.22
N VAL F 1381 -35.67 23.69 -18.09
CA VAL F 1381 -36.61 24.01 -19.15
C VAL F 1381 -36.09 25.25 -19.85
N THR F 1382 -35.86 25.16 -21.15
CA THR F 1382 -35.18 26.22 -21.89
C THR F 1382 -36.11 27.09 -22.72
N LYS F 1383 -37.31 27.35 -22.23
CA LYS F 1383 -38.15 28.42 -22.78
C LYS F 1383 -38.13 29.58 -21.79
N VAL F 1384 -37.97 30.79 -22.29
CA VAL F 1384 -37.74 31.94 -21.44
C VAL F 1384 -39.06 32.49 -20.92
N GLU F 1385 -39.02 33.01 -19.69
CA GLU F 1385 -40.19 33.53 -19.01
C GLU F 1385 -39.75 34.67 -18.11
N ASN F 1386 -40.66 35.61 -17.86
CA ASN F 1386 -40.36 36.72 -16.98
C ASN F 1386 -40.28 36.24 -15.53
N THR F 1387 -39.31 36.77 -14.80
CA THR F 1387 -38.93 36.20 -13.51
C THR F 1387 -38.57 37.33 -12.55
N LYS F 1388 -39.13 37.29 -11.34
CA LYS F 1388 -38.76 38.26 -10.32
C LYS F 1388 -37.49 37.87 -9.56
N THR F 1389 -37.09 36.61 -9.55
CA THR F 1389 -35.87 36.13 -8.91
C THR F 1389 -34.98 35.51 -9.98
N ARG F 1390 -34.22 36.34 -10.68
CA ARG F 1390 -33.38 35.87 -11.77
C ARG F 1390 -31.95 35.69 -11.29
N TRP F 1391 -31.32 34.59 -11.70
CA TRP F 1391 -29.96 34.28 -11.32
C TRP F 1391 -29.16 33.92 -12.57
N ALA F 1392 -27.92 34.38 -12.62
CA ALA F 1392 -27.03 34.13 -13.75
C ALA F 1392 -26.01 33.09 -13.35
N VAL F 1393 -26.00 31.97 -14.07
CA VAL F 1393 -25.12 30.85 -13.76
C VAL F 1393 -23.83 31.03 -14.54
N THR F 1394 -22.79 31.53 -13.87
CA THR F 1394 -21.54 31.88 -14.51
C THR F 1394 -20.46 30.85 -14.19
N GLY F 1395 -19.71 30.44 -15.20
CA GLY F 1395 -18.55 29.60 -15.00
C GLY F 1395 -18.84 28.17 -14.62
N ARG F 1396 -19.88 27.57 -15.18
CA ARG F 1396 -20.26 26.21 -14.82
C ARG F 1396 -19.29 25.21 -15.45
N THR F 1397 -18.87 24.23 -14.66
CA THR F 1397 -17.78 23.34 -15.03
C THR F 1397 -18.13 21.92 -14.61
N GLU F 1398 -17.81 20.96 -15.46
CA GLU F 1398 -17.91 19.55 -15.13
C GLU F 1398 -16.53 18.93 -15.20
N TYR F 1399 -16.14 18.21 -14.16
CA TYR F 1399 -14.83 17.58 -14.07
C TYR F 1399 -14.95 16.08 -14.27
N ASP F 1400 -13.80 15.43 -14.43
CA ASP F 1400 -13.71 13.99 -14.21
C ASP F 1400 -13.25 13.77 -12.77
N ASN F 1401 -12.85 12.54 -12.46
CA ASN F 1401 -12.40 12.25 -11.10
C ASN F 1401 -10.97 12.68 -10.83
N LYS F 1402 -10.18 12.94 -11.87
CA LYS F 1402 -8.79 13.35 -11.72
C LYS F 1402 -8.61 14.86 -11.74
N GLY F 1403 -9.70 15.62 -11.83
CA GLY F 1403 -9.64 17.06 -11.73
C GLY F 1403 -9.60 17.80 -13.05
N GLN F 1404 -9.49 17.10 -14.17
CA GLN F 1404 -9.43 17.77 -15.47
C GLN F 1404 -10.82 18.25 -15.88
N THR F 1405 -10.89 19.48 -16.36
CA THR F 1405 -12.16 20.05 -16.80
C THR F 1405 -12.57 19.42 -18.12
N ILE F 1406 -13.74 18.78 -18.14
CA ILE F 1406 -14.22 18.11 -19.33
C ILE F 1406 -15.43 18.79 -19.96
N ARG F 1407 -16.03 19.78 -19.29
CA ARG F 1407 -17.05 20.63 -19.89
C ARG F 1407 -16.88 22.05 -19.38
N THR F 1408 -17.15 23.01 -20.26
CA THR F 1408 -17.21 24.43 -19.89
C THR F 1408 -18.47 25.03 -20.50
N TYR F 1409 -19.41 25.40 -19.66
CA TYR F 1409 -20.71 25.86 -20.13
C TYR F 1409 -20.69 27.37 -20.38
N GLN F 1410 -21.40 27.79 -21.41
CA GLN F 1410 -21.73 29.19 -21.57
C GLN F 1410 -22.71 29.60 -20.47
N PRO F 1411 -22.67 30.85 -20.03
CA PRO F 1411 -23.59 31.28 -18.97
C PRO F 1411 -25.03 31.34 -19.47
N TYR F 1412 -25.96 31.26 -18.52
CA TYR F 1412 -27.36 31.28 -18.85
C TYR F 1412 -28.15 31.79 -17.66
N PHE F 1413 -29.29 32.40 -17.96
CA PHE F 1413 -30.15 32.95 -16.91
C PHE F 1413 -31.10 31.88 -16.40
N LEU F 1414 -31.32 31.89 -15.08
CA LEU F 1414 -32.14 30.89 -14.41
C LEU F 1414 -33.12 31.59 -13.48
N ASN F 1415 -34.20 30.91 -13.13
CA ASN F 1415 -35.18 31.49 -12.21
C ASN F 1415 -34.94 31.13 -10.76
N ASP F 1416 -33.90 30.35 -10.47
CA ASP F 1416 -33.63 29.93 -9.11
C ASP F 1416 -32.13 29.92 -8.90
N TRP F 1417 -31.73 29.92 -7.64
CA TRP F 1417 -30.32 29.84 -7.31
C TRP F 1417 -29.83 28.40 -7.22
N ARG F 1418 -30.72 27.43 -7.19
CA ARG F 1418 -30.33 26.06 -6.89
C ARG F 1418 -29.69 25.41 -8.11
N TYR F 1419 -28.92 24.35 -7.83
CA TYR F 1419 -28.14 23.67 -8.84
C TYR F 1419 -29.04 22.88 -9.78
N VAL F 1420 -28.79 23.03 -11.08
CA VAL F 1420 -29.49 22.28 -12.11
C VAL F 1420 -28.69 21.01 -12.39
N SER F 1421 -29.40 19.89 -12.55
CA SER F 1421 -28.79 18.57 -12.60
C SER F 1421 -27.87 18.42 -13.82
N ASP F 1422 -26.90 17.52 -13.69
CA ASP F 1422 -25.90 17.35 -14.73
C ASP F 1422 -26.44 16.61 -15.95
N ASP F 1423 -27.39 15.69 -15.77
CA ASP F 1423 -27.97 15.02 -16.92
C ASP F 1423 -28.84 15.97 -17.74
N SER F 1424 -29.43 16.98 -17.08
CA SER F 1424 -30.21 17.98 -17.77
C SER F 1424 -29.38 19.14 -18.29
N ALA F 1425 -28.23 19.40 -17.68
CA ALA F 1425 -27.30 20.39 -18.23
C ALA F 1425 -26.44 19.82 -19.34
N ARG F 1426 -26.44 18.50 -19.54
CA ARG F 1426 -25.74 17.91 -20.67
C ARG F 1426 -26.61 17.83 -21.90
N LYS F 1427 -27.93 17.76 -21.73
CA LYS F 1427 -28.85 17.75 -22.87
C LYS F 1427 -28.98 19.14 -23.48
N GLU F 1428 -29.51 20.09 -22.70
CA GLU F 1428 -29.53 21.48 -23.08
C GLU F 1428 -28.24 22.14 -22.61
N ALA F 1429 -28.17 23.48 -22.66
CA ALA F 1429 -27.06 24.28 -22.10
C ALA F 1429 -25.72 23.91 -22.73
N TYR F 1430 -25.59 24.28 -24.01
CA TYR F 1430 -24.42 23.99 -24.85
C TYR F 1430 -23.09 24.36 -24.21
N ALA F 1431 -22.11 23.48 -24.37
CA ALA F 1431 -20.83 23.60 -23.70
C ALA F 1431 -19.74 23.06 -24.61
N ASP F 1432 -18.50 23.30 -24.22
CA ASP F 1432 -17.34 22.80 -24.94
C ASP F 1432 -16.81 21.59 -24.19
N THR F 1433 -16.82 20.42 -24.83
CA THR F 1433 -16.24 19.23 -24.23
C THR F 1433 -14.75 19.14 -24.55
N HIS F 1434 -13.99 18.66 -23.57
CA HIS F 1434 -12.54 18.58 -23.66
C HIS F 1434 -12.10 17.14 -23.55
N ILE F 1435 -11.21 16.73 -24.44
CA ILE F 1435 -10.69 15.36 -24.48
C ILE F 1435 -9.22 15.40 -24.10
N TYR F 1436 -8.78 14.41 -23.33
CA TYR F 1436 -7.43 14.40 -22.78
C TYR F 1436 -6.71 13.10 -23.17
N ASP F 1437 -5.43 13.04 -22.82
CA ASP F 1437 -4.61 11.85 -23.03
C ASP F 1437 -4.12 11.34 -21.68
N PRO F 1438 -3.47 10.17 -21.62
CA PRO F 1438 -2.87 9.71 -20.35
C PRO F 1438 -1.92 10.68 -19.64
N ILE F 1439 -1.22 11.54 -20.36
CA ILE F 1439 -0.32 12.49 -19.68
C ILE F 1439 -1.13 13.55 -18.94
N GLY F 1440 -2.28 13.92 -19.49
CA GLY F 1440 -3.10 14.97 -18.92
C GLY F 1440 -3.23 16.19 -19.81
N ARG F 1441 -2.59 16.20 -20.96
CA ARG F 1441 -2.71 17.29 -21.90
C ARG F 1441 -4.01 17.14 -22.69
N GLU F 1442 -4.43 18.23 -23.32
CA GLU F 1442 -5.71 18.27 -24.01
C GLU F 1442 -5.50 17.97 -25.49
N ILE F 1443 -6.00 16.82 -25.94
CA ILE F 1443 -5.81 16.40 -27.33
C ILE F 1443 -6.67 17.24 -28.26
N ARG F 1444 -7.98 17.20 -28.06
CA ARG F 1444 -8.89 17.99 -28.87
C ARG F 1444 -9.97 18.58 -27.98
N VAL F 1445 -10.66 19.59 -28.50
CA VAL F 1445 -11.79 20.20 -27.81
C VAL F 1445 -12.88 20.48 -28.82
N ILE F 1446 -14.03 19.86 -28.65
CA ILE F 1446 -15.17 20.07 -29.53
C ILE F 1446 -15.96 21.24 -28.96
N THR F 1447 -16.09 22.31 -29.75
CA THR F 1447 -16.77 23.50 -29.27
C THR F 1447 -18.27 23.28 -29.22
N ALA F 1448 -18.97 24.26 -28.66
CA ALA F 1448 -20.41 24.13 -28.46
C ALA F 1448 -21.17 24.19 -29.78
N LYS F 1449 -20.66 24.95 -30.75
CA LYS F 1449 -21.36 25.05 -32.02
C LYS F 1449 -21.11 23.84 -32.91
N GLY F 1450 -19.96 23.18 -32.76
CA GLY F 1450 -19.73 21.97 -33.51
C GLY F 1450 -18.35 21.88 -34.13
N TRP F 1451 -17.62 22.98 -34.16
CA TRP F 1451 -16.25 22.94 -34.64
C TRP F 1451 -15.35 22.35 -33.57
N LEU F 1452 -14.11 22.03 -33.95
CA LEU F 1452 -13.19 21.49 -32.97
C LEU F 1452 -11.76 21.93 -33.25
N ARG F 1453 -11.04 22.20 -32.18
CA ARG F 1453 -9.60 22.39 -32.22
C ARG F 1453 -8.92 21.07 -31.90
N GLN F 1454 -7.63 21.00 -32.21
CA GLN F 1454 -6.91 19.75 -32.04
C GLN F 1454 -5.46 20.05 -31.73
N SER F 1455 -4.84 19.17 -30.94
CA SER F 1455 -3.44 19.28 -30.60
C SER F 1455 -2.80 17.91 -30.66
N GLN F 1456 -1.55 17.89 -31.13
CA GLN F 1456 -0.76 16.67 -31.23
C GLN F 1456 0.59 16.92 -30.58
N TYR F 1457 1.02 15.98 -29.74
CA TYR F 1457 2.24 16.14 -28.97
C TYR F 1457 3.25 15.09 -29.41
N PHE F 1458 4.25 15.52 -30.15
CA PHE F 1458 5.40 14.74 -30.55
C PHE F 1458 6.61 15.19 -29.73
N PRO F 1459 7.66 14.36 -29.59
CA PRO F 1459 8.70 14.70 -28.61
C PRO F 1459 9.51 15.93 -28.93
N TRP F 1460 9.59 16.34 -30.20
CA TRP F 1460 10.43 17.46 -30.59
C TRP F 1460 9.64 18.62 -31.14
N PHE F 1461 8.33 18.49 -31.29
CA PHE F 1461 7.49 19.54 -31.83
C PHE F 1461 6.04 19.24 -31.48
N THR F 1462 5.24 20.29 -31.32
CA THR F 1462 3.82 20.15 -31.05
C THR F 1462 3.01 20.83 -32.14
N VAL F 1463 1.95 20.17 -32.58
CA VAL F 1463 1.15 20.61 -33.72
C VAL F 1463 -0.21 21.06 -33.22
N SER F 1464 -0.62 22.26 -33.61
CA SER F 1464 -1.88 22.84 -33.16
C SER F 1464 -2.75 23.16 -34.35
N GLU F 1465 -4.06 22.94 -34.20
CA GLU F 1465 -5.03 23.21 -35.24
C GLU F 1465 -6.24 23.86 -34.60
N ASP F 1466 -6.67 24.99 -35.15
CA ASP F 1466 -7.83 25.69 -34.61
C ASP F 1466 -9.09 25.24 -35.35
N GLU F 1467 -10.18 25.99 -35.17
CA GLU F 1467 -11.47 25.63 -35.76
C GLU F 1467 -11.51 25.85 -37.26
N ASN F 1468 -10.53 26.54 -37.83
CA ASN F 1468 -10.45 26.66 -39.28
C ASN F 1468 -9.66 25.53 -39.92
N ASP F 1469 -8.68 24.98 -39.22
CA ASP F 1469 -7.88 23.90 -39.79
C ASP F 1469 -8.65 22.59 -39.84
N THR F 1470 -9.52 22.35 -38.85
CA THR F 1470 -10.30 21.12 -38.78
C THR F 1470 -11.67 21.26 -39.44
N ALA F 1471 -11.98 22.41 -40.02
CA ALA F 1471 -13.24 22.57 -40.73
C ALA F 1471 -13.24 21.86 -42.08
N ALA F 1472 -12.07 21.61 -42.64
CA ALA F 1472 -11.99 20.90 -43.91
C ALA F 1472 -11.85 19.41 -43.67
N SER G 3 -20.42 31.63 -46.53
CA SER G 3 -19.58 31.96 -47.67
C SER G 3 -18.11 31.94 -47.30
N TYR G 4 -17.75 31.06 -46.37
CA TYR G 4 -16.38 30.83 -45.98
C TYR G 4 -15.85 29.62 -46.74
N ASN G 5 -14.67 29.77 -47.34
CA ASN G 5 -14.02 28.69 -48.07
C ASN G 5 -12.91 28.13 -47.20
N SER G 6 -13.03 26.86 -46.82
CA SER G 6 -12.07 26.22 -45.95
C SER G 6 -10.91 25.60 -46.70
N ALA G 7 -10.84 25.79 -48.02
CA ALA G 7 -9.68 25.33 -48.78
C ALA G 7 -8.46 26.20 -48.56
N ILE G 8 -8.62 27.40 -47.97
CA ILE G 8 -7.51 28.22 -47.57
C ILE G 8 -6.75 27.61 -46.40
N ASP G 9 -7.42 26.86 -45.53
CA ASP G 9 -6.85 26.44 -44.28
C ASP G 9 -6.60 24.94 -44.18
N GLN G 10 -6.67 24.20 -45.28
CA GLN G 10 -6.43 22.77 -45.21
C GLN G 10 -4.93 22.49 -45.11
N LYS G 11 -4.56 21.64 -44.15
CA LYS G 11 -3.17 21.21 -43.89
C LYS G 11 -2.25 22.40 -43.62
N THR G 12 -2.76 23.42 -42.93
CA THR G 12 -1.95 24.54 -42.45
C THR G 12 -2.07 24.65 -40.95
N PRO G 13 -1.37 23.80 -40.19
CA PRO G 13 -1.37 23.96 -38.74
C PRO G 13 -0.27 24.89 -38.27
N SER G 14 -0.11 25.06 -36.96
CA SER G 14 1.00 25.82 -36.39
C SER G 14 1.84 24.90 -35.54
N ILE G 15 3.10 24.74 -35.90
CA ILE G 15 4.02 23.81 -35.24
C ILE G 15 5.04 24.61 -34.45
N LYS G 16 5.18 24.29 -33.17
CA LYS G 16 6.24 24.84 -32.33
C LYS G 16 7.28 23.75 -32.11
N VAL G 17 8.45 23.91 -32.73
CA VAL G 17 9.54 22.93 -32.66
C VAL G 17 10.37 23.20 -31.42
N LEU G 18 10.73 22.14 -30.71
CA LEU G 18 11.45 22.24 -29.44
C LEU G 18 12.85 21.67 -29.57
N ASP G 19 13.74 22.12 -28.68
CA ASP G 19 15.07 21.54 -28.56
C ASP G 19 15.06 20.46 -27.48
N ASN G 20 16.24 20.03 -27.04
CA ASN G 20 16.33 19.02 -25.99
C ASN G 20 16.16 19.60 -24.59
N ARG G 21 15.90 20.90 -24.47
CA ARG G 21 15.56 21.51 -23.19
C ARG G 21 14.10 21.93 -23.14
N LYS G 22 13.32 21.56 -24.16
CA LYS G 22 11.92 21.95 -24.34
C LYS G 22 11.75 23.46 -24.39
N LEU G 23 12.62 24.13 -25.13
CA LEU G 23 12.49 25.55 -25.44
C LEU G 23 12.09 25.70 -26.89
N ASN G 24 11.19 26.65 -27.16
CA ASN G 24 10.63 26.83 -28.50
C ASN G 24 11.68 27.47 -29.40
N VAL G 25 12.36 26.65 -30.21
CA VAL G 25 13.45 27.13 -31.04
C VAL G 25 13.02 27.46 -32.46
N ARG G 26 11.90 26.94 -32.92
CA ARG G 26 11.32 27.30 -34.20
C ARG G 26 9.81 27.30 -34.05
N THR G 27 9.15 28.24 -34.70
CA THR G 27 7.72 28.13 -34.90
C THR G 27 7.45 28.12 -36.40
N LEU G 28 6.48 27.32 -36.80
CA LEU G 28 6.25 27.00 -38.20
C LEU G 28 4.84 27.39 -38.57
N GLU G 29 4.70 28.16 -39.64
CA GLU G 29 3.40 28.56 -40.16
C GLU G 29 3.32 28.15 -41.61
N TYR G 30 2.11 27.94 -42.10
CA TYR G 30 1.87 27.61 -43.49
C TYR G 30 0.91 28.62 -44.06
N LEU G 31 1.31 29.28 -45.14
CA LEU G 31 0.58 30.41 -45.69
C LEU G 31 0.03 30.03 -47.06
N ARG G 32 -1.29 30.09 -47.21
CA ARG G 32 -1.94 29.91 -48.49
C ARG G 32 -2.85 31.11 -48.73
N THR G 33 -2.53 31.91 -49.75
CA THR G 33 -3.30 33.14 -49.97
C THR G 33 -4.57 32.86 -50.77
N GLN G 34 -4.51 31.95 -51.72
CA GLN G 34 -5.69 31.59 -52.51
C GLN G 34 -5.79 30.08 -52.63
N ALA G 35 -7.00 29.59 -52.84
CA ALA G 35 -7.39 28.21 -52.57
C ALA G 35 -6.70 27.15 -53.42
N ASP G 36 -6.36 27.47 -54.68
CA ASP G 36 -5.87 26.44 -55.57
C ASP G 36 -4.39 26.13 -55.33
N GLU G 37 -3.63 27.13 -54.89
CA GLU G 37 -2.19 26.97 -54.82
C GLU G 37 -1.78 26.23 -53.55
N ASN G 38 -0.47 26.03 -53.42
CA ASN G 38 0.12 25.28 -52.32
C ASN G 38 0.47 26.22 -51.18
N SER G 39 0.55 25.65 -49.97
CA SER G 39 0.91 26.45 -48.81
C SER G 39 2.41 26.62 -48.72
N ASP G 40 2.82 27.75 -48.14
CA ASP G 40 4.22 28.16 -48.07
C ASP G 40 4.66 28.11 -46.62
N GLU G 41 5.70 27.33 -46.34
CA GLU G 41 6.15 27.19 -44.97
C GLU G 41 7.00 28.40 -44.56
N LEU G 42 6.60 29.06 -43.48
CA LEU G 42 7.32 30.18 -42.92
C LEU G 42 7.90 29.75 -41.58
N ILE G 43 9.21 29.85 -41.43
CA ILE G 43 9.91 29.38 -40.24
C ILE G 43 10.52 30.57 -39.52
N THR G 44 10.02 30.85 -38.32
CA THR G 44 10.57 31.87 -37.44
C THR G 44 11.56 31.19 -36.50
N PHE G 45 12.75 31.77 -36.37
CA PHE G 45 13.86 31.15 -35.68
C PHE G 45 14.10 31.85 -34.35
N TYR G 46 14.29 31.07 -33.28
CA TYR G 46 14.60 31.59 -31.96
C TYR G 46 15.82 30.86 -31.44
N GLU G 47 16.91 31.59 -31.22
CA GLU G 47 18.15 31.00 -30.74
C GLU G 47 18.31 31.25 -29.25
N PHE G 48 18.82 30.24 -28.56
CA PHE G 48 19.00 30.28 -27.12
C PHE G 48 20.46 30.00 -26.80
N ASN G 49 20.96 30.59 -25.72
CA ASN G 49 22.34 30.36 -25.33
C ASN G 49 22.40 29.09 -24.49
N ILE G 50 23.52 28.88 -23.81
CA ILE G 50 23.67 27.73 -22.93
C ILE G 50 22.90 27.89 -21.62
N PRO G 51 22.86 29.06 -20.93
CA PRO G 51 22.00 29.15 -19.74
C PRO G 51 20.50 29.10 -20.02
N GLY G 52 20.06 29.25 -21.26
CA GLY G 52 18.69 28.98 -21.61
C GLY G 52 17.81 30.18 -21.84
N PHE G 53 18.37 31.35 -22.14
CA PHE G 53 17.60 32.55 -22.43
C PHE G 53 17.60 32.81 -23.93
N GLN G 54 16.56 33.49 -24.39
CA GLN G 54 16.37 33.72 -25.83
C GLN G 54 17.27 34.85 -26.27
N VAL G 55 18.42 34.50 -26.85
CA VAL G 55 19.41 35.52 -27.22
C VAL G 55 19.00 36.24 -28.50
N LYS G 56 18.78 35.50 -29.57
CA LYS G 56 18.43 36.13 -30.83
C LYS G 56 17.23 35.45 -31.48
N SER G 57 16.38 36.26 -32.09
CA SER G 57 15.18 35.78 -32.79
C SER G 57 15.15 36.35 -34.19
N THR G 58 14.60 35.57 -35.13
CA THR G 58 14.66 35.90 -36.55
C THR G 58 13.35 35.58 -37.22
N ASP G 59 12.69 36.59 -37.78
CA ASP G 59 11.46 36.40 -38.55
C ASP G 59 11.76 35.71 -39.88
N PRO G 60 10.77 35.07 -40.51
CA PRO G 60 11.07 34.28 -41.72
C PRO G 60 11.46 35.09 -42.95
N ARG G 61 11.31 36.41 -42.97
CA ARG G 61 11.70 37.15 -44.16
C ARG G 61 13.18 37.49 -44.15
N LYS G 62 13.73 37.84 -42.99
CA LYS G 62 15.14 38.13 -42.89
C LYS G 62 16.00 36.88 -42.84
N ASN G 63 15.41 35.72 -42.59
CA ASN G 63 16.16 34.48 -42.71
C ASN G 63 16.42 34.14 -44.16
N LYS G 64 15.51 34.54 -45.06
CA LYS G 64 15.72 34.35 -46.49
C LYS G 64 16.68 35.36 -47.07
N ASN G 65 16.73 36.57 -46.51
CA ASN G 65 17.65 37.60 -46.98
C ASN G 65 19.09 37.34 -46.58
N GLN G 66 19.34 36.37 -45.69
CA GLN G 66 20.60 36.12 -45.01
C GLN G 66 21.11 37.34 -44.24
N SER G 67 20.23 38.25 -43.86
CA SER G 67 20.60 39.32 -42.96
C SER G 67 20.49 38.82 -41.53
N GLY G 68 20.82 39.68 -40.57
CA GLY G 68 20.94 39.28 -39.19
C GLY G 68 19.61 39.00 -38.51
N PRO G 69 19.64 38.75 -37.22
CA PRO G 69 18.40 38.54 -36.48
C PRO G 69 17.69 39.85 -36.19
N ASN G 70 16.42 39.73 -35.78
CA ASN G 70 15.66 40.91 -35.40
C ASN G 70 16.12 41.46 -34.06
N PHE G 71 16.33 40.59 -33.09
CA PHE G 71 16.72 40.99 -31.75
C PHE G 71 18.02 40.29 -31.40
N ILE G 72 18.90 40.97 -30.68
CA ILE G 72 20.11 40.36 -30.12
C ILE G 72 20.14 40.78 -28.66
N ARG G 73 19.79 39.86 -27.77
CA ARG G 73 19.66 40.18 -26.36
C ARG G 73 20.86 39.66 -25.58
N VAL G 74 21.23 40.41 -24.54
CA VAL G 74 22.28 40.01 -23.61
C VAL G 74 21.67 40.03 -22.22
N PHE G 75 21.79 38.92 -21.51
CA PHE G 75 21.14 38.73 -20.23
C PHE G 75 22.18 38.73 -19.12
N ASN G 76 21.72 38.87 -17.89
CA ASN G 76 22.59 38.65 -16.75
C ASN G 76 22.44 37.20 -16.28
N LEU G 77 22.96 36.87 -15.10
CA LEU G 77 22.87 35.51 -14.62
C LEU G 77 21.48 35.16 -14.08
N ALA G 78 20.62 36.15 -13.86
CA ALA G 78 19.27 35.89 -13.39
C ALA G 78 18.26 35.78 -14.51
N GLY G 79 18.61 36.22 -15.72
CA GLY G 79 17.72 36.14 -16.85
C GLY G 79 17.09 37.45 -17.27
N GLN G 80 17.51 38.57 -16.69
CA GLN G 80 16.98 39.87 -17.06
C GLN G 80 17.83 40.48 -18.16
N VAL G 81 17.19 41.23 -19.04
CA VAL G 81 17.85 41.76 -20.23
C VAL G 81 18.71 42.95 -19.84
N LEU G 82 19.99 42.91 -20.21
CA LEU G 82 20.89 44.03 -20.03
C LEU G 82 21.13 44.82 -21.29
N ARG G 83 20.92 44.22 -22.45
CA ARG G 83 21.11 44.89 -23.73
C ARG G 83 20.15 44.24 -24.72
N GLU G 84 19.50 45.06 -25.53
CA GLU G 84 18.50 44.55 -26.48
C GLU G 84 18.66 45.32 -27.78
N GLU G 85 19.44 44.77 -28.70
CA GLU G 85 19.70 45.42 -29.98
C GLU G 85 18.63 44.97 -30.96
N SER G 86 17.48 45.63 -30.91
CA SER G 86 16.39 45.36 -31.84
C SER G 86 16.66 46.03 -33.17
N VAL G 87 16.23 45.39 -34.25
CA VAL G 87 16.45 45.94 -35.58
C VAL G 87 15.41 46.98 -35.94
N ASP G 88 14.32 47.06 -35.18
CA ASP G 88 13.28 48.06 -35.37
C ASP G 88 13.28 49.13 -34.29
N ALA G 89 13.60 48.78 -33.05
CA ALA G 89 13.57 49.72 -31.93
C ALA G 89 14.95 50.10 -31.43
N GLY G 90 16.01 49.71 -32.15
CA GLY G 90 17.35 50.14 -31.77
C GLY G 90 17.92 49.32 -30.63
N ARG G 91 18.72 49.99 -29.80
CA ARG G 91 19.44 49.34 -28.71
C ARG G 91 19.03 49.94 -27.38
N THR G 92 18.69 49.08 -26.43
CA THR G 92 18.27 49.50 -25.09
C THR G 92 19.21 48.89 -24.07
N ILE G 93 19.87 49.73 -23.28
CA ILE G 93 20.74 49.29 -22.21
C ILE G 93 20.03 49.55 -20.89
N THR G 94 19.78 48.50 -20.12
CA THR G 94 18.98 48.57 -18.92
C THR G 94 19.79 48.04 -17.75
N LEU G 95 19.79 48.78 -16.64
CA LEU G 95 20.38 48.32 -15.40
C LEU G 95 19.36 48.42 -14.28
N ASN G 96 19.19 47.33 -13.54
CA ASN G 96 18.35 47.29 -12.35
C ASN G 96 19.22 47.04 -11.13
N ASP G 97 18.73 47.47 -9.96
CA ASP G 97 19.46 47.26 -8.72
C ASP G 97 19.10 45.90 -8.12
N ILE G 98 19.45 45.73 -6.85
CA ILE G 98 19.19 44.50 -6.09
C ILE G 98 17.70 44.21 -5.99
N GLU G 99 16.87 45.23 -5.83
CA GLU G 99 15.43 45.05 -5.64
C GLU G 99 14.67 45.10 -6.96
N SER G 100 15.38 44.93 -8.07
CA SER G 100 14.82 44.88 -9.43
C SER G 100 14.09 46.17 -9.79
N ARG G 101 14.53 47.28 -9.22
CA ARG G 101 14.02 48.58 -9.59
C ARG G 101 14.94 49.20 -10.64
N PRO G 102 14.41 49.93 -11.62
CA PRO G 102 15.26 50.50 -12.67
C PRO G 102 16.15 51.60 -12.13
N VAL G 103 17.42 51.57 -12.53
CA VAL G 103 18.43 52.53 -12.11
C VAL G 103 18.92 53.36 -13.29
N LEU G 104 19.18 52.69 -14.41
CA LEU G 104 19.81 53.34 -15.56
C LEU G 104 19.27 52.72 -16.82
N ILE G 105 18.58 53.53 -17.63
CA ILE G 105 18.04 53.09 -18.91
C ILE G 105 18.61 54.01 -19.98
N ILE G 106 19.29 53.43 -20.97
CA ILE G 106 19.78 54.15 -22.14
C ILE G 106 19.00 53.64 -23.33
N ASN G 107 18.17 54.48 -23.94
CA ASN G 107 17.42 54.06 -25.11
C ASN G 107 18.26 54.28 -26.36
N ALA G 108 17.67 54.08 -27.53
CA ALA G 108 18.46 54.02 -28.75
C ALA G 108 18.87 55.37 -29.28
N THR G 109 18.25 56.46 -28.82
CA THR G 109 18.66 57.80 -29.18
C THR G 109 19.78 58.31 -28.26
N GLY G 110 20.28 57.46 -27.37
CA GLY G 110 21.37 57.84 -26.50
C GLY G 110 20.96 58.59 -25.27
N VAL G 111 19.69 58.52 -24.91
CA VAL G 111 19.16 59.27 -23.76
C VAL G 111 19.29 58.40 -22.53
N ARG G 112 20.09 58.84 -21.58
CA ARG G 112 20.26 58.13 -20.31
C ARG G 112 19.18 58.60 -19.35
N GLN G 113 18.39 57.65 -18.85
CA GLN G 113 17.37 57.93 -17.84
C GLN G 113 17.84 57.40 -16.50
N ASN G 114 17.64 58.20 -15.46
CA ASN G 114 17.99 57.81 -14.10
C ASN G 114 16.74 57.65 -13.26
N HIS G 115 16.87 56.93 -12.16
CA HIS G 115 15.81 56.86 -11.15
C HIS G 115 16.52 56.86 -9.80
N ARG G 116 16.48 57.98 -9.08
CA ARG G 116 17.00 58.02 -7.73
C ARG G 116 15.85 57.81 -6.74
N TYR G 117 16.12 57.04 -5.70
CA TYR G 117 15.13 56.60 -4.75
C TYR G 117 15.43 57.22 -3.38
N GLU G 118 14.64 56.83 -2.39
CA GLU G 118 14.89 57.24 -1.01
C GLU G 118 16.08 56.48 -0.45
N ASP G 119 16.67 57.03 0.62
CA ASP G 119 17.88 56.47 1.20
C ASP G 119 17.57 55.20 1.98
N ASN G 120 18.62 54.61 2.56
CA ASN G 120 18.50 53.32 3.23
C ASN G 120 17.80 53.39 4.58
N THR G 121 17.48 54.58 5.07
CA THR G 121 16.67 54.72 6.29
C THR G 121 15.19 54.85 5.98
N LEU G 122 14.84 55.08 4.72
CA LEU G 122 13.47 55.23 4.27
C LEU G 122 13.06 53.98 3.49
N PRO G 123 11.76 53.76 3.21
CA PRO G 123 11.36 52.52 2.50
C PRO G 123 11.83 52.40 1.06
N GLY G 124 12.50 53.40 0.49
CA GLY G 124 13.04 53.26 -0.84
C GLY G 124 12.00 53.44 -1.93
N ARG G 125 11.15 54.45 -1.77
CA ARG G 125 10.21 54.79 -2.82
C ARG G 125 10.87 55.73 -3.82
N LEU G 126 10.23 55.88 -4.98
CA LEU G 126 10.82 56.68 -6.06
C LEU G 126 10.69 58.17 -5.76
N LEU G 127 11.78 58.90 -5.99
CA LEU G 127 11.82 60.32 -5.71
C LEU G 127 11.94 61.18 -6.97
N ALA G 128 12.90 60.90 -7.84
CA ALA G 128 13.12 61.74 -9.00
C ALA G 128 13.56 60.87 -10.18
N ILE G 129 13.42 61.43 -11.38
CA ILE G 129 13.84 60.79 -12.62
C ILE G 129 14.58 61.83 -13.42
N THR G 130 15.79 61.49 -13.88
CA THR G 130 16.65 62.41 -14.59
C THR G 130 16.90 61.90 -16.00
N GLU G 131 16.54 62.70 -17.00
CA GLU G 131 16.73 62.32 -18.41
C GLU G 131 17.88 63.14 -18.97
N GLN G 132 19.08 62.55 -18.92
CA GLN G 132 20.29 63.25 -19.31
C GLN G 132 20.57 63.12 -20.80
N VAL G 133 20.71 64.25 -21.46
CA VAL G 133 21.02 64.28 -22.89
C VAL G 133 22.33 65.03 -23.11
N GLY G 136 21.32 69.62 -20.83
CA GLY G 136 22.12 68.41 -20.81
C GLY G 136 21.86 67.56 -19.58
N GLU G 137 21.00 68.06 -18.70
CA GLU G 137 20.67 67.37 -17.46
C GLU G 137 19.33 67.89 -16.98
N LYS G 138 18.29 67.07 -17.07
CA LYS G 138 16.96 67.52 -16.70
C LYS G 138 16.37 66.56 -15.69
N THR G 139 16.02 67.08 -14.51
CA THR G 139 15.21 66.33 -13.55
C THR G 139 13.77 66.43 -14.03
N THR G 140 13.35 65.42 -14.79
CA THR G 140 12.09 65.52 -15.52
C THR G 140 10.89 65.07 -14.72
N GLU G 141 11.09 64.35 -13.60
CA GLU G 141 10.00 63.93 -12.74
C GLU G 141 10.41 64.11 -11.29
N ARG G 142 9.42 64.30 -10.43
CA ARG G 142 9.70 64.53 -9.01
C ARG G 142 8.48 64.12 -8.21
N LEU G 143 8.66 63.13 -7.34
CA LEU G 143 7.56 62.55 -6.57
C LEU G 143 7.68 62.99 -5.12
N ILE G 144 6.58 63.51 -4.58
CA ILE G 144 6.51 63.97 -3.20
C ILE G 144 5.60 63.01 -2.44
N TRP G 145 6.19 62.21 -1.55
CA TRP G 145 5.42 61.26 -0.78
C TRP G 145 4.90 61.91 0.49
N ALA G 146 3.91 61.27 1.10
CA ALA G 146 3.25 61.81 2.28
C ALA G 146 3.66 61.05 3.53
N GLY G 147 3.30 61.63 4.67
CA GLY G 147 3.55 61.02 5.96
C GLY G 147 2.27 60.52 6.60
N ASN G 148 2.39 60.15 7.88
CA ASN G 148 1.28 59.66 8.67
C ASN G 148 0.85 60.67 9.72
N THR G 149 0.85 61.95 9.33
CA THR G 149 0.25 63.00 10.11
C THR G 149 -1.27 62.75 10.19
N PRO G 150 -1.91 63.02 11.34
CA PRO G 150 -3.36 62.85 11.45
C PRO G 150 -4.18 63.69 10.50
N GLN G 151 -3.63 64.78 9.96
CA GLN G 151 -4.29 65.44 8.84
C GLN G 151 -4.22 64.60 7.56
N GLU G 152 -3.14 63.84 7.37
CA GLU G 152 -3.03 62.99 6.20
C GLU G 152 -3.92 61.76 6.31
N LYS G 153 -4.07 61.22 7.51
CA LYS G 153 -4.89 60.05 7.73
C LYS G 153 -6.37 60.34 7.65
N ASP G 154 -6.77 61.61 7.81
CA ASP G 154 -8.19 61.96 7.71
C ASP G 154 -8.68 61.83 6.28
N TYR G 155 -7.80 62.04 5.30
CA TYR G 155 -8.15 61.94 3.90
C TYR G 155 -7.55 60.70 3.25
N ASN G 156 -7.03 59.77 4.08
CA ASN G 156 -6.41 58.51 3.65
C ASN G 156 -5.20 58.74 2.74
N LEU G 157 -4.48 59.83 2.98
CA LEU G 157 -3.34 60.20 2.16
C LEU G 157 -2.02 59.63 2.64
N ALA G 158 -2.03 58.78 3.66
CA ALA G 158 -0.78 58.31 4.26
C ALA G 158 -0.12 57.28 3.36
N GLY G 159 1.14 57.52 3.02
CA GLY G 159 1.87 56.60 2.18
C GLY G 159 1.48 56.66 0.72
N GLN G 160 1.11 57.83 0.22
CA GLN G 160 0.76 58.03 -1.17
C GLN G 160 1.69 59.09 -1.76
N CYS G 161 1.62 59.23 -3.09
CA CYS G 161 2.37 60.27 -3.79
C CYS G 161 1.42 61.44 -3.97
N VAL G 162 1.53 62.43 -3.08
CA VAL G 162 0.56 63.52 -3.05
C VAL G 162 0.80 64.48 -4.21
N ARG G 163 2.00 65.00 -4.33
CA ARG G 163 2.39 65.85 -5.46
C ARG G 163 3.27 65.03 -6.38
N HIS G 164 2.88 64.92 -7.64
CA HIS G 164 3.65 64.18 -8.64
C HIS G 164 3.95 65.13 -9.79
N TYR G 165 5.16 65.67 -9.80
CA TYR G 165 5.60 66.52 -10.90
C TYR G 165 6.12 65.64 -12.03
N ASP G 166 5.66 65.90 -13.25
CA ASP G 166 5.94 65.03 -14.38
C ASP G 166 6.29 65.89 -15.59
N THR G 167 6.27 65.29 -16.77
CA THR G 167 6.65 65.96 -18.01
C THR G 167 5.63 66.96 -18.50
N ALA G 168 4.46 67.06 -17.87
CA ALA G 168 3.43 67.99 -18.27
C ALA G 168 3.00 68.94 -17.16
N GLY G 169 3.54 68.79 -15.96
CA GLY G 169 3.16 69.70 -14.90
C GLY G 169 3.08 69.09 -13.52
N LEU G 170 1.92 69.22 -12.88
CA LEU G 170 1.70 68.76 -11.53
C LEU G 170 0.39 67.98 -11.50
N THR G 171 0.37 66.89 -10.73
CA THR G 171 -0.84 66.13 -10.49
C THR G 171 -0.96 65.92 -8.98
N GLN G 172 -1.75 66.78 -8.33
CA GLN G 172 -1.87 66.78 -6.88
C GLN G 172 -3.07 65.95 -6.46
N LEU G 173 -2.86 65.07 -5.49
CA LEU G 173 -3.90 64.17 -5.01
C LEU G 173 -4.39 64.68 -3.66
N ASN G 174 -5.71 64.76 -3.49
CA ASN G 174 -6.30 65.40 -2.33
C ASN G 174 -7.00 64.46 -1.38
N SER G 175 -7.78 63.51 -1.88
CA SER G 175 -8.58 62.67 -0.99
C SER G 175 -8.71 61.27 -1.56
N LEU G 176 -8.69 60.28 -0.67
CA LEU G 176 -8.87 58.88 -1.02
C LEU G 176 -10.00 58.29 -0.19
N SER G 177 -10.76 57.40 -0.82
CA SER G 177 -11.84 56.72 -0.11
C SER G 177 -11.26 55.58 0.72
N LEU G 178 -12.13 54.91 1.48
CA LEU G 178 -11.69 53.81 2.32
C LEU G 178 -11.31 52.57 1.50
N ALA G 179 -11.69 52.51 0.23
CA ALA G 179 -11.22 51.46 -0.65
C ALA G 179 -9.88 51.82 -1.26
N GLY G 180 -9.68 53.09 -1.59
CA GLY G 180 -8.45 53.53 -2.24
C GLY G 180 -8.74 54.20 -3.56
N VAL G 181 -9.98 54.58 -3.76
CA VAL G 181 -10.40 55.28 -4.96
C VAL G 181 -10.17 56.78 -4.75
N VAL G 182 -9.59 57.43 -5.74
CA VAL G 182 -9.28 58.86 -5.60
C VAL G 182 -10.59 59.66 -5.70
N LEU G 183 -10.88 60.42 -4.65
CA LEU G 183 -12.11 61.18 -4.60
C LEU G 183 -11.92 62.64 -4.96
N SER G 184 -10.69 63.14 -4.94
CA SER G 184 -10.41 64.50 -5.35
C SER G 184 -8.95 64.59 -5.78
N GLN G 185 -8.71 65.11 -6.98
CA GLN G 185 -7.36 65.42 -7.42
C GLN G 185 -7.40 66.70 -8.22
N SER G 186 -6.25 67.36 -8.31
CA SER G 186 -6.12 68.60 -9.07
C SER G 186 -4.86 68.53 -9.90
N GLN G 187 -4.85 69.28 -11.01
CA GLN G 187 -3.69 69.27 -11.88
C GLN G 187 -3.51 70.61 -12.59
N GLN G 188 -2.30 71.14 -12.55
CA GLN G 188 -1.89 72.29 -13.34
C GLN G 188 -0.99 71.84 -14.48
N LEU G 189 -0.90 72.68 -15.50
CA LEU G 189 -0.11 72.38 -16.68
C LEU G 189 1.11 73.31 -16.77
N LEU G 190 2.19 72.77 -17.32
CA LEU G 190 3.36 73.58 -17.62
C LEU G 190 3.03 74.59 -18.70
N VAL G 191 3.64 75.78 -18.61
CA VAL G 191 3.39 76.83 -19.60
C VAL G 191 4.14 76.48 -20.88
N ASP G 192 3.80 77.17 -21.97
CA ASP G 192 4.28 76.77 -23.28
C ASP G 192 5.77 77.02 -23.46
N ASP G 193 6.33 78.01 -22.78
CA ASP G 193 7.72 78.37 -22.92
C ASP G 193 8.64 77.60 -21.99
N LYS G 194 8.15 76.57 -21.31
CA LYS G 194 8.92 75.86 -20.31
C LYS G 194 8.75 74.35 -20.48
N ASN G 195 9.83 73.63 -20.20
CA ASN G 195 9.83 72.18 -20.11
C ASN G 195 9.99 71.76 -18.65
N ALA G 196 9.76 70.48 -18.40
CA ALA G 196 9.83 69.95 -17.05
C ALA G 196 11.28 69.85 -16.62
N ASP G 197 11.71 70.73 -15.71
CA ASP G 197 13.03 70.65 -15.09
C ASP G 197 12.83 70.95 -13.61
N TRP G 198 12.52 69.91 -12.84
CA TRP G 198 12.16 70.07 -11.44
C TRP G 198 13.35 69.93 -10.53
N THR G 199 14.39 70.72 -10.79
CA THR G 199 15.59 70.68 -9.98
C THR G 199 15.41 71.47 -8.70
N GLY G 200 16.08 71.03 -7.65
CA GLY G 200 16.14 71.76 -6.41
C GLY G 200 15.36 71.10 -5.29
N GLU G 201 15.14 71.87 -4.24
CA GLU G 201 14.45 71.41 -3.04
C GLU G 201 13.17 72.17 -2.77
N ASP G 202 13.17 73.48 -2.96
CA ASP G 202 11.97 74.29 -2.75
C ASP G 202 11.01 74.10 -3.91
N GLN G 203 9.73 74.09 -3.59
CA GLN G 203 8.69 73.96 -4.60
C GLN G 203 8.07 75.29 -5.00
N SER G 204 8.51 76.39 -4.37
CA SER G 204 7.97 77.70 -4.72
C SER G 204 8.49 78.16 -6.07
N LEU G 205 9.67 77.71 -6.47
CA LEU G 205 10.19 78.01 -7.80
C LEU G 205 9.80 76.96 -8.82
N TRP G 206 8.89 76.05 -8.46
CA TRP G 206 8.27 75.16 -9.45
C TRP G 206 6.86 75.60 -9.81
N GLN G 207 6.23 76.46 -9.01
CA GLN G 207 4.92 76.96 -9.35
C GLN G 207 4.97 78.11 -10.34
N GLN G 208 6.13 78.72 -10.53
CA GLN G 208 6.30 79.76 -11.53
C GLN G 208 6.55 79.18 -12.92
N LYS G 209 6.63 77.86 -13.04
CA LYS G 209 6.63 77.18 -14.32
C LYS G 209 5.27 76.59 -14.66
N LEU G 210 4.34 76.56 -13.72
CA LEU G 210 3.02 75.99 -13.93
C LEU G 210 2.01 77.07 -14.28
N SER G 211 0.90 76.65 -14.86
CA SER G 211 -0.16 77.58 -15.19
C SER G 211 -0.89 78.02 -13.93
N SER G 212 -1.63 79.13 -14.06
CA SER G 212 -2.40 79.62 -12.93
C SER G 212 -3.64 78.79 -12.69
N ASP G 213 -4.16 78.14 -13.72
CA ASP G 213 -5.42 77.41 -13.63
C ASP G 213 -5.17 76.06 -13.00
N VAL G 214 -5.75 75.85 -11.82
CA VAL G 214 -5.70 74.56 -11.13
C VAL G 214 -7.03 73.87 -11.39
N TYR G 215 -6.99 72.75 -12.09
CA TYR G 215 -8.19 72.03 -12.49
C TYR G 215 -8.42 70.87 -11.54
N THR G 216 -9.32 71.05 -10.59
CA THR G 216 -9.64 70.01 -9.62
C THR G 216 -10.89 69.26 -10.03
N THR G 217 -10.89 67.94 -9.81
CA THR G 217 -12.03 67.09 -10.13
C THR G 217 -12.38 66.26 -8.92
N GLN G 218 -13.66 65.94 -8.76
CA GLN G 218 -14.15 65.26 -7.57
C GLN G 218 -15.00 64.06 -7.95
N ASN G 219 -15.00 63.06 -7.07
CA ASN G 219 -15.77 61.85 -7.25
C ASN G 219 -16.48 61.49 -5.95
N LYS G 220 -17.44 60.57 -6.06
CA LYS G 220 -18.01 59.87 -4.92
C LYS G 220 -18.12 58.41 -5.30
N ALA G 221 -17.80 57.52 -4.36
CA ALA G 221 -17.80 56.10 -4.62
C ALA G 221 -18.51 55.38 -3.50
N ASP G 222 -19.03 54.19 -3.81
CA ASP G 222 -19.72 53.38 -2.81
C ASP G 222 -18.69 52.57 -2.01
N ALA G 223 -19.17 51.63 -1.21
CA ALA G 223 -18.26 50.82 -0.42
C ALA G 223 -17.49 49.81 -1.25
N THR G 224 -17.99 49.47 -2.43
CA THR G 224 -17.30 48.57 -3.33
C THR G 224 -16.29 49.28 -4.21
N GLY G 225 -16.13 50.59 -4.04
CA GLY G 225 -15.14 51.33 -4.80
C GLY G 225 -15.53 51.67 -6.21
N ALA G 226 -16.74 51.32 -6.65
CA ALA G 226 -17.21 51.72 -7.95
C ALA G 226 -17.58 53.19 -7.91
N LEU G 227 -17.28 53.91 -8.98
CA LEU G 227 -17.50 55.34 -9.02
C LEU G 227 -18.99 55.63 -9.19
N LEU G 228 -19.58 56.30 -8.21
CA LEU G 228 -21.00 56.65 -8.29
C LEU G 228 -21.20 57.89 -9.14
N THR G 229 -20.60 59.00 -8.75
CA THR G 229 -20.78 60.25 -9.47
C THR G 229 -19.42 60.90 -9.66
N GLN G 230 -19.35 61.84 -10.59
CA GLN G 230 -18.10 62.55 -10.85
C GLN G 230 -18.38 63.99 -11.25
N THR G 231 -17.81 64.92 -10.50
CA THR G 231 -17.82 66.33 -10.89
C THR G 231 -16.61 66.59 -11.76
N ASP G 232 -16.83 67.28 -12.89
CA ASP G 232 -15.74 67.65 -13.79
C ASP G 232 -14.98 68.84 -13.20
N ALA G 233 -14.00 69.34 -13.95
CA ALA G 233 -13.20 70.47 -13.48
C ALA G 233 -13.95 71.79 -13.57
N LYS G 234 -15.09 71.83 -14.25
CA LYS G 234 -15.89 73.04 -14.35
C LYS G 234 -17.14 73.00 -13.50
N GLY G 235 -17.57 71.83 -13.03
CA GLY G 235 -18.74 71.72 -12.19
C GLY G 235 -19.85 70.86 -12.77
N ASN G 236 -19.67 70.33 -13.97
CA ASN G 236 -20.67 69.45 -14.57
C ASN G 236 -20.57 68.08 -13.93
N ILE G 237 -21.69 67.57 -13.42
CA ILE G 237 -21.72 66.35 -12.64
C ILE G 237 -22.32 65.25 -13.49
N GLN G 238 -21.57 64.17 -13.69
CA GLN G 238 -22.14 62.91 -14.15
C GLN G 238 -22.47 62.06 -12.94
N ARG G 239 -23.55 61.28 -13.04
CA ARG G 239 -23.97 60.44 -11.91
C ARG G 239 -24.45 59.11 -12.44
N LEU G 240 -23.91 58.02 -11.89
CA LEU G 240 -24.19 56.68 -12.37
C LEU G 240 -24.93 55.89 -11.30
N ALA G 241 -25.72 54.93 -11.75
CA ALA G 241 -26.42 54.01 -10.87
C ALA G 241 -26.06 52.59 -11.26
N TYR G 242 -26.09 51.70 -10.28
CA TYR G 242 -25.68 50.33 -10.48
C TYR G 242 -26.78 49.39 -10.02
N ASP G 243 -26.90 48.26 -10.69
CA ASP G 243 -27.94 47.29 -10.38
C ASP G 243 -27.39 46.25 -9.40
N VAL G 244 -28.15 45.17 -9.20
CA VAL G 244 -27.85 44.22 -8.12
C VAL G 244 -26.74 43.26 -8.51
N ALA G 245 -26.32 43.25 -9.77
CA ALA G 245 -25.19 42.42 -10.19
C ALA G 245 -23.89 43.21 -10.23
N GLY G 246 -23.91 44.47 -9.81
CA GLY G 246 -22.73 45.30 -9.86
C GLY G 246 -22.46 45.96 -11.20
N GLN G 247 -23.30 45.70 -12.20
CA GLN G 247 -23.17 46.33 -13.51
C GLN G 247 -23.74 47.74 -13.48
N LEU G 248 -23.57 48.46 -14.58
CA LEU G 248 -24.05 49.83 -14.69
C LEU G 248 -25.41 49.87 -15.37
N LYS G 249 -26.34 50.61 -14.80
CA LYS G 249 -27.71 50.61 -15.31
C LYS G 249 -28.27 51.98 -15.66
N GLY G 250 -27.57 53.07 -15.38
CA GLY G 250 -28.13 54.38 -15.63
C GLY G 250 -27.05 55.43 -15.60
N CYS G 251 -27.42 56.62 -16.09
CA CYS G 251 -26.48 57.75 -16.14
C CYS G 251 -27.27 59.04 -16.21
N TRP G 252 -26.84 60.02 -15.43
CA TRP G 252 -27.48 61.34 -15.39
C TRP G 252 -26.40 62.41 -15.44
N LEU G 253 -26.67 63.46 -16.21
CA LEU G 253 -25.77 64.61 -16.31
C LEU G 253 -26.52 65.84 -15.83
N THR G 254 -25.87 66.63 -14.97
CA THR G 254 -26.37 67.94 -14.60
C THR G 254 -25.26 68.98 -14.82
N LEU G 255 -25.44 69.80 -15.85
CA LEU G 255 -24.49 70.86 -16.17
C LEU G 255 -24.54 71.95 -15.11
N LYS G 256 -23.50 72.78 -15.09
CA LYS G 256 -23.33 73.75 -14.02
C LYS G 256 -24.34 74.88 -14.17
N GLY G 257 -25.27 74.97 -13.22
CA GLY G 257 -26.34 75.94 -13.27
C GLY G 257 -27.64 75.44 -13.86
N GLN G 258 -27.70 74.17 -14.25
CA GLN G 258 -28.85 73.59 -14.93
C GLN G 258 -29.40 72.44 -14.08
N ALA G 259 -30.52 71.86 -14.53
CA ALA G 259 -31.15 70.74 -13.85
C ALA G 259 -30.44 69.44 -14.23
N GLU G 260 -31.01 68.31 -13.84
CA GLU G 260 -30.42 67.01 -14.10
C GLU G 260 -31.19 66.31 -15.21
N GLN G 261 -30.54 66.08 -16.35
CA GLN G 261 -31.13 65.36 -17.45
C GLN G 261 -30.73 63.90 -17.40
N VAL G 262 -31.26 63.12 -18.34
CA VAL G 262 -31.03 61.69 -18.40
C VAL G 262 -30.21 61.41 -19.65
N ILE G 263 -29.11 60.68 -19.49
CA ILE G 263 -28.28 60.27 -20.62
C ILE G 263 -28.49 58.80 -20.94
N ILE G 264 -28.47 57.94 -19.93
CA ILE G 264 -28.81 56.54 -20.08
C ILE G 264 -29.88 56.21 -19.05
N LYS G 265 -31.07 55.83 -19.52
CA LYS G 265 -32.15 55.52 -18.59
C LYS G 265 -32.32 54.03 -18.36
N SER G 266 -31.79 53.18 -19.22
CA SER G 266 -31.82 51.75 -18.99
C SER G 266 -30.63 51.12 -19.69
N LEU G 267 -30.06 50.10 -19.06
CA LEU G 267 -28.97 49.33 -19.66
C LEU G 267 -29.01 47.94 -19.03
N THR G 268 -29.56 46.98 -19.76
CA THR G 268 -29.61 45.60 -19.34
C THR G 268 -28.48 44.82 -19.98
N TYR G 269 -28.25 43.62 -19.48
CA TYR G 269 -27.12 42.82 -19.90
C TYR G 269 -27.52 41.38 -20.14
N SER G 270 -26.62 40.65 -20.77
CA SER G 270 -26.78 39.23 -21.04
C SER G 270 -26.30 38.43 -19.84
N ALA G 271 -26.23 37.10 -20.00
CA ALA G 271 -25.76 36.26 -18.91
C ALA G 271 -24.26 36.37 -18.72
N ALA G 272 -23.52 36.61 -19.80
CA ALA G 272 -22.08 36.78 -19.74
C ALA G 272 -21.67 38.21 -19.46
N GLY G 273 -22.62 39.09 -19.12
CA GLY G 273 -22.31 40.45 -18.78
C GLY G 273 -22.10 41.38 -19.95
N GLN G 274 -22.29 40.89 -21.18
CA GLN G 274 -22.25 41.74 -22.36
C GLN G 274 -23.49 42.63 -22.37
N LYS G 275 -23.38 43.79 -23.02
CA LYS G 275 -24.51 44.69 -23.17
C LYS G 275 -25.60 44.05 -24.01
N LEU G 276 -26.85 44.20 -23.58
CA LEU G 276 -27.96 43.57 -24.28
C LEU G 276 -28.97 44.56 -24.83
N ARG G 277 -29.43 45.51 -24.03
CA ARG G 277 -30.39 46.50 -24.49
C ARG G 277 -30.09 47.81 -23.78
N GLU G 278 -30.07 48.90 -24.53
CA GLU G 278 -29.78 50.20 -23.95
C GLU G 278 -30.68 51.26 -24.57
N GLU G 279 -31.43 51.96 -23.74
CA GLU G 279 -32.22 53.10 -24.15
C GLU G 279 -31.58 54.36 -23.60
N HIS G 280 -31.39 55.34 -24.45
CA HIS G 280 -30.75 56.59 -24.04
C HIS G 280 -31.81 57.61 -23.63
N GLY G 281 -31.34 58.73 -23.06
CA GLY G 281 -32.21 59.87 -22.87
C GLY G 281 -32.57 60.56 -24.17
N ASN G 282 -31.80 60.26 -25.23
CA ASN G 282 -32.22 60.46 -26.60
C ASN G 282 -33.58 59.82 -26.87
N GLY G 283 -33.82 58.64 -26.30
CA GLY G 283 -35.00 57.85 -26.62
C GLY G 283 -34.69 56.70 -27.54
N VAL G 284 -33.56 56.75 -28.24
CA VAL G 284 -33.20 55.71 -29.20
C VAL G 284 -32.76 54.46 -28.45
N ILE G 285 -33.29 53.32 -28.87
CA ILE G 285 -33.00 52.02 -28.27
C ILE G 285 -32.04 51.27 -29.17
N THR G 286 -30.88 50.90 -28.64
CA THR G 286 -30.00 49.95 -29.29
C THR G 286 -30.10 48.58 -28.62
N GLU G 287 -29.93 47.53 -29.42
CA GLU G 287 -30.12 46.17 -28.94
C GLU G 287 -29.07 45.27 -29.57
N TYR G 288 -28.30 44.60 -28.72
CA TYR G 288 -27.22 43.73 -29.14
C TYR G 288 -27.69 42.29 -29.14
N SER G 289 -27.43 41.58 -30.23
CA SER G 289 -27.72 40.17 -30.36
C SER G 289 -26.42 39.38 -30.37
N TYR G 290 -26.45 38.18 -29.79
CA TYR G 290 -25.23 37.39 -29.66
C TYR G 290 -25.47 35.99 -30.16
N GLU G 291 -24.38 35.31 -30.46
CA GLU G 291 -24.45 33.89 -30.72
C GLU G 291 -24.83 33.18 -29.43
N PRO G 292 -25.66 32.17 -29.49
CA PRO G 292 -25.92 31.35 -28.30
C PRO G 292 -24.68 30.56 -27.90
N GLU G 293 -24.08 29.90 -28.89
CA GLU G 293 -23.02 28.93 -28.62
C GLU G 293 -21.69 29.58 -28.28
N THR G 294 -21.29 30.59 -29.05
CA THR G 294 -19.95 31.16 -28.90
C THR G 294 -19.95 32.50 -28.19
N GLN G 295 -21.13 33.10 -27.95
CA GLN G 295 -21.31 34.42 -27.33
C GLN G 295 -20.56 35.53 -28.09
N ARG G 296 -20.59 35.45 -29.41
CA ARG G 296 -20.02 36.48 -30.26
C ARG G 296 -21.10 37.45 -30.72
N LEU G 297 -20.72 38.70 -30.90
CA LEU G 297 -21.68 39.74 -31.27
C LEU G 297 -22.09 39.56 -32.73
N ILE G 298 -23.37 39.26 -32.94
CA ILE G 298 -23.91 39.02 -34.27
C ILE G 298 -24.96 40.05 -34.66
N GLY G 299 -25.11 41.11 -33.89
CA GLY G 299 -26.09 42.11 -34.22
C GLY G 299 -26.01 43.37 -33.39
N ILE G 300 -26.06 44.53 -34.04
CA ILE G 300 -26.20 45.82 -33.39
C ILE G 300 -27.38 46.52 -34.05
N ALA G 301 -28.51 46.58 -33.36
CA ALA G 301 -29.76 47.09 -33.94
C ALA G 301 -30.15 48.38 -33.24
N THR G 302 -29.91 49.50 -33.90
CA THR G 302 -30.20 50.83 -33.36
C THR G 302 -31.56 51.27 -33.88
N ARG G 303 -32.54 51.37 -32.98
CA ARG G 303 -33.92 51.63 -33.36
C ARG G 303 -34.42 52.88 -32.64
N ARG G 304 -35.09 53.75 -33.39
CA ARG G 304 -35.72 54.94 -32.82
C ARG G 304 -37.21 54.72 -32.67
N PRO G 305 -37.72 54.58 -31.45
CA PRO G 305 -39.15 54.25 -31.25
C PRO G 305 -40.05 55.49 -31.22
N SER G 306 -39.87 56.36 -32.21
CA SER G 306 -40.82 57.42 -32.49
C SER G 306 -41.27 57.44 -33.93
N ASP G 307 -40.50 56.88 -34.85
CA ASP G 307 -40.87 56.76 -36.25
C ASP G 307 -40.87 55.30 -36.69
N ALA G 308 -40.74 54.37 -35.74
CA ALA G 308 -40.49 52.94 -35.98
C ALA G 308 -39.32 52.72 -36.93
N LYS G 309 -38.28 53.53 -36.79
CA LYS G 309 -37.18 53.57 -37.75
C LYS G 309 -35.98 52.85 -37.18
N VAL G 310 -35.41 51.95 -37.99
CA VAL G 310 -34.16 51.29 -37.67
C VAL G 310 -33.04 52.08 -38.33
N LEU G 311 -32.26 52.77 -37.50
CA LEU G 311 -31.22 53.65 -38.02
C LEU G 311 -30.03 52.88 -38.55
N GLN G 312 -29.60 51.84 -37.84
CA GLN G 312 -28.69 50.86 -38.41
C GLN G 312 -28.97 49.50 -37.79
N ASP G 313 -28.71 48.45 -38.56
CA ASP G 313 -28.87 47.06 -38.09
C ASP G 313 -27.76 46.23 -38.73
N LEU G 314 -26.64 46.11 -38.03
CA LEU G 314 -25.45 45.47 -38.54
C LEU G 314 -25.43 44.00 -38.10
N ARG G 315 -25.61 43.09 -39.04
CA ARG G 315 -25.54 41.66 -38.77
C ARG G 315 -24.17 41.14 -39.18
N TYR G 316 -23.41 40.63 -38.22
CA TYR G 316 -22.07 40.13 -38.48
C TYR G 316 -22.10 38.63 -38.72
N GLN G 317 -21.24 38.16 -39.63
CA GLN G 317 -20.96 36.75 -39.82
C GLN G 317 -19.48 36.52 -39.60
N TYR G 318 -19.14 35.28 -39.27
CA TYR G 318 -17.81 34.95 -38.77
C TYR G 318 -17.27 33.71 -39.47
N ASP G 319 -15.97 33.51 -39.28
CA ASP G 319 -15.32 32.24 -39.53
C ASP G 319 -15.63 31.28 -38.40
N PRO G 320 -15.18 30.02 -38.48
CA PRO G 320 -15.14 29.21 -37.25
C PRO G 320 -14.19 29.74 -36.20
N VAL G 321 -13.14 30.46 -36.59
CA VAL G 321 -12.15 30.93 -35.63
C VAL G 321 -12.50 32.31 -35.07
N GLY G 322 -13.40 33.06 -35.72
CA GLY G 322 -13.82 34.33 -35.18
C GLY G 322 -13.33 35.53 -35.97
N ASN G 323 -13.15 35.35 -37.28
CA ASN G 323 -12.81 36.46 -38.16
C ASN G 323 -14.08 36.95 -38.83
N VAL G 324 -14.30 38.27 -38.80
CA VAL G 324 -15.50 38.85 -39.41
C VAL G 324 -15.37 38.76 -40.92
N ILE G 325 -16.32 38.07 -41.55
CA ILE G 325 -16.29 37.85 -43.00
C ILE G 325 -17.47 38.48 -43.71
N ASN G 326 -18.49 38.96 -43.01
CA ASN G 326 -19.66 39.49 -43.68
C ASN G 326 -20.38 40.44 -42.73
N ILE G 327 -20.48 41.72 -43.09
CA ILE G 327 -21.33 42.68 -42.40
C ILE G 327 -22.35 43.17 -43.41
N ARG G 328 -23.63 42.98 -43.09
CA ARG G 328 -24.71 43.54 -43.89
C ARG G 328 -25.57 44.43 -43.02
N ASN G 329 -26.06 45.52 -43.60
CA ASN G 329 -26.92 46.46 -42.90
C ASN G 329 -28.34 46.30 -43.43
N ASP G 330 -29.26 45.90 -42.56
CA ASP G 330 -30.66 45.76 -42.91
C ASP G 330 -31.44 47.05 -42.71
N ALA G 331 -30.76 48.17 -42.52
CA ALA G 331 -31.42 49.46 -42.48
C ALA G 331 -31.48 50.02 -43.90
N GLU G 332 -32.05 51.21 -44.04
CA GLU G 332 -32.07 51.90 -45.31
C GLU G 332 -31.05 53.02 -45.27
N ALA G 333 -30.71 53.55 -46.44
CA ALA G 333 -29.76 54.63 -46.50
C ALA G 333 -30.37 55.91 -45.95
N THR G 334 -29.50 56.74 -45.37
CA THR G 334 -29.92 57.91 -44.61
C THR G 334 -30.38 59.03 -45.55
N ARG G 335 -30.75 60.16 -44.95
CA ARG G 335 -31.31 61.27 -45.71
C ARG G 335 -30.27 62.02 -46.54
N PHE G 336 -28.99 61.74 -46.34
CA PHE G 336 -27.94 62.45 -47.08
C PHE G 336 -27.78 61.92 -48.50
N TRP G 337 -28.20 60.68 -48.75
CA TRP G 337 -28.06 60.06 -50.07
C TRP G 337 -29.45 59.98 -50.69
N ARG G 338 -29.70 60.86 -51.65
CA ARG G 338 -30.96 60.82 -52.39
C ARG G 338 -31.00 59.61 -53.31
N ASN G 339 -32.22 59.22 -53.68
CA ASN G 339 -32.56 58.25 -54.72
C ASN G 339 -32.00 56.84 -54.51
N GLN G 340 -31.50 56.51 -53.32
CA GLN G 340 -31.06 55.15 -53.05
C GLN G 340 -31.25 54.84 -51.57
N LYS G 341 -31.65 53.60 -51.29
CA LYS G 341 -31.99 53.23 -49.92
C LYS G 341 -31.53 51.82 -49.56
N VAL G 342 -30.59 51.25 -50.30
CA VAL G 342 -30.04 49.93 -49.99
C VAL G 342 -28.56 50.08 -49.66
N VAL G 343 -28.16 49.58 -48.50
CA VAL G 343 -26.78 49.65 -48.05
C VAL G 343 -26.10 48.36 -48.49
N PRO G 344 -24.97 48.42 -49.19
CA PRO G 344 -24.34 47.21 -49.72
C PRO G 344 -23.72 46.35 -48.64
N GLU G 345 -23.49 45.09 -49.00
CA GLU G 345 -22.92 44.11 -48.10
C GLU G 345 -21.41 44.18 -48.12
N ASN G 346 -20.80 44.20 -46.93
CA ASN G 346 -19.36 44.20 -46.79
C ASN G 346 -18.88 42.78 -46.61
N SER G 347 -18.07 42.30 -47.55
CA SER G 347 -17.54 40.94 -47.52
C SER G 347 -16.03 40.98 -47.38
N TYR G 348 -15.49 40.06 -46.59
CA TYR G 348 -14.07 40.00 -46.30
C TYR G 348 -13.57 38.58 -46.47
N THR G 349 -12.34 38.43 -46.97
CA THR G 349 -11.66 37.16 -47.05
C THR G 349 -10.29 37.30 -46.43
N TYR G 350 -9.70 36.18 -46.02
CA TYR G 350 -8.46 36.19 -45.27
C TYR G 350 -7.50 35.15 -45.81
N ASP G 351 -6.24 35.25 -45.38
CA ASP G 351 -5.21 34.28 -45.72
C ASP G 351 -5.29 33.10 -44.76
N SER G 352 -4.27 32.24 -44.79
CA SER G 352 -4.17 31.18 -43.82
C SER G 352 -3.66 31.68 -42.47
N LEU G 353 -2.96 32.81 -42.45
CA LEU G 353 -2.51 33.43 -41.22
C LEU G 353 -3.53 34.41 -40.66
N TYR G 354 -4.74 34.43 -41.24
CA TYR G 354 -5.86 35.29 -40.85
C TYR G 354 -5.48 36.76 -40.95
N GLN G 355 -5.01 37.15 -42.13
CA GLN G 355 -4.81 38.55 -42.46
C GLN G 355 -5.62 38.90 -43.69
N LEU G 356 -6.13 40.13 -43.71
CA LEU G 356 -7.17 40.52 -44.64
C LEU G 356 -6.63 40.61 -46.07
N ILE G 357 -7.18 39.79 -46.97
CA ILE G 357 -6.73 39.78 -48.36
C ILE G 357 -7.68 40.55 -49.28
N SER G 358 -8.96 40.69 -48.92
CA SER G 358 -9.89 41.39 -49.78
C SER G 358 -11.03 41.92 -48.92
N ALA G 359 -11.64 43.01 -49.37
CA ALA G 359 -12.63 43.72 -48.59
C ALA G 359 -13.49 44.57 -49.51
N THR G 360 -14.81 44.41 -49.42
CA THR G 360 -15.74 45.22 -50.19
C THR G 360 -16.53 46.13 -49.26
N GLY G 361 -17.14 47.16 -49.85
CA GLY G 361 -17.93 48.09 -49.07
C GLY G 361 -18.40 49.24 -49.94
N ARG G 362 -18.93 50.26 -49.27
CA ARG G 362 -19.43 51.45 -49.95
C ARG G 362 -18.57 52.65 -49.61
N GLU G 363 -18.42 53.55 -50.57
CA GLU G 363 -17.68 54.79 -50.37
C GLU G 363 -18.37 55.89 -51.16
N MET G 364 -18.02 57.13 -50.85
CA MET G 364 -18.61 58.28 -51.51
C MET G 364 -18.15 58.38 -52.96
N ALA G 365 -18.77 59.29 -53.70
CA ALA G 365 -18.43 59.46 -55.11
C ALA G 365 -17.33 60.48 -55.34
N ASN G 366 -17.37 61.62 -54.65
CA ASN G 366 -16.35 62.64 -54.79
C ASN G 366 -15.22 62.51 -53.79
N ILE G 367 -14.88 61.28 -53.39
CA ILE G 367 -13.82 61.09 -52.41
C ILE G 367 -12.45 61.23 -53.06
N GLY G 368 -12.28 60.68 -54.27
CA GLY G 368 -10.96 60.68 -54.86
C GLY G 368 -10.05 59.67 -54.16
N GLN G 369 -8.75 59.91 -54.27
CA GLN G 369 -7.76 59.03 -53.68
C GLN G 369 -7.65 59.26 -52.19
N GLN G 370 -7.39 58.19 -51.45
CA GLN G 370 -7.26 58.27 -50.00
C GLN G 370 -5.90 58.85 -49.63
N ASN G 371 -5.89 59.74 -48.63
CA ASN G 371 -4.66 60.34 -48.13
C ASN G 371 -4.87 60.64 -46.65
N ASN G 372 -4.05 61.56 -46.11
CA ASN G 372 -4.15 61.89 -44.70
C ASN G 372 -5.39 62.72 -44.38
N GLN G 373 -5.91 63.46 -45.36
CA GLN G 373 -7.08 64.30 -45.12
C GLN G 373 -8.36 63.47 -45.13
N LEU G 374 -9.40 64.01 -44.51
CA LEU G 374 -10.73 63.42 -44.65
C LEU G 374 -11.54 64.24 -45.66
N PRO G 375 -12.40 63.60 -46.45
CA PRO G 375 -13.10 64.33 -47.51
C PRO G 375 -14.14 65.28 -46.96
N SER G 376 -14.69 66.08 -47.86
CA SER G 376 -15.73 67.02 -47.48
C SER G 376 -17.01 66.27 -47.14
N PRO G 377 -17.83 66.80 -46.23
CA PRO G 377 -19.04 66.09 -45.84
C PRO G 377 -20.09 66.10 -46.93
N ALA G 378 -20.97 65.12 -46.87
CA ALA G 378 -22.13 65.04 -47.76
C ALA G 378 -23.28 65.72 -47.04
N LEU G 379 -23.57 66.97 -47.41
CA LEU G 379 -24.65 67.71 -46.81
C LEU G 379 -25.99 67.17 -47.32
N PRO G 380 -27.11 67.50 -46.67
CA PRO G 380 -28.41 67.05 -47.18
C PRO G 380 -28.93 67.83 -48.39
N SER G 381 -28.11 68.67 -49.03
CA SER G 381 -28.57 69.47 -50.16
C SER G 381 -27.92 69.11 -51.48
N ASP G 382 -26.68 68.61 -51.49
CA ASP G 382 -25.95 68.45 -52.74
C ASP G 382 -26.19 67.10 -53.43
N ASN G 383 -27.26 66.39 -53.03
CA ASN G 383 -27.86 65.16 -53.64
C ASN G 383 -26.85 64.16 -54.19
N ASN G 384 -25.76 63.96 -53.44
CA ASN G 384 -24.71 63.04 -53.83
C ASN G 384 -24.99 61.63 -53.32
N THR G 385 -24.36 60.65 -53.97
CA THR G 385 -24.62 59.24 -53.75
C THR G 385 -23.40 58.57 -53.14
N TYR G 386 -23.46 57.25 -53.01
CA TYR G 386 -22.30 56.42 -52.73
C TYR G 386 -22.15 55.37 -53.81
N THR G 387 -20.92 54.86 -53.95
CA THR G 387 -20.59 53.84 -54.92
C THR G 387 -20.00 52.63 -54.22
N ASN G 388 -19.77 51.57 -54.98
CA ASN G 388 -19.18 50.34 -54.47
C ASN G 388 -17.69 50.32 -54.77
N TYR G 389 -16.89 49.90 -53.80
CA TYR G 389 -15.47 49.69 -53.99
C TYR G 389 -15.10 48.28 -53.56
N THR G 390 -13.85 47.92 -53.84
CA THR G 390 -13.25 46.73 -53.26
C THR G 390 -11.74 46.94 -53.17
N ARG G 391 -11.18 46.62 -52.01
CA ARG G 391 -9.75 46.76 -51.77
C ARG G 391 -9.15 45.37 -51.63
N SER G 392 -7.92 45.21 -52.11
CA SER G 392 -7.20 43.94 -51.99
C SER G 392 -5.83 44.25 -51.43
N TYR G 393 -5.44 43.51 -50.41
CA TYR G 393 -4.22 43.78 -49.66
C TYR G 393 -3.19 42.69 -49.93
N SER G 394 -1.92 43.08 -49.94
CA SER G 394 -0.81 42.17 -50.17
C SER G 394 0.22 42.35 -49.08
N TYR G 395 0.81 41.24 -48.64
CA TYR G 395 1.74 41.24 -47.53
C TYR G 395 3.00 40.48 -47.91
N ASP G 396 4.08 40.77 -47.20
CA ASP G 396 5.30 39.99 -47.30
C ASP G 396 5.29 38.97 -46.17
N HIS G 397 6.41 38.26 -46.01
CA HIS G 397 6.46 37.19 -45.02
C HIS G 397 6.76 37.68 -43.62
N SER G 398 6.97 38.98 -43.44
CA SER G 398 7.07 39.59 -42.11
C SER G 398 5.75 40.12 -41.61
N GLY G 399 4.68 40.02 -42.42
CA GLY G 399 3.40 40.54 -42.01
C GLY G 399 3.21 42.01 -42.24
N ASN G 400 4.11 42.65 -42.97
CA ASN G 400 3.94 44.06 -43.30
C ASN G 400 2.98 44.21 -44.47
N LEU G 401 2.07 45.18 -44.36
CA LEU G 401 1.18 45.51 -45.46
C LEU G 401 1.97 46.22 -46.53
N THR G 402 2.10 45.61 -47.70
CA THR G 402 2.96 46.13 -48.74
C THR G 402 2.20 46.88 -49.83
N GLN G 403 0.91 46.61 -50.00
CA GLN G 403 0.17 47.18 -51.12
C GLN G 403 -1.32 47.12 -50.84
N ILE G 404 -1.99 48.26 -50.97
CA ILE G 404 -3.44 48.35 -50.96
C ILE G 404 -3.89 48.68 -52.37
N ARG G 405 -4.61 47.78 -53.01
CA ARG G 405 -5.05 47.96 -54.39
C ARG G 405 -6.53 48.29 -54.37
N HIS G 406 -6.85 49.58 -54.23
CA HIS G 406 -8.23 50.03 -54.25
C HIS G 406 -8.72 50.04 -55.69
N SER G 407 -9.71 49.20 -55.98
CA SER G 407 -10.32 49.14 -57.30
C SER G 407 -11.79 49.45 -57.14
N SER G 408 -12.20 50.64 -57.55
CA SER G 408 -13.60 51.03 -57.49
C SER G 408 -14.16 51.14 -58.90
N PRO G 409 -14.99 50.22 -59.34
CA PRO G 409 -15.67 50.38 -60.62
C PRO G 409 -16.81 51.40 -60.50
N ALA G 410 -17.38 51.74 -61.66
CA ALA G 410 -18.46 52.71 -61.88
C ALA G 410 -18.06 54.14 -61.54
N THR G 411 -16.79 54.39 -61.23
CA THR G 411 -16.25 55.74 -61.07
C THR G 411 -14.91 55.95 -61.74
N GLN G 412 -14.21 54.87 -62.10
CA GLN G 412 -12.87 54.88 -62.66
C GLN G 412 -11.90 55.67 -61.77
N ASN G 413 -11.79 55.22 -60.52
CA ASN G 413 -10.69 55.60 -59.63
C ASN G 413 -10.07 54.31 -59.14
N ASN G 414 -9.19 53.77 -59.97
CA ASN G 414 -8.46 52.56 -59.64
C ASN G 414 -7.02 52.97 -59.34
N TYR G 415 -6.65 52.90 -58.06
CA TYR G 415 -5.31 53.27 -57.67
C TYR G 415 -4.72 52.18 -56.81
N THR G 416 -3.41 52.00 -56.91
CA THR G 416 -2.66 51.19 -55.96
C THR G 416 -1.77 52.11 -55.15
N VAL G 417 -1.48 51.69 -53.92
CA VAL G 417 -0.57 52.41 -53.05
C VAL G 417 0.36 51.42 -52.37
N ALA G 418 1.66 51.63 -52.52
CA ALA G 418 2.65 50.69 -52.05
C ALA G 418 3.35 51.23 -50.81
N ILE G 419 3.73 50.33 -49.91
CA ILE G 419 4.58 50.65 -48.78
C ILE G 419 5.95 50.05 -49.08
N THR G 420 6.97 50.90 -49.14
CA THR G 420 8.32 50.47 -49.47
C THR G 420 9.06 50.16 -48.18
N LEU G 421 9.38 48.89 -47.97
CA LEU G 421 9.99 48.41 -46.74
C LEU G 421 11.50 48.28 -46.89
N SER G 422 12.17 48.11 -45.76
CA SER G 422 13.59 47.85 -45.75
C SER G 422 13.85 46.37 -46.03
N ASN G 423 15.13 46.03 -46.14
CA ASN G 423 15.55 44.64 -46.18
C ASN G 423 15.90 44.10 -44.80
N ARG G 424 16.47 44.94 -43.94
CA ARG G 424 16.86 44.51 -42.60
C ARG G 424 15.79 44.77 -41.57
N SER G 425 14.87 45.68 -41.80
CA SER G 425 13.93 46.09 -40.78
C SER G 425 12.50 45.89 -41.27
N ASN G 426 11.56 46.05 -40.34
CA ASN G 426 10.16 46.20 -40.67
C ASN G 426 9.78 47.65 -40.86
N ARG G 427 10.75 48.56 -40.79
CA ARG G 427 10.50 49.98 -41.03
C ARG G 427 10.20 50.17 -42.50
N GLY G 428 8.98 50.62 -42.79
CA GLY G 428 8.58 50.88 -44.16
C GLY G 428 7.71 52.10 -44.25
N VAL G 429 8.01 52.95 -45.24
CA VAL G 429 7.29 54.20 -45.42
C VAL G 429 6.41 54.08 -46.65
N LEU G 430 5.63 55.11 -46.92
CA LEU G 430 4.80 55.13 -48.11
C LEU G 430 5.70 55.31 -49.33
N SER G 431 5.18 54.91 -50.49
CA SER G 431 5.99 54.98 -51.71
C SER G 431 6.17 56.39 -52.24
N THR G 432 5.39 57.36 -51.74
CA THR G 432 5.61 58.74 -52.12
C THR G 432 6.92 59.28 -51.54
N LEU G 433 7.26 58.86 -50.32
CA LEU G 433 8.49 59.30 -49.68
C LEU G 433 9.72 58.72 -50.37
N THR G 434 9.81 57.40 -50.45
CA THR G 434 10.98 56.74 -51.00
C THR G 434 10.55 55.48 -51.74
N THR G 435 11.10 55.26 -52.92
CA THR G 435 10.90 54.02 -53.66
C THR G 435 12.04 53.04 -53.45
N ASP G 436 13.13 53.44 -52.85
CA ASP G 436 14.31 52.61 -52.60
C ASP G 436 14.15 51.87 -51.28
N PRO G 437 14.37 50.55 -51.25
CA PRO G 437 14.37 49.84 -49.97
C PRO G 437 15.58 50.11 -49.08
N ASN G 438 16.62 50.77 -49.60
CA ASN G 438 17.81 51.00 -48.80
C ASN G 438 17.80 52.34 -48.10
N GLN G 439 17.00 53.29 -48.55
CA GLN G 439 16.88 54.59 -47.89
C GLN G 439 15.57 54.74 -47.14
N VAL G 440 15.10 53.66 -46.51
CA VAL G 440 13.94 53.77 -45.64
C VAL G 440 14.36 54.02 -44.20
N ASP G 441 15.43 53.39 -43.74
CA ASP G 441 15.89 53.56 -42.37
C ASP G 441 16.56 54.91 -42.14
N THR G 442 16.78 55.70 -43.18
CA THR G 442 17.19 57.09 -43.02
C THR G 442 16.01 58.01 -42.70
N LEU G 443 14.78 57.50 -42.81
CA LEU G 443 13.58 58.27 -42.50
C LEU G 443 13.06 58.00 -41.11
N PHE G 444 13.84 57.32 -40.29
CA PHE G 444 13.44 56.95 -38.94
C PHE G 444 14.48 57.44 -37.96
N ASP G 445 14.13 57.43 -36.68
CA ASP G 445 15.09 57.72 -35.64
C ASP G 445 15.99 56.52 -35.41
N ALA G 446 16.91 56.65 -34.47
CA ALA G 446 17.66 55.46 -34.05
C ALA G 446 16.80 54.53 -33.23
N GLY G 447 15.79 55.07 -32.54
CA GLY G 447 14.82 54.27 -31.82
C GLY G 447 13.71 53.72 -32.68
N GLY G 448 13.69 54.07 -33.96
CA GLY G 448 12.70 53.54 -34.86
C GLY G 448 11.44 54.36 -34.98
N HIS G 449 11.40 55.54 -34.39
CA HIS G 449 10.28 56.45 -34.60
C HIS G 449 10.45 57.12 -35.95
N GLN G 450 9.37 57.19 -36.72
CA GLN G 450 9.42 57.85 -38.02
C GLN G 450 9.62 59.34 -37.85
N THR G 451 10.43 59.94 -38.72
CA THR G 451 10.79 61.35 -38.59
C THR G 451 10.17 62.23 -39.66
N SER G 452 9.62 61.66 -40.73
CA SER G 452 8.96 62.46 -41.77
C SER G 452 7.64 61.77 -42.11
N LEU G 453 6.53 62.47 -41.86
CA LEU G 453 5.22 61.87 -42.07
C LEU G 453 4.85 61.83 -43.54
N LEU G 454 5.08 62.92 -44.26
CA LEU G 454 4.73 63.08 -45.66
C LEU G 454 5.92 63.77 -46.33
N PRO G 455 5.93 64.01 -47.65
CA PRO G 455 7.07 64.74 -48.23
C PRO G 455 7.34 66.13 -47.68
N GLY G 456 6.33 66.85 -47.25
CA GLY G 456 6.58 68.18 -46.73
C GLY G 456 6.35 68.29 -45.24
N GLN G 457 6.33 67.15 -44.55
CA GLN G 457 6.01 67.12 -43.13
C GLN G 457 7.09 66.36 -42.38
N THR G 458 7.53 66.90 -41.26
CA THR G 458 8.54 66.27 -40.41
C THR G 458 8.00 66.12 -39.00
N LEU G 459 8.45 65.08 -38.30
CA LEU G 459 8.01 64.79 -36.95
C LEU G 459 9.18 64.90 -35.98
N ILE G 460 8.91 65.49 -34.82
CA ILE G 460 9.91 65.67 -33.77
C ILE G 460 9.46 64.87 -32.56
N TRP G 461 10.42 64.26 -31.86
CA TRP G 461 10.12 63.32 -30.79
C TRP G 461 10.79 63.71 -29.50
N THR G 462 10.18 63.29 -28.40
CA THR G 462 10.67 63.55 -27.05
C THR G 462 11.86 62.64 -26.73
N PRO G 463 12.57 62.89 -25.62
CA PRO G 463 13.55 61.90 -25.14
C PRO G 463 12.97 60.53 -24.83
N ARG G 464 11.71 60.43 -24.43
CA ARG G 464 11.11 59.14 -24.13
C ARG G 464 10.28 58.60 -25.29
N GLY G 465 10.53 59.06 -26.51
CA GLY G 465 9.91 58.47 -27.69
C GLY G 465 8.43 58.75 -27.86
N GLU G 466 8.01 59.98 -27.59
CA GLU G 466 6.63 60.40 -27.80
C GLU G 466 6.63 61.54 -28.80
N LEU G 467 5.54 61.65 -29.56
CA LEU G 467 5.48 62.63 -30.65
C LEU G 467 5.41 64.04 -30.09
N LYS G 468 6.48 64.79 -30.26
CA LYS G 468 6.54 66.14 -29.71
C LYS G 468 5.94 67.18 -30.64
N GLN G 469 6.02 66.99 -31.95
CA GLN G 469 5.57 68.00 -32.90
C GLN G 469 5.40 67.38 -34.27
N VAL G 470 4.30 67.70 -34.94
CA VAL G 470 4.12 67.39 -36.34
C VAL G 470 4.29 68.69 -37.09
N ASN G 471 5.49 68.92 -37.61
CA ASN G 471 5.76 70.12 -38.39
C ASN G 471 5.14 69.97 -39.77
N ASN G 472 4.16 70.80 -40.07
CA ASN G 472 3.65 70.97 -41.43
C ASN G 472 4.54 72.01 -42.12
N GLY G 473 4.07 72.57 -43.23
CA GLY G 473 4.81 73.63 -43.88
C GLY G 473 4.85 74.89 -43.04
N PRO G 474 3.73 75.62 -42.96
CA PRO G 474 3.73 76.85 -42.17
C PRO G 474 3.24 76.70 -40.74
N GLY G 475 2.55 75.60 -40.42
CA GLY G 475 1.91 75.51 -39.13
C GLY G 475 2.16 74.23 -38.36
N ASN G 476 2.84 74.34 -37.22
CA ASN G 476 3.18 73.20 -36.39
C ASN G 476 2.00 72.81 -35.50
N GLU G 477 2.15 71.67 -34.84
CA GLU G 477 1.18 71.18 -33.86
C GLU G 477 1.91 70.34 -32.85
N TRP G 478 1.97 70.80 -31.61
CA TRP G 478 2.76 70.13 -30.59
C TRP G 478 1.89 69.66 -29.43
N TYR G 479 2.39 68.68 -28.70
CA TYR G 479 1.64 67.96 -27.70
C TYR G 479 2.45 67.87 -26.40
N ARG G 480 1.79 67.41 -25.34
CA ARG G 480 2.42 67.19 -24.05
C ARG G 480 1.85 65.94 -23.42
N TYR G 481 2.68 65.23 -22.66
CA TYR G 481 2.31 63.94 -22.11
C TYR G 481 2.69 63.88 -20.64
N ASP G 482 1.96 63.06 -19.88
CA ASP G 482 2.27 62.90 -18.47
C ASP G 482 3.28 61.77 -18.30
N SER G 483 3.50 61.34 -17.05
CA SER G 483 4.53 60.33 -16.78
C SER G 483 4.15 58.97 -17.30
N ASN G 484 2.86 58.69 -17.43
CA ASN G 484 2.41 57.45 -18.05
C ASN G 484 2.51 57.50 -19.56
N GLY G 485 2.65 58.68 -20.14
CA GLY G 485 2.69 58.82 -21.58
C GLY G 485 1.38 59.17 -22.23
N MET G 486 0.38 59.56 -21.46
CA MET G 486 -0.92 59.92 -21.99
C MET G 486 -0.98 61.41 -22.30
N ARG G 487 -1.65 61.75 -23.40
CA ARG G 487 -1.62 63.11 -23.93
C ARG G 487 -2.46 64.04 -23.08
N GLN G 488 -1.85 65.13 -22.61
CA GLN G 488 -2.53 66.10 -21.76
C GLN G 488 -2.73 67.45 -22.43
N LEU G 489 -2.19 67.65 -23.63
CA LEU G 489 -2.24 68.93 -24.30
C LEU G 489 -2.07 68.72 -25.78
N LYS G 490 -2.73 69.54 -26.58
CA LYS G 490 -2.56 69.54 -28.03
C LYS G 490 -2.73 70.97 -28.51
N VAL G 491 -1.65 71.61 -28.93
CA VAL G 491 -1.66 73.01 -29.31
C VAL G 491 -1.35 73.10 -30.79
N SER G 492 -2.36 73.49 -31.57
CA SER G 492 -2.21 73.64 -33.02
C SER G 492 -1.99 75.12 -33.31
N GLU G 493 -0.80 75.45 -33.80
CA GLU G 493 -0.44 76.83 -34.13
C GLU G 493 -0.45 76.98 -35.65
N GLN G 494 -1.54 77.52 -36.16
CA GLN G 494 -1.68 77.87 -37.57
C GLN G 494 -0.79 79.07 -37.90
N PRO G 495 -0.44 79.27 -39.19
CA PRO G 495 0.49 80.36 -39.53
C PRO G 495 -0.04 81.77 -39.37
N THR G 496 0.77 82.72 -39.82
CA THR G 496 0.45 84.14 -39.68
C THR G 496 -0.59 84.57 -40.69
N GLN G 497 -1.75 85.02 -40.20
CA GLN G 497 -2.64 85.84 -41.02
C GLN G 497 -2.22 87.30 -40.88
N ASN G 498 -2.34 87.83 -39.67
CA ASN G 498 -1.55 88.97 -39.22
C ASN G 498 -0.82 88.59 -37.94
N THR G 499 -1.15 87.45 -37.36
CA THR G 499 -0.60 86.96 -36.11
C THR G 499 -0.81 85.46 -36.11
N THR G 500 -0.36 84.80 -35.04
CA THR G 500 -0.57 83.37 -34.93
C THR G 500 -2.05 83.07 -34.68
N GLN G 501 -2.45 81.85 -35.05
CA GLN G 501 -3.82 81.37 -34.84
C GLN G 501 -3.71 80.05 -34.09
N GLN G 502 -3.99 80.07 -32.79
CA GLN G 502 -3.64 78.97 -31.91
C GLN G 502 -4.90 78.29 -31.38
N GLN G 503 -4.95 76.98 -31.48
CA GLN G 503 -6.05 76.17 -30.99
C GLN G 503 -5.49 75.22 -29.92
N ARG G 504 -6.04 75.29 -28.72
CA ARG G 504 -5.51 74.57 -27.58
C ARG G 504 -6.57 73.64 -27.01
N VAL G 505 -6.21 72.40 -26.77
CA VAL G 505 -7.09 71.41 -26.16
C VAL G 505 -6.44 70.93 -24.88
N ILE G 506 -7.20 70.93 -23.79
CA ILE G 506 -6.74 70.41 -22.51
C ILE G 506 -7.56 69.17 -22.21
N TYR G 507 -6.88 68.06 -21.94
CA TYR G 507 -7.52 66.78 -21.68
C TYR G 507 -7.59 66.59 -20.18
N LEU G 508 -8.79 66.57 -19.65
CA LEU G 508 -9.06 66.46 -18.22
C LEU G 508 -9.91 65.21 -18.00
N PRO G 509 -10.13 64.75 -16.76
CA PRO G 509 -11.07 63.64 -16.56
C PRO G 509 -12.51 64.03 -16.89
N GLY G 510 -13.04 63.46 -17.97
CA GLY G 510 -14.40 63.73 -18.37
C GLY G 510 -14.65 65.11 -18.92
N LEU G 511 -13.61 65.76 -19.45
CA LEU G 511 -13.73 67.16 -19.86
C LEU G 511 -12.60 67.48 -20.84
N GLU G 512 -12.95 68.10 -21.96
CA GLU G 512 -11.98 68.61 -22.92
C GLU G 512 -12.18 70.11 -23.06
N LEU G 513 -11.14 70.88 -22.77
CA LEU G 513 -11.23 72.34 -22.83
C LEU G 513 -10.66 72.84 -24.15
N ARG G 514 -11.43 72.61 -25.21
CA ARG G 514 -11.01 73.05 -26.53
C ARG G 514 -11.18 74.56 -26.66
N THR G 515 -10.09 75.28 -26.88
CA THR G 515 -10.15 76.73 -27.00
C THR G 515 -9.34 77.21 -28.19
N THR G 516 -9.79 78.30 -28.80
CA THR G 516 -9.15 78.89 -29.96
C THR G 516 -8.87 80.35 -29.66
N GLN G 517 -7.62 80.78 -29.88
CA GLN G 517 -7.27 82.17 -29.60
C GLN G 517 -6.36 82.71 -30.69
N SER G 518 -6.52 84.01 -30.96
CA SER G 518 -5.63 84.81 -31.78
C SER G 518 -4.60 85.48 -30.86
N ASN G 519 -3.96 86.54 -31.35
CA ASN G 519 -2.90 87.30 -30.66
C ASN G 519 -3.21 87.65 -29.21
N ALA G 520 -4.29 88.39 -28.98
CA ALA G 520 -4.59 88.85 -27.63
C ALA G 520 -5.88 88.29 -27.04
N THR G 521 -6.83 87.87 -27.86
CA THR G 521 -8.14 87.48 -27.39
C THR G 521 -8.38 86.00 -27.64
N THR G 522 -9.25 85.40 -26.83
CA THR G 522 -9.80 84.10 -27.16
C THR G 522 -11.03 84.31 -28.04
N THR G 523 -11.05 83.65 -29.20
CA THR G 523 -12.17 83.79 -30.11
C THR G 523 -13.16 82.64 -30.02
N GLU G 524 -12.81 81.56 -29.34
CA GLU G 524 -13.73 80.46 -29.13
C GLU G 524 -13.28 79.69 -27.89
N GLU G 525 -14.23 79.35 -27.04
CA GLU G 525 -13.95 78.54 -25.85
C GLU G 525 -15.04 77.48 -25.75
N LEU G 526 -14.64 76.22 -25.80
CA LEU G 526 -15.58 75.11 -25.88
C LEU G 526 -15.24 74.08 -24.81
N HIS G 527 -16.24 73.69 -24.03
CA HIS G 527 -16.08 72.72 -22.95
C HIS G 527 -16.83 71.45 -23.35
N VAL G 528 -16.11 70.46 -23.83
CA VAL G 528 -16.71 69.21 -24.28
C VAL G 528 -16.83 68.29 -23.07
N ILE G 529 -18.07 68.01 -22.64
CA ILE G 529 -18.32 67.09 -21.55
C ILE G 529 -18.53 65.69 -22.12
N THR G 530 -17.66 64.78 -21.76
CA THR G 530 -17.72 63.41 -22.24
C THR G 530 -18.36 62.51 -21.19
N LEU G 531 -19.11 61.53 -21.65
CA LEU G 531 -19.78 60.58 -20.76
C LEU G 531 -19.48 59.17 -21.25
N GLY G 532 -18.52 58.52 -20.64
CA GLY G 532 -18.28 57.12 -20.89
C GLY G 532 -16.98 56.87 -21.63
N GLU G 533 -16.82 55.60 -22.02
CA GLU G 533 -15.62 55.17 -22.72
C GLU G 533 -15.79 55.34 -24.22
N ALA G 534 -14.74 55.82 -24.88
CA ALA G 534 -14.78 56.02 -26.32
C ALA G 534 -14.70 54.67 -27.02
N GLY G 535 -15.61 54.44 -27.96
CA GLY G 535 -15.81 53.12 -28.50
C GLY G 535 -16.86 52.31 -27.78
N ARG G 536 -17.41 52.83 -26.69
CA ARG G 536 -18.47 52.16 -25.95
C ARG G 536 -19.71 53.04 -25.94
N ALA G 537 -20.05 53.59 -27.12
CA ALA G 537 -21.20 54.47 -27.35
C ALA G 537 -21.16 55.70 -26.44
N GLN G 538 -20.12 56.49 -26.64
CA GLN G 538 -19.88 57.67 -25.81
C GLN G 538 -20.84 58.79 -26.18
N VAL G 539 -21.19 59.59 -25.17
CA VAL G 539 -22.03 60.77 -25.36
C VAL G 539 -21.19 61.99 -25.05
N ARG G 540 -21.20 62.97 -25.96
CA ARG G 540 -20.49 64.22 -25.76
C ARG G 540 -21.48 65.37 -25.69
N VAL G 541 -21.13 66.39 -24.90
CA VAL G 541 -21.94 67.59 -24.75
C VAL G 541 -21.03 68.78 -25.04
N LEU G 542 -21.36 69.53 -26.08
CA LEU G 542 -20.56 70.68 -26.48
C LEU G 542 -21.17 71.93 -25.85
N HIS G 543 -20.52 72.47 -24.83
CA HIS G 543 -20.97 73.66 -24.13
C HIS G 543 -20.03 74.82 -24.47
N TRP G 544 -20.60 75.90 -25.01
CA TRP G 544 -19.83 77.05 -25.45
C TRP G 544 -19.88 78.14 -24.39
N GLU G 545 -18.72 78.48 -23.84
CA GLU G 545 -18.61 79.62 -22.94
C GLU G 545 -18.40 80.93 -23.69
N SER G 546 -17.76 80.87 -24.85
CA SER G 546 -17.45 82.07 -25.62
C SER G 546 -17.22 81.66 -27.07
N GLY G 547 -17.75 82.46 -27.98
CA GLY G 547 -17.54 82.22 -29.39
C GLY G 547 -18.31 81.05 -29.94
N LYS G 548 -19.60 81.00 -29.64
CA LYS G 548 -20.48 79.98 -30.20
C LYS G 548 -20.84 80.34 -31.64
N PRO G 549 -20.95 79.35 -32.52
CA PRO G 549 -21.49 79.63 -33.86
C PRO G 549 -22.95 80.04 -33.82
N GLU G 550 -23.42 80.60 -34.93
CA GLU G 550 -24.76 81.16 -34.99
C GLU G 550 -25.82 80.07 -35.08
N ASP G 551 -25.62 79.09 -35.95
CA ASP G 551 -26.67 78.14 -36.31
C ASP G 551 -26.82 76.99 -35.33
N VAL G 552 -25.75 76.57 -34.67
CA VAL G 552 -25.86 75.48 -33.70
C VAL G 552 -26.47 76.02 -32.41
N ASN G 553 -27.06 75.12 -31.63
CA ASN G 553 -27.58 75.48 -30.33
C ASN G 553 -26.62 75.01 -29.25
N ASN G 554 -26.62 75.73 -28.13
CA ASN G 554 -25.71 75.43 -27.04
C ASN G 554 -26.11 74.14 -26.34
N ASN G 555 -25.11 73.53 -25.69
CA ASN G 555 -25.24 72.26 -24.97
C ASN G 555 -25.75 71.15 -25.88
N GLN G 556 -25.14 71.05 -27.06
CA GLN G 556 -25.59 70.10 -28.07
C GLN G 556 -25.09 68.70 -27.73
N LEU G 557 -26.02 67.77 -27.55
CA LEU G 557 -25.69 66.40 -27.20
C LEU G 557 -25.47 65.60 -28.47
N ARG G 558 -24.36 64.86 -28.52
CA ARG G 558 -24.01 64.05 -29.68
C ARG G 558 -23.86 62.60 -29.23
N TYR G 559 -24.87 61.79 -29.51
CA TYR G 559 -24.88 60.39 -29.11
C TYR G 559 -24.17 59.57 -30.17
N SER G 560 -23.01 59.03 -29.85
CA SER G 560 -22.25 58.23 -30.80
C SER G 560 -22.74 56.79 -30.82
N TYR G 561 -22.74 56.18 -31.99
CA TYR G 561 -23.20 54.81 -32.18
C TYR G 561 -22.14 54.03 -32.92
N ASP G 562 -21.64 52.97 -32.32
CA ASP G 562 -20.39 52.33 -32.71
C ASP G 562 -20.65 50.95 -33.31
N ASN G 563 -19.75 50.52 -34.17
CA ASN G 563 -19.77 49.18 -34.73
C ASN G 563 -18.97 48.24 -33.82
N LEU G 564 -18.57 47.08 -34.34
CA LEU G 564 -17.96 46.01 -33.54
C LEU G 564 -16.70 46.46 -32.81
N ILE G 565 -15.77 47.11 -33.53
CA ILE G 565 -14.51 47.51 -32.92
C ILE G 565 -14.54 48.90 -32.32
N GLY G 566 -15.63 49.63 -32.46
CA GLY G 566 -15.77 50.92 -31.84
C GLY G 566 -15.65 52.12 -32.75
N SER G 567 -15.74 51.93 -34.06
CA SER G 567 -15.68 53.07 -34.97
C SER G 567 -17.00 53.82 -34.92
N SER G 568 -16.93 55.11 -34.59
CA SER G 568 -18.14 55.92 -34.45
C SER G 568 -18.73 56.21 -35.82
N GLN G 569 -19.91 55.67 -36.07
CA GLN G 569 -20.51 55.69 -37.40
C GLN G 569 -21.79 56.49 -37.50
N LEU G 570 -22.45 56.80 -36.39
CA LEU G 570 -23.67 57.56 -36.40
C LEU G 570 -23.68 58.47 -35.17
N GLU G 571 -24.04 59.73 -35.38
CA GLU G 571 -24.18 60.68 -34.29
C GLU G 571 -25.58 61.23 -34.32
N LEU G 572 -26.28 61.14 -33.19
CA LEU G 572 -27.64 61.62 -33.08
C LEU G 572 -27.73 62.65 -31.97
N ASP G 573 -28.68 63.57 -32.10
CA ASP G 573 -28.88 64.64 -31.13
C ASP G 573 -29.73 64.12 -29.97
N ASN G 574 -30.27 65.03 -29.16
CA ASN G 574 -31.11 64.59 -28.06
C ASN G 574 -32.50 64.14 -28.51
N GLN G 575 -32.88 64.45 -29.76
CA GLN G 575 -34.18 64.07 -30.29
C GLN G 575 -34.14 62.81 -31.14
N GLY G 576 -32.98 62.40 -31.63
CA GLY G 576 -32.85 61.20 -32.41
C GLY G 576 -32.60 61.40 -33.89
N GLN G 577 -32.51 62.63 -34.36
CA GLN G 577 -32.20 62.89 -35.75
C GLN G 577 -30.70 62.76 -35.99
N ILE G 578 -30.34 62.40 -37.20
CA ILE G 578 -28.95 62.11 -37.52
C ILE G 578 -28.18 63.42 -37.66
N ILE G 579 -27.06 63.52 -36.96
CA ILE G 579 -26.14 64.64 -37.11
C ILE G 579 -25.10 64.34 -38.19
N SER G 580 -24.40 63.22 -38.07
CA SER G 580 -23.34 62.88 -38.99
C SER G 580 -23.22 61.36 -39.11
N GLU G 581 -22.86 60.90 -40.30
CA GLU G 581 -22.73 59.48 -40.60
C GLU G 581 -21.38 59.21 -41.22
N GLU G 582 -20.77 58.08 -40.87
CA GLU G 582 -19.43 57.76 -41.34
C GLU G 582 -19.28 56.27 -41.57
N GLU G 583 -18.61 55.92 -42.65
CA GLU G 583 -18.10 54.57 -42.89
C GLU G 583 -16.59 54.64 -43.02
N TYR G 584 -15.94 53.50 -42.87
CA TYR G 584 -14.49 53.48 -42.85
C TYR G 584 -13.97 52.40 -43.79
N TYR G 585 -12.83 52.70 -44.40
CA TYR G 585 -12.00 51.69 -44.99
C TYR G 585 -11.50 50.75 -43.90
N PRO G 586 -11.19 49.49 -44.23
CA PRO G 586 -10.89 48.50 -43.17
C PRO G 586 -9.69 48.83 -42.31
N PHE G 587 -8.67 49.49 -42.86
CA PHE G 587 -7.53 49.89 -42.06
C PHE G 587 -7.65 51.31 -41.51
N GLY G 588 -8.83 51.92 -41.61
CA GLY G 588 -9.13 53.13 -40.85
C GLY G 588 -9.36 54.40 -41.65
N GLY G 589 -9.25 54.39 -42.97
CA GLY G 589 -9.45 55.62 -43.72
C GLY G 589 -10.93 55.94 -43.87
N THR G 590 -11.23 57.24 -43.90
CA THR G 590 -12.61 57.68 -44.03
C THR G 590 -13.08 57.49 -45.46
N ALA G 591 -14.01 56.56 -45.66
CA ALA G 591 -14.55 56.28 -46.97
C ALA G 591 -15.81 57.06 -47.25
N LEU G 592 -16.70 57.13 -46.27
CA LEU G 592 -17.99 57.79 -46.43
C LEU G 592 -18.15 58.77 -45.29
N TRP G 593 -18.59 59.97 -45.59
CA TRP G 593 -18.64 61.01 -44.56
C TRP G 593 -19.75 61.99 -44.93
N ALA G 594 -20.86 61.89 -44.21
CA ALA G 594 -22.02 62.74 -44.42
C ALA G 594 -22.32 63.50 -43.13
N ALA G 595 -22.79 64.73 -43.27
CA ALA G 595 -23.06 65.55 -42.10
C ALA G 595 -24.21 66.50 -42.40
N ASN G 596 -24.88 66.94 -41.33
CA ASN G 596 -25.98 67.87 -41.47
C ASN G 596 -25.48 69.24 -41.91
N SER G 597 -24.42 69.73 -41.28
CA SER G 597 -23.81 71.00 -41.62
C SER G 597 -22.30 70.83 -41.71
N GLN G 598 -21.66 71.80 -42.36
CA GLN G 598 -20.21 71.83 -42.36
C GLN G 598 -19.67 72.22 -40.99
N THR G 599 -20.40 73.05 -40.24
CA THR G 599 -19.93 73.45 -38.92
C THR G 599 -20.30 72.44 -37.85
N GLU G 600 -21.21 71.50 -38.15
CA GLU G 600 -21.50 70.39 -37.25
C GLU G 600 -20.62 69.19 -37.54
N ALA G 601 -19.82 69.26 -38.60
CA ALA G 601 -18.83 68.25 -38.92
C ALA G 601 -17.47 68.57 -38.32
N SER G 602 -17.26 69.82 -37.90
CA SER G 602 -15.98 70.25 -37.37
C SER G 602 -15.76 69.82 -35.92
N TYR G 603 -16.79 69.31 -35.27
CA TYR G 603 -16.71 69.00 -33.85
C TYR G 603 -16.76 67.50 -33.57
N LYS G 604 -16.77 66.68 -34.60
CA LYS G 604 -16.61 65.23 -34.44
C LYS G 604 -15.12 64.93 -34.48
N THR G 605 -14.55 64.61 -33.32
CA THR G 605 -13.12 64.37 -33.20
C THR G 605 -12.75 62.91 -33.07
N ILE G 606 -13.60 62.09 -32.45
CA ILE G 606 -13.34 60.68 -32.28
C ILE G 606 -14.00 59.94 -33.43
N ARG G 607 -13.19 59.27 -34.26
CA ARG G 607 -13.71 58.69 -35.49
C ARG G 607 -13.61 57.17 -35.54
N TYR G 608 -12.43 56.59 -35.50
CA TYR G 608 -12.23 55.20 -35.89
C TYR G 608 -11.65 54.43 -34.71
N SER G 609 -12.30 53.32 -34.37
CA SER G 609 -12.00 52.48 -33.21
C SER G 609 -12.05 53.27 -31.91
N GLY G 610 -12.88 54.30 -31.86
CA GLY G 610 -12.98 55.14 -30.70
C GLY G 610 -11.79 56.02 -30.43
N LYS G 611 -11.01 56.33 -31.46
CA LYS G 611 -9.78 57.10 -31.28
C LYS G 611 -9.90 58.44 -31.96
N GLU G 612 -9.28 59.45 -31.36
CA GLU G 612 -9.37 60.81 -31.85
C GLU G 612 -8.47 61.00 -33.06
N ARG G 613 -9.04 61.51 -34.15
CA ARG G 613 -8.27 61.82 -35.34
C ARG G 613 -7.86 63.28 -35.30
N ASP G 614 -6.55 63.52 -35.30
CA ASP G 614 -6.02 64.87 -35.22
C ASP G 614 -6.13 65.55 -36.57
N ALA G 615 -5.74 66.83 -36.61
CA ALA G 615 -5.73 67.58 -37.86
C ALA G 615 -4.63 67.09 -38.79
N THR G 616 -3.62 66.41 -38.26
CA THR G 616 -2.56 65.83 -39.07
C THR G 616 -2.93 64.51 -39.70
N GLY G 617 -4.11 63.97 -39.38
CA GLY G 617 -4.56 62.72 -39.93
C GLY G 617 -4.23 61.51 -39.10
N LEU G 618 -3.23 61.60 -38.23
CA LEU G 618 -2.84 60.46 -37.39
C LEU G 618 -3.89 60.25 -36.31
N TYR G 619 -4.19 58.98 -36.05
CA TYR G 619 -5.05 58.62 -34.94
C TYR G 619 -4.21 58.47 -33.70
N TYR G 620 -4.70 59.00 -32.59
CA TYR G 620 -4.00 58.90 -31.32
C TYR G 620 -4.52 57.67 -30.60
N TYR G 621 -3.72 56.61 -30.57
CA TYR G 621 -4.01 55.39 -29.84
C TYR G 621 -3.08 55.32 -28.64
N GLY G 622 -3.43 56.02 -27.56
CA GLY G 622 -2.72 55.84 -26.29
C GLY G 622 -1.23 56.11 -26.28
N TYR G 623 -0.45 55.03 -26.31
CA TYR G 623 1.00 55.08 -26.30
C TYR G 623 1.62 55.29 -27.67
N ARG G 624 0.83 55.31 -28.75
CA ARG G 624 1.40 55.41 -30.09
C ARG G 624 0.43 56.14 -31.00
N TYR G 625 0.92 56.51 -32.18
CA TYR G 625 0.14 57.17 -33.21
C TYR G 625 0.04 56.25 -34.41
N TYR G 626 -1.14 56.20 -35.01
CA TYR G 626 -1.43 55.28 -36.11
C TYR G 626 -1.74 56.07 -37.37
N GLN G 627 -1.27 55.59 -38.50
CA GLN G 627 -1.52 56.24 -39.79
C GLN G 627 -2.34 55.35 -40.71
N PRO G 628 -3.60 55.71 -41.01
CA PRO G 628 -4.50 54.73 -41.64
C PRO G 628 -4.32 54.57 -43.13
N TRP G 629 -3.64 55.48 -43.81
CA TRP G 629 -3.40 55.31 -45.24
C TRP G 629 -2.36 54.23 -45.51
N ALA G 630 -1.55 53.88 -44.51
CA ALA G 630 -0.53 52.86 -44.65
C ALA G 630 -0.80 51.61 -43.82
N GLY G 631 -1.61 51.72 -42.77
CA GLY G 631 -1.80 50.59 -41.89
C GLY G 631 -0.62 50.30 -40.99
N ARG G 632 0.24 51.29 -40.77
CA ARG G 632 1.44 51.15 -39.98
C ARG G 632 1.31 51.99 -38.72
N TRP G 633 2.10 51.66 -37.71
CA TRP G 633 2.24 52.57 -36.58
C TRP G 633 3.38 53.55 -36.88
N LEU G 634 3.35 54.67 -36.17
CA LEU G 634 4.36 55.69 -36.40
C LEU G 634 5.69 55.38 -35.74
N SER G 635 5.75 54.37 -34.88
CA SER G 635 6.97 54.04 -34.16
C SER G 635 6.97 52.54 -33.88
N ALA G 636 8.04 52.08 -33.25
CA ALA G 636 8.10 50.68 -32.85
C ALA G 636 7.20 50.44 -31.64
N ASP G 637 7.00 49.18 -31.34
CA ASP G 637 6.18 48.79 -30.20
C ASP G 637 6.88 49.17 -28.90
N PRO G 638 6.27 50.00 -28.05
CA PRO G 638 6.95 50.41 -26.81
C PRO G 638 7.07 49.29 -25.80
N ALA G 639 6.27 48.24 -25.91
CA ALA G 639 6.36 47.12 -24.99
C ALA G 639 7.26 46.01 -25.51
N GLY G 640 7.54 46.00 -26.81
CA GLY G 640 8.42 44.99 -27.37
C GLY G 640 7.69 43.96 -28.18
N THR G 641 8.05 42.69 -28.00
CA THR G 641 7.48 41.60 -28.78
C THR G 641 6.28 40.98 -28.04
N ILE G 642 5.31 41.84 -27.74
CA ILE G 642 4.04 41.35 -27.21
C ILE G 642 3.27 40.60 -28.27
N ASP G 643 3.19 41.17 -29.47
CA ASP G 643 2.53 40.52 -30.60
C ASP G 643 3.57 40.37 -31.70
N GLY G 644 4.37 39.31 -31.61
CA GLY G 644 5.30 38.97 -32.67
C GLY G 644 6.49 39.91 -32.76
N LEU G 645 7.33 39.62 -33.73
CA LEU G 645 8.56 40.39 -33.94
C LEU G 645 8.33 41.63 -34.78
N ASN G 646 7.16 41.78 -35.40
CA ASN G 646 6.84 42.95 -36.20
C ASN G 646 6.34 44.04 -35.27
N LEU G 647 7.21 45.01 -34.99
CA LEU G 647 6.86 46.07 -34.05
C LEU G 647 6.01 47.16 -34.69
N TYR G 648 5.88 47.17 -36.00
CA TYR G 648 5.11 48.18 -36.71
C TYR G 648 3.80 47.65 -37.24
N ARG G 649 3.48 46.38 -37.01
CA ARG G 649 2.28 45.79 -37.57
C ARG G 649 1.05 46.32 -36.86
N MET G 650 -0.06 46.36 -37.60
CA MET G 650 -1.38 46.68 -37.07
C MET G 650 -1.96 45.45 -36.39
N VAL G 651 -3.27 45.37 -36.19
CA VAL G 651 -3.82 44.36 -35.29
C VAL G 651 -3.84 43.00 -35.99
N ARG G 652 -2.66 42.37 -36.01
CA ARG G 652 -2.36 41.12 -36.72
C ARG G 652 -2.78 41.15 -38.19
N ASN G 653 -2.79 42.35 -38.78
CA ASN G 653 -3.34 42.63 -40.11
C ASN G 653 -4.78 42.13 -40.24
N ASN G 654 -5.53 42.25 -39.17
CA ASN G 654 -6.93 41.82 -39.10
C ASN G 654 -7.74 42.95 -38.49
N PRO G 655 -7.94 44.04 -39.25
CA PRO G 655 -8.47 45.25 -38.64
C PRO G 655 -9.98 45.32 -38.55
N VAL G 656 -10.69 44.32 -39.07
CA VAL G 656 -12.15 44.29 -38.95
C VAL G 656 -12.57 43.53 -37.70
N SER G 657 -11.88 42.43 -37.40
CA SER G 657 -12.24 41.61 -36.25
C SER G 657 -11.53 42.02 -34.97
N LEU G 658 -10.35 42.62 -35.08
CA LEU G 658 -9.58 43.04 -33.93
C LEU G 658 -9.45 44.56 -33.89
N GLN G 659 -9.09 45.07 -32.73
CA GLN G 659 -8.79 46.48 -32.55
C GLN G 659 -7.79 46.61 -31.43
N ASP G 660 -6.96 47.66 -31.50
CA ASP G 660 -5.91 47.86 -30.52
C ASP G 660 -6.39 48.81 -29.44
N GLU G 661 -6.39 48.33 -28.21
CA GLU G 661 -6.50 49.20 -27.06
C GLU G 661 -5.18 49.92 -26.87
N ASN G 662 -5.23 51.24 -26.77
CA ASN G 662 -4.14 52.14 -26.33
C ASN G 662 -2.80 52.00 -27.05
N GLY G 663 -2.76 51.38 -28.22
CA GLY G 663 -1.54 51.39 -29.01
C GLY G 663 -0.48 50.40 -28.58
N LEU G 664 -0.02 50.50 -27.33
CA LEU G 664 0.89 49.53 -26.74
C LEU G 664 0.20 48.16 -26.60
N ALA H 1 -2.31 46.21 -27.00
CA ALA H 1 -2.27 44.91 -27.67
C ALA H 1 -3.55 44.70 -28.47
N PRO H 2 -3.47 43.98 -29.58
CA PRO H 2 -4.68 43.70 -30.36
C PRO H 2 -5.65 42.76 -29.67
N GLU H 3 -6.77 43.31 -29.20
CA GLU H 3 -7.83 42.51 -28.61
C GLU H 3 -9.03 42.50 -29.54
N LYS H 4 -10.07 41.78 -29.12
CA LYS H 4 -11.26 41.60 -29.94
C LYS H 4 -12.16 42.83 -29.87
N GLY H 5 -13.40 42.68 -30.32
CA GLY H 5 -14.34 43.78 -30.27
C GLY H 5 -14.63 44.24 -28.86
N LYS H 6 -15.07 45.50 -28.76
CA LYS H 6 -15.18 46.17 -27.47
C LYS H 6 -16.27 45.60 -26.58
N TYR H 7 -17.17 44.78 -27.11
CA TYR H 7 -18.28 44.23 -26.36
C TYR H 7 -17.85 43.24 -25.28
N THR H 8 -16.65 42.68 -25.39
CA THR H 8 -16.23 41.63 -24.48
C THR H 8 -15.89 42.17 -23.09
N LYS H 9 -15.45 43.42 -23.02
CA LYS H 9 -14.95 44.00 -21.78
C LYS H 9 -16.08 44.59 -20.96
N GLU H 10 -15.82 44.75 -19.66
CA GLU H 10 -16.77 45.35 -18.73
C GLU H 10 -16.78 46.86 -18.94
N VAL H 11 -17.88 47.51 -18.54
CA VAL H 11 -18.02 48.95 -18.69
C VAL H 11 -17.02 49.69 -17.81
N ASN H 12 -16.60 50.87 -18.27
CA ASN H 12 -15.58 51.64 -17.57
C ASN H 12 -15.80 53.10 -17.91
N PHE H 13 -16.30 53.88 -16.95
CA PHE H 13 -16.55 55.29 -17.20
C PHE H 13 -15.44 56.21 -16.71
N PHE H 14 -14.60 55.76 -15.77
CA PHE H 14 -13.59 56.64 -15.20
C PHE H 14 -12.39 55.82 -14.75
N ASP H 15 -11.25 56.04 -15.41
CA ASP H 15 -9.99 55.44 -15.00
C ASP H 15 -8.86 56.40 -15.40
N GLU H 16 -7.63 55.93 -15.24
CA GLU H 16 -6.48 56.72 -15.66
C GLU H 16 -5.66 55.97 -16.71
#